data_9ES5
#
_entry.id   9ES5
#
_cell.length_a   1.00
_cell.length_b   1.00
_cell.length_c   1.00
_cell.angle_alpha   90.00
_cell.angle_beta   90.00
_cell.angle_gamma   90.00
#
_symmetry.space_group_name_H-M   'P 1'
#
loop_
_entity.id
_entity.type
_entity.pdbx_description
1 polymer '60 kDa heat shock protein, mitochondrial'
2 polymer '10 kDa heat shock protein, mitochondrial'
3 non-polymer "ADENOSINE-5'-DIPHOSPHATE"
4 non-polymer 'BERYLLIUM TRIFLUORIDE ION'
5 non-polymer 'MAGNESIUM ION'
6 non-polymer 'POTASSIUM ION'
#
loop_
_entity_poly.entity_id
_entity_poly.type
_entity_poly.pdbx_seq_one_letter_code
_entity_poly.pdbx_strand_id
1 'polypeptide(L)'
;GSAKDVKFGADARALMLQGVDLLADAVAVTMGPKGRTVIIEQSWGSPKVTKDGVTVAKSIDLKDKYKNIGAKLVQDVANN
TNEEAGDGTTTATVLARSIAKEGFEKISKGANPVEIRRGVMLAVDAVIAELKKQSKPVTTPEEIAQVATISANGDKEIGN
IISDAMKKVGRKGVITVKDGKTLNDELEIIEGMKFDRGYISPYFINTSKGQKCEFQDAYVLLSEKKISSIQSIVPALEIA
NAHRKPLVIIAEDVDGEALSTLVLNRLKVGLQVVAVKAPGFGDNRKNQLKDMAIATGGAVFGEEGLTLNLEDVQPHDLGK
VGEVIVTKDDAMLLKGKGDKAQIEKRIQEIIEQLDVTTSEYEKEKLNERLAKLSDGVAVLKVGGTSDVEVNEKKDRVTDA
LNATRAAVEEGIVLGGGCALLRCIPALDSLTPANEDQKIGIEIIKRTLKIPAMTIAKNAGVEGSLIVEKIMQSSSEVGYD
AMAGDFVNMVEKGIIDPTKVVRTALLDAAGVASLLTTAEVVVTEIPKEEKDPGMGAMGGMGGGMGGGMF
;
A,B,C,D,E,F,G
2 'polypeptide(L)'
;MAGQAFRKFLPLFDRVLVERSAAETVTKGGIMLPEKSQGKVLQATVVAVGSGSKGKGGEIQPVSVKVGDKVLLPEYGGTK
VVLDDKDYFLFRDGDILGKYVD
;
a,b,c,d,e,f,g
#
loop_
_chem_comp.id
_chem_comp.type
_chem_comp.name
_chem_comp.formula
ADP non-polymer ADENOSINE-5'-DIPHOSPHATE 'C10 H15 N5 O10 P2'
BEF non-polymer 'BERYLLIUM TRIFLUORIDE ION' 'Be F3 -1'
K non-polymer 'POTASSIUM ION' 'K 1'
MG non-polymer 'MAGNESIUM ION' 'Mg 2'
#
# COMPACT_ATOMS: atom_id res chain seq x y z
N GLY A 1 29.07 -9.83 -16.61
CA GLY A 1 27.64 -9.74 -16.88
C GLY A 1 27.31 -8.89 -18.09
N SER A 2 28.10 -7.84 -18.30
CA SER A 2 27.91 -6.93 -19.42
C SER A 2 29.02 -7.15 -20.44
N ALA A 3 28.63 -7.28 -21.71
CA ALA A 3 29.60 -7.50 -22.77
C ALA A 3 30.54 -6.31 -22.87
N LYS A 4 31.81 -6.59 -23.13
CA LYS A 4 32.86 -5.58 -23.15
C LYS A 4 33.48 -5.46 -24.53
N ASP A 5 33.92 -4.26 -24.87
CA ASP A 5 34.70 -3.98 -26.06
C ASP A 5 36.14 -3.76 -25.64
N VAL A 6 37.06 -4.49 -26.27
CA VAL A 6 38.48 -4.47 -25.90
C VAL A 6 39.26 -3.94 -27.10
N LYS A 7 40.09 -2.94 -26.85
CA LYS A 7 40.93 -2.34 -27.89
C LYS A 7 42.40 -2.43 -27.48
N PHE A 8 43.24 -2.73 -28.46
CA PHE A 8 44.65 -3.03 -28.22
C PHE A 8 45.54 -1.98 -28.85
N GLY A 9 46.59 -1.60 -28.14
CA GLY A 9 47.68 -0.86 -28.76
C GLY A 9 47.32 0.55 -29.15
N ALA A 10 47.63 0.90 -30.40
CA ALA A 10 47.65 2.30 -30.81
C ALA A 10 46.24 2.88 -30.96
N ASP A 11 45.25 2.04 -31.27
CA ASP A 11 43.90 2.55 -31.49
C ASP A 11 43.31 3.13 -30.20
N ALA A 12 43.42 2.38 -29.10
CA ALA A 12 42.92 2.87 -27.82
C ALA A 12 43.67 4.12 -27.37
N ARG A 13 45.00 4.12 -27.57
CA ARG A 13 45.79 5.30 -27.21
C ARG A 13 45.35 6.52 -28.02
N ALA A 14 45.09 6.32 -29.31
CA ALA A 14 44.65 7.44 -30.15
C ALA A 14 43.30 7.97 -29.71
N LEU A 15 42.36 7.08 -29.37
CA LEU A 15 41.05 7.53 -28.93
C LEU A 15 41.12 8.26 -27.59
N MET A 16 41.90 7.73 -26.64
CA MET A 16 42.07 8.41 -25.37
C MET A 16 42.74 9.77 -25.57
N LEU A 17 43.72 9.84 -26.47
CA LEU A 17 44.37 11.11 -26.77
C LEU A 17 43.38 12.09 -27.37
N GLN A 18 42.47 11.60 -28.22
CA GLN A 18 41.44 12.46 -28.79
C GLN A 18 40.57 13.06 -27.70
N GLY A 19 40.13 12.23 -26.75
CA GLY A 19 39.31 12.73 -25.66
C GLY A 19 40.06 13.74 -24.79
N VAL A 20 41.31 13.41 -24.45
CA VAL A 20 42.12 14.31 -23.62
C VAL A 20 42.32 15.65 -24.33
N ASP A 21 42.65 15.60 -25.63
CA ASP A 21 42.85 16.83 -26.38
C ASP A 21 41.57 17.65 -26.47
N LEU A 22 40.42 17.00 -26.65
CA LEU A 22 39.18 17.76 -26.70
C LEU A 22 38.92 18.48 -25.37
N LEU A 23 39.03 17.75 -24.26
CA LEU A 23 38.76 18.38 -22.96
C LEU A 23 39.76 19.49 -22.68
N ALA A 24 41.04 19.26 -22.98
CA ALA A 24 42.06 20.26 -22.65
C ALA A 24 42.01 21.45 -23.60
N ASP A 25 41.53 21.25 -24.83
CA ASP A 25 41.30 22.38 -25.71
C ASP A 25 40.13 23.22 -25.23
N ALA A 26 39.08 22.57 -24.72
CA ALA A 26 37.98 23.33 -24.14
C ALA A 26 38.44 24.11 -22.90
N VAL A 27 39.24 23.48 -22.04
CA VAL A 27 39.66 24.12 -20.81
C VAL A 27 40.66 25.25 -21.08
N ALA A 28 41.63 25.00 -21.98
CA ALA A 28 42.80 25.85 -22.12
C ALA A 28 42.48 27.24 -22.65
N VAL A 29 41.28 27.48 -23.19
CA VAL A 29 40.91 28.82 -23.64
C VAL A 29 40.61 29.76 -22.49
N THR A 30 40.67 29.27 -21.25
CA THR A 30 40.41 30.07 -20.06
C THR A 30 41.70 30.31 -19.27
N MET A 31 42.82 30.48 -19.97
CA MET A 31 44.13 30.58 -19.35
C MET A 31 44.75 31.93 -19.68
N GLY A 32 45.34 32.57 -18.67
CA GLY A 32 46.02 33.83 -18.86
C GLY A 32 45.10 35.02 -18.65
N PRO A 33 45.69 36.22 -18.57
CA PRO A 33 44.87 37.42 -18.41
C PRO A 33 43.96 37.70 -19.60
N LYS A 34 44.31 37.20 -20.77
CA LYS A 34 43.52 37.41 -21.98
C LYS A 34 42.66 36.19 -22.32
N GLY A 35 42.52 35.24 -21.41
CA GLY A 35 41.67 34.10 -21.67
C GLY A 35 40.21 34.48 -21.72
N ARG A 36 39.44 33.65 -22.44
CA ARG A 36 38.02 33.88 -22.63
C ARG A 36 37.21 32.90 -21.80
N THR A 37 35.91 33.13 -21.72
CA THR A 37 35.03 32.36 -20.85
C THR A 37 34.33 31.25 -21.63
N VAL A 38 33.78 30.31 -20.89
CA VAL A 38 33.08 29.15 -21.43
C VAL A 38 31.65 29.17 -20.90
N ILE A 39 30.69 28.93 -21.79
CA ILE A 39 29.27 28.88 -21.43
C ILE A 39 28.86 27.41 -21.35
N ILE A 40 28.38 27.00 -20.18
CA ILE A 40 27.94 25.63 -19.94
C ILE A 40 26.44 25.65 -19.74
N GLU A 41 25.72 24.86 -20.54
CA GLU A 41 24.28 24.82 -20.43
C GLU A 41 23.86 24.10 -19.16
N GLN A 42 22.98 24.73 -18.38
CA GLN A 42 22.41 24.12 -17.19
C GLN A 42 21.01 23.61 -17.52
N SER A 43 20.73 22.37 -17.13
CA SER A 43 19.47 21.75 -17.50
C SER A 43 18.28 22.46 -16.87
N TRP A 44 18.46 22.98 -15.65
CA TRP A 44 17.33 23.61 -14.96
C TRP A 44 17.08 25.03 -15.43
N GLY A 45 18.07 25.90 -15.29
CA GLY A 45 17.86 27.31 -15.58
C GLY A 45 18.90 27.94 -16.48
N SER A 46 19.38 29.12 -16.08
CA SER A 46 20.29 29.89 -16.91
C SER A 46 21.64 29.20 -17.02
N PRO A 47 22.30 29.31 -18.17
CA PRO A 47 23.63 28.70 -18.32
C PRO A 47 24.67 29.43 -17.47
N LYS A 48 25.75 28.71 -17.18
CA LYS A 48 26.84 29.24 -16.37
C LYS A 48 27.96 29.72 -17.28
N VAL A 49 28.29 31.01 -17.18
CA VAL A 49 29.44 31.58 -17.86
C VAL A 49 30.59 31.57 -16.87
N THR A 50 31.61 30.76 -17.13
CA THR A 50 32.67 30.53 -16.16
C THR A 50 34.04 30.61 -16.82
N LYS A 51 35.04 30.94 -16.00
CA LYS A 51 36.43 30.96 -16.42
C LYS A 51 37.27 30.00 -15.59
N ASP A 52 36.63 29.11 -14.84
CA ASP A 52 37.31 28.19 -13.94
C ASP A 52 37.67 26.91 -14.70
N GLY A 53 38.92 26.46 -14.52
CA GLY A 53 39.36 25.27 -15.21
C GLY A 53 38.61 24.02 -14.77
N VAL A 54 38.46 23.83 -13.46
CA VAL A 54 37.84 22.61 -12.97
C VAL A 54 36.34 22.61 -13.26
N THR A 55 35.70 23.79 -13.27
CA THR A 55 34.28 23.85 -13.60
C THR A 55 34.04 23.44 -15.04
N VAL A 56 34.91 23.88 -15.96
CA VAL A 56 34.78 23.47 -17.35
C VAL A 56 35.09 21.98 -17.50
N ALA A 57 36.12 21.50 -16.78
CA ALA A 57 36.51 20.11 -16.92
C ALA A 57 35.42 19.16 -16.42
N LYS A 58 34.83 19.46 -15.27
CA LYS A 58 33.86 18.56 -14.68
C LYS A 58 32.54 18.49 -15.45
N SER A 59 32.27 19.49 -16.28
CA SER A 59 31.01 19.56 -17.01
C SER A 59 31.08 18.93 -18.39
N ILE A 60 32.18 18.28 -18.73
CA ILE A 60 32.38 17.71 -20.06
C ILE A 60 32.37 16.20 -19.94
N ASP A 61 31.41 15.56 -20.62
CA ASP A 61 31.37 14.11 -20.76
C ASP A 61 31.17 13.79 -22.23
N LEU A 62 31.79 12.72 -22.69
CA LEU A 62 31.80 12.36 -24.11
C LEU A 62 31.07 11.04 -24.33
N LYS A 63 30.44 10.92 -25.50
CA LYS A 63 29.67 9.72 -25.81
C LYS A 63 30.58 8.51 -25.99
N ASP A 64 31.67 8.67 -26.74
CA ASP A 64 32.58 7.56 -26.98
C ASP A 64 33.26 7.15 -25.68
N LYS A 65 33.32 5.84 -25.45
CA LYS A 65 33.79 5.33 -24.17
C LYS A 65 35.27 5.61 -23.95
N TYR A 66 36.09 5.51 -24.99
CA TYR A 66 37.52 5.73 -24.83
C TYR A 66 37.84 7.21 -24.63
N LYS A 67 37.22 8.07 -25.44
CA LYS A 67 37.31 9.50 -25.21
C LYS A 67 36.76 9.87 -23.84
N ASN A 68 35.72 9.16 -23.40
CA ASN A 68 35.20 9.39 -22.05
C ASN A 68 36.22 9.00 -20.99
N ILE A 69 36.98 7.93 -21.23
CA ILE A 69 38.02 7.53 -20.28
C ILE A 69 39.09 8.61 -20.17
N GLY A 70 39.55 9.10 -21.32
CA GLY A 70 40.52 10.19 -21.30
C GLY A 70 39.99 11.43 -20.61
N ALA A 71 38.73 11.78 -20.88
CA ALA A 71 38.11 12.92 -20.24
C ALA A 71 38.00 12.72 -18.74
N LYS A 72 37.69 11.51 -18.30
CA LYS A 72 37.59 11.23 -16.88
C LYS A 72 38.94 11.38 -16.20
N LEU A 73 40.01 10.92 -16.85
CA LEU A 73 41.34 11.09 -16.25
C LEU A 73 41.73 12.56 -16.15
N VAL A 74 41.44 13.34 -17.20
CA VAL A 74 41.74 14.77 -17.12
C VAL A 74 40.88 15.44 -16.06
N GLN A 75 39.63 14.99 -15.91
CA GLN A 75 38.77 15.51 -14.85
C GLN A 75 39.34 15.20 -13.48
N ASP A 76 39.92 14.00 -13.32
CA ASP A 76 40.59 13.66 -12.07
C ASP A 76 41.74 14.61 -11.80
N VAL A 77 42.54 14.91 -12.83
CA VAL A 77 43.64 15.86 -12.68
C VAL A 77 43.12 17.19 -12.17
N ALA A 78 42.11 17.73 -12.87
CA ALA A 78 41.59 19.05 -12.52
C ALA A 78 40.98 19.05 -11.12
N ASN A 79 40.24 18.00 -10.78
CA ASN A 79 39.58 17.94 -9.48
C ASN A 79 40.60 17.83 -8.35
N ASN A 80 41.63 17.01 -8.52
CA ASN A 80 42.67 16.91 -7.49
C ASN A 80 43.38 18.25 -7.31
N THR A 81 43.71 18.91 -8.42
CA THR A 81 44.38 20.21 -8.32
C THR A 81 43.49 21.24 -7.65
N ASN A 82 42.19 21.23 -7.93
CA ASN A 82 41.28 22.18 -7.31
C ASN A 82 41.11 21.91 -5.83
N GLU A 83 40.96 20.65 -5.43
CA GLU A 83 40.71 20.34 -4.04
C GLU A 83 41.95 20.49 -3.18
N GLU A 84 43.14 20.29 -3.75
CA GLU A 84 44.34 20.39 -2.93
C GLU A 84 44.82 21.83 -2.80
N ALA A 85 44.98 22.53 -3.92
CA ALA A 85 45.54 23.87 -3.92
C ALA A 85 44.48 24.98 -4.02
N GLY A 86 43.39 24.74 -4.74
CA GLY A 86 42.37 25.75 -4.93
C GLY A 86 42.56 26.61 -6.16
N ASP A 87 43.68 26.48 -6.87
CA ASP A 87 43.94 27.27 -8.07
C ASP A 87 44.88 26.46 -8.96
N GLY A 88 45.14 27.00 -10.15
CA GLY A 88 46.01 26.31 -11.08
C GLY A 88 45.41 25.09 -11.73
N THR A 89 44.09 25.09 -11.94
CA THR A 89 43.44 23.93 -12.55
C THR A 89 43.73 23.86 -14.05
N THR A 90 43.68 25.01 -14.74
CA THR A 90 43.98 25.02 -16.17
C THR A 90 45.44 24.66 -16.43
N THR A 91 46.34 25.14 -15.58
CA THR A 91 47.75 24.78 -15.71
C THR A 91 47.94 23.27 -15.57
N ALA A 92 47.29 22.67 -14.58
CA ALA A 92 47.38 21.22 -14.41
C ALA A 92 46.80 20.49 -15.61
N THR A 93 45.68 20.99 -16.15
CA THR A 93 45.06 20.35 -17.30
C THR A 93 45.97 20.37 -18.52
N VAL A 94 46.56 21.54 -18.82
CA VAL A 94 47.42 21.63 -19.99
C VAL A 94 48.69 20.82 -19.80
N LEU A 95 49.24 20.80 -18.58
CA LEU A 95 50.40 19.97 -18.31
C LEU A 95 50.07 18.50 -18.49
N ALA A 96 48.90 18.06 -18.03
CA ALA A 96 48.50 16.67 -18.18
C ALA A 96 48.35 16.30 -19.65
N ARG A 97 47.69 17.17 -20.43
CA ARG A 97 47.55 16.87 -21.86
C ARG A 97 48.92 16.80 -22.53
N SER A 98 49.81 17.73 -22.21
CA SER A 98 51.13 17.73 -22.83
C SER A 98 51.91 16.47 -22.48
N ILE A 99 51.89 16.07 -21.21
CA ILE A 99 52.62 14.87 -20.80
C ILE A 99 52.05 13.63 -21.49
N ALA A 100 50.72 13.52 -21.53
CA ALA A 100 50.10 12.37 -22.18
C ALA A 100 50.45 12.32 -23.66
N LYS A 101 50.36 13.46 -24.35
CA LYS A 101 50.65 13.50 -25.77
C LYS A 101 52.11 13.16 -26.04
N GLU A 102 53.03 13.74 -25.26
CA GLU A 102 54.44 13.46 -25.47
C GLU A 102 54.78 12.01 -25.19
N GLY A 103 54.18 11.43 -24.14
CA GLY A 103 54.47 10.05 -23.81
C GLY A 103 53.83 9.04 -24.74
N PHE A 104 52.75 9.43 -25.43
CA PHE A 104 52.08 8.46 -26.30
C PHE A 104 52.93 8.10 -27.51
N GLU A 105 53.59 9.08 -28.14
CA GLU A 105 54.42 8.74 -29.28
C GLU A 105 55.70 8.04 -28.87
N LYS A 106 56.18 8.29 -27.65
CA LYS A 106 57.39 7.61 -27.18
C LYS A 106 57.17 6.13 -26.92
N ILE A 107 55.93 5.67 -26.84
CA ILE A 107 55.65 4.26 -26.64
C ILE A 107 55.91 3.50 -27.94
N SER A 108 56.72 2.45 -27.85
CA SER A 108 57.06 1.64 -29.01
C SER A 108 57.13 0.18 -28.56
N LYS A 109 57.61 -0.69 -29.46
CA LYS A 109 57.74 -2.10 -29.11
C LYS A 109 58.81 -2.32 -28.06
N GLY A 110 59.94 -1.63 -28.19
CA GLY A 110 61.04 -1.79 -27.25
C GLY A 110 61.03 -0.87 -26.06
N ALA A 111 60.13 0.12 -26.04
CA ALA A 111 60.08 1.06 -24.94
C ALA A 111 59.49 0.40 -23.69
N ASN A 112 59.85 0.94 -22.53
CA ASN A 112 59.35 0.46 -21.25
C ASN A 112 58.56 1.58 -20.58
N PRO A 113 57.23 1.57 -20.71
CA PRO A 113 56.44 2.69 -20.17
C PRO A 113 56.58 2.87 -18.66
N VAL A 114 56.75 1.79 -17.90
CA VAL A 114 56.86 1.92 -16.45
C VAL A 114 58.13 2.67 -16.08
N GLU A 115 59.24 2.36 -16.72
CA GLU A 115 60.48 3.09 -16.44
C GLU A 115 60.40 4.53 -16.93
N ILE A 116 59.68 4.78 -18.02
CA ILE A 116 59.43 6.15 -18.45
C ILE A 116 58.67 6.91 -17.38
N ARG A 117 57.66 6.28 -16.79
CA ARG A 117 56.91 6.92 -15.71
C ARG A 117 57.79 7.19 -14.50
N ARG A 118 58.66 6.23 -14.17
CA ARG A 118 59.57 6.43 -13.04
C ARG A 118 60.50 7.61 -13.30
N GLY A 119 61.04 7.72 -14.52
CA GLY A 119 61.86 8.87 -14.85
C GLY A 119 61.09 10.18 -14.80
N VAL A 120 59.82 10.15 -15.23
CA VAL A 120 59.00 11.35 -15.17
C VAL A 120 58.81 11.79 -13.72
N MET A 121 58.52 10.85 -12.83
CA MET A 121 58.37 11.19 -11.41
C MET A 121 59.67 11.72 -10.83
N LEU A 122 60.81 11.14 -11.22
CA LEU A 122 62.10 11.64 -10.75
C LEU A 122 62.33 13.08 -11.20
N ALA A 123 62.05 13.36 -12.47
CA ALA A 123 62.22 14.71 -12.99
C ALA A 123 61.29 15.69 -12.30
N VAL A 124 60.05 15.25 -12.02
CA VAL A 124 59.09 16.12 -11.33
C VAL A 124 59.55 16.41 -9.91
N ASP A 125 60.12 15.40 -9.24
CA ASP A 125 60.66 15.63 -7.91
C ASP A 125 61.79 16.65 -7.94
N ALA A 126 62.68 16.54 -8.94
CA ALA A 126 63.77 17.51 -9.07
C ALA A 126 63.23 18.91 -9.31
N VAL A 127 62.23 19.04 -10.19
CA VAL A 127 61.66 20.34 -10.50
C VAL A 127 60.98 20.93 -9.27
N ILE A 128 60.28 20.10 -8.50
CA ILE A 128 59.62 20.58 -7.28
C ILE A 128 60.65 21.05 -6.27
N ALA A 129 61.76 20.31 -6.14
CA ALA A 129 62.82 20.76 -5.24
C ALA A 129 63.39 22.10 -5.68
N GLU A 130 63.61 22.29 -6.98
CA GLU A 130 64.10 23.57 -7.47
C GLU A 130 63.10 24.69 -7.20
N LEU A 131 61.81 24.41 -7.41
CA LEU A 131 60.78 25.41 -7.16
C LEU A 131 60.76 25.81 -5.68
N LYS A 132 60.86 24.84 -4.78
CA LYS A 132 60.91 25.15 -3.36
C LYS A 132 62.16 25.96 -3.03
N LYS A 133 63.29 25.64 -3.66
CA LYS A 133 64.52 26.38 -3.38
C LYS A 133 64.43 27.83 -3.83
N GLN A 134 63.84 28.08 -4.99
CA GLN A 134 63.85 29.42 -5.57
C GLN A 134 62.67 30.29 -5.13
N SER A 135 61.78 29.78 -4.30
CA SER A 135 60.67 30.58 -3.82
C SER A 135 61.11 31.51 -2.68
N LYS A 136 60.31 32.54 -2.45
CA LYS A 136 60.57 33.48 -1.38
C LYS A 136 59.31 33.73 -0.58
N PRO A 137 59.43 34.04 0.72
CA PRO A 137 58.25 34.22 1.56
C PRO A 137 57.54 35.54 1.28
N VAL A 138 56.30 35.62 1.75
CA VAL A 138 55.48 36.81 1.63
C VAL A 138 55.60 37.61 2.92
N THR A 139 55.94 38.89 2.80
CA THR A 139 56.16 39.75 3.96
C THR A 139 55.21 40.93 4.02
N THR A 140 55.05 41.66 2.91
CA THR A 140 54.26 42.88 2.96
C THR A 140 52.84 42.65 2.45
N PRO A 141 51.87 43.43 2.92
CA PRO A 141 50.51 43.32 2.36
C PRO A 141 50.43 43.71 0.90
N GLU A 142 51.41 44.48 0.38
CA GLU A 142 51.41 44.79 -1.04
C GLU A 142 51.54 43.53 -1.88
N GLU A 143 52.36 42.58 -1.44
CA GLU A 143 52.46 41.30 -2.14
C GLU A 143 51.14 40.54 -2.06
N ILE A 144 50.43 40.67 -0.94
CA ILE A 144 49.11 40.03 -0.82
C ILE A 144 48.15 40.62 -1.86
N ALA A 145 48.14 41.94 -1.98
CA ALA A 145 47.29 42.59 -2.97
C ALA A 145 47.67 42.18 -4.38
N GLN A 146 48.98 42.08 -4.66
CA GLN A 146 49.42 41.66 -5.99
C GLN A 146 48.98 40.24 -6.30
N VAL A 147 49.12 39.33 -5.33
CA VAL A 147 48.70 37.94 -5.54
C VAL A 147 47.20 37.86 -5.78
N ALA A 148 46.42 38.57 -4.97
CA ALA A 148 44.97 38.54 -5.14
C ALA A 148 44.56 39.12 -6.49
N THR A 149 45.23 40.21 -6.91
CA THR A 149 44.91 40.82 -8.21
C THR A 149 45.25 39.87 -9.35
N ILE A 150 46.41 39.22 -9.29
CA ILE A 150 46.81 38.31 -10.36
C ILE A 150 45.85 37.13 -10.43
N SER A 151 45.47 36.57 -9.28
CA SER A 151 44.60 35.41 -9.27
C SER A 151 43.17 35.75 -9.65
N ALA A 152 42.78 37.02 -9.58
CA ALA A 152 41.42 37.45 -9.92
C ALA A 152 41.34 38.06 -11.31
N ASN A 153 42.12 37.54 -12.25
CA ASN A 153 42.11 38.01 -13.64
C ASN A 153 42.43 39.50 -13.74
N GLY A 154 43.39 39.95 -12.94
CA GLY A 154 43.83 41.32 -13.00
C GLY A 154 42.80 42.35 -12.56
N ASP A 155 42.10 42.09 -11.47
CA ASP A 155 41.10 43.02 -10.94
C ASP A 155 41.69 43.68 -9.70
N LYS A 156 41.95 44.98 -9.79
CA LYS A 156 42.57 45.70 -8.68
C LYS A 156 41.63 45.79 -7.48
N GLU A 157 40.34 46.00 -7.72
CA GLU A 157 39.40 46.17 -6.62
C GLU A 157 39.32 44.93 -5.74
N ILE A 158 39.26 43.75 -6.36
CA ILE A 158 39.20 42.51 -5.59
C ILE A 158 40.46 42.32 -4.77
N GLY A 159 41.62 42.60 -5.37
CA GLY A 159 42.86 42.49 -4.63
C GLY A 159 42.92 43.42 -3.44
N ASN A 160 42.50 44.68 -3.63
CA ASN A 160 42.47 45.62 -2.52
C ASN A 160 41.50 45.18 -1.43
N ILE A 161 40.34 44.66 -1.83
CA ILE A 161 39.36 44.20 -0.85
C ILE A 161 39.92 43.06 -0.01
N ILE A 162 40.55 42.08 -0.68
CA ILE A 162 41.10 40.94 0.04
C ILE A 162 42.26 41.36 0.94
N SER A 163 43.10 42.27 0.46
CA SER A 163 44.20 42.76 1.27
C SER A 163 43.69 43.48 2.52
N ASP A 164 42.66 44.32 2.36
CA ASP A 164 42.09 45.01 3.51
C ASP A 164 41.48 44.03 4.49
N ALA A 165 40.76 43.02 3.98
CA ALA A 165 40.16 42.03 4.87
C ALA A 165 41.22 41.28 5.66
N MET A 166 42.30 40.85 4.99
CA MET A 166 43.35 40.13 5.70
C MET A 166 44.12 41.04 6.65
N LYS A 167 44.23 42.33 6.33
CA LYS A 167 44.83 43.26 7.28
C LYS A 167 43.98 43.40 8.53
N LYS A 168 42.66 43.45 8.37
CA LYS A 168 41.77 43.75 9.49
C LYS A 168 41.34 42.52 10.29
N VAL A 169 41.52 41.31 9.76
CA VAL A 169 41.20 40.11 10.52
C VAL A 169 42.40 39.18 10.67
N GLY A 170 43.56 39.55 10.17
CA GLY A 170 44.71 38.67 10.24
C GLY A 170 44.87 37.83 8.99
N ARG A 171 46.13 37.48 8.70
CA ARG A 171 46.44 36.72 7.50
C ARG A 171 45.89 35.31 7.52
N LYS A 172 45.48 34.81 8.68
CA LYS A 172 44.89 33.49 8.82
C LYS A 172 43.52 33.57 9.48
N GLY A 173 42.76 34.62 9.17
CA GLY A 173 41.43 34.80 9.71
C GLY A 173 40.40 34.00 8.91
N VAL A 174 39.14 34.22 9.28
CA VAL A 174 38.02 33.55 8.64
C VAL A 174 37.35 34.55 7.70
N ILE A 175 37.55 34.34 6.40
CA ILE A 175 36.97 35.18 5.35
C ILE A 175 36.08 34.32 4.49
N THR A 176 34.83 34.74 4.32
CA THR A 176 33.86 34.03 3.50
C THR A 176 33.34 34.94 2.39
N VAL A 177 32.81 34.31 1.34
CA VAL A 177 32.34 35.02 0.15
C VAL A 177 30.90 34.62 -0.09
N LYS A 178 30.04 35.62 -0.32
CA LYS A 178 28.66 35.32 -0.67
C LYS A 178 28.14 36.39 -1.61
N ASP A 179 27.10 36.03 -2.37
CA ASP A 179 26.55 36.91 -3.39
C ASP A 179 25.95 38.15 -2.75
N GLY A 180 26.08 39.28 -3.45
CA GLY A 180 25.52 40.54 -3.02
C GLY A 180 24.44 40.99 -3.97
N LYS A 181 23.45 41.71 -3.43
CA LYS A 181 22.34 42.23 -4.21
C LYS A 181 22.64 43.59 -4.83
N THR A 182 23.80 44.16 -4.55
CA THR A 182 24.18 45.47 -5.04
C THR A 182 25.06 45.34 -6.28
N LEU A 183 25.56 46.47 -6.77
CA LEU A 183 26.37 46.49 -7.98
C LEU A 183 27.86 46.30 -7.71
N ASN A 184 28.36 46.81 -6.59
CA ASN A 184 29.79 46.79 -6.30
C ASN A 184 30.06 45.93 -5.07
N ASP A 185 31.28 45.37 -5.03
CA ASP A 185 31.66 44.48 -3.94
C ASP A 185 31.74 45.26 -2.63
N GLU A 186 31.37 44.59 -1.54
CA GLU A 186 31.42 45.18 -0.21
C GLU A 186 32.12 44.22 0.75
N LEU A 187 32.76 44.79 1.78
CA LEU A 187 33.44 44.03 2.81
C LEU A 187 32.85 44.38 4.16
N GLU A 188 32.37 43.37 4.88
CA GLU A 188 31.79 43.56 6.20
C GLU A 188 32.55 42.75 7.23
N ILE A 189 32.77 43.33 8.40
CA ILE A 189 33.54 42.71 9.46
C ILE A 189 32.66 42.56 10.69
N ILE A 190 32.58 41.34 11.21
CA ILE A 190 31.83 41.04 12.42
C ILE A 190 32.85 40.85 13.55
N GLU A 191 32.81 41.74 14.53
CA GLU A 191 33.69 41.69 15.68
C GLU A 191 32.94 41.16 16.90
N GLY A 192 33.71 40.69 17.88
CA GLY A 192 33.10 40.11 19.06
C GLY A 192 32.38 38.82 18.72
N MET A 193 31.29 38.56 19.44
CA MET A 193 30.50 37.36 19.24
C MET A 193 29.13 37.73 18.69
N LYS A 194 28.77 37.11 17.57
CA LYS A 194 27.48 37.36 16.93
C LYS A 194 26.98 36.07 16.32
N PHE A 195 25.75 35.69 16.67
CA PHE A 195 25.15 34.46 16.19
C PHE A 195 23.73 34.73 15.73
N ASP A 196 23.27 33.94 14.76
CA ASP A 196 22.00 34.17 14.08
C ASP A 196 20.82 33.62 14.90
N ARG A 197 20.62 34.22 16.06
CA ARG A 197 19.48 33.87 16.92
C ARG A 197 18.91 35.16 17.48
N GLY A 198 17.69 35.50 17.07
CA GLY A 198 17.05 36.72 17.49
C GLY A 198 16.17 36.55 18.72
N TYR A 199 15.67 37.68 19.22
CA TYR A 199 14.78 37.67 20.36
C TYR A 199 13.46 36.97 20.01
N ILE A 200 12.87 36.31 21.00
CA ILE A 200 11.68 35.50 20.75
C ILE A 200 10.45 36.38 20.62
N SER A 201 10.11 37.11 21.67
CA SER A 201 8.88 37.90 21.65
C SER A 201 9.16 39.33 21.25
N PRO A 202 8.41 39.91 20.32
CA PRO A 202 8.63 41.31 19.95
C PRO A 202 8.15 42.29 21.01
N TYR A 203 8.63 42.13 22.25
CA TYR A 203 8.23 43.00 23.34
C TYR A 203 9.41 43.58 24.11
N PHE A 204 10.64 43.13 23.86
CA PHE A 204 11.81 43.66 24.52
C PHE A 204 12.42 44.85 23.79
N ILE A 205 11.84 45.27 22.67
CA ILE A 205 12.39 46.36 21.88
C ILE A 205 12.29 47.66 22.66
N ASN A 206 13.43 48.33 22.85
CA ASN A 206 13.47 49.61 23.55
C ASN A 206 14.40 50.57 22.83
N THR A 207 14.35 50.60 21.50
CA THR A 207 15.20 51.48 20.72
C THR A 207 14.35 52.29 19.75
N SER A 208 14.87 53.46 19.39
CA SER A 208 14.16 54.33 18.46
C SER A 208 14.23 53.80 17.03
N LYS A 209 15.41 53.36 16.60
CA LYS A 209 15.63 52.95 15.22
C LYS A 209 16.18 51.52 15.18
N GLY A 210 15.73 50.76 14.18
CA GLY A 210 16.18 49.40 13.99
C GLY A 210 15.30 48.34 14.62
N GLN A 211 14.46 48.72 15.58
CA GLN A 211 13.56 47.80 16.27
C GLN A 211 14.34 46.63 16.88
N LYS A 212 15.41 46.96 17.57
CA LYS A 212 16.26 46.00 18.26
C LYS A 212 16.23 46.29 19.76
N CYS A 213 17.05 45.57 20.51
CA CYS A 213 17.22 45.79 21.94
C CYS A 213 18.67 46.13 22.21
N GLU A 214 18.91 47.34 22.73
CA GLU A 214 20.25 47.85 22.93
C GLU A 214 20.50 48.05 24.42
N PHE A 215 21.57 47.46 24.93
CA PHE A 215 21.94 47.56 26.33
C PHE A 215 23.43 47.87 26.44
N GLN A 216 23.80 48.53 27.54
CA GLN A 216 25.19 48.82 27.86
C GLN A 216 25.49 48.34 29.27
N ASP A 217 26.62 47.64 29.42
CA ASP A 217 27.06 47.06 30.69
C ASP A 217 25.93 46.19 31.25
N ALA A 218 25.76 45.06 30.59
CA ALA A 218 24.62 44.18 30.84
C ALA A 218 25.10 42.86 31.44
N TYR A 219 24.25 42.30 32.31
CA TYR A 219 24.44 40.96 32.83
C TYR A 219 24.02 39.93 31.79
N VAL A 220 24.72 38.80 31.80
CA VAL A 220 24.45 37.70 30.87
C VAL A 220 24.35 36.41 31.67
N LEU A 221 23.24 35.69 31.50
CA LEU A 221 23.02 34.40 32.13
C LEU A 221 22.83 33.36 31.02
N LEU A 222 23.68 32.33 31.03
CA LEU A 222 23.68 31.31 30.00
C LEU A 222 23.20 30.00 30.61
N SER A 223 22.14 29.43 30.04
CA SER A 223 21.56 28.18 30.51
C SER A 223 21.60 27.16 29.38
N GLU A 224 22.27 26.03 29.60
CA GLU A 224 22.32 24.99 28.59
C GLU A 224 20.95 24.34 28.40
N LYS A 225 20.18 24.21 29.49
CA LYS A 225 18.85 23.64 29.42
C LYS A 225 17.80 24.72 29.19
N LYS A 226 16.57 24.28 28.92
CA LYS A 226 15.47 25.21 28.69
C LYS A 226 15.08 25.90 29.99
N ILE A 227 14.41 27.04 29.84
CA ILE A 227 13.95 27.84 30.98
C ILE A 227 12.43 27.81 30.94
N SER A 228 11.82 27.10 31.89
CA SER A 228 10.37 26.99 31.97
C SER A 228 9.83 27.29 33.37
N SER A 229 10.54 26.88 34.41
CA SER A 229 10.05 27.04 35.77
C SER A 229 10.13 28.48 36.24
N ILE A 230 9.14 28.89 37.04
CA ILE A 230 9.15 30.23 37.62
C ILE A 230 10.36 30.40 38.53
N GLN A 231 10.61 29.41 39.39
CA GLN A 231 11.72 29.50 40.34
C GLN A 231 13.08 29.37 39.66
N SER A 232 13.12 28.90 38.41
CA SER A 232 14.39 28.79 37.69
C SER A 232 14.88 30.12 37.13
N ILE A 233 14.00 31.11 37.03
CA ILE A 233 14.37 32.40 36.45
C ILE A 233 14.18 33.56 37.42
N VAL A 234 13.41 33.39 38.49
CA VAL A 234 13.16 34.51 39.40
C VAL A 234 14.43 35.01 40.08
N PRO A 235 15.28 34.17 40.68
CA PRO A 235 16.45 34.71 41.40
C PRO A 235 17.38 35.55 40.53
N ALA A 236 17.57 35.17 39.27
CA ALA A 236 18.38 35.99 38.38
C ALA A 236 17.75 37.36 38.18
N LEU A 237 16.42 37.40 38.03
CA LEU A 237 15.72 38.68 37.93
C LEU A 237 15.87 39.49 39.21
N GLU A 238 15.85 38.83 40.37
CA GLU A 238 16.09 39.52 41.63
C GLU A 238 17.45 40.16 41.66
N ILE A 239 18.48 39.40 41.23
CA ILE A 239 19.84 39.93 41.22
C ILE A 239 19.93 41.13 40.27
N ALA A 240 19.35 41.00 39.08
CA ALA A 240 19.40 42.08 38.10
C ALA A 240 18.69 43.33 38.62
N ASN A 241 17.52 43.16 39.23
CA ASN A 241 16.77 44.31 39.73
C ASN A 241 17.49 44.97 40.89
N ALA A 242 18.07 44.18 41.79
CA ALA A 242 18.81 44.74 42.90
C ALA A 242 20.03 45.53 42.41
N HIS A 243 20.74 44.98 41.43
CA HIS A 243 21.90 45.67 40.87
C HIS A 243 21.52 46.73 39.84
N ARG A 244 20.25 46.75 39.40
CA ARG A 244 19.76 47.75 38.46
C ARG A 244 20.57 47.74 37.15
N LYS A 245 20.70 46.55 36.57
CA LYS A 245 21.45 46.38 35.34
C LYS A 245 20.64 45.53 34.37
N PRO A 246 20.78 45.78 33.06
CA PRO A 246 20.06 44.96 32.08
C PRO A 246 20.56 43.53 32.08
N LEU A 247 19.67 42.62 31.70
CA LEU A 247 19.94 41.19 31.77
C LEU A 247 19.59 40.51 30.46
N VAL A 248 20.44 39.59 30.04
CA VAL A 248 20.24 38.77 28.86
C VAL A 248 20.18 37.31 29.30
N ILE A 249 19.21 36.57 28.79
CA ILE A 249 19.04 35.15 29.10
C ILE A 249 19.28 34.39 27.80
N ILE A 250 20.43 33.75 27.68
CA ILE A 250 20.76 32.96 26.49
C ILE A 250 20.59 31.48 26.84
N ALA A 251 19.66 30.82 26.17
CA ALA A 251 19.35 29.43 26.48
C ALA A 251 18.79 28.74 25.25
N GLU A 252 18.49 27.45 25.39
CA GLU A 252 17.89 26.72 24.29
C GLU A 252 16.52 27.30 23.92
N ASP A 253 15.71 27.61 24.93
CA ASP A 253 14.40 28.21 24.73
C ASP A 253 13.87 28.67 26.08
N VAL A 254 13.16 29.80 26.06
CA VAL A 254 12.46 30.31 27.22
C VAL A 254 10.99 29.96 27.05
N ASP A 255 10.51 29.01 27.83
CA ASP A 255 9.17 28.46 27.62
C ASP A 255 8.11 29.49 28.01
N GLY A 256 6.85 29.10 27.82
CA GLY A 256 5.75 30.06 27.89
C GLY A 256 5.62 30.72 29.24
N GLU A 257 5.78 29.96 30.32
CA GLU A 257 5.60 30.51 31.66
C GLU A 257 6.65 31.58 31.97
N ALA A 258 7.92 31.24 31.78
CA ALA A 258 8.99 32.18 32.08
C ALA A 258 9.00 33.34 31.07
N LEU A 259 8.68 33.06 29.81
CA LEU A 259 8.60 34.12 28.82
C LEU A 259 7.50 35.11 29.17
N SER A 260 6.34 34.60 29.60
CA SER A 260 5.26 35.48 30.03
C SER A 260 5.66 36.30 31.24
N THR A 261 6.35 35.68 32.20
CA THR A 261 6.84 36.41 33.36
C THR A 261 7.77 37.55 32.95
N LEU A 262 8.72 37.25 32.06
CA LEU A 262 9.68 38.26 31.62
C LEU A 262 8.98 39.39 30.89
N VAL A 263 8.06 39.06 29.98
CA VAL A 263 7.36 40.08 29.20
C VAL A 263 6.53 40.96 30.12
N LEU A 264 5.80 40.34 31.07
CA LEU A 264 4.97 41.11 31.98
C LEU A 264 5.81 42.05 32.84
N ASN A 265 6.92 41.55 33.37
CA ASN A 265 7.77 42.39 34.21
C ASN A 265 8.36 43.54 33.41
N ARG A 266 8.87 43.24 32.20
CA ARG A 266 9.48 44.29 31.38
C ARG A 266 8.46 45.34 30.96
N LEU A 267 7.22 44.93 30.70
CA LEU A 267 6.21 45.88 30.28
C LEU A 267 5.68 46.71 31.46
N LYS A 268 5.58 46.10 32.64
CA LYS A 268 5.02 46.80 33.79
C LYS A 268 6.05 47.68 34.49
N VAL A 269 7.11 47.06 35.04
CA VAL A 269 8.08 47.80 35.84
C VAL A 269 9.24 48.31 35.01
N GLY A 270 9.28 47.99 33.72
CA GLY A 270 10.39 48.40 32.88
C GLY A 270 11.69 47.71 33.22
N LEU A 271 11.64 46.42 33.56
CA LEU A 271 12.85 45.66 33.85
C LEU A 271 13.58 45.37 32.54
N GLN A 272 14.80 45.88 32.43
CA GLN A 272 15.60 45.67 31.22
C GLN A 272 16.05 44.22 31.15
N VAL A 273 15.42 43.43 30.28
CA VAL A 273 15.73 42.02 30.14
C VAL A 273 15.36 41.58 28.73
N VAL A 274 16.14 40.64 28.20
CA VAL A 274 15.91 40.07 26.88
C VAL A 274 16.25 38.59 26.92
N ALA A 275 15.69 37.85 25.95
CA ALA A 275 15.89 36.41 25.87
C ALA A 275 16.33 36.04 24.46
N VAL A 276 17.31 35.14 24.37
CA VAL A 276 17.90 34.73 23.10
C VAL A 276 18.09 33.22 23.10
N LYS A 277 17.76 32.58 21.97
CA LYS A 277 17.99 31.16 21.81
C LYS A 277 19.48 30.86 21.66
N ALA A 278 19.89 29.71 22.19
CA ALA A 278 21.29 29.33 22.15
C ALA A 278 21.69 28.92 20.73
N PRO A 279 22.83 29.39 20.23
CA PRO A 279 23.27 28.97 18.89
C PRO A 279 23.73 27.52 18.88
N GLY A 280 23.65 26.90 17.71
CA GLY A 280 24.07 25.52 17.54
C GLY A 280 22.96 24.53 17.83
N PHE A 281 23.11 23.33 17.26
CA PHE A 281 22.12 22.28 17.41
C PHE A 281 22.66 20.99 18.00
N GLY A 282 23.97 20.85 18.18
CA GLY A 282 24.53 19.64 18.74
C GLY A 282 25.57 19.93 19.81
N ASP A 283 26.69 19.19 19.78
CA ASP A 283 27.78 19.50 20.69
C ASP A 283 28.35 20.88 20.43
N ASN A 284 28.22 21.38 19.19
CA ASN A 284 28.64 22.73 18.87
C ASN A 284 27.88 23.75 19.71
N ARG A 285 26.62 23.47 20.05
CA ARG A 285 25.88 24.36 20.94
C ARG A 285 26.56 24.47 22.29
N LYS A 286 26.96 23.33 22.86
CA LYS A 286 27.64 23.35 24.16
C LYS A 286 28.99 24.06 24.06
N ASN A 287 29.74 23.80 22.99
CA ASN A 287 31.03 24.46 22.81
C ASN A 287 30.88 25.97 22.71
N GLN A 288 29.89 26.43 21.93
CA GLN A 288 29.66 27.87 21.80
C GLN A 288 29.20 28.46 23.12
N LEU A 289 28.36 27.75 23.87
CA LEU A 289 27.93 28.24 25.17
C LEU A 289 29.10 28.41 26.11
N LYS A 290 30.00 27.42 26.14
CA LYS A 290 31.20 27.54 26.97
C LYS A 290 32.07 28.70 26.51
N ASP A 291 32.15 28.91 25.19
CA ASP A 291 32.95 30.02 24.67
C ASP A 291 32.39 31.37 25.10
N MET A 292 31.06 31.54 25.01
CA MET A 292 30.48 32.80 25.49
C MET A 292 30.63 32.94 26.99
N ALA A 293 30.56 31.84 27.74
CA ALA A 293 30.77 31.91 29.18
C ALA A 293 32.19 32.39 29.50
N ILE A 294 33.17 31.87 28.79
CA ILE A 294 34.56 32.27 29.04
C ILE A 294 34.79 33.72 28.60
N ALA A 295 34.25 34.10 27.43
CA ALA A 295 34.46 35.46 26.92
C ALA A 295 33.81 36.50 27.83
N THR A 296 32.56 36.27 28.21
CA THR A 296 31.88 37.21 29.10
C THR A 296 32.38 37.09 30.52
N GLY A 297 32.61 35.87 31.00
CA GLY A 297 33.06 35.63 32.35
C GLY A 297 31.95 35.18 33.26
N GLY A 298 31.84 33.88 33.48
CA GLY A 298 30.76 33.33 34.27
C GLY A 298 30.71 31.83 34.24
N ALA A 299 29.50 31.26 34.17
CA ALA A 299 29.34 29.82 34.16
C ALA A 299 28.10 29.46 33.37
N VAL A 300 28.06 28.20 32.92
CA VAL A 300 26.92 27.66 32.20
C VAL A 300 26.08 26.86 33.18
N PHE A 301 24.79 27.19 33.26
CA PHE A 301 23.88 26.54 34.20
C PHE A 301 23.21 25.36 33.52
N GLY A 302 23.28 24.20 34.16
CA GLY A 302 22.72 22.99 33.62
C GLY A 302 23.69 22.09 32.88
N GLU A 303 24.99 22.37 32.95
CA GLU A 303 25.98 21.53 32.29
C GLU A 303 26.06 20.16 32.95
N GLU A 304 26.34 19.15 32.12
CA GLU A 304 26.38 17.78 32.63
C GLU A 304 27.56 17.53 33.55
N GLY A 305 28.58 18.40 33.53
CA GLY A 305 29.75 18.21 34.35
C GLY A 305 29.54 18.55 35.82
N LEU A 306 29.17 19.80 36.09
CA LEU A 306 28.98 20.26 37.46
C LEU A 306 27.51 20.40 37.85
N THR A 307 26.62 20.61 36.87
CA THR A 307 25.19 20.79 37.12
C THR A 307 24.96 21.93 38.10
N LEU A 308 25.39 23.13 37.69
CA LEU A 308 25.16 24.35 38.46
C LEU A 308 23.68 24.72 38.32
N ASN A 309 22.90 24.43 39.36
CA ASN A 309 21.47 24.70 39.31
C ASN A 309 21.20 26.20 39.27
N LEU A 310 20.16 26.57 38.53
CA LEU A 310 19.81 27.97 38.36
C LEU A 310 19.27 28.60 39.65
N GLU A 311 18.75 27.80 40.57
CA GLU A 311 18.21 28.35 41.81
C GLU A 311 19.30 29.02 42.64
N ASP A 312 20.48 28.42 42.70
CA ASP A 312 21.59 28.98 43.47
C ASP A 312 22.47 29.89 42.60
N VAL A 313 21.85 30.86 41.93
CA VAL A 313 22.58 31.80 41.10
C VAL A 313 23.13 32.91 41.99
N GLN A 314 24.32 33.38 41.66
CA GLN A 314 25.03 34.41 42.41
C GLN A 314 25.37 35.58 41.50
N PRO A 315 25.54 36.78 42.05
CA PRO A 315 25.92 37.92 41.21
C PRO A 315 27.24 37.73 40.49
N HIS A 316 28.13 36.90 41.02
CA HIS A 316 29.40 36.63 40.35
C HIS A 316 29.29 35.53 39.30
N ASP A 317 28.11 34.93 39.14
CA ASP A 317 27.89 33.91 38.12
C ASP A 317 27.35 34.49 36.81
N LEU A 318 27.20 35.80 36.71
CA LEU A 318 26.64 36.46 35.55
C LEU A 318 27.74 37.21 34.80
N GLY A 319 27.83 36.99 33.50
CA GLY A 319 28.82 37.69 32.71
C GLY A 319 28.48 39.15 32.52
N LYS A 320 29.51 39.94 32.23
CA LYS A 320 29.35 41.37 31.97
C LYS A 320 29.73 41.66 30.53
N VAL A 321 28.82 42.30 29.80
CA VAL A 321 29.06 42.70 28.41
C VAL A 321 28.96 44.21 28.31
N GLY A 322 29.94 44.82 27.64
CA GLY A 322 29.92 46.26 27.49
C GLY A 322 28.75 46.76 26.68
N GLU A 323 28.48 46.12 25.54
CA GLU A 323 27.34 46.49 24.69
C GLU A 323 26.79 45.21 24.07
N VAL A 324 25.46 45.05 24.11
CA VAL A 324 24.79 43.91 23.48
C VAL A 324 23.60 44.42 22.70
N ILE A 325 23.50 44.02 21.43
CA ILE A 325 22.36 44.35 20.58
C ILE A 325 21.80 43.05 20.03
N VAL A 326 20.46 42.96 20.00
CA VAL A 326 19.77 41.80 19.46
C VAL A 326 18.61 42.27 18.62
N THR A 327 18.50 41.73 17.40
CA THR A 327 17.43 42.11 16.49
C THR A 327 16.67 40.87 16.04
N LYS A 328 15.78 41.02 15.06
CA LYS A 328 14.86 39.96 14.68
C LYS A 328 15.58 38.71 14.18
N ASP A 329 16.81 38.83 13.69
CA ASP A 329 17.50 37.71 13.08
C ASP A 329 18.75 37.26 13.82
N ASP A 330 19.47 38.16 14.50
CA ASP A 330 20.71 37.77 15.15
C ASP A 330 21.00 38.70 16.32
N ALA A 331 21.86 38.24 17.21
CA ALA A 331 22.26 38.99 18.40
C ALA A 331 23.77 39.11 18.44
N MET A 332 24.25 40.26 18.91
CA MET A 332 25.68 40.55 18.94
C MET A 332 26.08 40.95 20.35
N LEU A 333 27.19 40.39 20.83
CA LEU A 333 27.74 40.69 22.14
C LEU A 333 29.11 41.32 21.97
N LEU A 334 29.33 42.48 22.61
CA LEU A 334 30.58 43.22 22.49
C LEU A 334 31.13 43.52 23.87
N LYS A 335 32.48 43.54 23.95
CA LYS A 335 33.20 43.94 25.15
C LYS A 335 32.87 43.06 26.34
N GLY A 336 33.05 41.75 26.16
CA GLY A 336 32.86 40.83 27.28
C GLY A 336 33.94 41.03 28.33
N LYS A 337 33.51 41.22 29.58
CA LYS A 337 34.44 41.47 30.68
C LYS A 337 34.89 40.12 31.27
N GLY A 338 35.64 39.39 30.44
CA GLY A 338 36.20 38.11 30.84
C GLY A 338 37.71 38.22 31.04
N ASP A 339 38.24 37.36 31.91
CA ASP A 339 39.67 37.36 32.15
C ASP A 339 40.43 36.90 30.91
N LYS A 340 41.51 37.62 30.58
CA LYS A 340 42.26 37.32 29.37
C LYS A 340 42.96 35.97 29.43
N ALA A 341 43.34 35.53 30.64
CA ALA A 341 44.04 34.25 30.77
C ALA A 341 43.14 33.09 30.34
N GLN A 342 41.89 33.09 30.81
CA GLN A 342 40.96 32.03 30.44
C GLN A 342 40.65 32.05 28.94
N ILE A 343 40.52 33.25 28.37
CA ILE A 343 40.28 33.38 26.94
C ILE A 343 41.46 32.80 26.16
N GLU A 344 42.68 33.13 26.58
CA GLU A 344 43.87 32.61 25.91
C GLU A 344 43.95 31.09 26.02
N LYS A 345 43.63 30.55 27.20
CA LYS A 345 43.66 29.09 27.36
C LYS A 345 42.61 28.42 26.49
N ARG A 346 41.42 29.02 26.39
CA ARG A 346 40.39 28.47 25.51
C ARG A 346 40.84 28.53 24.05
N ILE A 347 41.50 29.61 23.66
CA ILE A 347 42.03 29.72 22.30
C ILE A 347 43.05 28.62 22.04
N GLN A 348 43.95 28.39 23.00
CA GLN A 348 44.94 27.32 22.84
C GLN A 348 44.27 25.97 22.73
N GLU A 349 43.23 25.73 23.53
CA GLU A 349 42.49 24.48 23.44
C GLU A 349 41.84 24.31 22.07
N ILE A 350 41.29 25.39 21.51
CA ILE A 350 40.67 25.32 20.20
C ILE A 350 41.70 25.00 19.13
N ILE A 351 42.86 25.67 19.15
CA ILE A 351 43.88 25.36 18.15
C ILE A 351 44.43 23.96 18.35
N GLU A 352 44.42 23.43 19.58
CA GLU A 352 44.87 22.06 19.79
C GLU A 352 43.86 21.07 19.22
N GLN A 353 42.56 21.31 19.44
CA GLN A 353 41.53 20.47 18.84
C GLN A 353 41.52 20.59 17.33
N LEU A 354 42.04 21.70 16.77
CA LEU A 354 42.19 21.82 15.34
C LEU A 354 43.26 20.90 14.77
N ASP A 355 44.10 20.30 15.62
CA ASP A 355 45.25 19.53 15.17
C ASP A 355 45.27 18.12 15.73
N VAL A 356 44.09 17.50 15.89
CA VAL A 356 43.99 16.11 16.32
C VAL A 356 43.48 15.22 15.19
N THR A 357 42.47 15.69 14.46
CA THR A 357 41.89 14.94 13.36
C THR A 357 41.16 15.92 12.45
N THR A 358 40.53 15.37 11.41
CA THR A 358 39.76 16.18 10.47
C THR A 358 38.46 15.47 10.13
N SER A 359 37.40 16.26 9.93
CA SER A 359 36.12 15.72 9.52
C SER A 359 35.43 16.60 8.45
N GLU A 360 36.16 17.57 7.88
CA GLU A 360 35.67 18.43 6.81
C GLU A 360 34.59 19.40 7.30
N TYR A 361 34.19 19.28 8.57
CA TYR A 361 33.19 20.16 9.14
C TYR A 361 33.64 20.70 10.49
N GLU A 362 34.32 19.86 11.27
CA GLU A 362 34.75 20.28 12.60
C GLU A 362 35.83 21.35 12.53
N LYS A 363 36.71 21.28 11.52
CA LYS A 363 37.72 22.31 11.35
C LYS A 363 37.08 23.67 11.09
N GLU A 364 36.03 23.70 10.26
CA GLU A 364 35.33 24.95 9.98
C GLU A 364 34.72 25.53 11.24
N LYS A 365 34.09 24.69 12.06
CA LYS A 365 33.49 25.18 13.30
C LYS A 365 34.55 25.68 14.27
N LEU A 366 35.67 24.95 14.38
CA LEU A 366 36.75 25.38 15.27
C LEU A 366 37.32 26.72 14.82
N ASN A 367 37.53 26.88 13.52
CA ASN A 367 38.03 28.16 13.00
C ASN A 367 37.04 29.28 13.25
N GLU A 368 35.74 29.00 13.08
CA GLU A 368 34.71 30.00 13.33
C GLU A 368 34.75 30.44 14.79
N ARG A 369 34.83 29.48 15.72
CA ARG A 369 34.86 29.81 17.13
C ARG A 369 36.12 30.60 17.49
N LEU A 370 37.27 30.19 16.94
CA LEU A 370 38.51 30.90 17.20
C LEU A 370 38.46 32.33 16.68
N ALA A 371 37.90 32.52 15.48
CA ALA A 371 37.76 33.87 14.94
C ALA A 371 36.82 34.72 15.77
N LYS A 372 35.71 34.13 16.22
CA LYS A 372 34.78 34.86 17.08
C LYS A 372 35.43 35.25 18.39
N LEU A 373 36.34 34.42 18.91
CA LEU A 373 37.01 34.73 20.16
C LEU A 373 38.07 35.82 19.97
N SER A 374 38.83 35.75 18.88
CA SER A 374 40.03 36.57 18.75
C SER A 374 39.80 37.87 17.98
N ASP A 375 39.40 37.79 16.71
CA ASP A 375 39.44 38.96 15.84
C ASP A 375 38.18 39.20 15.02
N GLY A 376 37.25 38.24 14.94
CA GLY A 376 36.06 38.41 14.13
C GLY A 376 36.18 37.72 12.79
N VAL A 377 35.13 37.89 11.98
CA VAL A 377 35.02 37.23 10.69
C VAL A 377 34.75 38.27 9.61
N ALA A 378 35.31 38.06 8.43
CA ALA A 378 35.10 38.94 7.30
C ALA A 378 34.20 38.26 6.27
N VAL A 379 33.25 39.02 5.73
CA VAL A 379 32.35 38.53 4.69
C VAL A 379 32.43 39.48 3.50
N LEU A 380 32.51 38.91 2.31
CA LEU A 380 32.60 39.66 1.06
C LEU A 380 31.29 39.50 0.31
N LYS A 381 30.55 40.61 0.20
CA LYS A 381 29.35 40.67 -0.63
C LYS A 381 29.78 40.94 -2.06
N VAL A 382 29.68 39.93 -2.92
CA VAL A 382 30.08 40.07 -4.32
C VAL A 382 28.91 40.67 -5.08
N GLY A 383 29.11 41.89 -5.58
CA GLY A 383 28.06 42.60 -6.29
C GLY A 383 27.98 42.24 -7.76
N GLY A 384 26.91 42.69 -8.39
CA GLY A 384 26.70 42.44 -9.81
C GLY A 384 25.28 42.77 -10.20
N THR A 385 25.02 42.63 -11.50
CA THR A 385 23.71 42.93 -12.05
C THR A 385 22.81 41.70 -12.11
N SER A 386 23.26 40.66 -12.82
CA SER A 386 22.50 39.44 -12.99
C SER A 386 23.15 38.30 -12.21
N ASP A 387 22.46 37.16 -12.19
CA ASP A 387 22.95 36.01 -11.43
C ASP A 387 24.24 35.46 -12.03
N VAL A 388 24.33 35.39 -13.36
CA VAL A 388 25.51 34.80 -13.99
C VAL A 388 26.75 35.63 -13.71
N GLU A 389 26.63 36.97 -13.81
CA GLU A 389 27.77 37.83 -13.54
C GLU A 389 28.22 37.71 -12.09
N VAL A 390 27.26 37.66 -11.16
CA VAL A 390 27.60 37.52 -9.75
C VAL A 390 28.29 36.18 -9.51
N ASN A 391 27.81 35.11 -10.13
CA ASN A 391 28.44 33.81 -9.96
C ASN A 391 29.86 33.80 -10.50
N GLU A 392 30.07 34.41 -11.67
CA GLU A 392 31.41 34.47 -12.23
C GLU A 392 32.37 35.25 -11.34
N LYS A 393 31.92 36.41 -10.84
CA LYS A 393 32.77 37.19 -9.96
C LYS A 393 33.02 36.47 -8.64
N LYS A 394 32.03 35.73 -8.13
CA LYS A 394 32.21 34.95 -6.93
C LYS A 394 33.25 33.86 -7.13
N ASP A 395 33.22 33.20 -8.29
CA ASP A 395 34.22 32.19 -8.62
C ASP A 395 35.61 32.82 -8.63
N ARG A 396 35.74 33.97 -9.28
CA ARG A 396 37.05 34.64 -9.33
C ARG A 396 37.52 35.03 -7.93
N VAL A 397 36.61 35.54 -7.09
CA VAL A 397 36.99 35.96 -5.75
C VAL A 397 37.43 34.76 -4.91
N THR A 398 36.71 33.64 -5.02
CA THR A 398 37.12 32.44 -4.29
C THR A 398 38.48 31.95 -4.75
N ASP A 399 38.75 32.01 -6.07
CA ASP A 399 40.07 31.65 -6.57
C ASP A 399 41.14 32.56 -5.99
N ALA A 400 40.85 33.87 -5.93
CA ALA A 400 41.82 34.81 -5.37
C ALA A 400 42.08 34.51 -3.89
N LEU A 401 41.03 34.21 -3.12
CA LEU A 401 41.22 33.89 -1.71
C LEU A 401 42.06 32.63 -1.54
N ASN A 402 41.78 31.59 -2.32
CA ASN A 402 42.57 30.36 -2.21
C ASN A 402 44.02 30.60 -2.56
N ALA A 403 44.26 31.36 -3.63
CA ALA A 403 45.64 31.64 -4.04
C ALA A 403 46.37 32.47 -2.99
N THR A 404 45.68 33.46 -2.40
CA THR A 404 46.32 34.27 -1.37
C THR A 404 46.66 33.44 -0.14
N ARG A 405 45.76 32.54 0.26
CA ARG A 405 46.05 31.66 1.39
C ARG A 405 47.25 30.77 1.09
N ALA A 406 47.31 30.21 -0.13
CA ALA A 406 48.44 29.38 -0.50
C ALA A 406 49.75 30.18 -0.48
N ALA A 407 49.71 31.41 -0.98
CA ALA A 407 50.91 32.25 -0.99
C ALA A 407 51.36 32.58 0.42
N VAL A 408 50.40 32.83 1.31
CA VAL A 408 50.74 33.09 2.72
C VAL A 408 51.39 31.86 3.33
N GLU A 409 50.83 30.68 3.07
CA GLU A 409 51.33 29.47 3.73
C GLU A 409 52.69 29.06 3.21
N GLU A 410 52.93 29.18 1.91
CA GLU A 410 54.15 28.63 1.32
C GLU A 410 55.10 29.65 0.72
N GLY A 411 54.61 30.69 0.07
CA GLY A 411 55.46 31.69 -0.54
C GLY A 411 55.04 31.99 -1.97
N ILE A 412 55.90 32.72 -2.67
CA ILE A 412 55.61 33.19 -4.02
C ILE A 412 56.80 32.93 -4.93
N VAL A 413 56.50 32.81 -6.22
CA VAL A 413 57.48 32.67 -7.29
C VAL A 413 57.03 33.55 -8.46
N LEU A 414 57.87 33.60 -9.49
CA LEU A 414 57.54 34.41 -10.66
C LEU A 414 56.27 33.89 -11.33
N GLY A 415 55.38 34.83 -11.69
CA GLY A 415 54.16 34.48 -12.36
C GLY A 415 54.34 34.35 -13.86
N GLY A 416 53.22 34.10 -14.55
CA GLY A 416 53.23 33.96 -15.99
C GLY A 416 53.80 32.66 -16.50
N GLY A 417 54.02 31.68 -15.62
CA GLY A 417 54.58 30.41 -16.02
C GLY A 417 56.10 30.38 -16.12
N CYS A 418 56.76 31.50 -15.88
CA CYS A 418 58.23 31.53 -15.92
C CYS A 418 58.85 30.79 -14.75
N ALA A 419 58.10 30.55 -13.67
CA ALA A 419 58.64 29.79 -12.55
C ALA A 419 59.03 28.39 -12.98
N LEU A 420 58.18 27.74 -13.79
CA LEU A 420 58.53 26.44 -14.35
C LEU A 420 59.63 26.55 -15.39
N LEU A 421 59.64 27.63 -16.17
CA LEU A 421 60.66 27.80 -17.20
C LEU A 421 62.06 27.89 -16.60
N ARG A 422 62.19 28.61 -15.48
CA ARG A 422 63.50 28.72 -14.83
C ARG A 422 63.97 27.40 -14.23
N CYS A 423 63.09 26.41 -14.11
CA CYS A 423 63.46 25.11 -13.56
C CYS A 423 64.01 24.16 -14.62
N ILE A 424 63.99 24.54 -15.90
CA ILE A 424 64.52 23.68 -16.95
C ILE A 424 66.00 23.38 -16.76
N PRO A 425 66.88 24.34 -16.45
CA PRO A 425 68.29 24.00 -16.24
C PRO A 425 68.50 23.00 -15.11
N ALA A 426 67.60 22.96 -14.12
CA ALA A 426 67.73 21.97 -13.05
C ALA A 426 67.58 20.55 -13.58
N LEU A 427 66.82 20.37 -14.66
CA LEU A 427 66.66 19.04 -15.26
C LEU A 427 67.88 18.59 -16.03
N ASP A 428 68.75 19.52 -16.45
CA ASP A 428 69.96 19.16 -17.17
C ASP A 428 70.98 18.48 -16.26
N SER A 429 70.81 18.56 -14.93
CA SER A 429 71.73 17.95 -13.99
C SER A 429 71.30 16.56 -13.55
N LEU A 430 70.21 16.03 -14.10
CA LEU A 430 69.73 14.71 -13.73
C LEU A 430 70.38 13.64 -14.59
N THR A 431 70.72 12.51 -13.97
CA THR A 431 71.32 11.39 -14.68
C THR A 431 70.33 10.24 -14.74
N PRO A 432 69.75 9.95 -15.90
CA PRO A 432 68.80 8.83 -15.99
C PRO A 432 69.49 7.50 -15.78
N ALA A 433 68.74 6.54 -15.22
CA ALA A 433 69.29 5.21 -15.00
C ALA A 433 69.37 4.41 -16.30
N ASN A 434 68.48 4.68 -17.25
CA ASN A 434 68.47 3.97 -18.52
C ASN A 434 67.82 4.86 -19.57
N GLU A 435 67.55 4.27 -20.74
CA GLU A 435 67.00 5.04 -21.86
C GLU A 435 65.59 5.55 -21.56
N ASP A 436 64.78 4.73 -20.89
CA ASP A 436 63.41 5.12 -20.61
C ASP A 436 63.36 6.30 -19.64
N GLN A 437 64.23 6.29 -18.63
CA GLN A 437 64.31 7.43 -17.73
C GLN A 437 64.77 8.69 -18.46
N LYS A 438 65.67 8.54 -19.43
CA LYS A 438 66.08 9.67 -20.25
C LYS A 438 64.90 10.21 -21.04
N ILE A 439 64.07 9.32 -21.58
CA ILE A 439 62.89 9.74 -22.32
C ILE A 439 61.92 10.48 -21.41
N GLY A 440 61.73 9.98 -20.19
CA GLY A 440 60.85 10.66 -19.25
C GLY A 440 61.36 12.03 -18.87
N ILE A 441 62.67 12.16 -18.66
CA ILE A 441 63.26 13.45 -18.34
C ILE A 441 63.07 14.42 -19.49
N GLU A 442 63.27 13.95 -20.72
CA GLU A 442 63.02 14.80 -21.88
C GLU A 442 61.56 15.21 -21.97
N ILE A 443 60.64 14.29 -21.66
CA ILE A 443 59.22 14.60 -21.69
C ILE A 443 58.90 15.73 -20.72
N ILE A 444 59.42 15.63 -19.49
CA ILE A 444 59.16 16.66 -18.51
C ILE A 444 59.80 17.98 -18.93
N LYS A 445 61.01 17.92 -19.48
CA LYS A 445 61.68 19.14 -19.93
C LYS A 445 60.88 19.85 -21.02
N ARG A 446 60.35 19.09 -21.98
CA ARG A 446 59.51 19.68 -23.01
C ARG A 446 58.21 20.22 -22.45
N THR A 447 57.62 19.50 -21.48
CA THR A 447 56.33 19.92 -20.92
C THR A 447 56.47 21.19 -20.09
N LEU A 448 57.64 21.45 -19.53
CA LEU A 448 57.80 22.61 -18.66
C LEU A 448 57.50 23.93 -19.36
N LYS A 449 57.57 23.98 -20.69
CA LYS A 449 57.30 25.22 -21.42
C LYS A 449 55.83 25.41 -21.75
N ILE A 450 54.97 24.43 -21.43
CA ILE A 450 53.58 24.50 -21.89
C ILE A 450 52.80 25.65 -21.28
N PRO A 451 52.84 25.91 -19.97
CA PRO A 451 52.02 27.02 -19.44
C PRO A 451 52.35 28.38 -20.06
N ALA A 452 53.63 28.71 -20.21
CA ALA A 452 54.00 29.98 -20.79
C ALA A 452 53.57 30.07 -22.26
N MET A 453 53.75 28.98 -23.01
CA MET A 453 53.33 28.97 -24.40
C MET A 453 51.83 29.16 -24.53
N THR A 454 51.05 28.48 -23.68
CA THR A 454 49.60 28.64 -23.72
C THR A 454 49.18 30.05 -23.34
N ILE A 455 49.81 30.63 -22.32
CA ILE A 455 49.47 32.00 -21.92
C ILE A 455 49.76 32.97 -23.05
N ALA A 456 50.92 32.82 -23.71
CA ALA A 456 51.25 33.69 -24.82
C ALA A 456 50.30 33.48 -25.99
N LYS A 457 49.95 32.22 -26.28
CA LYS A 457 49.06 31.94 -27.41
C LYS A 457 47.68 32.52 -27.20
N ASN A 458 47.16 32.45 -25.97
CA ASN A 458 45.86 33.07 -25.69
C ASN A 458 45.91 34.58 -25.88
N ALA A 459 47.08 35.18 -25.71
CA ALA A 459 47.23 36.62 -25.92
C ALA A 459 47.30 37.01 -27.39
N GLY A 460 47.40 36.03 -28.29
CA GLY A 460 47.46 36.31 -29.71
C GLY A 460 48.85 36.38 -30.30
N VAL A 461 49.89 36.04 -29.54
CA VAL A 461 51.26 36.07 -30.03
C VAL A 461 51.76 34.63 -30.15
N GLU A 462 52.94 34.49 -30.74
CA GLU A 462 53.56 33.18 -30.93
C GLU A 462 54.18 32.73 -29.61
N GLY A 463 53.68 31.63 -29.06
CA GLY A 463 54.15 31.19 -27.76
C GLY A 463 55.60 30.75 -27.77
N SER A 464 56.02 30.05 -28.82
CA SER A 464 57.39 29.53 -28.86
C SER A 464 58.42 30.66 -28.82
N LEU A 465 58.19 31.72 -29.59
CA LEU A 465 59.13 32.84 -29.62
C LEU A 465 59.20 33.54 -28.27
N ILE A 466 58.04 33.73 -27.62
CA ILE A 466 58.03 34.38 -26.32
C ILE A 466 58.78 33.53 -25.30
N VAL A 467 58.55 32.22 -25.31
CA VAL A 467 59.24 31.34 -24.38
C VAL A 467 60.74 31.37 -24.63
N GLU A 468 61.14 31.35 -25.91
CA GLU A 468 62.56 31.36 -26.25
C GLU A 468 63.22 32.64 -25.76
N LYS A 469 62.58 33.78 -26.00
CA LYS A 469 63.12 35.06 -25.56
C LYS A 469 63.18 35.12 -24.03
N ILE A 470 62.18 34.57 -23.36
CA ILE A 470 62.21 34.50 -21.90
C ILE A 470 63.41 33.70 -21.43
N MET A 471 63.67 32.57 -22.08
CA MET A 471 64.81 31.75 -21.69
C MET A 471 66.14 32.47 -21.93
N GLN A 472 66.26 33.19 -23.04
CA GLN A 472 67.49 33.94 -23.27
C GLN A 472 67.53 35.26 -22.52
N SER A 473 66.47 35.64 -21.82
CA SER A 473 66.48 36.87 -21.04
C SER A 473 67.27 36.63 -19.75
N SER A 474 67.22 37.58 -18.83
CA SER A 474 67.92 37.43 -17.57
C SER A 474 67.20 36.40 -16.70
N SER A 475 67.71 36.20 -15.49
CA SER A 475 67.12 35.24 -14.57
C SER A 475 65.86 35.75 -13.90
N GLU A 476 65.42 36.97 -14.21
CA GLU A 476 64.27 37.56 -13.54
C GLU A 476 63.26 38.11 -14.54
N VAL A 477 63.73 38.52 -15.72
CA VAL A 477 62.87 39.16 -16.70
C VAL A 477 61.83 38.17 -17.20
N GLY A 478 60.57 38.60 -17.25
CA GLY A 478 59.50 37.77 -17.77
C GLY A 478 58.64 38.51 -18.77
N TYR A 479 57.55 37.89 -19.21
CA TYR A 479 56.67 38.44 -20.23
C TYR A 479 55.31 38.76 -19.62
N ASP A 480 54.88 40.02 -19.74
CA ASP A 480 53.54 40.44 -19.36
C ASP A 480 52.64 40.30 -20.58
N ALA A 481 51.71 39.35 -20.52
CA ALA A 481 50.80 39.12 -21.63
C ALA A 481 49.74 40.21 -21.74
N MET A 482 49.23 40.69 -20.60
CA MET A 482 48.23 41.74 -20.63
C MET A 482 48.79 43.02 -21.24
N ALA A 483 50.02 43.38 -20.86
CA ALA A 483 50.70 44.51 -21.49
C ALA A 483 51.39 44.10 -22.78
N GLY A 484 51.62 42.80 -22.98
CA GLY A 484 52.24 42.30 -24.19
C GLY A 484 53.67 42.73 -24.38
N ASP A 485 54.46 42.70 -23.32
CA ASP A 485 55.85 43.15 -23.41
C ASP A 485 56.68 42.57 -22.26
N PHE A 486 57.99 42.60 -22.43
CA PHE A 486 58.91 41.94 -21.51
C PHE A 486 59.30 42.89 -20.39
N VAL A 487 58.97 42.53 -19.16
CA VAL A 487 59.19 43.39 -17.99
C VAL A 487 59.78 42.63 -16.80
N ASN A 488 59.86 43.33 -15.68
CA ASN A 488 60.26 42.77 -14.40
C ASN A 488 59.03 42.26 -13.66
N MET A 489 58.96 40.94 -13.46
CA MET A 489 57.76 40.35 -12.87
C MET A 489 57.53 40.80 -11.43
N VAL A 490 58.55 40.69 -10.59
CA VAL A 490 58.35 41.01 -9.17
C VAL A 490 58.06 42.50 -8.99
N GLU A 491 58.67 43.35 -9.81
CA GLU A 491 58.35 44.77 -9.77
C GLU A 491 56.93 45.04 -10.24
N LYS A 492 56.50 44.35 -11.31
CA LYS A 492 55.16 44.53 -11.85
C LYS A 492 54.11 43.72 -11.11
N GLY A 493 54.50 42.90 -10.14
CA GLY A 493 53.54 42.18 -9.33
C GLY A 493 52.91 40.97 -9.99
N ILE A 494 53.58 40.36 -10.96
CA ILE A 494 53.09 39.13 -11.59
C ILE A 494 53.78 37.99 -10.86
N ILE A 495 53.13 37.50 -9.81
CA ILE A 495 53.68 36.44 -8.98
C ILE A 495 52.61 35.39 -8.73
N ASP A 496 53.06 34.18 -8.42
CA ASP A 496 52.18 33.03 -8.22
C ASP A 496 52.53 32.33 -6.92
N PRO A 497 51.55 31.70 -6.28
CA PRO A 497 51.86 30.87 -5.10
C PRO A 497 52.62 29.62 -5.52
N THR A 498 53.74 29.36 -4.85
CA THR A 498 54.55 28.20 -5.19
C THR A 498 53.80 26.90 -4.91
N LYS A 499 52.93 26.90 -3.90
CA LYS A 499 52.14 25.70 -3.61
C LYS A 499 51.25 25.33 -4.78
N VAL A 500 50.61 26.32 -5.40
CA VAL A 500 49.72 26.06 -6.53
C VAL A 500 50.50 25.43 -7.68
N VAL A 501 51.66 26.00 -8.01
CA VAL A 501 52.45 25.50 -9.14
C VAL A 501 52.92 24.08 -8.87
N ARG A 502 53.49 23.84 -7.68
CA ARG A 502 54.02 22.53 -7.39
C ARG A 502 52.90 21.48 -7.32
N THR A 503 51.75 21.83 -6.75
CA THR A 503 50.65 20.90 -6.67
C THR A 503 50.12 20.55 -8.06
N ALA A 504 49.93 21.57 -8.90
CA ALA A 504 49.43 21.31 -10.24
C ALA A 504 50.38 20.42 -11.03
N LEU A 505 51.68 20.74 -10.99
CA LEU A 505 52.65 19.94 -11.70
C LEU A 505 52.66 18.51 -11.18
N LEU A 506 52.68 18.34 -9.87
CA LEU A 506 52.77 17.00 -9.28
C LEU A 506 51.56 16.15 -9.67
N ASP A 507 50.36 16.70 -9.50
CA ASP A 507 49.15 15.92 -9.80
C ASP A 507 49.04 15.61 -11.28
N ALA A 508 49.28 16.60 -12.14
CA ALA A 508 49.18 16.38 -13.58
C ALA A 508 50.16 15.31 -14.03
N ALA A 509 51.43 15.42 -13.59
CA ALA A 509 52.42 14.42 -13.97
C ALA A 509 52.06 13.04 -13.44
N GLY A 510 51.61 12.96 -12.18
CA GLY A 510 51.28 11.67 -11.60
C GLY A 510 50.18 10.96 -12.35
N VAL A 511 49.13 11.69 -12.74
CA VAL A 511 48.05 11.03 -13.46
C VAL A 511 48.45 10.72 -14.90
N ALA A 512 49.11 11.67 -15.58
CA ALA A 512 49.41 11.48 -16.99
C ALA A 512 50.43 10.37 -17.22
N SER A 513 51.43 10.27 -16.35
CA SER A 513 52.43 9.20 -16.50
C SER A 513 51.79 7.83 -16.34
N LEU A 514 50.87 7.69 -15.39
CA LEU A 514 50.14 6.43 -15.24
C LEU A 514 49.28 6.16 -16.47
N LEU A 515 48.63 7.19 -17.01
CA LEU A 515 47.79 6.99 -18.19
C LEU A 515 48.62 6.52 -19.38
N THR A 516 49.80 7.09 -19.56
CA THR A 516 50.63 6.74 -20.72
C THR A 516 51.19 5.32 -20.68
N THR A 517 50.87 4.47 -19.69
CA THR A 517 51.37 3.11 -19.63
C THR A 517 50.33 2.09 -20.11
N ALA A 518 49.22 2.56 -20.69
CA ALA A 518 48.15 1.65 -21.10
C ALA A 518 48.47 1.00 -22.43
N GLU A 519 48.05 -0.26 -22.58
CA GLU A 519 48.23 -0.98 -23.83
C GLU A 519 46.90 -1.58 -24.28
N VAL A 520 46.04 -1.92 -23.31
CA VAL A 520 44.75 -2.53 -23.57
C VAL A 520 43.69 -1.73 -22.82
N VAL A 521 42.60 -1.41 -23.50
CA VAL A 521 41.49 -0.69 -22.88
C VAL A 521 40.22 -1.52 -23.03
N VAL A 522 39.54 -1.73 -21.91
CA VAL A 522 38.30 -2.51 -21.86
C VAL A 522 37.18 -1.57 -21.42
N THR A 523 36.15 -1.45 -22.24
CA THR A 523 35.01 -0.59 -21.93
C THR A 523 33.72 -1.40 -22.04
N GLU A 524 32.67 -0.87 -21.42
CA GLU A 524 31.35 -1.47 -21.55
C GLU A 524 30.74 -1.11 -22.89
N ILE A 525 30.13 -2.10 -23.54
CA ILE A 525 29.49 -1.86 -24.83
C ILE A 525 28.31 -0.92 -24.64
N PRO A 526 28.18 0.13 -25.45
CA PRO A 526 27.06 1.08 -25.27
C PRO A 526 25.73 0.48 -25.68
N LYS A 527 25.13 -0.32 -24.79
CA LYS A 527 23.84 -0.94 -25.08
C LYS A 527 22.75 0.11 -25.24
N GLU A 528 22.76 1.15 -24.42
CA GLU A 528 21.75 2.20 -24.49
C GLU A 528 22.39 3.55 -24.80
N GLY B 3 -21.22 26.25 66.14
CA GLY B 3 -22.51 26.78 65.74
C GLY B 3 -22.42 28.17 65.13
N GLN B 4 -21.21 28.70 65.07
CA GLN B 4 -21.00 30.02 64.48
C GLN B 4 -21.27 30.00 62.99
N ALA B 5 -21.82 31.09 62.48
CA ALA B 5 -22.26 31.18 61.09
C ALA B 5 -21.66 32.41 60.43
N PHE B 6 -21.28 32.26 59.16
CA PHE B 6 -20.91 33.40 58.34
C PHE B 6 -22.19 34.13 57.91
N ARG B 7 -22.03 35.12 57.03
CA ARG B 7 -23.18 35.89 56.61
C ARG B 7 -24.16 35.02 55.81
N LYS B 8 -25.35 34.82 56.37
CA LYS B 8 -26.44 34.13 55.69
C LYS B 8 -26.06 32.72 55.27
N PHE B 9 -25.30 32.02 56.11
CA PHE B 9 -24.85 30.67 55.79
C PHE B 9 -24.42 29.94 57.05
N LEU B 10 -24.76 28.66 57.12
CA LEU B 10 -24.37 27.80 58.25
C LEU B 10 -24.03 26.41 57.72
N PRO B 11 -22.78 25.97 57.85
CA PRO B 11 -22.44 24.59 57.45
C PRO B 11 -23.04 23.57 58.41
N LEU B 12 -23.19 22.35 57.90
CA LEU B 12 -23.73 21.24 58.68
C LEU B 12 -22.64 20.23 58.99
N PHE B 13 -22.90 19.40 59.99
CA PHE B 13 -22.01 18.32 60.42
C PHE B 13 -20.67 18.94 60.81
N ASP B 14 -19.53 18.41 60.35
CA ASP B 14 -18.22 18.93 60.70
C ASP B 14 -17.62 19.80 59.60
N ARG B 15 -18.42 20.18 58.60
CA ARG B 15 -17.91 20.97 57.49
C ARG B 15 -17.47 22.35 57.96
N VAL B 16 -16.40 22.86 57.34
CA VAL B 16 -15.80 24.14 57.69
C VAL B 16 -15.70 24.98 56.44
N LEU B 17 -16.17 26.23 56.52
CA LEU B 17 -16.12 27.17 55.40
C LEU B 17 -14.99 28.16 55.65
N VAL B 18 -14.05 28.25 54.71
CA VAL B 18 -12.87 29.07 54.84
C VAL B 18 -12.72 29.93 53.59
N GLU B 19 -11.86 30.94 53.69
CA GLU B 19 -11.53 31.83 52.59
C GLU B 19 -10.03 31.82 52.39
N ARG B 20 -9.60 31.63 51.14
CA ARG B 20 -8.18 31.55 50.82
C ARG B 20 -7.54 32.93 50.91
N SER B 21 -6.27 32.96 51.32
CA SER B 21 -5.55 34.21 51.46
C SER B 21 -5.22 34.82 50.10
N ALA B 22 -4.76 36.06 50.13
CA ALA B 22 -4.37 36.75 48.91
C ALA B 22 -3.16 36.09 48.26
N ALA B 23 -3.23 35.90 46.95
CA ALA B 23 -2.14 35.25 46.22
C ALA B 23 -0.91 36.16 46.17
N GLU B 24 0.26 35.53 46.11
CA GLU B 24 1.53 36.25 46.04
C GLU B 24 1.82 36.59 44.58
N THR B 25 1.40 37.79 44.18
CA THR B 25 1.62 38.24 42.81
C THR B 25 2.89 39.07 42.67
N VAL B 26 3.50 39.48 43.77
CA VAL B 26 4.72 40.28 43.75
C VAL B 26 5.75 39.61 44.66
N THR B 27 6.94 39.39 44.13
CA THR B 27 8.05 38.80 44.87
C THR B 27 8.78 39.89 45.65
N LYS B 28 9.46 39.49 46.73
CA LYS B 28 10.17 40.43 47.57
C LYS B 28 11.16 41.28 46.78
N GLY B 29 11.71 40.73 45.69
CA GLY B 29 12.64 41.46 44.86
C GLY B 29 12.01 42.42 43.88
N GLY B 30 10.69 42.54 43.87
CA GLY B 30 9.99 43.42 42.96
C GLY B 30 9.46 42.74 41.72
N ILE B 31 9.86 41.50 41.44
CA ILE B 31 9.38 40.79 40.27
C ILE B 31 7.95 40.34 40.51
N MET B 32 7.07 40.65 39.56
CA MET B 32 5.66 40.27 39.66
C MET B 32 5.41 39.02 38.84
N LEU B 33 4.73 38.05 39.45
CA LEU B 33 4.45 36.76 38.82
C LEU B 33 3.22 36.85 37.95
N PRO B 34 3.15 36.05 36.88
CA PRO B 34 1.94 36.03 36.05
C PRO B 34 0.78 35.41 36.80
N GLU B 35 -0.43 35.82 36.42
CA GLU B 35 -1.63 35.31 37.06
C GLU B 35 -1.81 33.82 36.82
N LYS B 36 -1.36 33.31 35.67
CA LYS B 36 -1.53 31.90 35.36
C LYS B 36 -0.71 31.01 36.28
N SER B 37 0.46 31.47 36.70
CA SER B 37 1.33 30.72 37.60
C SER B 37 0.83 30.87 39.04
N GLN B 38 1.67 30.46 40.00
CA GLN B 38 1.49 30.63 41.44
C GLN B 38 0.35 29.78 41.99
N GLY B 39 -0.36 29.06 41.11
CA GLY B 39 -1.34 28.08 41.53
C GLY B 39 -2.43 28.66 42.42
N LYS B 40 -2.75 27.93 43.49
CA LYS B 40 -3.78 28.31 44.44
C LYS B 40 -3.17 28.45 45.83
N VAL B 41 -3.72 29.39 46.59
CA VAL B 41 -3.20 29.69 47.93
C VAL B 41 -3.59 28.56 48.87
N LEU B 42 -2.62 28.06 49.62
CA LEU B 42 -2.85 26.97 50.55
C LEU B 42 -3.17 27.44 51.97
N GLN B 43 -2.99 28.73 52.26
CA GLN B 43 -3.23 29.28 53.58
C GLN B 43 -4.59 29.98 53.58
N ALA B 44 -5.46 29.59 54.49
CA ALA B 44 -6.81 30.11 54.56
C ALA B 44 -7.15 30.48 56.00
N THR B 45 -8.26 31.19 56.15
CA THR B 45 -8.77 31.58 57.46
C THR B 45 -10.19 31.06 57.60
N VAL B 46 -10.48 30.43 58.74
CA VAL B 46 -11.80 29.85 58.96
C VAL B 46 -12.80 30.97 59.20
N VAL B 47 -13.88 30.96 58.43
CA VAL B 47 -14.95 31.94 58.59
C VAL B 47 -16.27 31.32 59.04
N ALA B 48 -16.44 30.01 58.94
CA ALA B 48 -17.66 29.37 59.44
C ALA B 48 -17.32 27.94 59.86
N VAL B 49 -17.91 27.52 60.98
CA VAL B 49 -17.67 26.20 61.53
C VAL B 49 -19.00 25.45 61.61
N GLY B 50 -18.92 24.13 61.41
CA GLY B 50 -20.11 23.31 61.47
C GLY B 50 -20.60 23.07 62.88
N SER B 51 -21.81 22.49 62.97
CA SER B 51 -22.41 22.22 64.27
C SER B 51 -21.59 21.19 65.04
N GLY B 52 -21.13 20.14 64.37
CA GLY B 52 -20.36 19.10 65.02
C GLY B 52 -20.58 17.74 64.40
N SER B 53 -19.87 16.73 64.89
CA SER B 53 -19.95 15.39 64.33
C SER B 53 -20.84 14.51 65.20
N LYS B 54 -21.79 13.82 64.57
CA LYS B 54 -22.70 12.91 65.25
C LYS B 54 -22.29 11.45 65.06
N GLY B 55 -21.03 11.21 64.67
CA GLY B 55 -20.58 9.83 64.54
C GLY B 55 -20.69 9.04 65.82
N LYS B 56 -20.32 9.66 66.95
CA LYS B 56 -20.53 9.06 68.26
C LYS B 56 -21.90 9.48 68.77
N GLY B 57 -22.73 8.49 69.10
CA GLY B 57 -24.09 8.78 69.50
C GLY B 57 -24.17 9.54 70.81
N GLY B 58 -25.29 10.22 70.99
CA GLY B 58 -25.51 11.00 72.19
C GLY B 58 -25.34 12.48 71.96
N GLU B 59 -24.25 13.04 72.51
CA GLU B 59 -23.98 14.47 72.38
C GLU B 59 -23.31 14.76 71.03
N ILE B 60 -22.95 16.03 70.83
CA ILE B 60 -22.26 16.46 69.64
C ILE B 60 -20.78 16.65 69.97
N GLN B 61 -19.95 16.58 68.94
CA GLN B 61 -18.50 16.79 69.09
C GLN B 61 -18.10 18.01 68.28
N PRO B 62 -17.84 19.15 68.93
CA PRO B 62 -17.53 20.37 68.19
C PRO B 62 -16.22 20.26 67.43
N VAL B 63 -16.13 21.03 66.33
CA VAL B 63 -14.94 21.02 65.51
C VAL B 63 -13.75 21.58 66.28
N SER B 64 -12.56 21.18 65.85
CA SER B 64 -11.33 21.60 66.52
C SER B 64 -10.86 22.99 66.11
N VAL B 65 -11.43 23.55 65.05
CA VAL B 65 -11.07 24.88 64.59
C VAL B 65 -12.20 25.84 64.92
N LYS B 66 -11.88 27.13 64.96
CA LYS B 66 -12.85 28.17 65.28
C LYS B 66 -12.74 29.29 64.25
N VAL B 67 -13.73 30.17 64.26
CA VAL B 67 -13.79 31.27 63.30
C VAL B 67 -12.61 32.21 63.55
N GLY B 68 -11.92 32.57 62.47
CA GLY B 68 -10.78 33.46 62.54
C GLY B 68 -9.43 32.76 62.61
N ASP B 69 -9.41 31.46 62.88
CA ASP B 69 -8.15 30.74 62.95
C ASP B 69 -7.54 30.60 61.55
N LYS B 70 -6.21 30.60 61.51
CA LYS B 70 -5.46 30.47 60.26
C LYS B 70 -5.01 29.03 60.12
N VAL B 71 -5.35 28.41 58.98
CA VAL B 71 -5.03 27.01 58.72
C VAL B 71 -4.37 26.90 57.35
N LEU B 72 -3.80 25.73 57.09
CA LEU B 72 -3.21 25.40 55.81
C LEU B 72 -4.00 24.26 55.19
N LEU B 73 -4.47 24.47 53.94
CA LEU B 73 -5.40 23.60 53.23
C LEU B 73 -4.65 22.56 52.39
N PRO B 74 -5.28 21.42 52.14
CA PRO B 74 -4.65 20.40 51.29
C PRO B 74 -4.75 20.74 49.82
N GLU B 75 -4.02 19.97 49.01
CA GLU B 75 -4.05 20.15 47.56
C GLU B 75 -5.43 19.84 46.98
N TYR B 76 -6.05 18.76 47.44
CA TYR B 76 -7.30 18.28 46.87
C TYR B 76 -8.42 18.36 47.90
N GLY B 77 -9.65 18.22 47.42
CA GLY B 77 -10.82 18.33 48.25
C GLY B 77 -11.36 19.76 48.30
N GLY B 78 -12.49 19.91 48.97
CA GLY B 78 -13.14 21.19 49.08
C GLY B 78 -14.19 21.42 48.00
N THR B 79 -15.13 22.29 48.32
CA THR B 79 -16.24 22.61 47.43
C THR B 79 -16.34 24.12 47.27
N LYS B 80 -16.72 24.55 46.07
CA LYS B 80 -16.75 25.95 45.72
C LYS B 80 -18.08 26.56 46.15
N VAL B 81 -18.03 27.62 46.96
CA VAL B 81 -19.22 28.27 47.48
C VAL B 81 -19.15 29.76 47.16
N VAL B 82 -20.29 30.35 46.83
CA VAL B 82 -20.38 31.76 46.47
C VAL B 82 -21.29 32.46 47.48
N LEU B 83 -20.74 33.47 48.17
CA LEU B 83 -21.49 34.26 49.13
C LEU B 83 -21.20 35.73 48.86
N ASP B 84 -22.25 36.49 48.54
CA ASP B 84 -22.12 37.91 48.19
C ASP B 84 -21.10 38.11 47.08
N ASP B 85 -21.19 37.26 46.05
CA ASP B 85 -20.30 37.28 44.88
C ASP B 85 -18.83 37.07 45.26
N LYS B 86 -18.57 36.73 46.52
CA LYS B 86 -17.23 36.36 46.95
C LYS B 86 -17.12 34.84 47.02
N ASP B 87 -15.89 34.35 46.93
CA ASP B 87 -15.62 32.92 46.76
C ASP B 87 -15.06 32.34 48.05
N TYR B 88 -15.60 31.20 48.46
CA TYR B 88 -15.15 30.50 49.66
C TYR B 88 -15.07 29.01 49.36
N PHE B 89 -14.34 28.29 50.21
CA PHE B 89 -14.10 26.87 50.02
C PHE B 89 -14.58 26.12 51.26
N LEU B 90 -15.30 25.02 51.02
CA LEU B 90 -15.92 24.23 52.07
C LEU B 90 -15.21 22.88 52.17
N PHE B 91 -14.65 22.59 53.33
CA PHE B 91 -13.92 21.36 53.58
C PHE B 91 -14.56 20.60 54.74
N ARG B 92 -13.93 19.49 55.11
CA ARG B 92 -14.26 18.75 56.31
C ARG B 92 -13.19 18.99 57.38
N ASP B 93 -13.51 18.60 58.61
CA ASP B 93 -12.55 18.76 59.70
C ASP B 93 -11.30 17.93 59.47
N GLY B 94 -11.46 16.69 59.01
CA GLY B 94 -10.32 15.81 58.82
C GLY B 94 -9.41 16.22 57.68
N ASP B 95 -9.88 17.07 56.77
CA ASP B 95 -9.08 17.47 55.63
C ASP B 95 -8.10 18.59 55.98
N ILE B 96 -8.26 19.25 57.12
CA ILE B 96 -7.38 20.34 57.51
C ILE B 96 -6.14 19.74 58.16
N LEU B 97 -4.98 19.95 57.54
CA LEU B 97 -3.75 19.34 58.04
C LEU B 97 -3.28 20.02 59.32
N GLY B 98 -3.30 21.35 59.36
CA GLY B 98 -2.81 22.05 60.53
C GLY B 98 -3.28 23.48 60.56
N LYS B 99 -3.10 24.10 61.72
CA LYS B 99 -3.50 25.48 61.96
C LYS B 99 -2.27 26.33 62.27
N TYR B 100 -2.37 27.61 61.95
CA TYR B 100 -1.28 28.56 62.20
C TYR B 100 -1.53 29.20 63.55
N VAL B 101 -0.79 28.77 64.56
CA VAL B 101 -0.93 29.32 65.90
C VAL B 101 -0.18 30.66 65.97
N ASP B 102 -0.89 31.71 66.31
CA ASP B 102 -0.31 33.05 66.38
C ASP B 102 -1.15 33.97 67.27
N GLY C 1 28.12 12.62 -16.42
CA GLY C 1 27.11 11.58 -16.54
C GLY C 1 26.40 11.59 -17.88
N SER C 2 26.14 12.78 -18.40
CA SER C 2 25.46 12.96 -19.67
C SER C 2 26.46 13.45 -20.70
N ALA C 3 26.49 12.78 -21.86
CA ALA C 3 27.41 13.17 -22.93
C ALA C 3 27.11 14.58 -23.41
N LYS C 4 28.15 15.33 -23.73
CA LYS C 4 28.04 16.73 -24.08
C LYS C 4 28.49 16.97 -25.51
N ASP C 5 27.98 18.05 -26.09
CA ASP C 5 28.43 18.57 -27.37
C ASP C 5 29.16 19.89 -27.14
N VAL C 6 30.38 20.00 -27.64
CA VAL C 6 31.24 21.15 -27.42
C VAL C 6 31.47 21.84 -28.75
N LYS C 7 31.21 23.15 -28.79
CA LYS C 7 31.39 23.94 -29.99
C LYS C 7 32.36 25.08 -29.71
N PHE C 8 33.23 25.37 -30.68
CA PHE C 8 34.34 26.29 -30.51
C PHE C 8 34.18 27.50 -31.43
N GLY C 9 34.57 28.65 -30.93
CA GLY C 9 34.77 29.81 -31.78
C GLY C 9 33.49 30.34 -32.41
N ALA C 10 33.55 30.53 -33.73
CA ALA C 10 32.53 31.31 -34.42
C ALA C 10 31.21 30.56 -34.57
N ASP C 11 31.24 29.23 -34.59
CA ASP C 11 30.01 28.47 -34.80
C ASP C 11 29.05 28.66 -33.62
N ALA C 12 29.56 28.47 -32.40
CA ALA C 12 28.71 28.66 -31.22
C ALA C 12 28.24 30.11 -31.11
N ARG C 13 29.12 31.06 -31.41
CA ARG C 13 28.73 32.47 -31.38
C ARG C 13 27.61 32.73 -32.38
N ALA C 14 27.71 32.18 -33.58
CA ALA C 14 26.67 32.38 -34.59
C ALA C 14 25.35 31.77 -34.16
N LEU C 15 25.39 30.58 -33.57
CA LEU C 15 24.14 29.95 -33.13
C LEU C 15 23.48 30.73 -31.99
N MET C 16 24.27 31.14 -31.00
CA MET C 16 23.72 31.94 -29.92
C MET C 16 23.18 33.26 -30.44
N LEU C 17 23.87 33.87 -31.40
CA LEU C 17 23.38 35.10 -32.01
C LEU C 17 22.06 34.86 -32.74
N GLN C 18 21.94 33.72 -33.42
CA GLN C 18 20.68 33.40 -34.08
C GLN C 18 19.54 33.31 -33.07
N GLY C 19 19.77 32.65 -31.94
CA GLY C 19 18.74 32.58 -30.92
C GLY C 19 18.39 33.94 -30.35
N VAL C 20 19.41 34.77 -30.10
CA VAL C 20 19.18 36.10 -29.53
C VAL C 20 18.38 36.95 -30.51
N ASP C 21 18.75 36.93 -31.79
CA ASP C 21 18.00 37.71 -32.77
C ASP C 21 16.58 37.20 -32.93
N LEU C 22 16.37 35.89 -32.87
CA LEU C 22 15.00 35.38 -32.96
C LEU C 22 14.15 35.90 -31.81
N LEU C 23 14.64 35.76 -30.57
CA LEU C 23 13.85 36.21 -29.43
C LEU C 23 13.63 37.72 -29.48
N ALA C 24 14.68 38.48 -29.84
CA ALA C 24 14.55 39.93 -29.82
C ALA C 24 13.71 40.44 -30.98
N ASP C 25 13.66 39.72 -32.09
CA ASP C 25 12.75 40.08 -33.17
C ASP C 25 11.31 39.80 -32.77
N ALA C 26 11.08 38.70 -32.05
CA ALA C 26 9.74 38.45 -31.54
C ALA C 26 9.31 39.53 -30.55
N VAL C 27 10.22 39.94 -29.66
CA VAL C 27 9.89 40.91 -28.63
C VAL C 27 9.72 42.31 -29.23
N ALA C 28 10.62 42.70 -30.13
CA ALA C 28 10.75 44.09 -30.56
C ALA C 28 9.55 44.60 -31.34
N VAL C 29 8.66 43.73 -31.81
CA VAL C 29 7.44 44.19 -32.49
C VAL C 29 6.42 44.77 -31.52
N THR C 30 6.72 44.76 -30.21
CA THR C 30 5.83 45.30 -29.19
C THR C 30 6.41 46.57 -28.58
N MET C 31 7.07 47.39 -29.40
CA MET C 31 7.76 48.58 -28.93
C MET C 31 7.16 49.82 -29.58
N GLY C 32 6.97 50.85 -28.77
CA GLY C 32 6.48 52.12 -29.26
C GLY C 32 4.97 52.20 -29.25
N PRO C 33 4.44 53.40 -29.47
CA PRO C 33 2.97 53.55 -29.52
C PRO C 33 2.32 52.78 -30.66
N LYS C 34 3.05 52.55 -31.75
CA LYS C 34 2.53 51.83 -32.90
C LYS C 34 2.92 50.36 -32.91
N GLY C 35 3.45 49.84 -31.80
CA GLY C 35 3.80 48.44 -31.74
C GLY C 35 2.57 47.56 -31.76
N ARG C 36 2.77 46.32 -32.22
CA ARG C 36 1.69 45.35 -32.34
C ARG C 36 1.83 44.28 -31.27
N THR C 37 0.78 43.49 -31.10
CA THR C 37 0.69 42.51 -30.02
C THR C 37 1.17 41.14 -30.50
N VAL C 38 1.40 40.27 -29.53
CA VAL C 38 1.87 38.91 -29.76
C VAL C 38 0.88 37.94 -29.13
N ILE C 39 0.52 36.90 -29.87
CA ILE C 39 -0.39 35.86 -29.39
C ILE C 39 0.43 34.65 -28.99
N ILE C 40 0.34 34.27 -27.72
CA ILE C 40 1.05 33.12 -27.17
C ILE C 40 0.03 32.05 -26.85
N GLU C 41 0.22 30.86 -27.42
CA GLU C 41 -0.71 29.77 -27.18
C GLU C 41 -0.57 29.27 -25.76
N GLN C 42 -1.71 29.15 -25.07
CA GLN C 42 -1.77 28.59 -23.73
C GLN C 42 -2.26 27.16 -23.82
N SER C 43 -1.56 26.25 -23.15
CA SER C 43 -1.87 24.83 -23.27
C SER C 43 -3.26 24.51 -22.71
N TRP C 44 -3.65 25.17 -21.61
CA TRP C 44 -4.91 24.84 -20.97
C TRP C 44 -6.09 25.45 -21.70
N GLY C 45 -6.12 26.77 -21.84
CA GLY C 45 -7.28 27.43 -22.41
C GLY C 45 -6.98 28.43 -23.51
N SER C 46 -7.60 29.61 -23.40
CA SER C 46 -7.49 30.60 -24.45
C SER C 46 -6.07 31.16 -24.53
N PRO C 47 -5.60 31.49 -25.73
CA PRO C 47 -4.26 32.09 -25.86
C PRO C 47 -4.22 33.49 -25.27
N LYS C 48 -3.01 33.90 -24.91
CA LYS C 48 -2.78 35.21 -24.32
C LYS C 48 -2.32 36.18 -25.40
N VAL C 49 -3.09 37.26 -25.58
CA VAL C 49 -2.71 38.34 -26.48
C VAL C 49 -2.06 39.42 -25.61
N THR C 50 -0.76 39.63 -25.78
CA THR C 50 -0.02 40.50 -24.87
C THR C 50 0.88 41.45 -25.65
N LYS C 51 1.19 42.58 -25.01
CA LYS C 51 2.13 43.56 -25.54
C LYS C 51 3.29 43.77 -24.58
N ASP C 52 3.46 42.86 -23.61
CA ASP C 52 4.49 42.98 -22.58
C ASP C 52 5.76 42.30 -23.06
N GLY C 53 6.89 42.99 -22.90
CA GLY C 53 8.15 42.44 -23.37
C GLY C 53 8.57 41.19 -22.62
N VAL C 54 8.49 41.22 -21.29
CA VAL C 54 8.96 40.08 -20.51
C VAL C 54 8.02 38.89 -20.68
N THR C 55 6.72 39.13 -20.88
CA THR C 55 5.80 38.03 -21.11
C THR C 55 6.12 37.30 -22.41
N VAL C 56 6.44 38.06 -23.46
CA VAL C 56 6.82 37.44 -24.72
C VAL C 56 8.16 36.74 -24.59
N ALA C 57 9.11 37.35 -23.87
CA ALA C 57 10.43 36.74 -23.74
C ALA C 57 10.38 35.43 -22.98
N LYS C 58 9.66 35.39 -21.86
CA LYS C 58 9.65 34.22 -21.00
C LYS C 58 8.89 33.05 -21.62
N SER C 59 8.09 33.28 -22.66
CA SER C 59 7.28 32.25 -23.27
C SER C 59 7.93 31.63 -24.51
N ILE C 60 9.20 31.93 -24.77
CA ILE C 60 9.89 31.46 -25.95
C ILE C 60 11.01 30.52 -25.52
N ASP C 61 10.95 29.27 -25.96
CA ASP C 61 12.01 28.30 -25.78
C ASP C 61 12.28 27.63 -27.12
N LEU C 62 13.56 27.44 -27.44
CA LEU C 62 13.97 26.96 -28.75
C LEU C 62 14.49 25.53 -28.64
N LYS C 63 14.37 24.78 -29.74
CA LYS C 63 14.79 23.39 -29.74
C LYS C 63 16.31 23.27 -29.70
N ASP C 64 17.00 24.05 -30.52
CA ASP C 64 18.45 23.98 -30.56
C ASP C 64 19.04 24.49 -29.25
N LYS C 65 20.05 23.78 -28.75
CA LYS C 65 20.58 24.07 -27.43
C LYS C 65 21.30 25.42 -27.39
N TYR C 66 22.04 25.77 -28.45
CA TYR C 66 22.78 27.02 -28.44
C TYR C 66 21.85 28.22 -28.60
N LYS C 67 20.90 28.12 -29.53
CA LYS C 67 19.86 29.14 -29.62
C LYS C 67 19.07 29.23 -28.32
N ASN C 68 18.87 28.08 -27.65
CA ASN C 68 18.22 28.10 -26.34
C ASN C 68 19.05 28.84 -25.32
N ILE C 69 20.38 28.72 -25.38
CA ILE C 69 21.25 29.43 -24.46
C ILE C 69 21.13 30.93 -24.67
N GLY C 70 21.18 31.36 -25.92
CA GLY C 70 21.00 32.78 -26.22
C GLY C 70 19.65 33.29 -25.77
N ALA C 71 18.59 32.51 -26.02
CA ALA C 71 17.26 32.88 -25.59
C ALA C 71 17.17 32.97 -24.06
N LYS C 72 17.83 32.06 -23.36
CA LYS C 72 17.82 32.09 -21.90
C LYS C 72 18.51 33.34 -21.38
N LEU C 73 19.62 33.74 -21.99
CA LEU C 73 20.29 34.96 -21.56
C LEU C 73 19.43 36.19 -21.80
N VAL C 74 18.78 36.27 -22.96
CA VAL C 74 17.90 37.41 -23.23
C VAL C 74 16.71 37.39 -22.27
N GLN C 75 16.21 36.20 -21.94
CA GLN C 75 15.14 36.08 -20.95
C GLN C 75 15.59 36.57 -19.59
N ASP C 76 16.85 36.28 -19.22
CA ASP C 76 17.40 36.82 -17.98
C ASP C 76 17.41 38.34 -18.01
N VAL C 77 17.82 38.92 -19.13
CA VAL C 77 17.81 40.38 -19.27
C VAL C 77 16.41 40.93 -19.03
N ALA C 78 15.43 40.37 -19.73
CA ALA C 78 14.06 40.87 -19.63
C ALA C 78 13.51 40.68 -18.21
N ASN C 79 13.78 39.53 -17.61
CA ASN C 79 13.26 39.24 -16.28
C ASN C 79 13.87 40.17 -15.23
N ASN C 80 15.19 40.41 -15.31
CA ASN C 80 15.81 41.33 -14.37
C ASN C 80 15.26 42.73 -14.53
N THR C 81 15.10 43.18 -15.78
CA THR C 81 14.55 44.52 -16.00
C THR C 81 13.12 44.62 -15.47
N ASN C 82 12.31 43.58 -15.67
CA ASN C 82 10.93 43.61 -15.17
C ASN C 82 10.88 43.59 -13.65
N GLU C 83 11.72 42.78 -13.01
CA GLU C 83 11.66 42.66 -11.55
C GLU C 83 12.22 43.89 -10.86
N GLU C 84 13.22 44.55 -11.45
CA GLU C 84 13.82 45.70 -10.77
C GLU C 84 13.00 46.97 -11.01
N ALA C 85 12.69 47.28 -12.27
CA ALA C 85 12.02 48.53 -12.61
C ALA C 85 10.52 48.37 -12.85
N GLY C 86 10.08 47.26 -13.42
CA GLY C 86 8.69 47.07 -13.75
C GLY C 86 8.29 47.52 -15.14
N ASP C 87 9.20 48.14 -15.89
CA ASP C 87 8.91 48.60 -17.23
C ASP C 87 10.24 48.65 -18.00
N GLY C 88 10.13 48.91 -19.30
CA GLY C 88 11.33 48.97 -20.12
C GLY C 88 11.92 47.62 -20.45
N THR C 89 11.09 46.58 -20.54
CA THR C 89 11.61 45.25 -20.85
C THR C 89 12.00 45.13 -22.32
N THR C 90 11.18 45.65 -23.23
CA THR C 90 11.51 45.60 -24.64
C THR C 90 12.75 46.43 -24.95
N THR C 91 12.90 47.59 -24.30
CA THR C 91 14.10 48.39 -24.48
C THR C 91 15.33 47.63 -24.03
N ALA C 92 15.25 46.96 -22.88
CA ALA C 92 16.38 46.16 -22.41
C ALA C 92 16.69 45.03 -23.38
N THR C 93 15.64 44.39 -23.93
CA THR C 93 15.86 43.29 -24.86
C THR C 93 16.56 43.75 -26.13
N VAL C 94 16.11 44.86 -26.71
CA VAL C 94 16.72 45.34 -27.94
C VAL C 94 18.13 45.84 -27.68
N LEU C 95 18.36 46.47 -26.53
CA LEU C 95 19.71 46.89 -26.19
C LEU C 95 20.63 45.69 -26.02
N ALA C 96 20.15 44.62 -25.38
CA ALA C 96 20.95 43.41 -25.22
C ALA C 96 21.29 42.80 -26.57
N ARG C 97 20.30 42.69 -27.46
CA ARG C 97 20.59 42.13 -28.77
C ARG C 97 21.61 42.97 -29.51
N SER C 98 21.46 44.30 -29.46
CA SER C 98 22.39 45.17 -30.16
C SER C 98 23.80 45.03 -29.61
N ILE C 99 23.95 45.02 -28.29
CA ILE C 99 25.27 44.89 -27.70
C ILE C 99 25.90 43.55 -28.07
N ALA C 100 25.13 42.47 -27.99
CA ALA C 100 25.66 41.15 -28.34
C ALA C 100 26.09 41.10 -29.80
N LYS C 101 25.24 41.60 -30.70
CA LYS C 101 25.56 41.58 -32.12
C LYS C 101 26.80 42.42 -32.42
N GLU C 102 26.87 43.63 -31.87
CA GLU C 102 28.03 44.48 -32.12
C GLU C 102 29.31 43.89 -31.54
N GLY C 103 29.23 43.26 -30.37
CA GLY C 103 30.43 42.69 -29.78
C GLY C 103 30.89 41.40 -30.43
N PHE C 104 29.97 40.67 -31.07
CA PHE C 104 30.35 39.39 -31.65
C PHE C 104 31.31 39.56 -32.83
N GLU C 105 31.05 40.53 -33.72
CA GLU C 105 31.97 40.73 -34.83
C GLU C 105 33.28 41.37 -34.39
N LYS C 106 33.27 42.12 -33.28
CA LYS C 106 34.50 42.73 -32.79
C LYS C 106 35.47 41.70 -32.21
N ILE C 107 35.02 40.48 -31.95
CA ILE C 107 35.90 39.44 -31.41
C ILE C 107 36.80 38.94 -32.54
N SER C 108 38.10 38.95 -32.29
CA SER C 108 39.09 38.48 -33.26
C SER C 108 40.16 37.69 -32.51
N LYS C 109 41.19 37.28 -33.25
CA LYS C 109 42.29 36.55 -32.63
C LYS C 109 43.04 37.41 -31.63
N GLY C 110 43.29 38.67 -31.98
CA GLY C 110 44.01 39.58 -31.11
C GLY C 110 43.15 40.39 -30.17
N ALA C 111 41.84 40.34 -30.32
CA ALA C 111 40.95 41.10 -29.45
C ALA C 111 40.91 40.50 -28.05
N ASN C 112 40.62 41.33 -27.07
CA ASN C 112 40.51 40.91 -25.67
C ASN C 112 39.08 41.14 -25.20
N PRO C 113 38.23 40.11 -25.21
CA PRO C 113 36.81 40.31 -24.86
C PRO C 113 36.61 40.82 -23.44
N VAL C 114 37.46 40.43 -22.49
CA VAL C 114 37.29 40.88 -21.11
C VAL C 114 37.49 42.38 -21.01
N GLU C 115 38.52 42.91 -21.66
CA GLU C 115 38.75 44.36 -21.63
C GLU C 115 37.66 45.10 -22.40
N ILE C 116 37.13 44.49 -23.47
CA ILE C 116 35.99 45.09 -24.16
C ILE C 116 34.81 45.20 -23.22
N ARG C 117 34.55 44.15 -22.44
CA ARG C 117 33.46 44.19 -21.47
C ARG C 117 33.70 45.26 -20.41
N ARG C 118 34.95 45.38 -19.93
CA ARG C 118 35.26 46.42 -18.96
C ARG C 118 35.00 47.81 -19.53
N GLY C 119 35.40 48.03 -20.78
CA GLY C 119 35.12 49.31 -21.42
C GLY C 119 33.63 49.56 -21.59
N VAL C 120 32.88 48.50 -21.89
CA VAL C 120 31.43 48.64 -22.02
C VAL C 120 30.81 49.06 -20.68
N MET C 121 31.24 48.43 -19.59
CA MET C 121 30.73 48.82 -18.28
C MET C 121 31.12 50.25 -17.93
N LEU C 122 32.34 50.65 -18.27
CA LEU C 122 32.75 52.03 -18.02
C LEU C 122 31.88 53.02 -18.78
N ALA C 123 31.62 52.74 -20.06
CA ALA C 123 30.77 53.61 -20.86
C ALA C 123 29.35 53.65 -20.33
N VAL C 124 28.84 52.51 -19.87
CA VAL C 124 27.49 52.46 -19.32
C VAL C 124 27.41 53.27 -18.03
N ASP C 125 28.46 53.19 -17.20
CA ASP C 125 28.49 54.00 -15.99
C ASP C 125 28.47 55.49 -16.33
N ALA C 126 29.24 55.89 -17.35
CA ALA C 126 29.24 57.29 -17.76
C ALA C 126 27.86 57.71 -18.26
N VAL C 127 27.21 56.86 -19.06
CA VAL C 127 25.89 57.19 -19.58
C VAL C 127 24.87 57.30 -18.44
N ILE C 128 24.96 56.41 -17.46
CA ILE C 128 24.04 56.46 -16.32
C ILE C 128 24.26 57.73 -15.51
N ALA C 129 25.52 58.13 -15.34
CA ALA C 129 25.79 59.39 -14.64
C ALA C 129 25.20 60.57 -15.39
N GLU C 130 25.34 60.58 -16.72
CA GLU C 130 24.76 61.66 -17.51
C GLU C 130 23.24 61.67 -17.40
N LEU C 131 22.62 60.48 -17.44
CA LEU C 131 21.17 60.40 -17.31
C LEU C 131 20.70 60.92 -15.97
N LYS C 132 21.40 60.57 -14.89
CA LYS C 132 21.05 61.09 -13.58
C LYS C 132 21.23 62.60 -13.52
N LYS C 133 22.27 63.12 -14.17
CA LYS C 133 22.49 64.56 -14.18
C LYS C 133 21.38 65.31 -14.91
N GLN C 134 20.92 64.76 -16.04
CA GLN C 134 19.98 65.49 -16.89
C GLN C 134 18.51 65.25 -16.54
N SER C 135 18.22 64.42 -15.54
CA SER C 135 16.84 64.18 -15.16
C SER C 135 16.30 65.33 -14.31
N LYS C 136 14.98 65.40 -14.21
CA LYS C 136 14.31 66.41 -13.39
C LYS C 136 13.22 65.76 -12.57
N PRO C 137 12.91 66.32 -11.40
CA PRO C 137 11.91 65.69 -10.53
C PRO C 137 10.49 65.92 -11.02
N VAL C 138 9.57 65.14 -10.45
CA VAL C 138 8.14 65.24 -10.75
C VAL C 138 7.48 66.06 -9.67
N THR C 139 6.74 67.10 -10.07
CA THR C 139 6.11 68.01 -9.12
C THR C 139 4.60 68.05 -9.24
N THR C 140 4.07 68.19 -10.46
CA THR C 140 2.64 68.37 -10.65
C THR C 140 1.96 67.04 -11.00
N PRO C 141 0.69 66.86 -10.62
CA PRO C 141 -0.03 65.65 -11.05
C PRO C 141 -0.23 65.55 -12.54
N GLU C 142 -0.11 66.66 -13.28
CA GLU C 142 -0.18 66.60 -14.73
C GLU C 142 0.94 65.74 -15.29
N GLU C 143 2.15 65.85 -14.73
CA GLU C 143 3.24 64.99 -15.14
C GLU C 143 2.95 63.53 -14.80
N ILE C 144 2.27 63.29 -13.68
CA ILE C 144 1.88 61.93 -13.32
C ILE C 144 0.93 61.37 -14.37
N ALA C 145 -0.06 62.16 -14.78
CA ALA C 145 -0.99 61.72 -15.81
C ALA C 145 -0.27 61.47 -17.13
N GLN C 146 0.67 62.34 -17.48
CA GLN C 146 1.42 62.16 -18.72
C GLN C 146 2.24 60.87 -18.69
N VAL C 147 2.90 60.59 -17.56
CA VAL C 147 3.71 59.38 -17.45
C VAL C 147 2.84 58.15 -17.53
N ALA C 148 1.71 58.15 -16.82
CA ALA C 148 0.80 57.00 -16.86
C ALA C 148 0.24 56.79 -18.26
N THR C 149 -0.11 57.88 -18.95
CA THR C 149 -0.63 57.75 -20.32
C THR C 149 0.42 57.21 -21.27
N ILE C 150 1.66 57.69 -21.16
CA ILE C 150 2.73 57.21 -22.04
C ILE C 150 3.00 55.73 -21.78
N SER C 151 3.04 55.32 -20.51
CA SER C 151 3.34 53.94 -20.20
C SER C 151 2.19 53.00 -20.51
N ALA C 152 0.98 53.52 -20.67
CA ALA C 152 -0.19 52.71 -20.98
C ALA C 152 -0.56 52.75 -22.46
N ASN C 153 0.45 52.83 -23.33
CA ASN C 153 0.24 52.83 -24.78
C ASN C 153 -0.66 53.98 -25.22
N GLY C 154 -0.46 55.15 -24.62
CA GLY C 154 -1.21 56.33 -25.01
C GLY C 154 -2.69 56.29 -24.72
N ASP C 155 -3.07 55.80 -23.54
CA ASP C 155 -4.47 55.75 -23.14
C ASP C 155 -4.72 56.85 -22.11
N LYS C 156 -5.51 57.85 -22.51
CA LYS C 156 -5.77 58.99 -21.63
C LYS C 156 -6.58 58.58 -20.40
N GLU C 157 -7.54 57.67 -20.58
CA GLU C 157 -8.41 57.29 -19.48
C GLU C 157 -7.63 56.63 -18.35
N ILE C 158 -6.71 55.73 -18.70
CA ILE C 158 -5.91 55.05 -17.67
C ILE C 158 -5.03 56.05 -16.94
N GLY C 159 -4.42 56.98 -17.67
CA GLY C 159 -3.61 58.00 -17.01
C GLY C 159 -4.41 58.85 -16.05
N ASN C 160 -5.61 59.28 -16.48
CA ASN C 160 -6.46 60.07 -15.60
C ASN C 160 -6.87 59.27 -14.37
N ILE C 161 -7.20 57.99 -14.55
CA ILE C 161 -7.61 57.14 -13.43
C ILE C 161 -6.48 57.02 -12.42
N ILE C 162 -5.27 56.77 -12.91
CA ILE C 162 -4.13 56.60 -12.01
C ILE C 162 -3.79 57.91 -11.31
N SER C 163 -3.88 59.03 -12.04
CA SER C 163 -3.61 60.32 -11.42
C SER C 163 -4.64 60.62 -10.32
N ASP C 164 -5.91 60.32 -10.58
CA ASP C 164 -6.94 60.52 -9.56
C ASP C 164 -6.70 59.64 -8.34
N ALA C 165 -6.34 58.38 -8.57
CA ALA C 165 -6.07 57.48 -7.45
C ALA C 165 -4.91 57.97 -6.61
N MET C 166 -3.83 58.43 -7.26
CA MET C 166 -2.68 58.93 -6.50
C MET C 166 -2.99 60.25 -5.80
N LYS C 167 -3.84 61.09 -6.40
CA LYS C 167 -4.28 62.30 -5.71
C LYS C 167 -5.06 61.97 -4.46
N LYS C 168 -5.96 60.99 -4.55
CA LYS C 168 -6.83 60.66 -3.42
C LYS C 168 -6.13 59.87 -2.31
N VAL C 169 -5.19 58.99 -2.64
CA VAL C 169 -4.55 58.15 -1.65
C VAL C 169 -3.09 58.53 -1.41
N GLY C 170 -2.59 59.55 -2.07
CA GLY C 170 -1.18 59.91 -1.91
C GLY C 170 -0.30 59.26 -2.95
N ARG C 171 0.81 59.94 -3.26
CA ARG C 171 1.71 59.46 -4.30
C ARG C 171 2.43 58.16 -3.92
N LYS C 172 2.38 57.77 -2.65
CA LYS C 172 2.99 56.52 -2.19
C LYS C 172 1.96 55.68 -1.46
N GLY C 173 0.71 55.70 -1.92
CA GLY C 173 -0.34 54.91 -1.33
C GLY C 173 -0.34 53.48 -1.86
N VAL C 174 -1.34 52.73 -1.43
CA VAL C 174 -1.52 51.34 -1.82
C VAL C 174 -2.59 51.29 -2.89
N ILE C 175 -2.17 51.04 -4.14
CA ILE C 175 -3.07 50.93 -5.28
C ILE C 175 -2.91 49.55 -5.87
N THR C 176 -4.03 48.85 -6.04
CA THR C 176 -4.03 47.51 -6.60
C THR C 176 -4.92 47.46 -7.84
N VAL C 177 -4.66 46.48 -8.69
CA VAL C 177 -5.34 46.31 -9.96
C VAL C 177 -5.99 44.93 -9.98
N LYS C 178 -7.26 44.87 -10.36
CA LYS C 178 -7.91 43.58 -10.52
C LYS C 178 -8.97 43.66 -11.59
N ASP C 179 -9.31 42.51 -12.15
CA ASP C 179 -10.22 42.46 -13.29
C ASP C 179 -11.62 42.92 -12.90
N GLY C 180 -12.29 43.59 -13.83
CA GLY C 180 -13.65 44.05 -13.64
C GLY C 180 -14.59 43.34 -14.60
N LYS C 181 -15.83 43.15 -14.16
CA LYS C 181 -16.84 42.45 -14.95
C LYS C 181 -17.61 43.39 -15.89
N THR C 182 -17.34 44.69 -15.83
CA THR C 182 -18.05 45.67 -16.64
C THR C 182 -17.22 46.06 -17.86
N LEU C 183 -17.75 47.00 -18.64
CA LEU C 183 -17.10 47.40 -19.89
C LEU C 183 -15.98 48.42 -19.66
N ASN C 184 -16.14 49.31 -18.68
CA ASN C 184 -15.21 50.41 -18.48
C ASN C 184 -14.53 50.30 -17.12
N ASP C 185 -13.33 50.88 -17.05
CA ASP C 185 -12.55 50.84 -15.83
C ASP C 185 -13.22 51.65 -14.72
N GLU C 186 -13.05 51.18 -13.49
CA GLU C 186 -13.59 51.86 -12.32
C GLU C 186 -12.52 52.01 -11.26
N LEU C 187 -12.67 53.04 -10.43
CA LEU C 187 -11.76 53.30 -9.33
C LEU C 187 -12.55 53.34 -8.03
N GLU C 188 -12.11 52.54 -7.04
CA GLU C 188 -12.80 52.48 -5.76
C GLU C 188 -11.80 52.77 -4.65
N ILE C 189 -12.17 53.67 -3.74
CA ILE C 189 -11.33 54.09 -2.64
C ILE C 189 -11.91 53.53 -1.35
N ILE C 190 -11.08 52.82 -0.60
CA ILE C 190 -11.47 52.26 0.70
C ILE C 190 -10.81 53.11 1.78
N GLU C 191 -11.62 53.77 2.58
CA GLU C 191 -11.15 54.63 3.66
C GLU C 191 -11.39 53.95 5.00
N GLY C 192 -10.64 54.41 6.00
CA GLY C 192 -10.75 53.81 7.32
C GLY C 192 -10.23 52.39 7.32
N MET C 193 -10.80 51.57 8.18
CA MET C 193 -10.41 50.17 8.33
C MET C 193 -11.52 49.27 7.80
N LYS C 194 -11.15 48.35 6.91
CA LYS C 194 -12.11 47.42 6.33
C LYS C 194 -11.40 46.11 6.04
N PHE C 195 -11.95 45.02 6.58
CA PHE C 195 -11.36 43.70 6.43
C PHE C 195 -12.42 42.71 6.01
N ASP C 196 -12.00 41.69 5.26
CA ASP C 196 -12.92 40.73 4.65
C ASP C 196 -13.34 39.65 5.65
N ARG C 197 -14.05 40.08 6.69
CA ARG C 197 -14.59 39.17 7.69
C ARG C 197 -15.99 39.64 8.05
N GLY C 198 -17.00 38.91 7.57
CA GLY C 198 -18.38 39.28 7.79
C GLY C 198 -18.94 38.75 9.10
N TYR C 199 -20.17 39.17 9.40
CA TYR C 199 -20.85 38.71 10.60
C TYR C 199 -21.15 37.22 10.50
N ILE C 200 -21.21 36.57 11.67
CA ILE C 200 -21.36 35.12 11.70
C ILE C 200 -22.82 34.71 11.49
N SER C 201 -23.70 35.13 12.40
CA SER C 201 -25.09 34.68 12.33
C SER C 201 -25.94 35.71 11.63
N PRO C 202 -26.78 35.31 10.65
CA PRO C 202 -27.68 36.24 9.97
C PRO C 202 -28.86 36.69 10.83
N TYR C 203 -28.56 37.23 12.01
CA TYR C 203 -29.58 37.69 12.93
C TYR C 203 -29.34 39.10 13.46
N PHE C 204 -28.18 39.69 13.20
CA PHE C 204 -27.89 41.05 13.63
C PHE C 204 -28.29 42.10 12.60
N ILE C 205 -28.85 41.68 11.47
CA ILE C 205 -29.22 42.62 10.42
C ILE C 205 -30.35 43.50 10.92
N ASN C 206 -30.15 44.82 10.87
CA ASN C 206 -31.16 45.78 11.29
C ASN C 206 -31.22 46.95 10.32
N THR C 207 -31.13 46.66 9.02
CA THR C 207 -31.16 47.70 7.99
C THR C 207 -32.23 47.37 6.96
N SER C 208 -32.77 48.42 6.33
CA SER C 208 -33.78 48.23 5.31
C SER C 208 -33.19 47.69 4.01
N LYS C 209 -32.05 48.24 3.59
CA LYS C 209 -31.43 47.91 2.32
C LYS C 209 -30.00 47.45 2.52
N GLY C 210 -29.60 46.43 1.76
CA GLY C 210 -28.25 45.90 1.81
C GLY C 210 -28.09 44.69 2.71
N GLN C 211 -29.02 44.47 3.64
CA GLN C 211 -28.96 43.34 4.56
C GLN C 211 -27.65 43.31 5.34
N LYS C 212 -27.26 44.48 5.85
CA LYS C 212 -26.07 44.65 6.66
C LYS C 212 -26.48 45.10 8.06
N CYS C 213 -25.47 45.41 8.87
CA CYS C 213 -25.68 45.95 10.21
C CYS C 213 -25.00 47.31 10.31
N GLU C 214 -25.80 48.35 10.52
CA GLU C 214 -25.30 49.72 10.53
C GLU C 214 -25.44 50.30 11.93
N PHE C 215 -24.34 50.79 12.48
CA PHE C 215 -24.32 51.41 13.81
C PHE C 215 -23.57 52.73 13.74
N GLN C 216 -24.00 53.68 14.56
CA GLN C 216 -23.36 54.98 14.68
C GLN C 216 -23.00 55.24 16.13
N ASP C 217 -21.77 55.70 16.35
CA ASP C 217 -21.24 55.95 17.69
C ASP C 217 -21.35 54.67 18.52
N ALA C 218 -20.57 53.68 18.10
CA ALA C 218 -20.65 52.33 18.64
C ALA C 218 -19.42 51.97 19.45
N TYR C 219 -19.64 51.16 20.49
CA TYR C 219 -18.56 50.58 21.26
C TYR C 219 -17.93 49.42 20.49
N VAL C 220 -16.64 49.22 20.70
CA VAL C 220 -15.88 48.14 20.06
C VAL C 220 -15.06 47.42 21.12
N LEU C 221 -15.21 46.11 21.19
CA LEU C 221 -14.46 45.25 22.08
C LEU C 221 -13.67 44.25 21.24
N LEU C 222 -12.35 44.24 21.41
CA LEU C 222 -11.46 43.40 20.64
C LEU C 222 -10.87 42.34 21.56
N SER C 223 -11.07 41.07 21.20
CA SER C 223 -10.56 39.95 21.98
C SER C 223 -9.63 39.13 21.10
N GLU C 224 -8.38 38.97 21.55
CA GLU C 224 -7.43 38.16 20.79
C GLU C 224 -7.81 36.68 20.83
N LYS C 225 -8.36 36.21 21.93
CA LYS C 225 -8.77 34.81 22.07
C LYS C 225 -10.25 34.65 21.69
N LYS C 226 -10.68 33.40 21.63
CA LYS C 226 -12.07 33.10 21.32
C LYS C 226 -12.98 33.49 22.48
N ILE C 227 -14.26 33.70 22.17
CA ILE C 227 -15.26 34.08 23.15
C ILE C 227 -16.24 32.90 23.26
N SER C 228 -16.18 32.19 24.37
CA SER C 228 -17.04 31.04 24.59
C SER C 228 -17.78 31.08 25.93
N SER C 229 -17.14 31.56 26.98
CA SER C 229 -17.74 31.55 28.30
C SER C 229 -18.82 32.62 28.42
N ILE C 230 -19.86 32.29 29.20
CA ILE C 230 -20.92 33.26 29.47
C ILE C 230 -20.36 34.45 30.23
N GLN C 231 -19.53 34.18 31.25
CA GLN C 231 -18.99 35.24 32.08
C GLN C 231 -17.95 36.07 31.34
N SER C 232 -17.42 35.59 30.22
CA SER C 232 -16.42 36.33 29.47
C SER C 232 -17.02 37.41 28.58
N ILE C 233 -18.32 37.37 28.34
CA ILE C 233 -18.97 38.34 27.46
C ILE C 233 -20.06 39.14 28.17
N VAL C 234 -20.59 38.64 29.29
CA VAL C 234 -21.71 39.33 29.95
C VAL C 234 -21.34 40.73 30.42
N PRO C 235 -20.22 40.97 31.11
CA PRO C 235 -19.96 42.34 31.61
C PRO C 235 -19.88 43.39 30.51
N ALA C 236 -19.34 43.05 29.35
CA ALA C 236 -19.33 43.99 28.24
C ALA C 236 -20.75 44.33 27.80
N LEU C 237 -21.64 43.33 27.76
CA LEU C 237 -23.03 43.58 27.45
C LEU C 237 -23.69 44.45 28.52
N GLU C 238 -23.32 44.24 29.79
CA GLU C 238 -23.84 45.09 30.85
C GLU C 238 -23.44 46.54 30.64
N ILE C 239 -22.16 46.76 30.29
CA ILE C 239 -21.68 48.13 30.06
C ILE C 239 -22.41 48.74 28.88
N ALA C 240 -22.56 47.98 27.79
CA ALA C 240 -23.23 48.51 26.60
C ALA C 240 -24.68 48.85 26.89
N ASN C 241 -25.39 47.97 27.61
CA ASN C 241 -26.80 48.22 27.92
C ASN C 241 -26.95 49.41 28.86
N ALA C 242 -26.07 49.53 29.86
CA ALA C 242 -26.14 50.67 30.76
C ALA C 242 -25.88 51.97 30.02
N HIS C 243 -24.90 51.99 29.11
CA HIS C 243 -24.63 53.18 28.34
C HIS C 243 -25.54 53.34 27.13
N ARG C 244 -26.35 52.32 26.82
CA ARG C 244 -27.32 52.38 25.72
C ARG C 244 -26.65 52.72 24.39
N LYS C 245 -25.60 51.98 24.07
CA LYS C 245 -24.86 52.18 22.83
C LYS C 245 -24.63 50.85 22.14
N PRO C 246 -24.60 50.84 20.81
CA PRO C 246 -24.33 49.59 20.08
C PRO C 246 -22.92 49.09 20.33
N LEU C 247 -22.76 47.76 20.23
CA LEU C 247 -21.50 47.11 20.57
C LEU C 247 -21.09 46.16 19.45
N VAL C 248 -19.80 46.17 19.15
CA VAL C 248 -19.18 45.26 18.19
C VAL C 248 -18.18 44.39 18.95
N ILE C 249 -18.18 43.10 18.66
CA ILE C 249 -17.26 42.15 19.28
C ILE C 249 -16.40 41.56 18.18
N ILE C 250 -15.15 42.00 18.10
CA ILE C 250 -14.21 41.51 17.10
C ILE C 250 -13.25 40.54 17.77
N ALA C 251 -13.28 39.29 17.34
CA ALA C 251 -12.47 38.25 17.98
C ALA C 251 -12.17 37.16 16.96
N GLU C 252 -11.41 36.16 17.40
CA GLU C 252 -11.11 35.02 16.53
C GLU C 252 -12.40 34.28 16.17
N ASP C 253 -13.26 34.04 17.16
CA ASP C 253 -14.54 33.38 16.94
C ASP C 253 -15.39 33.54 18.19
N VAL C 254 -16.69 33.70 17.98
CA VAL C 254 -17.67 33.73 19.06
C VAL C 254 -18.35 32.37 19.07
N ASP C 255 -18.03 31.55 20.08
CA ASP C 255 -18.49 30.18 20.12
C ASP C 255 -20.00 30.12 20.37
N GLY C 256 -20.53 28.89 20.33
CA GLY C 256 -21.97 28.71 20.28
C GLY C 256 -22.70 29.28 21.48
N GLU C 257 -22.10 29.17 22.67
CA GLU C 257 -22.76 29.64 23.89
C GLU C 257 -22.93 31.15 23.88
N ALA C 258 -21.82 31.88 23.72
CA ALA C 258 -21.89 33.33 23.72
C ALA C 258 -22.64 33.85 22.50
N LEU C 259 -22.49 33.17 21.35
CA LEU C 259 -23.22 33.57 20.16
C LEU C 259 -24.73 33.43 20.37
N SER C 260 -25.15 32.32 21.00
CA SER C 260 -26.56 32.13 21.30
C SER C 260 -27.05 33.19 22.28
N THR C 261 -26.24 33.51 23.28
CA THR C 261 -26.62 34.57 24.21
C THR C 261 -26.82 35.90 23.50
N LEU C 262 -25.87 36.26 22.62
CA LEU C 262 -25.96 37.52 21.89
C LEU C 262 -27.20 37.55 20.99
N VAL C 263 -27.43 36.46 20.26
CA VAL C 263 -28.58 36.41 19.35
C VAL C 263 -29.88 36.52 20.12
N LEU C 264 -29.99 35.78 21.23
CA LEU C 264 -31.21 35.79 22.03
C LEU C 264 -31.46 37.18 22.60
N ASN C 265 -30.43 37.83 23.13
CA ASN C 265 -30.60 39.17 23.70
C ASN C 265 -31.00 40.16 22.61
N ARG C 266 -30.30 40.13 21.46
CA ARG C 266 -30.60 41.07 20.39
C ARG C 266 -32.01 40.87 19.85
N LEU C 267 -32.49 39.63 19.77
CA LEU C 267 -33.82 39.39 19.26
C LEU C 267 -34.90 39.73 20.27
N LYS C 268 -34.63 39.51 21.57
CA LYS C 268 -35.65 39.75 22.58
C LYS C 268 -35.71 41.22 22.99
N VAL C 269 -34.63 41.73 23.58
CA VAL C 269 -34.66 43.09 24.12
C VAL C 269 -34.21 44.13 23.10
N GLY C 270 -33.67 43.71 21.96
CA GLY C 270 -33.20 44.66 20.97
C GLY C 270 -31.84 45.24 21.28
N LEU C 271 -31.01 44.50 22.00
CA LEU C 271 -29.66 44.97 22.32
C LEU C 271 -28.83 45.05 21.04
N GLN C 272 -28.45 46.26 20.67
CA GLN C 272 -27.66 46.48 19.46
C GLN C 272 -26.26 45.91 19.66
N VAL C 273 -25.98 44.78 19.02
CA VAL C 273 -24.69 44.12 19.16
C VAL C 273 -24.44 43.30 17.90
N VAL C 274 -23.17 43.21 17.50
CA VAL C 274 -22.76 42.41 16.35
C VAL C 274 -21.43 41.75 16.67
N ALA C 275 -21.13 40.66 15.94
CA ALA C 275 -19.92 39.89 16.14
C ALA C 275 -19.19 39.72 14.82
N VAL C 276 -17.86 39.87 14.86
CA VAL C 276 -17.02 39.81 13.67
C VAL C 276 -15.78 38.98 13.99
N LYS C 277 -15.39 38.13 13.04
CA LYS C 277 -14.15 37.37 13.17
C LYS C 277 -12.94 38.27 12.96
N ALA C 278 -11.87 37.96 13.66
CA ALA C 278 -10.67 38.78 13.58
C ALA C 278 -9.93 38.52 12.27
N PRO C 279 -9.59 39.55 11.50
CA PRO C 279 -8.83 39.34 10.27
C PRO C 279 -7.41 38.88 10.57
N GLY C 280 -6.83 38.18 9.61
CA GLY C 280 -5.49 37.64 9.75
C GLY C 280 -5.49 36.23 10.31
N PHE C 281 -4.42 35.50 9.98
CA PHE C 281 -4.30 34.11 10.41
C PHE C 281 -3.05 33.81 11.22
N GLY C 282 -2.11 34.73 11.33
CA GLY C 282 -0.91 34.51 12.12
C GLY C 282 -0.57 35.69 13.00
N ASP C 283 0.71 36.07 13.02
CA ASP C 283 1.10 37.27 13.75
C ASP C 283 0.46 38.51 13.15
N ASN C 284 0.15 38.47 11.86
CA ASN C 284 -0.55 39.57 11.22
C ASN C 284 -1.91 39.81 11.87
N ARG C 285 -2.56 38.76 12.35
CA ARG C 285 -3.82 38.94 13.08
C ARG C 285 -3.60 39.79 14.33
N LYS C 286 -2.56 39.50 15.10
CA LYS C 286 -2.28 40.27 16.31
C LYS C 286 -1.91 41.71 15.96
N ASN C 287 -1.11 41.91 14.90
CA ASN C 287 -0.74 43.27 14.51
C ASN C 287 -1.96 44.06 14.10
N GLN C 288 -2.86 43.46 13.31
CA GLN C 288 -4.08 44.14 12.90
C GLN C 288 -4.97 44.44 14.10
N LEU C 289 -5.09 43.50 15.04
CA LEU C 289 -5.89 43.75 16.23
C LEU C 289 -5.35 44.92 17.03
N LYS C 290 -4.02 44.98 17.18
CA LYS C 290 -3.42 46.13 17.86
C LYS C 290 -3.68 47.42 17.10
N ASP C 291 -3.65 47.36 15.77
CA ASP C 291 -3.91 48.54 14.96
C ASP C 291 -5.34 49.05 15.14
N MET C 292 -6.32 48.14 15.13
CA MET C 292 -7.70 48.58 15.40
C MET C 292 -7.84 49.10 16.83
N ALA C 293 -7.13 48.49 17.78
CA ALA C 293 -7.17 48.97 19.15
C ALA C 293 -6.67 50.40 19.25
N ILE C 294 -5.56 50.70 18.56
CA ILE C 294 -5.01 52.05 18.60
C ILE C 294 -5.91 53.03 17.86
N ALA C 295 -6.41 52.63 16.69
CA ALA C 295 -7.24 53.53 15.89
C ALA C 295 -8.55 53.87 16.61
N THR C 296 -9.24 52.85 17.13
CA THR C 296 -10.48 53.11 17.86
C THR C 296 -10.21 53.71 19.23
N GLY C 297 -9.19 53.20 19.92
CA GLY C 297 -8.86 53.68 21.24
C GLY C 297 -9.35 52.74 22.33
N GLY C 298 -8.46 51.90 22.83
CA GLY C 298 -8.84 50.91 23.82
C GLY C 298 -7.73 49.92 24.12
N ALA C 299 -8.09 48.64 24.25
CA ALA C 299 -7.11 47.62 24.58
C ALA C 299 -7.55 46.30 23.95
N VAL C 300 -6.59 45.40 23.80
CA VAL C 300 -6.83 44.05 23.29
C VAL C 300 -6.90 43.11 24.48
N PHE C 301 -8.00 42.36 24.57
CA PHE C 301 -8.22 41.44 25.68
C PHE C 301 -7.68 40.06 25.32
N GLY C 302 -6.84 39.51 26.18
CA GLY C 302 -6.24 38.22 25.95
C GLY C 302 -4.86 38.24 25.34
N GLU C 303 -4.22 39.42 25.26
CA GLU C 303 -2.89 39.50 24.70
C GLU C 303 -1.87 38.84 25.63
N GLU C 304 -0.82 38.28 25.02
CA GLU C 304 0.18 37.55 25.80
C GLU C 304 1.04 38.48 26.65
N GLY C 305 1.04 39.78 26.38
CA GLY C 305 1.85 40.71 27.12
C GLY C 305 1.30 41.04 28.50
N LEU C 306 0.09 41.59 28.54
CA LEU C 306 -0.56 41.97 29.80
C LEU C 306 -1.64 41.02 30.26
N THR C 307 -2.26 40.30 29.33
CA THR C 307 -3.37 39.38 29.64
C THR C 307 -4.49 40.11 30.37
N LEU C 308 -5.06 41.10 29.69
CA LEU C 308 -6.20 41.85 30.21
C LEU C 308 -7.43 40.96 30.12
N ASN C 309 -7.84 40.39 31.25
CA ASN C 309 -8.97 39.48 31.27
C ASN C 309 -10.26 40.21 30.94
N LEU C 310 -11.14 39.52 30.22
CA LEU C 310 -12.40 40.11 29.80
C LEU C 310 -13.36 40.36 30.95
N GLU C 311 -13.20 39.63 32.06
CA GLU C 311 -14.10 39.81 33.19
C GLU C 311 -14.00 41.21 33.78
N ASP C 312 -12.78 41.73 33.88
CA ASP C 312 -12.56 43.08 34.42
C ASP C 312 -12.57 44.13 33.32
N VAL C 313 -13.62 44.13 32.51
CA VAL C 313 -13.76 45.12 31.45
C VAL C 313 -14.33 46.41 32.02
N GLN C 314 -13.86 47.53 31.51
CA GLN C 314 -14.25 48.85 31.97
C GLN C 314 -14.81 49.67 30.81
N PRO C 315 -15.65 50.66 31.08
CA PRO C 315 -16.17 51.49 29.99
C PRO C 315 -15.09 52.22 29.20
N HIS C 316 -13.94 52.48 29.81
CA HIS C 316 -12.83 53.11 29.11
C HIS C 316 -11.98 52.13 28.34
N ASP C 317 -12.28 50.83 28.41
CA ASP C 317 -11.56 49.81 27.66
C ASP C 317 -12.19 49.50 26.30
N LEU C 318 -13.27 50.19 25.95
CA LEU C 318 -13.99 49.94 24.71
C LEU C 318 -13.75 51.09 23.74
N GLY C 319 -13.39 50.76 22.51
CA GLY C 319 -13.19 51.79 21.50
C GLY C 319 -14.50 52.41 21.04
N LYS C 320 -14.40 53.62 20.51
CA LYS C 320 -15.55 54.33 19.97
C LYS C 320 -15.38 54.52 18.47
N VAL C 321 -16.37 54.08 17.70
CA VAL C 321 -16.35 54.25 16.25
C VAL C 321 -17.54 55.12 15.84
N GLY C 322 -17.27 56.08 14.96
CA GLY C 322 -18.35 56.95 14.50
C GLY C 322 -19.40 56.19 13.69
N GLU C 323 -18.96 55.34 12.77
CA GLU C 323 -19.87 54.56 11.93
C GLU C 323 -19.22 53.22 11.65
N VAL C 324 -19.96 52.13 11.84
CA VAL C 324 -19.49 50.79 11.55
C VAL C 324 -20.56 50.05 10.77
N ILE C 325 -20.20 49.49 9.62
CA ILE C 325 -21.09 48.68 8.81
C ILE C 325 -20.42 47.32 8.59
N VAL C 326 -21.23 46.26 8.66
CA VAL C 326 -20.74 44.90 8.46
C VAL C 326 -21.77 44.14 7.62
N THR C 327 -21.29 43.48 6.58
CA THR C 327 -22.17 42.70 5.71
C THR C 327 -21.68 41.26 5.62
N LYS C 328 -22.26 40.48 4.70
CA LYS C 328 -21.99 39.06 4.65
C LYS C 328 -20.54 38.73 4.35
N ASP C 329 -19.80 39.65 3.73
CA ASP C 329 -18.43 39.37 3.32
C ASP C 329 -17.37 40.17 4.06
N ASP C 330 -17.65 41.41 4.43
CA ASP C 330 -16.63 42.25 5.06
C ASP C 330 -17.28 43.28 5.97
N ALA C 331 -16.46 43.84 6.86
CA ALA C 331 -16.90 44.84 7.82
C ALA C 331 -16.01 46.07 7.71
N MET C 332 -16.61 47.24 7.86
CA MET C 332 -15.90 48.50 7.72
C MET C 332 -16.09 49.33 8.99
N LEU C 333 -14.98 49.87 9.50
CA LEU C 333 -14.99 50.75 10.68
C LEU C 333 -14.56 52.15 10.26
N LEU C 334 -15.36 53.14 10.63
CA LEU C 334 -15.11 54.52 10.25
C LEU C 334 -15.12 55.42 11.47
N LYS C 335 -14.30 56.47 11.42
CA LYS C 335 -14.26 57.52 12.44
C LYS C 335 -13.93 56.95 13.82
N GLY C 336 -12.82 56.22 13.90
CA GLY C 336 -12.36 55.72 15.18
C GLY C 336 -11.95 56.87 16.09
N LYS C 337 -12.50 56.87 17.31
CA LYS C 337 -12.23 57.95 18.27
C LYS C 337 -10.98 57.64 19.07
N GLY C 338 -9.86 57.59 18.36
CA GLY C 338 -8.56 57.31 18.94
C GLY C 338 -7.70 58.56 19.00
N ASP C 339 -6.79 58.59 19.96
CA ASP C 339 -5.88 59.73 20.08
C ASP C 339 -4.91 59.76 18.91
N LYS C 340 -4.68 60.97 18.38
CA LYS C 340 -3.85 61.10 17.19
C LYS C 340 -2.38 60.80 17.49
N ALA C 341 -1.92 61.07 18.71
CA ALA C 341 -0.52 60.81 19.05
C ALA C 341 -0.19 59.34 18.97
N GLN C 342 -1.06 58.49 19.53
CA GLN C 342 -0.82 57.04 19.49
C GLN C 342 -0.87 56.52 18.05
N ILE C 343 -1.79 57.04 17.25
CA ILE C 343 -1.88 56.64 15.84
C ILE C 343 -0.60 57.03 15.11
N GLU C 344 -0.10 58.24 15.36
CA GLU C 344 1.14 58.68 14.72
C GLU C 344 2.32 57.81 15.15
N LYS C 345 2.38 57.47 16.44
CA LYS C 345 3.47 56.61 16.91
C LYS C 345 3.39 55.23 16.28
N ARG C 346 2.18 54.68 16.14
CA ARG C 346 2.01 53.40 15.47
C ARG C 346 2.44 53.48 14.02
N ILE C 347 2.11 54.59 13.35
CA ILE C 347 2.53 54.78 11.96
C ILE C 347 4.05 54.81 11.86
N GLN C 348 4.69 55.52 12.78
CA GLN C 348 6.16 55.55 12.81
C GLN C 348 6.73 54.15 13.03
N GLU C 349 6.12 53.38 13.93
CA GLU C 349 6.58 52.02 14.17
C GLU C 349 6.44 51.17 12.91
N ILE C 350 5.34 51.31 12.18
CA ILE C 350 5.14 50.54 10.96
C ILE C 350 6.18 50.92 9.90
N ILE C 351 6.42 52.22 9.71
CA ILE C 351 7.41 52.62 8.71
C ILE C 351 8.81 52.20 9.14
N GLU C 352 9.08 52.11 10.44
CA GLU C 352 10.37 51.62 10.90
C GLU C 352 10.52 50.13 10.65
N GLN C 353 9.48 49.35 10.92
CA GLN C 353 9.50 47.93 10.60
C GLN C 353 9.58 47.68 9.10
N LEU C 354 9.14 48.65 8.28
CA LEU C 354 9.32 48.55 6.85
C LEU C 354 10.77 48.68 6.42
N ASP C 355 11.67 49.11 7.31
CA ASP C 355 13.04 49.42 6.95
C ASP C 355 14.05 48.66 7.81
N VAL C 356 13.76 47.40 8.14
CA VAL C 356 14.69 46.55 8.87
C VAL C 356 15.14 45.37 8.01
N THR C 357 14.22 44.75 7.30
CA THR C 357 14.53 43.62 6.44
C THR C 357 13.42 43.49 5.40
N THR C 358 13.53 42.47 4.55
CA THR C 358 12.54 42.19 3.52
C THR C 358 12.27 40.69 3.46
N SER C 359 11.01 40.34 3.21
CA SER C 359 10.62 38.95 3.05
C SER C 359 9.63 38.75 1.91
N GLU C 360 9.42 39.77 1.07
CA GLU C 360 8.56 39.71 -0.12
C GLU C 360 7.09 39.59 0.25
N TYR C 361 6.77 39.50 1.54
CA TYR C 361 5.39 39.42 1.97
C TYR C 361 5.12 40.36 3.14
N GLU C 362 6.13 40.57 3.99
CA GLU C 362 5.95 41.43 5.15
C GLU C 362 5.87 42.90 4.77
N LYS C 363 6.59 43.31 3.72
CA LYS C 363 6.50 44.69 3.26
C LYS C 363 5.09 45.01 2.76
N GLU C 364 4.48 44.06 2.04
CA GLU C 364 3.12 44.28 1.54
C GLU C 364 2.14 44.42 2.70
N LYS C 365 2.26 43.58 3.73
CA LYS C 365 1.37 43.68 4.88
C LYS C 365 1.59 44.98 5.64
N LEU C 366 2.85 45.40 5.81
CA LEU C 366 3.12 46.66 6.50
C LEU C 366 2.55 47.83 5.73
N ASN C 367 2.70 47.84 4.41
CA ASN C 367 2.13 48.92 3.60
C ASN C 367 0.61 48.92 3.67
N GLU C 368 0.00 47.73 3.66
CA GLU C 368 -1.45 47.64 3.78
C GLU C 368 -1.93 48.22 5.11
N ARG C 369 -1.26 47.86 6.20
CA ARG C 369 -1.64 48.37 7.51
C ARG C 369 -1.45 49.88 7.59
N LEU C 370 -0.33 50.38 7.06
CA LEU C 370 -0.09 51.82 7.07
C LEU C 370 -1.13 52.57 6.27
N ALA C 371 -1.50 52.04 5.10
CA ALA C 371 -2.54 52.68 4.29
C ALA C 371 -3.88 52.66 5.01
N LYS C 372 -4.22 51.54 5.65
CA LYS C 372 -5.47 51.47 6.40
C LYS C 372 -5.48 52.46 7.56
N LEU C 373 -4.32 52.72 8.16
CA LEU C 373 -4.26 53.67 9.27
C LEU C 373 -4.38 55.11 8.79
N SER C 374 -3.72 55.45 7.68
CA SER C 374 -3.57 56.84 7.28
C SER C 374 -4.63 57.31 6.28
N ASP C 375 -4.67 56.72 5.09
CA ASP C 375 -5.46 57.26 3.99
C ASP C 375 -6.28 56.25 3.21
N GLY C 376 -6.26 54.97 3.59
CA GLY C 376 -6.99 53.97 2.84
C GLY C 376 -6.24 53.51 1.60
N VAL C 377 -6.90 52.64 0.84
CA VAL C 377 -6.30 52.02 -0.34
C VAL C 377 -7.18 52.33 -1.55
N ALA C 378 -6.63 52.04 -2.74
CA ALA C 378 -7.36 52.21 -3.99
C ALA C 378 -7.31 50.92 -4.79
N VAL C 379 -8.44 50.58 -5.40
CA VAL C 379 -8.54 49.38 -6.24
C VAL C 379 -9.08 49.80 -7.60
N LEU C 380 -8.43 49.31 -8.66
CA LEU C 380 -8.80 49.61 -10.03
C LEU C 380 -9.45 48.37 -10.65
N LYS C 381 -10.74 48.48 -10.96
CA LYS C 381 -11.47 47.45 -11.66
C LYS C 381 -11.25 47.64 -13.16
N VAL C 382 -10.43 46.77 -13.75
CA VAL C 382 -10.13 46.89 -15.18
C VAL C 382 -11.27 46.24 -15.96
N GLY C 383 -11.96 47.05 -16.76
CA GLY C 383 -13.11 46.56 -17.51
C GLY C 383 -12.74 45.97 -18.86
N GLY C 384 -13.71 45.29 -19.45
CA GLY C 384 -13.51 44.68 -20.74
C GLY C 384 -14.65 43.74 -21.07
N THR C 385 -14.59 43.19 -22.28
CA THR C 385 -15.62 42.27 -22.76
C THR C 385 -15.27 40.82 -22.47
N SER C 386 -14.14 40.36 -22.99
CA SER C 386 -13.69 38.98 -22.83
C SER C 386 -12.50 38.94 -21.87
N ASP C 387 -12.02 37.72 -21.61
CA ASP C 387 -10.93 37.55 -20.66
C ASP C 387 -9.61 38.05 -21.22
N VAL C 388 -9.36 37.81 -22.50
CA VAL C 388 -8.07 38.19 -23.10
C VAL C 388 -7.91 39.71 -23.11
N GLU C 389 -8.98 40.43 -23.47
CA GLU C 389 -8.92 41.89 -23.48
C GLU C 389 -8.68 42.44 -22.08
N VAL C 390 -9.37 41.87 -21.08
CA VAL C 390 -9.19 42.30 -19.71
C VAL C 390 -7.76 42.05 -19.25
N ASN C 391 -7.21 40.88 -19.59
CA ASN C 391 -5.83 40.58 -19.19
C ASN C 391 -4.84 41.53 -19.83
N GLU C 392 -5.03 41.85 -21.13
CA GLU C 392 -4.14 42.78 -21.80
C GLU C 392 -4.20 44.16 -21.17
N LYS C 393 -5.42 44.65 -20.90
CA LYS C 393 -5.55 45.96 -20.28
C LYS C 393 -4.98 45.96 -18.86
N LYS C 394 -5.12 44.83 -18.15
CA LYS C 394 -4.55 44.72 -16.82
C LYS C 394 -3.04 44.79 -16.85
N ASP C 395 -2.42 44.12 -17.82
CA ASP C 395 -0.97 44.21 -17.96
C ASP C 395 -0.54 45.63 -18.27
N ARG C 396 -1.26 46.32 -19.15
CA ARG C 396 -0.92 47.70 -19.46
C ARG C 396 -1.06 48.60 -18.24
N VAL C 397 -2.12 48.39 -17.44
CA VAL C 397 -2.35 49.22 -16.26
C VAL C 397 -1.25 48.96 -15.22
N THR C 398 -0.85 47.71 -15.04
CA THR C 398 0.23 47.41 -14.11
C THR C 398 1.54 48.05 -14.56
N ASP C 399 1.81 48.02 -15.86
CA ASP C 399 2.99 48.70 -16.39
C ASP C 399 2.92 50.20 -16.10
N ALA C 400 1.75 50.80 -16.29
CA ALA C 400 1.59 52.22 -16.03
C ALA C 400 1.83 52.54 -14.56
N LEU C 401 1.30 51.71 -13.66
CA LEU C 401 1.50 51.94 -12.23
C LEU C 401 2.98 51.83 -11.86
N ASN C 402 3.66 50.81 -12.37
CA ASN C 402 5.08 50.66 -12.07
C ASN C 402 5.88 51.85 -12.59
N ALA C 403 5.59 52.29 -13.81
CA ALA C 403 6.30 53.43 -14.37
C ALA C 403 6.03 54.71 -13.58
N THR C 404 4.79 54.92 -13.16
CA THR C 404 4.46 56.10 -12.38
C THR C 404 5.18 56.08 -11.03
N ARG C 405 5.24 54.92 -10.38
CA ARG C 405 5.97 54.83 -9.12
C ARG C 405 7.45 55.13 -9.33
N ALA C 406 8.04 54.58 -10.40
CA ALA C 406 9.44 54.86 -10.68
C ALA C 406 9.69 56.34 -10.94
N ALA C 407 8.78 56.98 -11.69
CA ALA C 407 8.92 58.41 -11.97
C ALA C 407 8.81 59.23 -10.70
N VAL C 408 7.90 58.84 -9.80
CA VAL C 408 7.78 59.54 -8.52
C VAL C 408 9.06 59.39 -7.72
N GLU C 409 9.61 58.18 -7.67
CA GLU C 409 10.77 57.93 -6.81
C GLU C 409 12.03 58.61 -7.35
N GLU C 410 12.23 58.60 -8.66
CA GLU C 410 13.50 59.04 -9.22
C GLU C 410 13.43 60.28 -10.10
N GLY C 411 12.38 60.44 -10.90
CA GLY C 411 12.26 61.58 -11.77
C GLY C 411 11.90 61.17 -13.19
N ILE C 412 12.00 62.13 -14.10
CA ILE C 412 11.61 61.92 -15.49
C ILE C 412 12.68 62.47 -16.42
N VAL C 413 12.72 61.91 -17.63
CA VAL C 413 13.58 62.34 -18.72
C VAL C 413 12.76 62.33 -20.00
N LEU C 414 13.36 62.79 -21.09
CA LEU C 414 12.66 62.83 -22.37
C LEU C 414 12.30 61.42 -22.82
N GLY C 415 11.06 61.26 -23.29
CA GLY C 415 10.58 59.98 -23.76
C GLY C 415 10.94 59.74 -25.21
N GLY C 416 10.49 58.60 -25.72
CA GLY C 416 10.75 58.22 -27.10
C GLY C 416 12.15 57.74 -27.37
N GLY C 417 12.95 57.47 -26.33
CA GLY C 417 14.32 57.05 -26.51
C GLY C 417 15.32 58.16 -26.71
N CYS C 418 14.87 59.42 -26.74
CA CYS C 418 15.79 60.53 -26.92
C CYS C 418 16.67 60.77 -25.70
N ALA C 419 16.27 60.26 -24.53
CA ALA C 419 17.09 60.42 -23.34
C ALA C 419 18.45 59.75 -23.51
N LEU C 420 18.45 58.53 -24.08
CA LEU C 420 19.72 57.86 -24.37
C LEU C 420 20.46 58.55 -25.50
N LEU C 421 19.74 59.08 -26.49
CA LEU C 421 20.40 59.76 -27.60
C LEU C 421 21.16 60.99 -27.14
N ARG C 422 20.59 61.77 -26.23
CA ARG C 422 21.27 62.94 -25.72
C ARG C 422 22.50 62.61 -24.89
N CYS C 423 22.67 61.36 -24.48
CA CYS C 423 23.83 60.93 -23.72
C CYS C 423 25.02 60.55 -24.59
N ILE C 424 24.85 60.54 -25.92
CA ILE C 424 25.97 60.20 -26.80
C ILE C 424 27.13 61.17 -26.67
N PRO C 425 26.93 62.50 -26.63
CA PRO C 425 28.08 63.40 -26.43
C PRO C 425 28.84 63.15 -25.14
N ALA C 426 28.16 62.63 -24.11
CA ALA C 426 28.86 62.30 -22.86
C ALA C 426 29.88 61.20 -23.07
N LEU C 427 29.64 60.31 -24.02
CA LEU C 427 30.60 59.24 -24.31
C LEU C 427 31.82 59.73 -25.07
N ASP C 428 31.74 60.89 -25.71
CA ASP C 428 32.88 61.45 -26.43
C ASP C 428 33.95 61.97 -25.49
N SER C 429 33.66 62.14 -24.21
CA SER C 429 34.61 62.64 -23.24
C SER C 429 35.35 61.53 -22.50
N LEU C 430 35.08 60.27 -22.82
CA LEU C 430 35.74 59.15 -22.16
C LEU C 430 37.05 58.82 -22.84
N THR C 431 38.06 58.49 -22.03
CA THR C 431 39.38 58.13 -22.54
C THR C 431 39.62 56.64 -22.27
N PRO C 432 39.54 55.78 -23.27
CA PRO C 432 39.78 54.35 -23.05
C PRO C 432 41.22 54.09 -22.65
N ALA C 433 41.40 53.07 -21.81
CA ALA C 433 42.73 52.70 -21.36
C ALA C 433 43.52 51.99 -22.46
N ASN C 434 42.84 51.28 -23.34
CA ASN C 434 43.50 50.57 -24.43
C ASN C 434 42.52 50.45 -25.59
N GLU C 435 42.91 49.64 -26.60
CA GLU C 435 42.11 49.53 -27.81
C GLU C 435 40.79 48.81 -27.54
N ASP C 436 40.81 47.81 -26.66
CA ASP C 436 39.60 47.05 -26.35
C ASP C 436 38.57 47.94 -25.65
N GLN C 437 39.01 48.81 -24.75
CA GLN C 437 38.09 49.74 -24.11
C GLN C 437 37.53 50.73 -25.13
N LYS C 438 38.34 51.11 -26.11
CA LYS C 438 37.85 51.95 -27.20
C LYS C 438 36.76 51.23 -27.97
N ILE C 439 36.96 49.94 -28.24
CA ILE C 439 35.94 49.15 -28.93
C ILE C 439 34.66 49.08 -28.11
N GLY C 440 34.79 48.87 -26.80
CA GLY C 440 33.61 48.82 -25.96
C GLY C 440 32.85 50.14 -25.92
N ILE C 441 33.58 51.25 -25.83
CA ILE C 441 32.95 52.57 -25.84
C ILE C 441 32.23 52.79 -27.15
N GLU C 442 32.84 52.41 -28.27
CA GLU C 442 32.19 52.54 -29.57
C GLU C 442 30.94 51.67 -29.64
N ILE C 443 31.00 50.47 -29.07
CA ILE C 443 29.84 49.58 -29.06
C ILE C 443 28.69 50.23 -28.32
N ILE C 444 28.96 50.79 -27.15
CA ILE C 444 27.90 51.44 -26.38
C ILE C 444 27.37 52.66 -27.12
N LYS C 445 28.26 53.43 -27.76
CA LYS C 445 27.84 54.60 -28.52
C LYS C 445 26.91 54.22 -29.66
N ARG C 446 27.23 53.15 -30.38
CA ARG C 446 26.36 52.68 -31.44
C ARG C 446 25.05 52.14 -30.89
N THR C 447 25.10 51.45 -29.75
CA THR C 447 23.90 50.85 -29.18
C THR C 447 22.93 51.90 -28.66
N LEU C 448 23.43 53.07 -28.27
CA LEU C 448 22.57 54.09 -27.69
C LEU C 448 21.48 54.55 -28.65
N LYS C 449 21.62 54.34 -29.95
CA LYS C 449 20.63 54.77 -30.92
C LYS C 449 19.54 53.74 -31.16
N ILE C 450 19.66 52.54 -30.60
CA ILE C 450 18.77 51.42 -30.92
C ILE C 450 17.33 51.66 -30.50
N PRO C 451 17.03 52.14 -29.28
CA PRO C 451 15.61 52.31 -28.93
C PRO C 451 14.86 53.27 -29.84
N ALA C 452 15.45 54.42 -30.16
CA ALA C 452 14.79 55.38 -31.05
C ALA C 452 14.61 54.81 -32.44
N MET C 453 15.64 54.10 -32.95
CA MET C 453 15.52 53.49 -34.27
C MET C 453 14.41 52.45 -34.31
N THR C 454 14.31 51.62 -33.26
CA THR C 454 13.26 50.61 -33.23
C THR C 454 11.88 51.26 -33.14
N ILE C 455 11.74 52.31 -32.31
CA ILE C 455 10.46 52.98 -32.19
C ILE C 455 10.04 53.59 -33.52
N ALA C 456 10.98 54.24 -34.21
CA ALA C 456 10.68 54.81 -35.51
C ALA C 456 10.34 53.73 -36.54
N LYS C 457 11.07 52.61 -36.53
CA LYS C 457 10.83 51.55 -37.48
C LYS C 457 9.46 50.92 -37.28
N ASN C 458 9.05 50.74 -36.03
CA ASN C 458 7.70 50.21 -35.78
C ASN C 458 6.63 51.15 -36.30
N ALA C 459 6.90 52.45 -36.33
CA ALA C 459 5.95 53.41 -36.87
C ALA C 459 5.88 53.38 -38.38
N GLY C 460 6.78 52.66 -39.05
CA GLY C 460 6.78 52.58 -40.50
C GLY C 460 7.70 53.54 -41.21
N VAL C 461 8.54 54.27 -40.49
CA VAL C 461 9.46 55.22 -41.08
C VAL C 461 10.89 54.69 -40.93
N GLU C 462 11.82 55.39 -41.58
CA GLU C 462 13.23 55.00 -41.52
C GLU C 462 13.83 55.46 -40.20
N GLY C 463 14.29 54.49 -39.41
CA GLY C 463 14.80 54.83 -38.08
C GLY C 463 16.06 55.68 -38.12
N SER C 464 16.98 55.37 -39.03
CA SER C 464 18.25 56.08 -39.07
C SER C 464 18.06 57.55 -39.38
N LEU C 465 17.19 57.88 -40.34
CA LEU C 465 16.95 59.28 -40.68
C LEU C 465 16.33 60.03 -39.52
N ILE C 466 15.36 59.42 -38.84
CA ILE C 466 14.71 60.06 -37.70
C ILE C 466 15.73 60.30 -36.59
N VAL C 467 16.58 59.31 -36.31
CA VAL C 467 17.59 59.47 -35.27
C VAL C 467 18.57 60.57 -35.63
N GLU C 468 19.00 60.61 -36.90
CA GLU C 468 19.93 61.65 -37.33
C GLU C 468 19.30 63.04 -37.18
N LYS C 469 18.03 63.18 -37.57
CA LYS C 469 17.36 64.47 -37.42
C LYS C 469 17.23 64.83 -35.95
N ILE C 470 16.94 63.86 -35.09
CA ILE C 470 16.82 64.13 -33.66
C ILE C 470 18.15 64.64 -33.11
N MET C 471 19.25 63.99 -33.48
CA MET C 471 20.55 64.47 -33.03
C MET C 471 20.85 65.86 -33.56
N GLN C 472 20.54 66.11 -34.84
CA GLN C 472 20.82 67.40 -35.44
C GLN C 472 19.88 68.50 -34.97
N SER C 473 18.78 68.16 -34.32
CA SER C 473 17.83 69.16 -33.84
C SER C 473 18.36 69.79 -32.56
N SER C 474 17.50 70.54 -31.87
CA SER C 474 17.90 71.19 -30.64
C SER C 474 18.08 70.16 -29.53
N SER C 475 18.42 70.63 -28.34
CA SER C 475 18.65 69.77 -27.19
C SER C 475 17.37 69.28 -26.54
N GLU C 476 16.21 69.66 -27.07
CA GLU C 476 14.95 69.30 -26.45
C GLU C 476 13.98 68.67 -27.45
N VAL C 477 14.09 69.06 -28.72
CA VAL C 477 13.15 68.60 -29.73
C VAL C 477 13.29 67.09 -29.94
N GLY C 478 12.16 66.39 -29.96
CA GLY C 478 12.16 64.96 -30.21
C GLY C 478 11.18 64.58 -31.29
N TYR C 479 10.98 63.27 -31.51
CA TYR C 479 10.09 62.77 -32.54
C TYR C 479 8.90 62.07 -31.90
N ASP C 480 7.69 62.52 -32.23
CA ASP C 480 6.46 61.87 -31.83
C ASP C 480 6.09 60.84 -32.90
N ALA C 481 6.17 59.57 -32.54
CA ALA C 481 5.88 58.49 -33.49
C ALA C 481 4.38 58.36 -33.76
N MET C 482 3.55 58.51 -32.73
CA MET C 482 2.11 58.40 -32.90
C MET C 482 1.59 59.49 -33.83
N ALA C 483 2.06 60.72 -33.63
CA ALA C 483 1.71 61.80 -34.57
C ALA C 483 2.67 61.84 -35.75
N GLY C 484 3.81 61.18 -35.63
CA GLY C 484 4.76 61.12 -36.72
C GLY C 484 5.37 62.44 -37.12
N ASP C 485 5.80 63.26 -36.16
CA ASP C 485 6.38 64.56 -36.49
C ASP C 485 7.30 64.99 -35.38
N PHE C 486 8.17 65.94 -35.68
CA PHE C 486 9.18 66.41 -34.73
C PHE C 486 8.57 67.51 -33.86
N VAL C 487 8.40 67.20 -32.57
CA VAL C 487 7.68 68.06 -31.63
C VAL C 487 8.49 68.29 -30.37
N ASN C 488 7.87 68.98 -29.41
CA ASN C 488 8.45 69.24 -28.10
C ASN C 488 8.02 68.12 -27.14
N MET C 489 9.00 67.37 -26.62
CA MET C 489 8.68 66.23 -25.75
C MET C 489 8.00 66.66 -24.46
N VAL C 490 8.60 67.59 -23.72
CA VAL C 490 8.06 67.94 -22.41
C VAL C 490 6.71 68.64 -22.56
N GLU C 491 6.56 69.47 -23.59
CA GLU C 491 5.27 70.12 -23.82
C GLU C 491 4.21 69.10 -24.21
N LYS C 492 4.56 68.12 -25.05
CA LYS C 492 3.60 67.11 -25.48
C LYS C 492 3.47 65.96 -24.49
N GLY C 493 4.26 65.95 -23.41
CA GLY C 493 4.10 64.94 -22.38
C GLY C 493 4.65 63.58 -22.72
N ILE C 494 5.66 63.51 -23.59
CA ILE C 494 6.34 62.25 -23.90
C ILE C 494 7.56 62.19 -22.98
N ILE C 495 7.38 61.59 -21.81
CA ILE C 495 8.44 61.49 -20.82
C ILE C 495 8.52 60.07 -20.30
N ASP C 496 9.70 59.72 -19.78
CA ASP C 496 9.99 58.38 -19.28
C ASP C 496 10.57 58.47 -17.88
N PRO C 497 10.33 57.46 -17.04
CA PRO C 497 11.02 57.42 -15.75
C PRO C 497 12.50 57.11 -15.93
N THR C 498 13.34 57.94 -15.32
CA THR C 498 14.79 57.74 -15.48
C THR C 498 15.25 56.42 -14.87
N LYS C 499 14.57 55.96 -13.81
CA LYS C 499 14.92 54.68 -13.21
C LYS C 499 14.75 53.54 -14.21
N VAL C 500 13.65 53.56 -14.98
CA VAL C 500 13.40 52.50 -15.95
C VAL C 500 14.50 52.47 -16.99
N VAL C 501 14.85 53.64 -17.53
CA VAL C 501 15.87 53.71 -18.59
C VAL C 501 17.21 53.23 -18.07
N ARG C 502 17.63 53.74 -16.91
CA ARG C 502 18.94 53.37 -16.40
C ARG C 502 19.00 51.89 -16.02
N THR C 503 17.92 51.37 -15.44
CA THR C 503 17.89 49.95 -15.08
C THR C 503 17.96 49.06 -16.32
N ALA C 504 17.18 49.40 -17.35
CA ALA C 504 17.19 48.61 -18.56
C ALA C 504 18.57 48.61 -19.20
N LEU C 505 19.18 49.79 -19.33
CA LEU C 505 20.49 49.88 -19.95
C LEU C 505 21.52 49.09 -19.12
N LEU C 506 21.50 49.26 -17.80
CA LEU C 506 22.48 48.62 -16.94
C LEU C 506 22.38 47.10 -17.05
N ASP C 507 21.16 46.55 -16.91
CA ASP C 507 21.01 45.10 -16.96
C ASP C 507 21.35 44.54 -18.33
N ALA C 508 20.89 45.20 -19.40
CA ALA C 508 21.17 44.71 -20.74
C ALA C 508 22.66 44.68 -21.01
N ALA C 509 23.37 45.76 -20.66
CA ALA C 509 24.81 45.78 -20.86
C ALA C 509 25.50 44.72 -20.00
N GLY C 510 25.09 44.61 -18.73
CA GLY C 510 25.76 43.68 -17.84
C GLY C 510 25.65 42.24 -18.30
N VAL C 511 24.52 41.87 -18.90
CA VAL C 511 24.39 40.50 -19.37
C VAL C 511 25.05 40.32 -20.73
N ALA C 512 24.83 41.27 -21.66
CA ALA C 512 25.34 41.09 -23.02
C ALA C 512 26.85 41.13 -23.08
N SER C 513 27.49 42.00 -22.29
CA SER C 513 28.94 42.06 -22.29
C SER C 513 29.54 40.75 -21.79
N LEU C 514 28.95 40.15 -20.76
CA LEU C 514 29.41 38.85 -20.30
C LEU C 514 29.19 37.79 -21.36
N LEU C 515 28.04 37.83 -22.05
CA LEU C 515 27.78 36.85 -23.09
C LEU C 515 28.80 36.93 -24.22
N THR C 516 29.18 38.14 -24.61
CA THR C 516 30.10 38.29 -25.75
C THR C 516 31.52 37.86 -25.44
N THR C 517 31.85 37.30 -24.28
CA THR C 517 33.19 36.84 -23.98
C THR C 517 33.36 35.34 -24.14
N ALA C 518 32.37 34.67 -24.72
CA ALA C 518 32.41 33.22 -24.84
C ALA C 518 33.25 32.79 -26.04
N GLU C 519 33.92 31.65 -25.87
CA GLU C 519 34.72 31.06 -26.95
C GLU C 519 34.34 29.60 -27.14
N VAL C 520 33.93 28.95 -26.06
CA VAL C 520 33.56 27.54 -26.06
C VAL C 520 32.19 27.40 -25.42
N VAL C 521 31.30 26.64 -26.06
CA VAL C 521 29.96 26.40 -25.54
C VAL C 521 29.77 24.90 -25.40
N VAL C 522 29.35 24.47 -24.21
CA VAL C 522 29.12 23.06 -23.91
C VAL C 522 27.64 22.87 -23.62
N THR C 523 26.99 21.98 -24.35
CA THR C 523 25.56 21.73 -24.20
C THR C 523 25.32 20.25 -23.99
N GLU C 524 24.19 19.92 -23.38
CA GLU C 524 23.81 18.53 -23.22
C GLU C 524 23.29 17.99 -24.55
N ILE C 525 23.68 16.75 -24.86
CA ILE C 525 23.23 16.13 -26.11
C ILE C 525 21.72 15.89 -26.04
N PRO C 526 20.95 16.28 -27.05
CA PRO C 526 19.49 16.07 -26.99
C PRO C 526 19.12 14.61 -27.16
N LYS C 527 19.22 13.83 -26.09
CA LYS C 527 18.89 12.41 -26.16
C LYS C 527 17.41 12.20 -26.45
N GLU C 528 16.55 13.04 -25.87
CA GLU C 528 15.11 12.92 -26.08
C GLU C 528 14.55 14.18 -26.72
N GLY D 3 -40.80 13.38 60.47
CA GLY D 3 -42.04 12.70 60.18
C GLY D 3 -42.97 13.50 59.30
N GLN D 4 -42.61 14.76 59.06
CA GLN D 4 -43.43 15.62 58.21
C GLN D 4 -43.38 15.14 56.78
N ALA D 5 -44.49 15.31 56.07
CA ALA D 5 -44.65 14.77 54.72
C ALA D 5 -45.07 15.87 53.77
N PHE D 6 -44.55 15.80 52.54
CA PHE D 6 -45.09 16.61 51.46
C PHE D 6 -46.42 16.01 50.99
N ARG D 7 -46.95 16.56 49.91
CA ARG D 7 -48.23 16.07 49.40
C ARG D 7 -48.09 14.64 48.88
N LYS D 8 -48.79 13.72 49.54
CA LYS D 8 -48.91 12.33 49.10
C LYS D 8 -47.54 11.65 48.99
N PHE D 9 -46.62 11.99 49.88
CA PHE D 9 -45.28 11.44 49.84
C PHE D 9 -44.60 11.56 51.19
N LEU D 10 -43.87 10.52 51.59
CA LEU D 10 -43.09 10.52 52.82
C LEU D 10 -41.75 9.87 52.55
N PRO D 11 -40.64 10.58 52.76
CA PRO D 11 -39.31 9.96 52.61
C PRO D 11 -39.04 8.96 53.72
N LEU D 12 -38.12 8.04 53.45
CA LEU D 12 -37.74 7.01 54.39
C LEU D 12 -36.30 7.23 54.87
N PHE D 13 -36.02 6.75 56.07
CA PHE D 13 -34.69 6.83 56.70
C PHE D 13 -34.32 8.31 56.83
N ASP D 14 -33.13 8.72 56.40
CA ASP D 14 -32.70 10.12 56.53
C ASP D 14 -32.86 10.89 55.22
N ARG D 15 -33.57 10.33 54.25
CA ARG D 15 -33.72 10.99 52.97
C ARG D 15 -34.50 12.30 53.11
N VAL D 16 -34.11 13.30 52.32
CA VAL D 16 -34.71 14.62 52.35
C VAL D 16 -35.14 14.99 50.94
N LEU D 17 -36.39 15.42 50.80
CA LEU D 17 -36.94 15.83 49.51
C LEU D 17 -36.98 17.35 49.46
N VAL D 18 -36.33 17.92 48.45
CA VAL D 18 -36.20 19.37 48.31
C VAL D 18 -36.63 19.75 46.89
N GLU D 19 -36.83 21.04 46.69
CA GLU D 19 -37.17 21.61 45.39
C GLU D 19 -36.18 22.70 45.06
N ARG D 20 -35.62 22.64 43.85
CA ARG D 20 -34.60 23.61 43.44
C ARG D 20 -35.23 24.97 43.17
N SER D 21 -34.48 26.02 43.50
CA SER D 21 -34.97 27.37 43.33
C SER D 21 -35.02 27.75 41.84
N ALA D 22 -35.67 28.88 41.56
CA ALA D 22 -35.79 29.36 40.18
C ALA D 22 -34.43 29.75 39.63
N ALA D 23 -34.15 29.33 38.40
CA ALA D 23 -32.88 29.64 37.77
C ALA D 23 -32.77 31.12 37.44
N GLU D 24 -31.53 31.60 37.37
CA GLU D 24 -31.27 33.02 37.07
C GLU D 24 -31.17 33.17 35.55
N THR D 25 -32.33 33.41 34.94
CA THR D 25 -32.39 33.59 33.50
C THR D 25 -32.18 35.04 33.06
N VAL D 26 -32.20 35.98 34.00
CA VAL D 26 -32.01 37.39 33.70
C VAL D 26 -30.94 37.95 34.63
N THR D 27 -29.93 38.58 34.06
CA THR D 27 -28.85 39.21 34.81
C THR D 27 -29.29 40.59 35.29
N LYS D 28 -28.66 41.06 36.38
CA LYS D 28 -29.00 42.36 36.94
C LYS D 28 -28.89 43.48 35.90
N GLY D 29 -28.01 43.34 34.93
CA GLY D 29 -27.84 44.33 33.88
C GLY D 29 -28.86 44.28 32.77
N GLY D 30 -29.81 43.35 32.83
CA GLY D 30 -30.83 43.19 31.81
C GLY D 30 -30.55 42.12 30.78
N ILE D 31 -29.32 41.59 30.76
CA ILE D 31 -28.99 40.54 29.80
C ILE D 31 -29.62 39.22 30.25
N MET D 32 -30.33 38.57 29.34
CA MET D 32 -30.98 37.30 29.64
C MET D 32 -30.11 36.15 29.14
N LEU D 33 -29.92 35.15 29.99
CA LEU D 33 -29.06 34.03 29.65
C LEU D 33 -29.84 32.97 28.87
N PRO D 34 -29.16 32.23 28.00
CA PRO D 34 -29.83 31.12 27.31
C PRO D 34 -30.20 30.01 28.26
N GLU D 35 -31.25 29.27 27.90
CA GLU D 35 -31.72 28.17 28.74
C GLU D 35 -30.69 27.06 28.83
N LYS D 36 -29.92 26.83 27.76
CA LYS D 36 -28.92 25.77 27.78
C LYS D 36 -27.81 26.03 28.79
N SER D 37 -27.47 27.30 29.01
CA SER D 37 -26.43 27.66 29.96
C SER D 37 -27.01 27.65 31.38
N GLN D 38 -26.25 28.22 32.33
CA GLN D 38 -26.65 28.47 33.71
C GLN D 38 -26.80 27.18 34.52
N GLY D 39 -26.64 26.04 33.86
CA GLY D 39 -26.57 24.76 34.57
C GLY D 39 -27.80 24.48 35.41
N LYS D 40 -27.56 24.02 36.64
CA LYS D 40 -28.60 23.68 37.59
C LYS D 40 -28.42 24.50 38.86
N VAL D 41 -29.54 24.79 39.53
CA VAL D 41 -29.53 25.62 40.72
C VAL D 41 -29.06 24.78 41.90
N LEU D 42 -28.08 25.29 42.64
CA LEU D 42 -27.55 24.60 43.82
C LEU D 42 -28.26 25.01 45.10
N GLN D 43 -29.11 26.02 45.06
CA GLN D 43 -29.85 26.49 46.23
C GLN D 43 -31.26 25.91 46.18
N ALA D 44 -31.66 25.21 47.24
CA ALA D 44 -32.96 24.56 47.27
C ALA D 44 -33.62 24.81 48.62
N THR D 45 -34.88 24.42 48.72
CA THR D 45 -35.66 24.52 49.94
C THR D 45 -36.21 23.15 50.30
N VAL D 46 -36.10 22.79 51.58
CA VAL D 46 -36.55 21.48 52.03
C VAL D 46 -38.06 21.46 52.13
N VAL D 47 -38.69 20.49 51.47
CA VAL D 47 -40.13 20.33 51.52
C VAL D 47 -40.57 19.04 52.20
N ALA D 48 -39.69 18.06 52.39
CA ALA D 48 -40.05 16.84 53.10
C ALA D 48 -38.81 16.28 53.78
N VAL D 49 -39.00 15.76 54.99
CA VAL D 49 -37.91 15.21 55.78
C VAL D 49 -38.21 13.76 56.12
N GLY D 50 -37.15 12.96 56.25
CA GLY D 50 -37.30 11.57 56.57
C GLY D 50 -37.59 11.32 58.04
N SER D 51 -37.93 10.08 58.35
CA SER D 51 -38.26 9.72 59.72
C SER D 51 -37.05 9.86 60.64
N GLY D 52 -35.89 9.40 60.18
CA GLY D 52 -34.69 9.46 61.00
C GLY D 52 -33.75 8.33 60.63
N SER D 53 -32.62 8.31 61.32
CA SER D 53 -31.56 7.35 61.05
C SER D 53 -31.56 6.25 62.11
N LYS D 54 -31.51 5.00 61.65
CA LYS D 54 -31.45 3.84 62.53
C LYS D 54 -30.03 3.28 62.66
N GLY D 55 -29.02 4.07 62.26
CA GLY D 55 -27.65 3.61 62.40
C GLY D 55 -27.29 3.28 63.84
N LYS D 56 -27.75 4.10 64.78
CA LYS D 56 -27.60 3.82 66.19
C LYS D 56 -28.87 3.14 66.69
N GLY D 57 -28.72 1.95 67.27
CA GLY D 57 -29.87 1.18 67.68
C GLY D 57 -30.64 1.83 68.82
N GLY D 58 -31.90 1.44 68.93
CA GLY D 58 -32.77 1.98 69.95
C GLY D 58 -33.72 3.04 69.43
N GLU D 59 -33.49 4.29 69.83
CA GLU D 59 -34.35 5.40 69.42
C GLU D 59 -33.99 5.86 68.01
N ILE D 60 -34.75 6.84 67.52
CA ILE D 60 -34.52 7.42 66.22
C ILE D 60 -33.70 8.71 66.38
N GLN D 61 -33.02 9.08 65.31
CA GLN D 61 -32.23 10.32 65.27
C GLN D 61 -32.78 11.22 64.18
N PRO D 62 -33.54 12.26 64.53
CA PRO D 62 -34.16 13.11 63.50
C PRO D 62 -33.14 13.87 62.69
N VAL D 63 -33.52 14.19 61.46
CA VAL D 63 -32.64 14.92 60.55
C VAL D 63 -32.40 16.33 61.09
N SER D 64 -31.28 16.92 60.67
CA SER D 64 -30.91 18.25 61.13
C SER D 64 -31.61 19.38 60.39
N VAL D 65 -32.30 19.08 59.30
CA VAL D 65 -33.02 20.09 58.54
C VAL D 65 -34.51 19.87 58.72
N LYS D 66 -35.29 20.91 58.42
CA LYS D 66 -36.74 20.85 58.56
C LYS D 66 -37.38 21.46 57.31
N VAL D 67 -38.69 21.26 57.20
CA VAL D 67 -39.42 21.73 56.03
C VAL D 67 -39.39 23.26 55.97
N GLY D 68 -39.09 23.78 54.78
CA GLY D 68 -39.03 25.21 54.57
C GLY D 68 -37.66 25.83 54.70
N ASP D 69 -36.68 25.09 55.23
CA ASP D 69 -35.34 25.62 55.38
C ASP D 69 -34.62 25.66 54.04
N LYS D 70 -33.75 26.65 53.87
CA LYS D 70 -33.00 26.84 52.63
C LYS D 70 -31.61 26.22 52.79
N VAL D 71 -31.22 25.41 51.82
CA VAL D 71 -29.97 24.67 51.88
C VAL D 71 -29.25 24.76 50.53
N LEU D 72 -27.98 24.38 50.56
CA LEU D 72 -27.14 24.30 49.37
C LEU D 72 -26.92 22.84 49.01
N LEU D 73 -27.14 22.51 47.75
CA LEU D 73 -27.07 21.12 47.32
C LEU D 73 -25.74 20.83 46.63
N PRO D 74 -25.26 19.58 46.72
CA PRO D 74 -24.02 19.22 46.03
C PRO D 74 -24.24 19.11 44.53
N GLU D 75 -23.12 19.17 43.80
CA GLU D 75 -23.19 19.07 42.33
C GLU D 75 -23.65 17.68 41.90
N TYR D 76 -23.24 16.65 42.63
CA TYR D 76 -23.57 15.28 42.29
C TYR D 76 -24.46 14.66 43.36
N GLY D 77 -25.15 13.60 42.99
CA GLY D 77 -26.07 12.91 43.86
C GLY D 77 -27.49 13.42 43.71
N GLY D 78 -28.41 12.72 44.38
CA GLY D 78 -29.81 13.06 44.34
C GLY D 78 -30.56 12.24 43.31
N THR D 79 -31.87 12.10 43.53
CA THR D 79 -32.75 11.32 42.68
C THR D 79 -33.94 12.16 42.27
N LYS D 80 -34.34 12.04 41.01
CA LYS D 80 -35.47 12.80 40.48
C LYS D 80 -36.78 12.16 40.91
N VAL D 81 -37.68 12.98 41.45
CA VAL D 81 -39.01 12.53 41.87
C VAL D 81 -40.04 13.45 41.22
N VAL D 82 -41.17 12.89 40.81
CA VAL D 82 -42.24 13.63 40.16
C VAL D 82 -43.46 13.60 41.07
N LEU D 83 -43.91 14.78 41.48
CA LEU D 83 -45.09 14.93 42.32
C LEU D 83 -45.97 16.02 41.73
N ASP D 84 -47.20 15.64 41.33
CA ASP D 84 -48.12 16.55 40.65
C ASP D 84 -47.45 17.20 39.44
N ASP D 85 -46.79 16.36 38.64
CA ASP D 85 -46.08 16.79 37.43
C ASP D 85 -45.00 17.83 37.73
N LYS D 86 -44.65 18.00 39.00
CA LYS D 86 -43.57 18.90 39.37
C LYS D 86 -42.34 18.10 39.79
N ASP D 87 -41.17 18.70 39.58
CA ASP D 87 -39.90 18.03 39.78
C ASP D 87 -39.39 18.34 41.19
N TYR D 88 -38.88 17.30 41.86
CA TYR D 88 -38.23 17.44 43.16
C TYR D 88 -37.01 16.54 43.18
N PHE D 89 -36.09 16.82 44.10
CA PHE D 89 -34.86 16.08 44.21
C PHE D 89 -34.71 15.50 45.61
N LEU D 90 -34.37 14.22 45.69
CA LEU D 90 -34.23 13.51 46.95
C LEU D 90 -32.76 13.25 47.21
N PHE D 91 -32.29 13.67 48.38
CA PHE D 91 -30.90 13.49 48.80
C PHE D 91 -30.88 12.77 50.14
N ARG D 92 -29.68 12.60 50.68
CA ARG D 92 -29.48 12.13 52.04
C ARG D 92 -29.09 13.31 52.93
N ASP D 93 -29.15 13.08 54.24
CA ASP D 93 -28.78 14.13 55.18
C ASP D 93 -27.32 14.53 55.04
N GLY D 94 -26.43 13.55 54.88
CA GLY D 94 -25.01 13.84 54.79
C GLY D 94 -24.60 14.54 53.52
N ASP D 95 -25.44 14.51 52.49
CA ASP D 95 -25.10 15.15 51.23
C ASP D 95 -25.31 16.66 51.24
N ILE D 96 -26.05 17.18 52.22
CA ILE D 96 -26.34 18.60 52.28
C ILE D 96 -25.14 19.32 52.90
N LEU D 97 -24.55 20.26 52.15
CA LEU D 97 -23.37 20.96 52.64
C LEU D 97 -23.71 21.90 53.78
N GLY D 98 -24.74 22.71 53.62
CA GLY D 98 -25.07 23.70 54.64
C GLY D 98 -26.46 24.26 54.42
N LYS D 99 -26.87 25.08 55.39
CA LYS D 99 -28.20 25.69 55.40
C LYS D 99 -28.07 27.20 55.38
N TYR D 100 -29.06 27.86 54.77
CA TYR D 100 -29.11 29.32 54.72
C TYR D 100 -29.91 29.80 55.93
N VAL D 101 -29.20 30.29 56.95
CA VAL D 101 -29.86 30.81 58.15
C VAL D 101 -30.31 32.23 57.87
N ASP D 102 -31.61 32.47 58.02
CA ASP D 102 -32.18 33.78 57.74
C ASP D 102 -33.51 33.97 58.48
N GLY E 1 10.52 25.75 -21.04
CA GLY E 1 10.78 24.34 -20.88
C GLY E 1 10.43 23.52 -22.10
N SER E 2 9.40 23.96 -22.82
CA SER E 2 8.92 23.29 -24.03
C SER E 2 9.30 24.12 -25.25
N ALA E 3 9.88 23.46 -26.26
CA ALA E 3 10.30 24.15 -27.47
C ALA E 3 9.09 24.78 -28.16
N LYS E 4 9.30 25.96 -28.72
CA LYS E 4 8.22 26.74 -29.32
C LYS E 4 8.51 27.00 -30.79
N ASP E 5 7.44 27.19 -31.55
CA ASP E 5 7.49 27.62 -32.94
C ASP E 5 6.95 29.03 -33.03
N VAL E 6 7.73 29.93 -33.64
CA VAL E 6 7.41 31.34 -33.72
C VAL E 6 7.19 31.70 -35.19
N LYS E 7 6.03 32.28 -35.48
CA LYS E 7 5.69 32.67 -36.84
C LYS E 7 5.43 34.17 -36.89
N PHE E 8 5.91 34.81 -37.94
CA PHE E 8 5.92 36.25 -38.08
C PHE E 8 5.01 36.70 -39.20
N GLY E 9 4.31 37.80 -38.97
CA GLY E 9 3.65 38.52 -40.05
C GLY E 9 2.52 37.75 -40.69
N ALA E 10 2.53 37.70 -42.03
CA ALA E 10 1.35 37.29 -42.79
C ALA E 10 1.08 35.80 -42.69
N ASP E 11 2.10 34.98 -42.43
CA ASP E 11 1.89 33.53 -42.37
C ASP E 11 1.00 33.16 -41.18
N ALA E 12 1.33 33.68 -40.00
CA ALA E 12 0.52 33.41 -38.82
C ALA E 12 -0.89 33.96 -38.99
N ARG E 13 -1.01 35.17 -39.55
CA ARG E 13 -2.34 35.73 -39.78
C ARG E 13 -3.15 34.85 -40.73
N ALA E 14 -2.52 34.35 -41.79
CA ALA E 14 -3.22 33.49 -42.73
C ALA E 14 -3.68 32.19 -42.07
N LEU E 15 -2.82 31.59 -41.25
CA LEU E 15 -3.21 30.35 -40.59
C LEU E 15 -4.34 30.57 -39.59
N MET E 16 -4.27 31.64 -38.80
CA MET E 16 -5.35 31.94 -37.87
C MET E 16 -6.64 32.24 -38.63
N LEU E 17 -6.53 32.93 -39.76
CA LEU E 17 -7.72 33.20 -40.57
C LEU E 17 -8.31 31.90 -41.12
N GLN E 18 -7.45 30.96 -41.49
CA GLN E 18 -7.95 29.66 -41.95
C GLN E 18 -8.73 28.96 -40.85
N GLY E 19 -8.19 28.96 -39.64
CA GLY E 19 -8.90 28.34 -38.52
C GLY E 19 -10.23 29.02 -38.23
N VAL E 20 -10.23 30.36 -38.22
CA VAL E 20 -11.44 31.11 -37.96
C VAL E 20 -12.49 30.84 -39.03
N ASP E 21 -12.07 30.84 -40.30
CA ASP E 21 -12.99 30.57 -41.38
C ASP E 21 -13.56 29.16 -41.30
N LEU E 22 -12.74 28.17 -40.96
CA LEU E 22 -13.26 26.82 -40.83
C LEU E 22 -14.32 26.74 -39.73
N LEU E 23 -14.01 27.28 -38.55
CA LEU E 23 -14.96 27.21 -37.45
C LEU E 23 -16.24 27.97 -37.77
N ALA E 24 -16.12 29.16 -38.37
CA ALA E 24 -17.30 29.96 -38.63
C ALA E 24 -18.10 29.42 -39.81
N ASP E 25 -17.46 28.73 -40.75
CA ASP E 25 -18.19 28.06 -41.81
C ASP E 25 -18.97 26.88 -41.26
N ALA E 26 -18.39 26.15 -40.30
CA ALA E 26 -19.12 25.08 -39.65
C ALA E 26 -20.30 25.63 -38.86
N VAL E 27 -20.10 26.74 -38.16
CA VAL E 27 -21.16 27.30 -37.32
C VAL E 27 -22.27 27.91 -38.17
N ALA E 28 -21.90 28.66 -39.21
CA ALA E 28 -22.83 29.54 -39.92
C ALA E 28 -23.91 28.80 -40.69
N VAL E 29 -23.78 27.49 -40.90
CA VAL E 29 -24.83 26.73 -41.58
C VAL E 29 -26.04 26.50 -40.70
N THR E 30 -26.01 26.98 -39.45
CA THR E 30 -27.12 26.84 -38.51
C THR E 30 -27.76 28.19 -38.23
N MET E 31 -27.85 29.04 -39.24
CA MET E 31 -28.34 30.40 -39.08
C MET E 31 -29.57 30.62 -39.95
N GLY E 32 -30.59 31.24 -39.38
CA GLY E 32 -31.80 31.56 -40.11
C GLY E 32 -32.86 30.49 -39.98
N PRO E 33 -34.08 30.81 -40.40
CA PRO E 33 -35.14 29.79 -40.36
C PRO E 33 -34.88 28.59 -41.25
N LYS E 34 -34.10 28.77 -42.32
CA LYS E 34 -33.79 27.69 -43.24
C LYS E 34 -32.43 27.06 -42.97
N GLY E 35 -31.82 27.36 -41.84
CA GLY E 35 -30.54 26.74 -41.51
C GLY E 35 -30.68 25.27 -41.22
N ARG E 36 -29.58 24.54 -41.44
CA ARG E 36 -29.55 23.10 -41.24
C ARG E 36 -28.78 22.77 -39.97
N THR E 37 -28.84 21.50 -39.57
CA THR E 37 -28.27 21.04 -38.31
C THR E 37 -26.89 20.46 -38.51
N VAL E 38 -26.18 20.27 -37.40
CA VAL E 38 -24.82 19.74 -37.38
C VAL E 38 -24.81 18.52 -36.49
N ILE E 39 -24.16 17.45 -36.96
CA ILE E 39 -24.03 16.21 -36.19
C ILE E 39 -22.62 16.17 -35.61
N ILE E 40 -22.54 16.08 -34.29
CA ILE E 40 -21.27 16.03 -33.57
C ILE E 40 -21.14 14.65 -32.94
N GLU E 41 -20.06 13.95 -33.26
CA GLU E 41 -19.86 12.62 -32.72
C GLU E 41 -19.56 12.69 -31.23
N GLN E 42 -20.27 11.89 -30.44
CA GLN E 42 -20.03 11.75 -29.02
C GLN E 42 -19.25 10.46 -28.78
N SER E 43 -18.19 10.54 -27.99
CA SER E 43 -17.30 9.40 -27.80
C SER E 43 -18.03 8.26 -27.08
N TRP E 44 -18.89 8.59 -26.12
CA TRP E 44 -19.53 7.54 -25.32
C TRP E 44 -20.71 6.90 -26.05
N GLY E 45 -21.70 7.71 -26.42
CA GLY E 45 -22.91 7.16 -26.98
C GLY E 45 -23.35 7.76 -28.29
N SER E 46 -24.64 8.06 -28.40
CA SER E 46 -25.21 8.53 -29.66
C SER E 46 -24.69 9.93 -29.99
N PRO E 47 -24.53 10.24 -31.28
CA PRO E 47 -24.10 11.58 -31.68
C PRO E 47 -25.18 12.62 -31.38
N LYS E 48 -24.73 13.86 -31.24
CA LYS E 48 -25.62 14.98 -30.93
C LYS E 48 -25.94 15.72 -32.22
N VAL E 49 -27.23 15.79 -32.56
CA VAL E 49 -27.70 16.59 -33.67
C VAL E 49 -28.19 17.92 -33.10
N THR E 50 -27.49 19.00 -33.43
CA THR E 50 -27.74 20.28 -32.78
C THR E 50 -27.79 21.39 -33.82
N LYS E 51 -28.50 22.46 -33.45
CA LYS E 51 -28.57 23.68 -34.25
C LYS E 51 -28.10 24.90 -33.46
N ASP E 52 -27.36 24.67 -32.39
CA ASP E 52 -26.91 25.73 -31.49
C ASP E 52 -25.51 26.18 -31.90
N GLY E 53 -25.32 27.50 -31.99
CA GLY E 53 -24.03 28.02 -32.43
C GLY E 53 -22.91 27.71 -31.46
N VAL E 54 -23.14 27.92 -30.16
CA VAL E 54 -22.08 27.72 -29.18
C VAL E 54 -21.77 26.23 -29.03
N THR E 55 -22.77 25.36 -29.19
CA THR E 55 -22.50 23.93 -29.11
C THR E 55 -21.60 23.47 -30.25
N VAL E 56 -21.83 23.98 -31.45
CA VAL E 56 -20.98 23.64 -32.59
C VAL E 56 -19.59 24.24 -32.40
N ALA E 57 -19.52 25.47 -31.90
CA ALA E 57 -18.23 26.13 -31.72
C ALA E 57 -17.37 25.39 -30.70
N LYS E 58 -17.94 25.06 -29.53
CA LYS E 58 -17.17 24.46 -28.46
C LYS E 58 -16.71 23.04 -28.79
N SER E 59 -17.32 22.39 -29.76
CA SER E 59 -17.02 21.00 -30.08
C SER E 59 -15.98 20.86 -31.19
N ILE E 60 -15.40 21.96 -31.65
CA ILE E 60 -14.44 21.93 -32.76
C ILE E 60 -13.07 22.30 -32.22
N ASP E 61 -12.12 21.37 -32.37
CA ASP E 61 -10.72 21.60 -32.05
C ASP E 61 -9.89 21.13 -33.23
N LEU E 62 -8.86 21.89 -33.58
CA LEU E 62 -8.06 21.64 -34.77
C LEU E 62 -6.66 21.20 -34.37
N LYS E 63 -6.07 20.35 -35.21
CA LYS E 63 -4.73 19.82 -34.93
C LYS E 63 -3.67 20.90 -35.04
N ASP E 64 -3.72 21.69 -36.11
CA ASP E 64 -2.73 22.75 -36.30
C ASP E 64 -2.88 23.80 -35.21
N LYS E 65 -1.75 24.23 -34.67
CA LYS E 65 -1.77 25.09 -33.49
C LYS E 65 -2.31 26.48 -33.80
N TYR E 66 -1.97 27.04 -34.96
CA TYR E 66 -2.43 28.38 -35.30
C TYR E 66 -3.93 28.40 -35.62
N LYS E 67 -4.37 27.43 -36.43
CA LYS E 67 -5.80 27.27 -36.65
C LYS E 67 -6.52 26.99 -35.35
N ASN E 68 -5.87 26.26 -34.43
CA ASN E 68 -6.45 26.04 -33.11
C ASN E 68 -6.58 27.34 -32.33
N ILE E 69 -5.61 28.25 -32.48
CA ILE E 69 -5.68 29.54 -31.80
C ILE E 69 -6.87 30.34 -32.32
N GLY E 70 -7.02 30.38 -33.64
CA GLY E 70 -8.17 31.07 -34.21
C GLY E 70 -9.49 30.46 -33.77
N ALA E 71 -9.56 29.13 -33.77
CA ALA E 71 -10.77 28.46 -33.31
C ALA E 71 -11.05 28.74 -31.85
N LYS E 72 -10.01 28.81 -31.02
CA LYS E 72 -10.18 29.11 -29.60
C LYS E 72 -10.73 30.53 -29.42
N LEU E 73 -10.24 31.49 -30.19
CA LEU E 73 -10.77 32.84 -30.07
C LEU E 73 -12.23 32.92 -30.50
N VAL E 74 -12.59 32.23 -31.59
CA VAL E 74 -13.99 32.23 -32.01
C VAL E 74 -14.85 31.50 -30.98
N GLN E 75 -14.31 30.46 -30.35
CA GLN E 75 -15.01 29.77 -29.28
C GLN E 75 -15.24 30.69 -28.10
N ASP E 76 -14.25 31.54 -27.79
CA ASP E 76 -14.44 32.53 -26.73
C ASP E 76 -15.56 33.49 -27.08
N VAL E 77 -15.62 33.93 -28.33
CA VAL E 77 -16.70 34.82 -28.77
C VAL E 77 -18.05 34.15 -28.54
N ALA E 78 -18.18 32.91 -29.02
CA ALA E 78 -19.46 32.21 -28.92
C ALA E 78 -19.84 31.95 -27.47
N ASN E 79 -18.86 31.55 -26.65
CA ASN E 79 -19.13 31.25 -25.25
C ASN E 79 -19.55 32.50 -24.49
N ASN E 80 -18.87 33.62 -24.71
CA ASN E 80 -19.26 34.86 -24.03
C ASN E 80 -20.66 35.29 -24.45
N THR E 81 -20.96 35.20 -25.74
CA THR E 81 -22.29 35.57 -26.22
C THR E 81 -23.36 34.65 -25.61
N ASN E 82 -23.07 33.36 -25.49
CA ASN E 82 -24.05 32.44 -24.93
C ASN E 82 -24.26 32.69 -23.44
N GLU E 83 -23.18 32.90 -22.69
CA GLU E 83 -23.31 33.08 -21.24
C GLU E 83 -23.95 34.40 -20.88
N GLU E 84 -23.67 35.47 -21.65
CA GLU E 84 -24.21 36.77 -21.27
C GLU E 84 -25.66 36.93 -21.74
N ALA E 85 -25.94 36.58 -22.99
CA ALA E 85 -27.26 36.81 -23.58
C ALA E 85 -28.12 35.55 -23.64
N GLY E 86 -27.53 34.39 -23.91
CA GLY E 86 -28.29 33.16 -24.07
C GLY E 86 -28.75 32.87 -25.49
N ASP E 87 -28.51 33.78 -26.43
CA ASP E 87 -28.89 33.58 -27.82
C ASP E 87 -27.95 34.41 -28.69
N GLY E 88 -28.15 34.32 -30.00
CA GLY E 88 -27.32 35.05 -30.92
C GLY E 88 -25.89 34.60 -30.97
N THR E 89 -25.63 33.30 -30.81
CA THR E 89 -24.26 32.80 -30.86
C THR E 89 -23.75 32.76 -32.29
N THR E 90 -24.57 32.30 -33.23
CA THR E 90 -24.15 32.25 -34.63
C THR E 90 -23.93 33.65 -35.19
N THR E 91 -24.78 34.61 -34.79
CA THR E 91 -24.59 35.99 -35.22
C THR E 91 -23.25 36.52 -34.73
N ALA E 92 -22.92 36.27 -33.47
CA ALA E 92 -21.63 36.71 -32.94
C ALA E 92 -20.48 36.03 -33.67
N THR E 93 -20.62 34.75 -33.98
CA THR E 93 -19.56 34.03 -34.66
C THR E 93 -19.31 34.60 -36.06
N VAL E 94 -20.38 34.83 -36.82
CA VAL E 94 -20.20 35.34 -38.18
C VAL E 94 -19.68 36.78 -38.14
N LEU E 95 -20.14 37.59 -37.17
CA LEU E 95 -19.61 38.93 -37.04
C LEU E 95 -18.13 38.91 -36.70
N ALA E 96 -17.72 38.01 -35.81
CA ALA E 96 -16.29 37.90 -35.46
C ALA E 96 -15.46 37.49 -36.67
N ARG E 97 -15.93 36.50 -37.43
CA ARG E 97 -15.18 36.09 -38.61
C ARG E 97 -15.07 37.24 -39.61
N SER E 98 -16.17 37.96 -39.82
CA SER E 98 -16.14 39.07 -40.78
C SER E 98 -15.18 40.16 -40.34
N ILE E 99 -15.22 40.52 -39.05
CA ILE E 99 -14.33 41.58 -38.56
C ILE E 99 -12.88 41.14 -38.68
N ALA E 100 -12.57 39.90 -38.31
CA ALA E 100 -11.21 39.42 -38.41
C ALA E 100 -10.73 39.42 -39.86
N LYS E 101 -11.56 38.92 -40.77
CA LYS E 101 -11.18 38.86 -42.18
C LYS E 101 -10.96 40.26 -42.75
N GLU E 102 -11.88 41.18 -42.46
CA GLU E 102 -11.75 42.53 -42.99
C GLU E 102 -10.52 43.23 -42.42
N GLY E 103 -10.25 43.02 -41.13
CA GLY E 103 -9.10 43.67 -40.53
C GLY E 103 -7.76 43.09 -40.93
N PHE E 104 -7.74 41.81 -41.32
CA PHE E 104 -6.46 41.18 -41.66
C PHE E 104 -5.84 41.78 -42.91
N GLU E 105 -6.64 42.03 -43.95
CA GLU E 105 -6.07 42.62 -45.16
C GLU E 105 -5.75 44.09 -44.97
N LYS E 106 -6.44 44.78 -44.07
CA LYS E 106 -6.16 46.18 -43.81
C LYS E 106 -4.82 46.39 -43.10
N ILE E 107 -4.23 45.35 -42.53
CA ILE E 107 -2.94 45.46 -41.87
C ILE E 107 -1.85 45.57 -42.92
N SER E 108 -1.02 46.59 -42.80
CA SER E 108 0.08 46.82 -43.73
C SER E 108 1.29 47.30 -42.94
N LYS E 109 2.33 47.72 -43.65
CA LYS E 109 3.53 48.23 -42.99
C LYS E 109 3.24 49.54 -42.26
N GLY E 110 2.48 50.43 -42.89
CA GLY E 110 2.16 51.72 -42.31
C GLY E 110 0.90 51.77 -41.48
N ALA E 111 0.10 50.72 -41.51
CA ALA E 111 -1.14 50.71 -40.74
C ALA E 111 -0.86 50.58 -39.26
N ASN E 112 -1.78 51.08 -38.44
CA ASN E 112 -1.68 51.02 -36.98
C ASN E 112 -2.83 50.17 -36.45
N PRO E 113 -2.59 48.88 -36.17
CA PRO E 113 -3.71 48.01 -35.75
C PRO E 113 -4.38 48.46 -34.46
N VAL E 114 -3.64 49.05 -33.52
CA VAL E 114 -4.25 49.47 -32.27
C VAL E 114 -5.25 50.60 -32.51
N GLU E 115 -4.90 51.56 -33.35
CA GLU E 115 -5.83 52.65 -33.66
C GLU E 115 -7.01 52.14 -34.47
N ILE E 116 -6.80 51.15 -35.34
CA ILE E 116 -7.91 50.53 -36.04
C ILE E 116 -8.87 49.89 -35.05
N ARG E 117 -8.33 49.19 -34.04
CA ARG E 117 -9.16 48.59 -33.00
C ARG E 117 -9.93 49.66 -32.23
N ARG E 118 -9.27 50.77 -31.89
CA ARG E 118 -9.95 51.85 -31.19
C ARG E 118 -11.10 52.40 -32.02
N GLY E 119 -10.87 52.60 -33.33
CA GLY E 119 -11.95 53.05 -34.19
C GLY E 119 -13.08 52.04 -34.28
N VAL E 120 -12.75 50.75 -34.28
CA VAL E 120 -13.78 49.71 -34.31
C VAL E 120 -14.63 49.78 -33.05
N MET E 121 -14.00 49.93 -31.89
CA MET E 121 -14.76 50.04 -30.65
C MET E 121 -15.63 51.29 -30.64
N LEU E 122 -15.11 52.41 -31.17
CA LEU E 122 -15.91 53.63 -31.25
C LEU E 122 -17.14 53.43 -32.14
N ALA E 123 -16.95 52.80 -33.30
CA ALA E 123 -18.07 52.54 -34.20
C ALA E 123 -19.08 51.61 -33.56
N VAL E 124 -18.60 50.59 -32.84
CA VAL E 124 -19.50 49.65 -32.18
C VAL E 124 -20.30 50.35 -31.08
N ASP E 125 -19.66 51.26 -30.34
CA ASP E 125 -20.38 52.03 -29.33
C ASP E 125 -21.46 52.88 -29.98
N ALA E 126 -21.16 53.51 -31.12
CA ALA E 126 -22.17 54.30 -31.81
C ALA E 126 -23.34 53.43 -32.28
N VAL E 127 -23.03 52.25 -32.82
CA VAL E 127 -24.07 51.35 -33.30
C VAL E 127 -24.94 50.87 -32.13
N ILE E 128 -24.32 50.58 -31.00
CA ILE E 128 -25.07 50.14 -29.83
C ILE E 128 -25.99 51.26 -29.33
N ALA E 129 -25.49 52.50 -29.34
CA ALA E 129 -26.33 53.63 -28.95
C ALA E 129 -27.53 53.76 -29.88
N GLU E 130 -27.30 53.63 -31.19
CA GLU E 130 -28.40 53.69 -32.14
C GLU E 130 -29.41 52.57 -31.91
N LEU E 131 -28.91 51.35 -31.65
CA LEU E 131 -29.79 50.23 -31.40
C LEU E 131 -30.64 50.46 -30.15
N LYS E 132 -30.04 51.00 -29.09
CA LYS E 132 -30.80 51.32 -27.90
C LYS E 132 -31.84 52.39 -28.18
N LYS E 133 -31.49 53.38 -29.01
CA LYS E 133 -32.43 54.44 -29.34
C LYS E 133 -33.63 53.91 -30.11
N GLN E 134 -33.41 53.00 -31.07
CA GLN E 134 -34.46 52.58 -31.98
C GLN E 134 -35.27 51.40 -31.46
N SER E 135 -34.95 50.85 -30.29
CA SER E 135 -35.70 49.74 -29.76
C SER E 135 -37.00 50.21 -29.12
N LYS E 136 -37.93 49.28 -28.93
CA LYS E 136 -39.20 49.56 -28.28
C LYS E 136 -39.52 48.48 -27.26
N PRO E 137 -40.25 48.82 -26.21
CA PRO E 137 -40.52 47.84 -25.15
C PRO E 137 -41.57 46.81 -25.57
N VAL E 138 -41.64 45.74 -24.78
CA VAL E 138 -42.60 44.67 -24.98
C VAL E 138 -43.78 44.89 -24.05
N THR E 139 -44.99 44.92 -24.60
CA THR E 139 -46.20 45.20 -23.83
C THR E 139 -47.20 44.05 -23.84
N THR E 140 -47.50 43.50 -25.02
CA THR E 140 -48.55 42.49 -25.08
C THR E 140 -47.96 41.09 -25.07
N PRO E 141 -48.71 40.10 -24.57
CA PRO E 141 -48.23 38.71 -24.66
C PRO E 141 -48.11 38.19 -26.08
N GLU E 142 -48.79 38.82 -27.04
CA GLU E 142 -48.62 38.43 -28.43
C GLU E 142 -47.19 38.63 -28.90
N GLU E 143 -46.56 39.72 -28.48
CA GLU E 143 -45.16 39.94 -28.80
C GLU E 143 -44.29 38.88 -28.13
N ILE E 144 -44.65 38.45 -26.92
CA ILE E 144 -43.91 37.38 -26.25
C ILE E 144 -43.99 36.10 -27.06
N ALA E 145 -45.19 35.75 -27.54
CA ALA E 145 -45.35 34.56 -28.37
C ALA E 145 -44.56 34.68 -29.66
N GLN E 146 -44.58 35.86 -30.28
CA GLN E 146 -43.82 36.06 -31.52
C GLN E 146 -42.33 35.89 -31.29
N VAL E 147 -41.81 36.45 -30.19
CA VAL E 147 -40.39 36.35 -29.90
C VAL E 147 -40.00 34.90 -29.65
N ALA E 148 -40.82 34.19 -28.86
CA ALA E 148 -40.52 32.79 -28.57
C ALA E 148 -40.58 31.95 -29.85
N THR E 149 -41.55 32.21 -30.72
CA THR E 149 -41.65 31.46 -31.97
C THR E 149 -40.45 31.73 -32.88
N ILE E 150 -40.04 33.00 -32.98
CA ILE E 150 -38.89 33.32 -33.82
C ILE E 150 -37.62 32.66 -33.29
N SER E 151 -37.42 32.70 -31.97
CA SER E 151 -36.21 32.12 -31.39
C SER E 151 -36.23 30.60 -31.40
N ALA E 152 -37.39 29.99 -31.58
CA ALA E 152 -37.52 28.54 -31.61
C ALA E 152 -37.64 28.01 -33.04
N ASN E 153 -36.96 28.64 -33.99
CA ASN E 153 -36.94 28.21 -35.39
C ASN E 153 -38.36 28.15 -35.98
N GLY E 154 -39.17 29.15 -35.65
CA GLY E 154 -40.52 29.24 -36.20
C GLY E 154 -41.46 28.15 -35.79
N ASP E 155 -41.44 27.76 -34.51
CA ASP E 155 -42.34 26.74 -33.98
C ASP E 155 -43.44 27.44 -33.20
N LYS E 156 -44.67 27.39 -33.73
CA LYS E 156 -45.78 28.08 -33.09
C LYS E 156 -46.13 27.47 -31.74
N GLU E 157 -46.05 26.13 -31.64
CA GLU E 157 -46.43 25.45 -30.41
C GLU E 157 -45.54 25.86 -29.24
N ILE E 158 -44.23 25.95 -29.47
CA ILE E 158 -43.31 26.32 -28.40
C ILE E 158 -43.58 27.76 -27.96
N GLY E 159 -43.80 28.66 -28.92
CA GLY E 159 -44.11 30.03 -28.58
C GLY E 159 -45.38 30.16 -27.76
N ASN E 160 -46.43 29.43 -28.16
CA ASN E 160 -47.67 29.45 -27.40
C ASN E 160 -47.48 28.89 -26.00
N ILE E 161 -46.71 27.81 -25.87
CA ILE E 161 -46.46 27.21 -24.57
C ILE E 161 -45.74 28.19 -23.65
N ILE E 162 -44.71 28.84 -24.18
CA ILE E 162 -43.94 29.79 -23.36
C ILE E 162 -44.79 30.99 -22.98
N SER E 163 -45.60 31.49 -23.93
CA SER E 163 -46.47 32.61 -23.62
C SER E 163 -47.48 32.24 -22.54
N ASP E 164 -48.07 31.05 -22.63
CA ASP E 164 -49.02 30.61 -21.61
C ASP E 164 -48.34 30.47 -20.26
N ALA E 165 -47.13 29.90 -20.23
CA ALA E 165 -46.42 29.75 -18.96
C ALA E 165 -46.12 31.11 -18.33
N MET E 166 -45.68 32.08 -19.15
CA MET E 166 -45.38 33.40 -18.61
C MET E 166 -46.64 34.13 -18.18
N LYS E 167 -47.76 33.91 -18.88
CA LYS E 167 -49.01 34.50 -18.43
C LYS E 167 -49.43 33.92 -17.08
N LYS E 168 -49.28 32.62 -16.90
CA LYS E 168 -49.73 31.98 -15.66
C LYS E 168 -48.81 32.23 -14.47
N VAL E 169 -47.50 32.33 -14.68
CA VAL E 169 -46.56 32.49 -13.58
C VAL E 169 -45.93 33.88 -13.53
N GLY E 170 -46.30 34.77 -14.43
CA GLY E 170 -45.68 36.08 -14.45
C GLY E 170 -44.50 36.13 -15.42
N ARG E 171 -44.26 37.35 -15.94
CA ARG E 171 -43.20 37.53 -16.92
C ARG E 171 -41.81 37.33 -16.34
N LYS E 172 -41.66 37.32 -15.02
CA LYS E 172 -40.39 37.09 -14.36
C LYS E 172 -40.49 35.92 -13.38
N GLY E 173 -41.25 34.90 -13.75
CA GLY E 173 -41.40 33.72 -12.92
C GLY E 173 -40.26 32.74 -13.12
N VAL E 174 -40.41 31.59 -12.50
CA VAL E 174 -39.41 30.51 -12.55
C VAL E 174 -39.94 29.45 -13.50
N ILE E 175 -39.36 29.35 -14.69
CA ILE E 175 -39.73 28.38 -15.70
C ILE E 175 -38.51 27.49 -15.97
N THR E 176 -38.70 26.19 -15.87
CA THR E 176 -37.64 25.22 -16.12
C THR E 176 -38.05 24.29 -17.24
N VAL E 177 -37.05 23.72 -17.90
CA VAL E 177 -37.24 22.86 -19.06
C VAL E 177 -36.57 21.52 -18.78
N LYS E 178 -37.30 20.42 -19.01
CA LYS E 178 -36.70 19.11 -18.84
C LYS E 178 -37.34 18.14 -19.84
N ASP E 179 -36.61 17.05 -20.09
CA ASP E 179 -37.04 16.09 -21.10
C ASP E 179 -38.34 15.42 -20.72
N GLY E 180 -39.17 15.14 -21.71
CA GLY E 180 -40.43 14.45 -21.53
C GLY E 180 -40.39 13.09 -22.20
N LYS E 181 -41.06 12.12 -21.59
CA LYS E 181 -41.11 10.76 -22.12
C LYS E 181 -42.21 10.57 -23.15
N THR E 182 -43.02 11.59 -23.42
CA THR E 182 -44.13 11.48 -24.35
C THR E 182 -43.77 12.12 -25.69
N LEU E 183 -44.71 12.08 -26.63
CA LEU E 183 -44.47 12.62 -27.96
C LEU E 183 -44.55 14.13 -28.03
N ASN E 184 -45.46 14.74 -27.26
CA ASN E 184 -45.73 16.16 -27.37
C ASN E 184 -45.36 16.90 -26.09
N ASP E 185 -45.09 18.19 -26.24
CA ASP E 185 -44.68 19.01 -25.11
C ASP E 185 -45.83 19.20 -24.13
N GLU E 186 -45.49 19.30 -22.84
CA GLU E 186 -46.46 19.57 -21.80
C GLU E 186 -45.98 20.70 -20.91
N LEU E 187 -46.93 21.44 -20.35
CA LEU E 187 -46.65 22.52 -19.41
C LEU E 187 -47.38 22.25 -18.10
N GLU E 188 -46.65 22.20 -17.00
CA GLU E 188 -47.24 21.97 -15.70
C GLU E 188 -46.91 23.11 -14.75
N ILE E 189 -47.90 23.53 -13.98
CA ILE E 189 -47.77 24.66 -13.07
C ILE E 189 -47.86 24.15 -11.65
N ILE E 190 -46.87 24.47 -10.83
CA ILE E 190 -46.84 24.10 -9.42
C ILE E 190 -47.17 25.34 -8.61
N GLU E 191 -48.29 25.31 -7.91
CA GLU E 191 -48.75 26.41 -7.07
C GLU E 191 -48.55 26.08 -5.60
N GLY E 192 -48.50 27.11 -4.78
CA GLY E 192 -48.25 26.91 -3.36
C GLY E 192 -46.85 26.41 -3.12
N MET E 193 -46.70 25.59 -2.08
CA MET E 193 -45.42 25.03 -1.71
C MET E 193 -45.41 23.53 -1.94
N LYS E 194 -44.36 23.05 -2.61
CA LYS E 194 -44.23 21.63 -2.90
C LYS E 194 -42.75 21.28 -2.95
N PHE E 195 -42.34 20.30 -2.15
CA PHE E 195 -40.94 19.89 -2.07
C PHE E 195 -40.87 18.38 -2.20
N ASP E 196 -39.73 17.90 -2.72
CA ASP E 196 -39.55 16.49 -3.05
C ASP E 196 -39.13 15.69 -1.81
N ARG E 197 -40.04 15.64 -0.84
CA ARG E 197 -39.84 14.85 0.38
C ARG E 197 -41.16 14.17 0.71
N GLY E 198 -41.19 12.84 0.59
CA GLY E 198 -42.37 12.07 0.86
C GLY E 198 -42.44 11.57 2.29
N TYR E 199 -43.56 10.92 2.60
CA TYR E 199 -43.76 10.36 3.93
C TYR E 199 -42.79 9.21 4.18
N ILE E 200 -42.42 9.04 5.44
CA ILE E 200 -41.44 8.01 5.81
C ILE E 200 -42.08 6.64 5.81
N SER E 201 -43.07 6.44 6.67
CA SER E 201 -43.71 5.13 6.76
C SER E 201 -44.96 5.10 5.89
N PRO E 202 -45.12 4.08 5.04
CA PRO E 202 -46.33 3.94 4.22
C PRO E 202 -47.55 3.45 5.01
N TYR E 203 -47.82 4.13 6.13
CA TYR E 203 -48.95 3.77 6.99
C TYR E 203 -49.93 4.92 7.20
N PHE E 204 -49.62 6.13 6.74
CA PHE E 204 -50.51 7.26 6.84
C PHE E 204 -51.47 7.39 5.66
N ILE E 205 -51.38 6.48 4.69
CA ILE E 205 -52.20 6.56 3.49
C ILE E 205 -53.66 6.36 3.88
N ASN E 206 -54.50 7.33 3.54
CA ASN E 206 -55.93 7.26 3.82
C ASN E 206 -56.74 7.76 2.64
N THR E 207 -56.32 7.40 1.43
CA THR E 207 -57.01 7.81 0.21
C THR E 207 -57.33 6.60 -0.65
N SER E 208 -58.39 6.72 -1.45
CA SER E 208 -58.78 5.62 -2.33
C SER E 208 -57.83 5.49 -3.51
N LYS E 209 -57.47 6.61 -4.14
CA LYS E 209 -56.66 6.61 -5.36
C LYS E 209 -55.40 7.43 -5.15
N GLY E 210 -54.29 6.95 -5.71
CA GLY E 210 -53.03 7.63 -5.64
C GLY E 210 -52.11 7.18 -4.52
N GLN E 211 -52.65 6.51 -3.51
CA GLN E 211 -51.88 6.03 -2.36
C GLN E 211 -51.10 7.16 -1.71
N LYS E 212 -51.80 8.28 -1.47
CA LYS E 212 -51.24 9.45 -0.81
C LYS E 212 -52.01 9.69 0.50
N CYS E 213 -51.71 10.82 1.14
CA CYS E 213 -52.41 11.25 2.34
C CYS E 213 -52.97 12.64 2.07
N GLU E 214 -54.30 12.78 2.17
CA GLU E 214 -54.99 14.02 1.86
C GLU E 214 -55.68 14.54 3.10
N PHE E 215 -55.39 15.80 3.45
CA PHE E 215 -56.00 16.46 4.59
C PHE E 215 -56.47 17.85 4.19
N GLN E 216 -57.49 18.33 4.88
CA GLN E 216 -58.02 19.68 4.69
C GLN E 216 -58.08 20.41 6.03
N ASP E 217 -57.76 21.70 6.00
CA ASP E 217 -57.73 22.53 7.21
C ASP E 217 -56.83 21.91 8.28
N ALA E 218 -55.69 21.41 7.84
CA ALA E 218 -54.79 20.65 8.70
C ALA E 218 -53.87 21.57 9.49
N TYR E 219 -53.50 21.11 10.69
CA TYR E 219 -52.46 21.74 11.48
C TYR E 219 -51.09 21.34 10.94
N VAL E 220 -50.14 22.25 11.06
CA VAL E 220 -48.77 22.04 10.61
C VAL E 220 -47.82 22.42 11.73
N LEU E 221 -46.92 21.49 12.07
CA LEU E 221 -45.88 21.72 13.08
C LEU E 221 -44.53 21.51 12.41
N LEU E 222 -43.68 22.53 12.49
CA LEU E 222 -42.37 22.52 11.84
C LEU E 222 -41.29 22.49 12.91
N SER E 223 -40.41 21.50 12.82
CA SER E 223 -39.31 21.34 13.78
C SER E 223 -38.00 21.33 13.02
N GLU E 224 -37.11 22.26 13.35
CA GLU E 224 -35.80 22.29 12.71
C GLU E 224 -34.96 21.09 13.11
N LYS E 225 -35.07 20.65 14.36
CA LYS E 225 -34.33 19.50 14.84
C LYS E 225 -35.13 18.21 14.64
N LYS E 226 -34.47 17.08 14.87
CA LYS E 226 -35.11 15.78 14.72
C LYS E 226 -36.12 15.57 15.84
N ILE E 227 -37.04 14.64 15.61
CA ILE E 227 -38.10 14.31 16.55
C ILE E 227 -37.88 12.86 16.98
N SER E 228 -37.43 12.68 18.22
CA SER E 228 -37.15 11.35 18.75
C SER E 228 -37.80 11.10 20.09
N SER E 229 -37.86 12.09 20.97
CA SER E 229 -38.37 11.90 22.32
C SER E 229 -39.90 11.76 22.30
N ILE E 230 -40.40 10.94 23.22
CA ILE E 230 -41.85 10.80 23.38
C ILE E 230 -42.46 12.12 23.81
N GLN E 231 -41.84 12.79 24.79
CA GLN E 231 -42.39 14.04 25.29
C GLN E 231 -42.25 15.20 24.31
N SER E 232 -41.40 15.03 23.28
CA SER E 232 -41.22 16.09 22.29
C SER E 232 -42.35 16.14 21.27
N ILE E 233 -43.14 15.08 21.15
CA ILE E 233 -44.22 15.02 20.16
C ILE E 233 -45.58 14.80 20.78
N VAL E 234 -45.67 14.37 22.04
CA VAL E 234 -46.97 14.10 22.64
C VAL E 234 -47.85 15.35 22.75
N PRO E 235 -47.37 16.49 23.27
CA PRO E 235 -48.29 17.63 23.44
C PRO E 235 -48.91 18.13 22.14
N ALA E 236 -48.17 18.09 21.03
CA ALA E 236 -48.75 18.46 19.75
C ALA E 236 -49.88 17.51 19.37
N LEU E 237 -49.69 16.21 19.62
CA LEU E 237 -50.75 15.24 19.38
C LEU E 237 -51.95 15.51 20.29
N GLU E 238 -51.70 15.91 21.53
CA GLU E 238 -52.80 16.26 22.43
C GLU E 238 -53.60 17.43 21.87
N ILE E 239 -52.90 18.46 21.40
CA ILE E 239 -53.58 19.62 20.83
C ILE E 239 -54.40 19.22 19.61
N ALA E 240 -53.80 18.41 18.72
CA ALA E 240 -54.51 17.99 17.52
C ALA E 240 -55.74 17.16 17.84
N ASN E 241 -55.61 16.22 18.79
CA ASN E 241 -56.75 15.38 19.15
C ASN E 241 -57.84 16.18 19.83
N ALA E 242 -57.48 17.12 20.70
CA ALA E 242 -58.47 17.97 21.35
C ALA E 242 -59.20 18.82 20.33
N HIS E 243 -58.48 19.39 19.36
CA HIS E 243 -59.12 20.19 18.33
C HIS E 243 -59.70 19.36 17.20
N ARG E 244 -59.42 18.05 17.17
CA ARG E 244 -59.97 17.13 16.17
C ARG E 244 -59.65 17.59 14.75
N LYS E 245 -58.37 17.87 14.51
CA LYS E 245 -57.91 18.31 13.21
C LYS E 245 -56.68 17.52 12.79
N PRO E 246 -56.49 17.28 11.50
CA PRO E 246 -55.31 16.55 11.04
C PRO E 246 -54.04 17.34 11.28
N LEU E 247 -52.94 16.61 11.45
CA LEU E 247 -51.66 17.21 11.82
C LEU E 247 -50.55 16.72 10.90
N VAL E 248 -49.68 17.63 10.50
CA VAL E 248 -48.50 17.34 9.71
C VAL E 248 -47.28 17.73 10.53
N ILE E 249 -46.27 16.86 10.53
CA ILE E 249 -45.02 17.10 11.26
C ILE E 249 -43.91 17.17 10.23
N ILE E 250 -43.42 18.37 9.95
CA ILE E 250 -42.34 18.57 9.00
C ILE E 250 -41.06 18.83 9.78
N ALA E 251 -40.08 17.93 9.62
CA ALA E 251 -38.86 18.02 10.39
C ALA E 251 -37.73 17.36 9.61
N GLU E 252 -36.52 17.40 10.18
CA GLU E 252 -35.39 16.72 9.55
C GLU E 252 -35.63 15.22 9.46
N ASP E 253 -36.12 14.62 10.54
CA ASP E 253 -36.43 13.20 10.58
C ASP E 253 -37.24 12.91 11.83
N VAL E 254 -38.18 11.98 11.70
CA VAL E 254 -38.95 11.48 12.84
C VAL E 254 -38.36 10.12 13.20
N ASP E 255 -37.67 10.06 14.33
CA ASP E 255 -36.90 8.86 14.68
C ASP E 255 -37.86 7.72 15.06
N GLY E 256 -37.25 6.57 15.35
CA GLY E 256 -38.03 5.34 15.48
C GLY E 256 -39.07 5.39 16.58
N GLU E 257 -38.72 5.98 17.73
CA GLU E 257 -39.66 6.02 18.85
C GLU E 257 -40.90 6.84 18.51
N ALA E 258 -40.70 8.07 18.05
CA ALA E 258 -41.82 8.94 17.73
C ALA E 258 -42.57 8.44 16.51
N LEU E 259 -41.85 7.90 15.52
CA LEU E 259 -42.51 7.34 14.36
C LEU E 259 -43.40 6.16 14.73
N SER E 260 -42.91 5.29 15.62
CA SER E 260 -43.72 4.17 16.10
C SER E 260 -44.94 4.67 16.86
N THR E 261 -44.76 5.70 17.69
CA THR E 261 -45.89 6.26 18.41
C THR E 261 -46.95 6.79 17.45
N LEU E 262 -46.51 7.55 16.44
CA LEU E 262 -47.45 8.12 15.47
C LEU E 262 -48.17 7.04 14.69
N VAL E 263 -47.43 6.04 14.21
CA VAL E 263 -48.04 4.98 13.43
C VAL E 263 -49.04 4.20 14.27
N LEU E 264 -48.67 3.87 15.51
CA LEU E 264 -49.55 3.10 16.37
C LEU E 264 -50.82 3.87 16.68
N ASN E 265 -50.69 5.16 17.00
CA ASN E 265 -51.87 5.97 17.29
C ASN E 265 -52.77 6.08 16.07
N ARG E 266 -52.19 6.36 14.90
CA ARG E 266 -52.98 6.53 13.69
C ARG E 266 -53.69 5.23 13.31
N LEU E 267 -53.05 4.09 13.54
CA LEU E 267 -53.67 2.81 13.19
C LEU E 267 -54.73 2.41 14.21
N LYS E 268 -54.53 2.74 15.49
CA LYS E 268 -55.48 2.31 16.51
C LYS E 268 -56.67 3.26 16.60
N VAL E 269 -56.44 4.52 16.96
CA VAL E 269 -57.54 5.45 17.19
C VAL E 269 -57.93 6.21 15.93
N GLY E 270 -57.14 6.14 14.87
CA GLY E 270 -57.45 6.88 13.65
C GLY E 270 -57.06 8.34 13.72
N LEU E 271 -56.04 8.68 14.52
CA LEU E 271 -55.57 10.04 14.62
C LEU E 271 -54.97 10.48 13.29
N GLN E 272 -55.56 11.48 12.65
CA GLN E 272 -55.08 11.97 11.38
C GLN E 272 -53.75 12.70 11.59
N VAL E 273 -52.65 12.07 11.17
CA VAL E 273 -51.32 12.65 11.34
C VAL E 273 -50.41 12.09 10.27
N VAL E 274 -49.46 12.90 9.82
CA VAL E 274 -48.48 12.49 8.83
C VAL E 274 -47.15 13.17 9.15
N ALA E 275 -46.06 12.57 8.66
CA ALA E 275 -44.72 13.07 8.91
C ALA E 275 -43.97 13.23 7.60
N VAL E 276 -43.24 14.33 7.47
CA VAL E 276 -42.51 14.67 6.26
C VAL E 276 -41.12 15.17 6.64
N LYS E 277 -40.12 14.72 5.88
CA LYS E 277 -38.76 15.22 6.05
C LYS E 277 -38.65 16.65 5.54
N ALA E 278 -37.80 17.43 6.21
CA ALA E 278 -37.63 18.84 5.86
C ALA E 278 -36.81 18.97 4.57
N PRO E 279 -37.28 19.73 3.60
CA PRO E 279 -36.49 19.93 2.38
C PRO E 279 -35.25 20.78 2.66
N GLY E 280 -34.24 20.60 1.82
CA GLY E 280 -33.00 21.31 1.98
C GLY E 280 -31.99 20.53 2.82
N PHE E 281 -30.71 20.80 2.57
CA PHE E 281 -29.63 20.09 3.23
C PHE E 281 -28.68 21.00 4.00
N GLY E 282 -28.75 22.31 3.81
CA GLY E 282 -27.88 23.22 4.53
C GLY E 282 -28.64 24.38 5.12
N ASP E 283 -28.10 25.61 4.95
CA ASP E 283 -28.84 26.79 5.39
C ASP E 283 -30.14 26.95 4.61
N ASN E 284 -30.18 26.43 3.38
CA ASN E 284 -31.40 26.47 2.60
C ASN E 284 -32.54 25.73 3.29
N ARG E 285 -32.21 24.68 4.04
CA ARG E 285 -33.23 23.98 4.82
C ARG E 285 -33.87 24.92 5.84
N LYS E 286 -33.05 25.68 6.56
CA LYS E 286 -33.58 26.63 7.53
C LYS E 286 -34.38 27.73 6.86
N ASN E 287 -33.89 28.24 5.73
CA ASN E 287 -34.61 29.28 5.01
C ASN E 287 -35.99 28.79 4.55
N GLN E 288 -36.05 27.58 3.99
CA GLN E 288 -37.32 27.02 3.56
C GLN E 288 -38.24 26.77 4.75
N LEU E 289 -37.69 26.28 5.87
CA LEU E 289 -38.51 26.07 7.06
C LEU E 289 -39.14 27.38 7.52
N LYS E 290 -38.35 28.45 7.57
CA LYS E 290 -38.90 29.75 7.93
C LYS E 290 -39.93 30.22 6.91
N ASP E 291 -39.72 29.90 5.64
CA ASP E 291 -40.65 30.32 4.60
C ASP E 291 -42.02 29.65 4.77
N MET E 292 -42.03 28.33 4.98
CA MET E 292 -43.32 27.68 5.23
C MET E 292 -43.90 28.08 6.58
N ALA E 293 -43.06 28.43 7.55
CA ALA E 293 -43.58 28.94 8.82
C ALA E 293 -44.33 30.25 8.61
N ILE E 294 -43.77 31.15 7.80
CA ILE E 294 -44.45 32.42 7.52
C ILE E 294 -45.69 32.19 6.67
N ALA E 295 -45.59 31.33 5.66
CA ALA E 295 -46.71 31.10 4.76
C ALA E 295 -47.90 30.48 5.49
N THR E 296 -47.65 29.42 6.26
CA THR E 296 -48.73 28.78 7.00
C THR E 296 -49.15 29.63 8.20
N GLY E 297 -48.17 30.20 8.90
CA GLY E 297 -48.44 31.00 10.08
C GLY E 297 -48.18 30.25 11.36
N GLY E 298 -47.00 30.47 11.96
CA GLY E 298 -46.61 29.76 13.15
C GLY E 298 -45.17 30.04 13.54
N ALA E 299 -44.46 29.00 13.99
CA ALA E 299 -43.08 29.17 14.41
C ALA E 299 -42.31 27.89 14.15
N VAL E 300 -40.99 28.02 14.08
CA VAL E 300 -40.09 26.89 13.90
C VAL E 300 -39.56 26.50 15.27
N PHE E 301 -39.72 25.23 15.63
CA PHE E 301 -39.31 24.74 16.93
C PHE E 301 -37.89 24.19 16.84
N GLY E 302 -37.02 24.68 17.72
CA GLY E 302 -35.64 24.29 17.73
C GLY E 302 -34.68 25.21 17.00
N GLU E 303 -35.11 26.42 16.66
CA GLU E 303 -34.26 27.38 15.98
C GLU E 303 -33.19 27.92 16.93
N GLU E 304 -32.02 28.23 16.37
CA GLU E 304 -30.92 28.70 17.20
C GLU E 304 -31.16 30.09 17.76
N GLY E 305 -32.12 30.84 17.21
CA GLY E 305 -32.37 32.19 17.68
C GLY E 305 -33.13 32.25 18.98
N LEU E 306 -34.34 31.69 19.01
CA LEU E 306 -35.19 31.72 20.19
C LEU E 306 -35.24 30.39 20.92
N THR E 307 -34.99 29.28 20.24
CA THR E 307 -35.05 27.94 20.81
C THR E 307 -36.42 27.69 21.46
N LEU E 308 -37.46 27.75 20.62
CA LEU E 308 -38.82 27.45 21.07
C LEU E 308 -38.92 25.94 21.27
N ASN E 309 -38.88 25.51 22.53
CA ASN E 309 -38.92 24.09 22.83
C ASN E 309 -40.28 23.50 22.46
N LEU E 310 -40.25 22.25 21.99
CA LEU E 310 -41.46 21.58 21.55
C LEU E 310 -42.40 21.23 22.70
N GLU E 311 -41.87 21.13 23.92
CA GLU E 311 -42.72 20.78 25.07
C GLU E 311 -43.77 21.86 25.32
N ASP E 312 -43.38 23.13 25.20
CA ASP E 312 -44.30 24.24 25.42
C ASP E 312 -44.98 24.67 24.13
N VAL E 313 -45.58 23.72 23.43
CA VAL E 313 -46.30 24.00 22.19
C VAL E 313 -47.70 24.48 22.53
N GLN E 314 -48.21 25.43 21.75
CA GLN E 314 -49.51 26.03 21.95
C GLN E 314 -50.35 25.90 20.69
N PRO E 315 -51.67 25.91 20.82
CA PRO E 315 -52.52 25.82 19.61
C PRO E 315 -52.29 26.94 18.62
N HIS E 316 -51.81 28.11 19.07
CA HIS E 316 -51.50 29.20 18.17
C HIS E 316 -50.12 29.09 17.54
N ASP E 317 -49.34 28.07 17.90
CA ASP E 317 -48.04 27.84 17.32
C ASP E 317 -48.08 26.89 16.12
N LEU E 318 -49.26 26.43 15.71
CA LEU E 318 -49.41 25.49 14.62
C LEU E 318 -50.03 26.20 13.43
N GLY E 319 -49.42 26.03 12.25
CA GLY E 319 -49.96 26.63 11.06
C GLY E 319 -51.24 25.93 10.59
N LYS E 320 -52.06 26.67 9.85
CA LYS E 320 -53.29 26.13 9.29
C LYS E 320 -53.17 26.11 7.78
N VAL E 321 -53.42 24.94 7.18
CA VAL E 321 -53.36 24.78 5.73
C VAL E 321 -54.71 24.31 5.22
N GLY E 322 -55.15 24.90 4.11
CA GLY E 322 -56.43 24.54 3.54
C GLY E 322 -56.48 23.12 3.02
N GLU E 323 -55.37 22.65 2.44
CA GLU E 323 -55.34 21.34 1.78
C GLU E 323 -53.89 20.92 1.59
N VAL E 324 -53.57 19.70 1.99
CA VAL E 324 -52.21 19.16 1.90
C VAL E 324 -52.27 17.72 1.40
N ILE E 325 -51.41 17.41 0.43
CA ILE E 325 -51.24 16.04 -0.06
C ILE E 325 -49.77 15.68 0.07
N VAL E 326 -49.51 14.43 0.46
CA VAL E 326 -48.16 13.90 0.53
C VAL E 326 -48.16 12.49 -0.04
N THR E 327 -47.23 12.21 -0.95
CA THR E 327 -47.14 10.89 -1.57
C THR E 327 -45.73 10.34 -1.44
N LYS E 328 -45.44 9.25 -2.17
CA LYS E 328 -44.20 8.51 -1.96
C LYS E 328 -42.95 9.36 -2.18
N ASP E 329 -43.04 10.37 -3.04
CA ASP E 329 -41.84 11.12 -3.41
C ASP E 329 -41.87 12.60 -3.03
N ASP E 330 -43.04 13.23 -2.96
CA ASP E 330 -43.10 14.65 -2.65
C ASP E 330 -44.40 14.98 -1.94
N ALA E 331 -44.41 16.13 -1.27
CA ALA E 331 -45.56 16.62 -0.53
C ALA E 331 -45.92 18.01 -1.02
N MET E 332 -47.22 18.29 -1.12
CA MET E 332 -47.72 19.56 -1.62
C MET E 332 -48.53 20.25 -0.53
N LEU E 333 -48.26 21.54 -0.34
CA LEU E 333 -48.90 22.34 0.70
C LEU E 333 -49.61 23.52 0.06
N LEU E 334 -50.93 23.61 0.25
CA LEU E 334 -51.74 24.65 -0.38
C LEU E 334 -52.57 25.39 0.66
N LYS E 335 -52.85 26.65 0.36
CA LYS E 335 -53.76 27.49 1.14
C LYS E 335 -53.26 27.67 2.58
N GLY E 336 -52.03 28.13 2.71
CA GLY E 336 -51.50 28.46 4.03
C GLY E 336 -52.24 29.65 4.62
N LYS E 337 -52.73 29.48 5.85
CA LYS E 337 -53.52 30.53 6.52
C LYS E 337 -52.57 31.46 7.29
N GLY E 338 -51.70 32.12 6.54
CA GLY E 338 -50.74 33.04 7.10
C GLY E 338 -51.11 34.49 6.78
N ASP E 339 -50.68 35.40 7.63
CA ASP E 339 -50.95 36.82 7.42
C ASP E 339 -50.20 37.31 6.18
N LYS E 340 -50.90 38.09 5.36
CA LYS E 340 -50.32 38.55 4.11
C LYS E 340 -49.19 39.55 4.33
N ALA E 341 -49.23 40.31 5.42
CA ALA E 341 -48.18 41.29 5.68
C ALA E 341 -46.84 40.61 5.90
N GLN E 342 -46.82 39.54 6.70
CA GLN E 342 -45.58 38.82 6.94
C GLN E 342 -45.06 38.16 5.67
N ILE E 343 -45.97 37.63 4.84
CA ILE E 343 -45.56 37.05 3.57
C ILE E 343 -44.94 38.10 2.66
N GLU E 344 -45.56 39.29 2.61
CA GLU E 344 -45.00 40.37 1.80
C GLU E 344 -43.63 40.81 2.31
N LYS E 345 -43.47 40.89 3.63
CA LYS E 345 -42.18 41.27 4.19
C LYS E 345 -41.12 40.22 3.88
N ARG E 346 -41.50 38.94 3.94
CA ARG E 346 -40.56 37.88 3.58
C ARG E 346 -40.17 37.96 2.11
N ILE E 347 -41.15 38.27 1.25
CA ILE E 347 -40.86 38.44 -0.18
C ILE E 347 -39.88 39.59 -0.39
N GLN E 348 -40.10 40.70 0.32
CA GLN E 348 -39.18 41.83 0.22
C GLN E 348 -37.79 41.45 0.69
N GLU E 349 -37.70 40.69 1.78
CA GLU E 349 -36.40 40.24 2.26
C GLU E 349 -35.70 39.36 1.23
N ILE E 350 -36.45 38.47 0.59
CA ILE E 350 -35.87 37.58 -0.41
C ILE E 350 -35.36 38.38 -1.60
N ILE E 351 -36.17 39.32 -2.10
CA ILE E 351 -35.72 40.10 -3.26
C ILE E 351 -34.54 41.00 -2.88
N GLU E 352 -34.46 41.43 -1.63
CA GLU E 352 -33.30 42.21 -1.19
C GLU E 352 -32.06 41.35 -1.13
N GLN E 353 -32.18 40.13 -0.60
CA GLN E 353 -31.06 39.19 -0.61
C GLN E 353 -30.65 38.80 -2.02
N LEU E 354 -31.57 38.90 -2.98
CA LEU E 354 -31.23 38.68 -4.38
C LEU E 354 -30.34 39.77 -4.95
N ASP E 355 -30.18 40.90 -4.25
CA ASP E 355 -29.48 42.06 -4.79
C ASP E 355 -28.35 42.53 -3.88
N VAL E 356 -27.64 41.60 -3.25
CA VAL E 356 -26.47 41.93 -2.44
C VAL E 356 -25.20 41.38 -3.06
N THR E 357 -25.24 40.14 -3.56
CA THR E 357 -24.09 39.51 -4.19
C THR E 357 -24.60 38.38 -5.08
N THR E 358 -23.66 37.65 -5.68
CA THR E 358 -24.00 36.53 -6.53
C THR E 358 -23.05 35.37 -6.25
N SER E 359 -23.58 34.14 -6.35
CA SER E 359 -22.77 32.95 -6.18
C SER E 359 -23.13 31.86 -7.18
N GLU E 360 -23.95 32.17 -8.18
CA GLU E 360 -24.33 31.26 -9.26
C GLU E 360 -25.24 30.13 -8.75
N TYR E 361 -25.49 30.09 -7.45
CA TYR E 361 -26.36 29.08 -6.88
C TYR E 361 -27.37 29.70 -5.91
N GLU E 362 -26.95 30.77 -5.22
CA GLU E 362 -27.84 31.41 -4.26
C GLU E 362 -28.98 32.15 -4.96
N LYS E 363 -28.71 32.74 -6.13
CA LYS E 363 -29.77 33.42 -6.88
C LYS E 363 -30.85 32.44 -7.29
N GLU E 364 -30.46 31.24 -7.75
CA GLU E 364 -31.44 30.24 -8.14
C GLU E 364 -32.31 29.83 -6.96
N LYS E 365 -31.71 29.61 -5.79
CA LYS E 365 -32.49 29.23 -4.62
C LYS E 365 -33.42 30.35 -4.19
N LEU E 366 -32.93 31.60 -4.21
CA LEU E 366 -33.77 32.73 -3.83
C LEU E 366 -34.95 32.88 -4.78
N ASN E 367 -34.70 32.73 -6.08
CA ASN E 367 -35.80 32.80 -7.05
C ASN E 367 -36.79 31.66 -6.85
N GLU E 368 -36.29 30.46 -6.55
CA GLU E 368 -37.18 29.34 -6.29
C GLU E 368 -38.07 29.61 -5.08
N ARG E 369 -37.49 30.12 -4.00
CA ARG E 369 -38.27 30.41 -2.80
C ARG E 369 -39.29 31.52 -3.07
N LEU E 370 -38.88 32.56 -3.79
CA LEU E 370 -39.80 33.65 -4.10
C LEU E 370 -40.96 33.16 -4.97
N ALA E 371 -40.67 32.31 -5.95
CA ALA E 371 -41.74 31.76 -6.78
C ALA E 371 -42.68 30.89 -5.96
N LYS E 372 -42.12 30.06 -5.07
CA LYS E 372 -42.96 29.22 -4.23
C LYS E 372 -43.84 30.06 -3.31
N LEU E 373 -43.35 31.22 -2.88
CA LEU E 373 -44.15 32.07 -2.00
C LEU E 373 -45.27 32.79 -2.76
N SER E 374 -44.97 33.28 -3.96
CA SER E 374 -45.89 34.18 -4.66
C SER E 374 -46.80 33.47 -5.65
N ASP E 375 -46.24 32.83 -6.68
CA ASP E 375 -47.04 32.36 -7.80
C ASP E 375 -46.72 30.96 -8.28
N GLY E 376 -45.79 30.25 -7.65
CA GLY E 376 -45.43 28.92 -8.11
C GLY E 376 -44.47 28.96 -9.29
N VAL E 377 -44.16 27.76 -9.78
CA VAL E 377 -43.18 27.59 -10.86
C VAL E 377 -43.85 26.89 -12.03
N ALA E 378 -43.16 26.90 -13.17
CA ALA E 378 -43.62 26.21 -14.37
C ALA E 378 -42.55 25.26 -14.87
N VAL E 379 -42.97 24.08 -15.30
CA VAL E 379 -42.07 23.07 -15.84
C VAL E 379 -42.55 22.66 -17.22
N LEU E 380 -41.63 22.62 -18.18
CA LEU E 380 -41.92 22.25 -19.56
C LEU E 380 -41.32 20.88 -19.84
N LYS E 381 -42.18 19.90 -20.02
CA LYS E 381 -41.77 18.57 -20.45
C LYS E 381 -41.64 18.58 -21.97
N VAL E 382 -40.41 18.51 -22.47
CA VAL E 382 -40.19 18.54 -23.91
C VAL E 382 -40.41 17.15 -24.48
N GLY E 383 -41.42 17.03 -25.34
CA GLY E 383 -41.74 15.73 -25.92
C GLY E 383 -40.84 15.36 -27.07
N GLY E 384 -40.90 14.09 -27.44
CA GLY E 384 -40.11 13.58 -28.54
C GLY E 384 -40.15 12.07 -28.58
N THR E 385 -39.57 11.53 -29.64
CA THR E 385 -39.55 10.09 -29.85
C THR E 385 -38.26 9.45 -29.30
N SER E 386 -37.12 10.05 -29.58
CA SER E 386 -35.83 9.50 -29.19
C SER E 386 -35.04 10.57 -28.45
N ASP E 387 -33.85 10.17 -27.96
CA ASP E 387 -33.06 11.07 -27.13
C ASP E 387 -32.52 12.26 -27.92
N VAL E 388 -32.06 12.03 -29.15
CA VAL E 388 -31.47 13.11 -29.93
C VAL E 388 -32.50 14.18 -30.27
N GLU E 389 -33.69 13.75 -30.69
CA GLU E 389 -34.76 14.70 -31.00
C GLU E 389 -35.16 15.50 -29.78
N VAL E 390 -35.28 14.83 -28.63
CA VAL E 390 -35.64 15.52 -27.39
C VAL E 390 -34.57 16.53 -27.02
N ASN E 391 -33.29 16.16 -27.15
CA ASN E 391 -32.21 17.08 -26.82
C ASN E 391 -32.21 18.31 -27.74
N GLU E 392 -32.44 18.08 -29.04
CA GLU E 392 -32.48 19.21 -29.98
C GLU E 392 -33.63 20.15 -29.65
N LYS E 393 -34.83 19.60 -29.40
CA LYS E 393 -35.96 20.44 -29.05
C LYS E 393 -35.74 21.14 -27.71
N LYS E 394 -35.07 20.48 -26.77
CA LYS E 394 -34.75 21.11 -25.49
C LYS E 394 -33.82 22.29 -25.67
N ASP E 395 -32.81 22.15 -26.53
CA ASP E 395 -31.92 23.27 -26.82
C ASP E 395 -32.69 24.43 -27.44
N ARG E 396 -33.58 24.12 -28.38
CA ARG E 396 -34.38 25.17 -29.01
C ARG E 396 -35.27 25.87 -27.99
N VAL E 397 -35.88 25.10 -27.09
CA VAL E 397 -36.77 25.69 -26.08
C VAL E 397 -36.00 26.56 -25.11
N THR E 398 -34.80 26.12 -24.70
CA THR E 398 -33.98 26.94 -23.83
C THR E 398 -33.58 28.24 -24.51
N ASP E 399 -33.23 28.16 -25.80
CA ASP E 399 -32.92 29.38 -26.55
C ASP E 399 -34.13 30.31 -26.58
N ALA E 400 -35.32 29.75 -26.81
CA ALA E 400 -36.52 30.58 -26.83
C ALA E 400 -36.77 31.26 -25.48
N LEU E 401 -36.58 30.50 -24.39
CA LEU E 401 -36.78 31.09 -23.06
C LEU E 401 -35.78 32.21 -22.80
N ASN E 402 -34.51 32.00 -23.13
CA ASN E 402 -33.50 33.04 -22.92
C ASN E 402 -33.82 34.28 -23.74
N ALA E 403 -34.22 34.09 -25.01
CA ALA E 403 -34.55 35.23 -25.85
C ALA E 403 -35.76 35.97 -25.33
N THR E 404 -36.78 35.25 -24.86
CA THR E 404 -37.97 35.89 -24.33
C THR E 404 -37.64 36.69 -23.07
N ARG E 405 -36.80 36.15 -22.20
CA ARG E 405 -36.39 36.88 -21.01
C ARG E 405 -35.62 38.15 -21.39
N ALA E 406 -34.73 38.05 -22.37
CA ALA E 406 -33.98 39.22 -22.81
C ALA E 406 -34.92 40.28 -23.40
N ALA E 407 -35.90 39.84 -24.19
CA ALA E 407 -36.85 40.78 -24.77
C ALA E 407 -37.69 41.47 -23.69
N VAL E 408 -38.08 40.71 -22.66
CA VAL E 408 -38.82 41.30 -21.56
C VAL E 408 -37.97 42.35 -20.85
N GLU E 409 -36.70 42.02 -20.59
CA GLU E 409 -35.86 42.92 -19.81
C GLU E 409 -35.50 44.19 -20.58
N GLU E 410 -35.22 44.07 -21.88
CA GLU E 410 -34.67 45.19 -22.63
C GLU E 410 -35.56 45.72 -23.74
N GLY E 411 -36.30 44.88 -24.44
CA GLY E 411 -37.15 45.30 -25.53
C GLY E 411 -36.89 44.49 -26.78
N ILE E 412 -37.46 44.98 -27.89
CA ILE E 412 -37.39 44.28 -29.17
C ILE E 412 -36.99 45.25 -30.28
N VAL E 413 -36.42 44.69 -31.33
CA VAL E 413 -36.05 45.39 -32.55
C VAL E 413 -36.43 44.50 -33.74
N LEU E 414 -36.27 45.04 -34.94
CA LEU E 414 -36.58 44.27 -36.14
C LEU E 414 -35.68 43.04 -36.24
N GLY E 415 -36.30 41.90 -36.58
CA GLY E 415 -35.57 40.66 -36.72
C GLY E 415 -34.99 40.50 -38.12
N GLY E 416 -34.40 39.33 -38.34
CA GLY E 416 -33.80 39.04 -39.63
C GLY E 416 -32.49 39.74 -39.90
N GLY E 417 -31.89 40.36 -38.90
CA GLY E 417 -30.66 41.11 -39.08
C GLY E 417 -30.82 42.51 -39.59
N CYS E 418 -32.06 42.96 -39.85
CA CYS E 418 -32.28 44.31 -40.33
C CYS E 418 -32.04 45.36 -39.25
N ALA E 419 -32.06 44.96 -37.98
CA ALA E 419 -31.78 45.92 -36.91
C ALA E 419 -30.38 46.48 -37.03
N LEU E 420 -29.40 45.62 -37.35
CA LEU E 420 -28.05 46.10 -37.61
C LEU E 420 -27.97 46.87 -38.92
N LEU E 421 -28.74 46.46 -39.93
CA LEU E 421 -28.69 47.14 -41.22
C LEU E 421 -29.16 48.58 -41.10
N ARG E 422 -30.23 48.83 -40.32
CA ARG E 422 -30.73 50.18 -40.14
C ARG E 422 -29.76 51.07 -39.37
N CYS E 423 -28.74 50.51 -38.72
CA CYS E 423 -27.77 51.28 -37.98
C CYS E 423 -26.60 51.76 -38.84
N ILE E 424 -26.55 51.34 -40.11
CA ILE E 424 -25.47 51.79 -40.99
C ILE E 424 -25.46 53.30 -41.17
N PRO E 425 -26.59 53.99 -41.41
CA PRO E 425 -26.53 55.45 -41.51
C PRO E 425 -26.01 56.14 -40.27
N ALA E 426 -26.16 55.52 -39.10
CA ALA E 426 -25.60 56.10 -37.88
C ALA E 426 -24.09 56.16 -37.92
N LEU E 427 -23.46 55.23 -38.64
CA LEU E 427 -22.00 55.22 -38.77
C LEU E 427 -21.50 56.30 -39.71
N ASP E 428 -22.34 56.81 -40.60
CA ASP E 428 -21.92 57.87 -41.52
C ASP E 428 -21.71 59.20 -40.82
N SER E 429 -22.19 59.35 -39.59
CA SER E 429 -22.04 60.59 -38.83
C SER E 429 -20.83 60.58 -37.92
N LEU E 430 -20.05 59.50 -37.91
CA LEU E 430 -18.87 59.40 -37.06
C LEU E 430 -17.67 60.06 -37.73
N THR E 431 -16.89 60.78 -36.93
CA THR E 431 -15.70 61.46 -37.43
C THR E 431 -14.46 60.76 -36.90
N PRO E 432 -13.73 60.01 -37.72
CA PRO E 432 -12.51 59.36 -37.23
C PRO E 432 -11.43 60.37 -36.87
N ALA E 433 -10.63 60.00 -35.87
CA ALA E 433 -9.54 60.87 -35.45
C ALA E 433 -8.38 60.82 -36.45
N ASN E 434 -8.17 59.67 -37.09
CA ASN E 434 -7.10 59.53 -38.06
C ASN E 434 -7.51 58.48 -39.09
N GLU E 435 -6.57 58.10 -39.96
CA GLU E 435 -6.87 57.16 -41.03
C GLU E 435 -7.23 55.79 -40.48
N ASP E 436 -6.54 55.34 -39.43
CA ASP E 436 -6.80 54.02 -38.88
C ASP E 436 -8.21 53.93 -38.29
N GLN E 437 -8.66 55.00 -37.62
CA GLN E 437 -10.03 55.02 -37.11
C GLN E 437 -11.03 54.99 -38.26
N LYS E 438 -10.72 55.66 -39.36
CA LYS E 438 -11.58 55.61 -40.54
C LYS E 438 -11.66 54.18 -41.09
N ILE E 439 -10.52 53.49 -41.11
CA ILE E 439 -10.50 52.10 -41.58
C ILE E 439 -11.34 51.22 -40.66
N GLY E 440 -11.23 51.42 -39.35
CA GLY E 440 -12.05 50.65 -38.43
C GLY E 440 -13.53 50.92 -38.59
N ILE E 441 -13.90 52.18 -38.79
CA ILE E 441 -15.30 52.53 -39.01
C ILE E 441 -15.82 51.87 -40.28
N GLU E 442 -15.01 51.88 -41.35
CA GLU E 442 -15.40 51.21 -42.59
C GLU E 442 -15.54 49.71 -42.37
N ILE E 443 -14.66 49.12 -41.56
CA ILE E 443 -14.74 47.68 -41.28
C ILE E 443 -16.06 47.36 -40.60
N ILE E 444 -16.43 48.16 -39.60
CA ILE E 444 -17.69 47.93 -38.90
C ILE E 444 -18.88 48.13 -39.84
N LYS E 445 -18.81 49.16 -40.68
CA LYS E 445 -19.89 49.41 -41.63
C LYS E 445 -20.08 48.24 -42.58
N ARG E 446 -18.98 47.68 -43.09
CA ARG E 446 -19.08 46.51 -43.96
C ARG E 446 -19.59 45.30 -43.20
N THR E 447 -19.16 45.13 -41.95
CA THR E 447 -19.55 43.96 -41.18
C THR E 447 -21.03 43.99 -40.80
N LEU E 448 -21.62 45.18 -40.71
CA LEU E 448 -23.02 45.28 -40.28
C LEU E 448 -23.98 44.54 -41.19
N LYS E 449 -23.60 44.27 -42.44
CA LYS E 449 -24.47 43.57 -43.39
C LYS E 449 -24.33 42.06 -43.30
N ILE E 450 -23.41 41.54 -42.49
CA ILE E 450 -23.11 40.11 -42.52
C ILE E 450 -24.29 39.25 -42.07
N PRO E 451 -24.98 39.53 -40.95
CA PRO E 451 -26.06 38.64 -40.54
C PRO E 451 -27.16 38.49 -41.57
N ALA E 452 -27.60 39.60 -42.19
CA ALA E 452 -28.65 39.52 -43.19
C ALA E 452 -28.19 38.75 -44.42
N MET E 453 -26.95 38.99 -44.85
CA MET E 453 -26.42 38.26 -46.00
C MET E 453 -26.35 36.77 -45.72
N THR E 454 -25.91 36.39 -44.52
CA THR E 454 -25.83 34.97 -44.17
C THR E 454 -27.21 34.35 -44.10
N ILE E 455 -28.19 35.05 -43.52
CA ILE E 455 -29.54 34.52 -43.43
C ILE E 455 -30.12 34.32 -44.82
N ALA E 456 -29.92 35.29 -45.72
CA ALA E 456 -30.41 35.15 -47.08
C ALA E 456 -29.71 34.01 -47.82
N LYS E 457 -28.38 33.89 -47.63
CA LYS E 457 -27.63 32.86 -48.32
C LYS E 457 -28.05 31.46 -47.88
N ASN E 458 -28.31 31.27 -46.58
CA ASN E 458 -28.79 29.98 -46.11
C ASN E 458 -30.15 29.64 -46.70
N ALA E 459 -30.94 30.66 -47.04
CA ALA E 459 -32.24 30.44 -47.66
C ALA E 459 -32.16 30.06 -49.13
N GLY E 460 -30.98 30.14 -49.74
CA GLY E 460 -30.81 29.80 -51.13
C GLY E 460 -30.88 30.95 -52.11
N VAL E 461 -30.91 32.19 -51.63
CA VAL E 461 -30.98 33.36 -52.50
C VAL E 461 -29.66 34.14 -52.37
N GLU E 462 -29.52 35.16 -53.22
CA GLU E 462 -28.32 35.98 -53.22
C GLU E 462 -28.40 36.99 -52.07
N GLY E 463 -27.46 36.88 -51.12
CA GLY E 463 -27.51 37.73 -49.94
C GLY E 463 -27.33 39.20 -50.26
N SER E 464 -26.40 39.51 -51.16
CA SER E 464 -26.09 40.92 -51.44
C SER E 464 -27.30 41.64 -52.03
N LEU E 465 -28.00 41.01 -52.97
CA LEU E 465 -29.17 41.65 -53.57
C LEU E 465 -30.27 41.88 -52.53
N ILE E 466 -30.51 40.89 -51.68
CA ILE E 466 -31.52 41.03 -50.64
C ILE E 466 -31.17 42.16 -49.69
N VAL E 467 -29.89 42.23 -49.30
CA VAL E 467 -29.46 43.29 -48.38
C VAL E 467 -29.60 44.66 -49.04
N GLU E 468 -29.24 44.76 -50.32
CA GLU E 468 -29.37 46.02 -51.02
C GLU E 468 -30.83 46.46 -51.11
N LYS E 469 -31.73 45.52 -51.42
CA LYS E 469 -33.15 45.85 -51.49
C LYS E 469 -33.68 46.25 -50.12
N ILE E 470 -33.23 45.57 -49.06
CA ILE E 470 -33.66 45.93 -47.70
C ILE E 470 -33.23 47.35 -47.37
N MET E 471 -31.98 47.69 -47.70
CA MET E 471 -31.50 49.05 -47.43
C MET E 471 -32.27 50.08 -48.25
N GLN E 472 -32.56 49.77 -49.51
CA GLN E 472 -33.25 50.71 -50.38
C GLN E 472 -34.76 50.77 -50.11
N SER E 473 -35.30 49.86 -49.32
CA SER E 473 -36.72 49.86 -49.02
C SER E 473 -37.01 50.91 -47.95
N SER E 474 -38.23 50.89 -47.40
CA SER E 474 -38.60 51.84 -46.37
C SER E 474 -37.84 51.56 -45.07
N SER E 475 -38.14 52.36 -44.05
CA SER E 475 -37.45 52.21 -42.77
C SER E 475 -37.97 51.04 -41.95
N GLU E 476 -38.97 50.31 -42.45
CA GLU E 476 -39.57 49.24 -41.67
C GLU E 476 -39.63 47.93 -42.45
N VAL E 477 -39.71 48.02 -43.78
CA VAL E 477 -39.87 46.82 -44.60
C VAL E 477 -38.62 45.96 -44.51
N GLY E 478 -38.82 44.66 -44.29
CA GLY E 478 -37.71 43.73 -44.23
C GLY E 478 -37.93 42.51 -45.09
N TYR E 479 -37.08 41.50 -44.96
CA TYR E 479 -37.14 40.30 -45.79
C TYR E 479 -37.47 39.10 -44.92
N ASP E 480 -38.54 38.39 -45.26
CA ASP E 480 -38.88 37.12 -44.63
C ASP E 480 -38.22 36.02 -45.44
N ALA E 481 -37.24 35.35 -44.82
CA ALA E 481 -36.51 34.28 -45.50
C ALA E 481 -37.33 33.00 -45.58
N MET E 482 -38.11 32.70 -44.55
CA MET E 482 -38.92 31.48 -44.57
C MET E 482 -39.98 31.55 -45.67
N ALA E 483 -40.73 32.66 -45.73
CA ALA E 483 -41.64 32.88 -46.83
C ALA E 483 -40.90 33.32 -48.10
N GLY E 484 -39.77 34.00 -47.93
CA GLY E 484 -38.97 34.42 -49.05
C GLY E 484 -39.53 35.62 -49.81
N ASP E 485 -39.91 36.67 -49.08
CA ASP E 485 -40.46 37.85 -49.73
C ASP E 485 -40.30 39.05 -48.81
N PHE E 486 -40.42 40.24 -49.38
CA PHE E 486 -40.23 41.48 -48.63
C PHE E 486 -41.55 41.87 -47.99
N VAL E 487 -41.59 41.84 -46.67
CA VAL E 487 -42.80 41.98 -45.88
C VAL E 487 -42.59 43.01 -44.78
N ASN E 488 -43.61 43.16 -43.94
CA ASN E 488 -43.59 44.01 -42.76
C ASN E 488 -43.20 43.16 -41.56
N MET E 489 -42.04 43.44 -40.96
CA MET E 489 -41.53 42.59 -39.89
C MET E 489 -42.39 42.66 -38.64
N VAL E 490 -42.70 43.87 -38.16
CA VAL E 490 -43.44 43.98 -36.90
C VAL E 490 -44.85 43.42 -37.06
N GLU E 491 -45.45 43.60 -38.22
CA GLU E 491 -46.74 42.97 -38.48
C GLU E 491 -46.62 41.46 -38.56
N LYS E 492 -45.57 40.95 -39.19
CA LYS E 492 -45.38 39.51 -39.33
C LYS E 492 -44.70 38.89 -38.11
N GLY E 493 -44.31 39.68 -37.12
CA GLY E 493 -43.77 39.13 -35.90
C GLY E 493 -42.36 38.61 -35.98
N ILE E 494 -41.55 39.14 -36.90
CA ILE E 494 -40.13 38.79 -36.97
C ILE E 494 -39.39 39.85 -36.19
N ILE E 495 -39.19 39.60 -34.90
CA ILE E 495 -38.53 40.55 -34.01
C ILE E 495 -37.45 39.82 -33.21
N ASP E 496 -36.49 40.60 -32.73
CA ASP E 496 -35.35 40.08 -31.99
C ASP E 496 -35.18 40.86 -30.69
N PRO E 497 -34.68 40.22 -29.64
CA PRO E 497 -34.34 40.98 -28.43
C PRO E 497 -33.13 41.87 -28.67
N THR E 498 -33.26 43.15 -28.31
CA THR E 498 -32.17 44.09 -28.55
C THR E 498 -30.94 43.74 -27.71
N LYS E 499 -31.15 43.15 -26.52
CA LYS E 499 -30.03 42.75 -25.70
C LYS E 499 -29.17 41.71 -26.41
N VAL E 500 -29.80 40.73 -27.06
CA VAL E 500 -29.06 39.68 -27.75
C VAL E 500 -28.21 40.28 -28.86
N VAL E 501 -28.80 41.16 -29.67
CA VAL E 501 -28.09 41.75 -30.79
C VAL E 501 -26.92 42.58 -30.30
N ARG E 502 -27.16 43.45 -29.33
CA ARG E 502 -26.09 44.33 -28.86
C ARG E 502 -24.98 43.54 -28.18
N THR E 503 -25.34 42.51 -27.41
CA THR E 503 -24.32 41.70 -26.75
C THR E 503 -23.48 40.94 -27.77
N ALA E 504 -24.13 40.34 -28.76
CA ALA E 504 -23.38 39.59 -29.78
C ALA E 504 -22.42 40.51 -30.52
N LEU E 505 -22.91 41.67 -30.96
CA LEU E 505 -22.05 42.60 -31.67
C LEU E 505 -20.89 43.06 -30.81
N LEU E 506 -21.18 43.42 -29.55
CA LEU E 506 -20.14 43.93 -28.66
C LEU E 506 -19.05 42.90 -28.42
N ASP E 507 -19.44 41.67 -28.09
CA ASP E 507 -18.45 40.64 -27.80
C ASP E 507 -17.65 40.27 -29.04
N ALA E 508 -18.33 40.11 -30.19
CA ALA E 508 -17.64 39.75 -31.41
C ALA E 508 -16.61 40.81 -31.79
N ALA E 509 -17.01 42.08 -31.74
CA ALA E 509 -16.07 43.15 -32.05
C ALA E 509 -14.93 43.19 -31.06
N GLY E 510 -15.23 43.07 -29.76
CA GLY E 510 -14.20 43.18 -28.75
C GLY E 510 -13.13 42.11 -28.88
N VAL E 511 -13.53 40.90 -29.29
CA VAL E 511 -12.52 39.86 -29.43
C VAL E 511 -11.82 39.95 -30.78
N ALA E 512 -12.57 40.18 -31.87
CA ALA E 512 -11.97 40.18 -33.20
C ALA E 512 -11.00 41.34 -33.40
N SER E 513 -11.34 42.52 -32.87
CA SER E 513 -10.45 43.67 -33.01
C SER E 513 -9.12 43.40 -32.30
N LEU E 514 -9.17 42.80 -31.12
CA LEU E 514 -7.95 42.43 -30.42
C LEU E 514 -7.16 41.39 -31.21
N LEU E 515 -7.85 40.42 -31.80
CA LEU E 515 -7.16 39.39 -32.57
C LEU E 515 -6.44 40.00 -33.78
N THR E 516 -7.08 40.95 -34.46
CA THR E 516 -6.48 41.52 -35.67
C THR E 516 -5.25 42.38 -35.40
N THR E 517 -4.75 42.51 -34.16
CA THR E 517 -3.56 43.30 -33.88
C THR E 517 -2.32 42.44 -33.73
N ALA E 518 -2.39 41.16 -34.06
CA ALA E 518 -1.27 40.25 -33.86
C ALA E 518 -0.26 40.38 -35.00
N GLU E 519 1.01 40.22 -34.66
CA GLU E 519 2.08 40.25 -35.66
C GLU E 519 2.97 39.01 -35.51
N VAL E 520 3.09 38.51 -34.29
CA VAL E 520 3.92 37.34 -33.98
C VAL E 520 3.07 36.36 -33.21
N VAL E 521 3.14 35.08 -33.58
CA VAL E 521 2.42 34.02 -32.90
C VAL E 521 3.42 32.97 -32.43
N VAL E 522 3.35 32.62 -31.15
CA VAL E 522 4.21 31.63 -30.54
C VAL E 522 3.35 30.45 -30.10
N THR E 523 3.67 29.26 -30.59
CA THR E 523 2.90 28.07 -30.27
C THR E 523 3.83 26.98 -29.75
N GLU E 524 3.26 26.06 -28.98
CA GLU E 524 4.02 24.90 -28.52
C GLU E 524 4.19 23.91 -29.66
N ILE E 525 5.42 23.44 -29.84
CA ILE E 525 5.71 22.47 -30.91
C ILE E 525 4.96 21.18 -30.61
N PRO E 526 4.24 20.60 -31.59
CA PRO E 526 3.48 19.37 -31.32
C PRO E 526 4.37 18.16 -31.15
N LYS E 527 4.93 17.99 -29.94
CA LYS E 527 5.79 16.85 -29.68
C LYS E 527 5.04 15.54 -29.79
N GLU E 528 3.78 15.51 -29.32
CA GLU E 528 2.97 14.30 -29.39
C GLU E 528 1.72 14.54 -30.22
N GLY F 3 -43.20 -10.26 59.49
CA GLY F 3 -43.48 -11.68 59.47
C GLY F 3 -44.54 -12.07 58.46
N GLN F 4 -45.17 -11.06 57.85
CA GLN F 4 -46.19 -11.32 56.85
C GLN F 4 -45.58 -11.95 55.61
N ALA F 5 -46.33 -12.83 54.97
CA ALA F 5 -45.85 -13.58 53.82
C ALA F 5 -46.89 -13.53 52.70
N PHE F 6 -46.42 -13.41 51.47
CA PHE F 6 -47.31 -13.51 50.32
C PHE F 6 -47.69 -14.96 50.09
N ARG F 7 -48.39 -15.22 48.99
CA ARG F 7 -48.84 -16.57 48.70
C ARG F 7 -47.65 -17.50 48.48
N LYS F 8 -47.52 -18.48 49.36
CA LYS F 8 -46.55 -19.57 49.24
C LYS F 8 -45.11 -19.04 49.16
N PHE F 9 -44.84 -17.93 49.86
CA PHE F 9 -43.54 -17.29 49.78
C PHE F 9 -43.35 -16.37 50.97
N LEU F 10 -42.13 -16.33 51.51
CA LEU F 10 -41.80 -15.46 52.63
C LEU F 10 -40.32 -15.06 52.56
N PRO F 11 -40.02 -13.78 52.36
CA PRO F 11 -38.62 -13.36 52.33
C PRO F 11 -37.99 -13.37 53.71
N LEU F 12 -36.66 -13.45 53.72
CA LEU F 12 -35.89 -13.42 54.96
C LEU F 12 -35.16 -12.09 55.09
N PHE F 13 -34.63 -11.84 56.29
CA PHE F 13 -33.87 -10.64 56.63
C PHE F 13 -34.77 -9.43 56.40
N ASP F 14 -34.28 -8.36 55.76
CA ASP F 14 -35.07 -7.17 55.54
C ASP F 14 -35.58 -7.06 54.10
N ARG F 15 -35.48 -8.12 53.32
CA ARG F 15 -35.90 -8.08 51.93
C ARG F 15 -37.42 -7.89 51.85
N VAL F 16 -37.84 -7.08 50.88
CA VAL F 16 -39.24 -6.72 50.71
C VAL F 16 -39.66 -7.08 49.29
N LEU F 17 -40.78 -7.80 49.17
CA LEU F 17 -41.32 -8.21 47.87
C LEU F 17 -42.48 -7.30 47.51
N VAL F 18 -42.37 -6.64 46.36
CA VAL F 18 -43.37 -5.68 45.90
C VAL F 18 -43.77 -6.04 44.48
N GLU F 19 -44.84 -5.39 44.02
CA GLU F 19 -45.34 -5.56 42.66
C GLU F 19 -45.46 -4.19 42.02
N ARG F 20 -44.94 -4.05 40.80
CA ARG F 20 -44.95 -2.76 40.12
C ARG F 20 -46.34 -2.43 39.61
N SER F 21 -46.69 -1.15 39.67
CA SER F 21 -48.01 -0.70 39.27
C SER F 21 -48.18 -0.82 37.75
N ALA F 22 -49.42 -0.65 37.31
CA ALA F 22 -49.73 -0.74 35.89
C ALA F 22 -49.09 0.42 35.13
N ALA F 23 -48.49 0.11 33.98
CA ALA F 23 -47.82 1.12 33.19
C ALA F 23 -48.83 2.05 32.53
N GLU F 24 -48.38 3.27 32.22
CA GLU F 24 -49.23 4.27 31.59
C GLU F 24 -49.15 4.11 30.07
N THR F 25 -50.05 3.29 29.54
CA THR F 25 -50.09 3.05 28.10
C THR F 25 -50.97 4.04 27.36
N VAL F 26 -51.78 4.82 28.08
CA VAL F 26 -52.66 5.82 27.47
C VAL F 26 -52.47 7.14 28.19
N THR F 27 -52.22 8.19 27.43
CA THR F 27 -52.06 9.54 27.95
C THR F 27 -53.44 10.18 28.16
N LYS F 28 -53.50 11.15 29.07
CA LYS F 28 -54.76 11.82 29.38
C LYS F 28 -55.42 12.41 28.14
N GLY F 29 -54.62 12.79 27.14
CA GLY F 29 -55.15 13.33 25.91
C GLY F 29 -55.65 12.32 24.91
N GLY F 30 -55.59 11.03 25.25
CA GLY F 30 -56.04 9.97 24.36
C GLY F 30 -54.94 9.33 23.54
N ILE F 31 -53.74 9.91 23.53
CA ILE F 31 -52.63 9.33 22.79
C ILE F 31 -52.09 8.12 23.55
N MET F 32 -52.00 6.98 22.87
CA MET F 32 -51.50 5.76 23.46
C MET F 32 -50.04 5.57 23.10
N LEU F 33 -49.22 5.25 24.11
CA LEU F 33 -47.78 5.12 23.97
C LEU F 33 -47.39 3.73 23.50
N PRO F 34 -46.28 3.60 22.78
CA PRO F 34 -45.80 2.27 22.40
C PRO F 34 -45.30 1.50 23.61
N GLU F 35 -45.39 0.17 23.51
CA GLU F 35 -44.93 -0.69 24.60
C GLU F 35 -43.43 -0.58 24.83
N LYS F 36 -42.67 -0.29 23.77
CA LYS F 36 -41.22 -0.21 23.90
C LYS F 36 -40.78 0.97 24.77
N SER F 37 -41.49 2.09 24.68
CA SER F 37 -41.18 3.27 25.47
C SER F 37 -41.75 3.11 26.88
N GLN F 38 -41.78 4.21 27.62
CA GLN F 38 -42.33 4.38 28.97
C GLN F 38 -41.55 3.64 30.05
N GLY F 39 -40.52 2.89 29.70
CA GLY F 39 -39.62 2.31 30.69
C GLY F 39 -40.32 1.37 31.65
N LYS F 40 -39.93 1.46 32.92
CA LYS F 40 -40.47 0.63 33.98
C LYS F 40 -41.11 1.51 35.04
N VAL F 41 -42.20 1.01 35.63
CA VAL F 41 -42.94 1.77 36.63
C VAL F 41 -42.15 1.82 37.93
N LEU F 42 -42.01 3.03 38.48
CA LEU F 42 -41.28 3.22 39.72
C LEU F 42 -42.18 3.13 40.96
N GLN F 43 -43.49 3.26 40.79
CA GLN F 43 -44.43 3.16 41.90
C GLN F 43 -44.85 1.71 42.08
N ALA F 44 -44.71 1.20 43.29
CA ALA F 44 -45.03 -0.18 43.58
C ALA F 44 -45.81 -0.27 44.88
N THR F 45 -46.35 -1.47 45.14
CA THR F 45 -47.09 -1.75 46.35
C THR F 45 -46.46 -2.94 47.04
N VAL F 46 -46.22 -2.82 48.36
CA VAL F 46 -45.57 -3.89 49.10
C VAL F 46 -46.56 -5.02 49.32
N VAL F 47 -46.16 -6.24 48.94
CA VAL F 47 -46.99 -7.42 49.13
C VAL F 47 -46.38 -8.42 50.10
N ALA F 48 -45.10 -8.32 50.43
CA ALA F 48 -44.49 -9.20 51.40
C ALA F 48 -43.35 -8.48 52.09
N VAL F 49 -43.24 -8.67 53.41
CA VAL F 49 -42.22 -8.02 54.21
C VAL F 49 -41.37 -9.07 54.89
N GLY F 50 -40.07 -8.79 55.00
CA GLY F 50 -39.15 -9.71 55.64
C GLY F 50 -39.31 -9.76 57.14
N SER F 51 -38.64 -10.74 57.75
CA SER F 51 -38.75 -10.92 59.19
C SER F 51 -38.15 -9.75 59.96
N GLY F 52 -37.00 -9.27 59.51
CA GLY F 52 -36.32 -8.19 60.20
C GLY F 52 -34.82 -8.32 60.04
N SER F 53 -34.12 -7.33 60.59
CA SER F 53 -32.66 -7.25 60.46
C SER F 53 -31.99 -7.67 61.76
N LYS F 54 -31.00 -8.56 61.64
CA LYS F 54 -30.19 -8.99 62.76
C LYS F 54 -28.85 -8.25 62.83
N GLY F 55 -28.76 -7.08 62.21
CA GLY F 55 -27.54 -6.30 62.29
C GLY F 55 -27.17 -5.92 63.71
N LYS F 56 -28.16 -5.52 64.49
CA LYS F 56 -27.99 -5.28 65.92
C LYS F 56 -28.34 -6.58 66.66
N GLY F 57 -27.40 -7.08 67.45
CA GLY F 57 -27.61 -8.36 68.09
C GLY F 57 -28.73 -8.33 69.11
N GLY F 58 -29.29 -9.51 69.37
CA GLY F 58 -30.37 -9.63 70.31
C GLY F 58 -31.73 -9.81 69.67
N GLU F 59 -32.56 -8.77 69.70
CA GLU F 59 -33.92 -8.87 69.19
C GLU F 59 -33.94 -8.58 67.70
N ILE F 60 -35.16 -8.55 67.14
CA ILE F 60 -35.35 -8.28 65.72
C ILE F 60 -35.70 -6.81 65.55
N GLN F 61 -35.43 -6.28 64.37
CA GLN F 61 -35.80 -4.92 64.00
C GLN F 61 -36.74 -4.97 62.80
N PRO F 62 -38.05 -4.82 63.00
CA PRO F 62 -38.98 -4.97 61.88
C PRO F 62 -38.80 -3.88 60.83
N VAL F 63 -39.16 -4.23 59.60
CA VAL F 63 -39.04 -3.31 58.48
C VAL F 63 -39.99 -2.12 58.68
N SER F 64 -39.64 -1.01 58.03
CA SER F 64 -40.42 0.22 58.16
C SER F 64 -41.67 0.25 57.28
N VAL F 65 -41.80 -0.69 56.34
CA VAL F 65 -42.96 -0.74 55.46
C VAL F 65 -43.79 -1.96 55.82
N LYS F 66 -45.05 -1.94 55.41
CA LYS F 66 -45.99 -3.02 55.68
C LYS F 66 -46.70 -3.41 54.39
N VAL F 67 -47.46 -4.51 54.48
CA VAL F 67 -48.15 -5.03 53.30
C VAL F 67 -49.21 -4.04 52.84
N GLY F 68 -49.25 -3.81 51.52
CA GLY F 68 -50.22 -2.92 50.92
C GLY F 68 -49.78 -1.47 50.84
N ASP F 69 -48.64 -1.12 51.44
CA ASP F 69 -48.17 0.25 51.38
C ASP F 69 -47.63 0.58 49.99
N LYS F 70 -47.83 1.84 49.58
CA LYS F 70 -47.37 2.30 48.28
C LYS F 70 -46.03 3.00 48.43
N VAL F 71 -45.06 2.60 47.62
CA VAL F 71 -43.69 3.09 47.73
C VAL F 71 -43.16 3.44 46.35
N LEU F 72 -42.05 4.18 46.35
CA LEU F 72 -41.33 4.55 45.14
C LEU F 72 -40.05 3.74 45.06
N LEU F 73 -39.83 3.07 43.93
CA LEU F 73 -38.69 2.19 43.79
C LEU F 73 -37.52 2.89 43.12
N PRO F 74 -36.29 2.46 43.41
CA PRO F 74 -35.13 3.04 42.72
C PRO F 74 -35.02 2.49 41.30
N GLU F 75 -34.24 3.22 40.48
CA GLU F 75 -34.02 2.80 39.11
C GLU F 75 -33.23 1.50 39.04
N TYR F 76 -32.26 1.32 39.94
CA TYR F 76 -31.41 0.15 39.95
C TYR F 76 -31.67 -0.70 41.19
N GLY F 77 -31.29 -1.97 41.10
CA GLY F 77 -31.48 -2.91 42.17
C GLY F 77 -32.77 -3.72 41.99
N GLY F 78 -32.92 -4.70 42.88
CA GLY F 78 -34.07 -5.56 42.85
C GLY F 78 -33.82 -6.85 42.08
N THR F 79 -34.59 -7.89 42.43
CA THR F 79 -34.46 -9.19 41.83
C THR F 79 -35.83 -9.66 41.35
N LYS F 80 -35.86 -10.28 40.17
CA LYS F 80 -37.11 -10.76 39.59
C LYS F 80 -37.53 -12.06 40.26
N VAL F 81 -38.79 -12.14 40.68
CA VAL F 81 -39.36 -13.33 41.29
C VAL F 81 -40.67 -13.65 40.56
N VAL F 82 -40.93 -14.94 40.36
CA VAL F 82 -42.12 -15.40 39.67
C VAL F 82 -42.98 -16.17 40.65
N LEU F 83 -44.21 -15.69 40.85
CA LEU F 83 -45.18 -16.33 41.73
C LEU F 83 -46.50 -16.44 40.97
N ASP F 84 -46.96 -17.68 40.77
CA ASP F 84 -48.17 -17.95 39.99
C ASP F 84 -48.10 -17.29 38.61
N ASP F 85 -46.94 -17.45 37.97
CA ASP F 85 -46.65 -16.88 36.66
C ASP F 85 -46.81 -15.36 36.64
N LYS F 86 -46.77 -14.73 37.81
CA LYS F 86 -46.82 -13.28 37.91
C LYS F 86 -45.48 -12.75 38.39
N ASP F 87 -45.13 -11.56 37.92
CA ASP F 87 -43.83 -10.95 38.16
C ASP F 87 -43.89 -10.12 39.43
N TYR F 88 -42.86 -10.24 40.25
CA TYR F 88 -42.69 -9.41 41.43
C TYR F 88 -41.21 -9.06 41.56
N PHE F 89 -40.92 -8.02 42.33
CA PHE F 89 -39.56 -7.54 42.51
C PHE F 89 -39.19 -7.52 43.98
N LEU F 90 -38.01 -8.05 44.29
CA LEU F 90 -37.52 -8.15 45.66
C LEU F 90 -36.39 -7.14 45.86
N PHE F 91 -36.54 -6.28 46.86
CA PHE F 91 -35.57 -5.25 47.18
C PHE F 91 -35.13 -5.41 48.64
N ARG F 92 -34.34 -4.46 49.10
CA ARG F 92 -34.00 -4.34 50.51
C ARG F 92 -34.73 -3.15 51.11
N ASP F 93 -34.72 -3.07 52.44
CA ASP F 93 -35.36 -1.95 53.12
C ASP F 93 -34.69 -0.63 52.76
N GLY F 94 -33.36 -0.61 52.72
CA GLY F 94 -32.65 0.63 52.46
C GLY F 94 -32.77 1.14 51.04
N ASP F 95 -33.19 0.27 50.11
CA ASP F 95 -33.31 0.69 48.71
C ASP F 95 -34.60 1.44 48.43
N ILE F 96 -35.57 1.41 49.34
CA ILE F 96 -36.85 2.08 49.12
C ILE F 96 -36.69 3.56 49.45
N LEU F 97 -36.95 4.41 48.46
CA LEU F 97 -36.77 5.85 48.66
C LEU F 97 -37.80 6.41 49.64
N GLY F 98 -39.07 6.10 49.42
CA GLY F 98 -40.11 6.66 50.26
C GLY F 98 -41.42 5.96 50.03
N LYS F 99 -42.40 6.35 50.84
CA LYS F 99 -43.73 5.75 50.82
C LYS F 99 -44.78 6.80 50.48
N TYR F 100 -45.83 6.38 49.79
CA TYR F 100 -46.95 7.25 49.45
C TYR F 100 -47.95 7.20 50.58
N VAL F 101 -47.93 8.21 51.45
CA VAL F 101 -48.86 8.27 52.56
C VAL F 101 -50.22 8.71 52.03
N ASP F 102 -51.24 7.88 52.24
CA ASP F 102 -52.58 8.16 51.73
C ASP F 102 -53.63 7.40 52.53
N GLY G 1 -10.33 19.78 -26.78
CA GLY G 1 -9.11 19.11 -26.35
C GLY G 1 -8.62 18.08 -27.34
N SER G 2 -9.56 17.45 -28.05
CA SER G 2 -9.26 16.43 -29.04
C SER G 2 -9.47 17.00 -30.44
N ALA G 3 -8.49 16.80 -31.31
CA ALA G 3 -8.58 17.31 -32.68
C ALA G 3 -9.76 16.69 -33.40
N LYS G 4 -10.44 17.50 -34.20
CA LYS G 4 -11.65 17.08 -34.89
C LYS G 4 -11.47 17.17 -36.39
N ASP G 5 -12.17 16.29 -37.11
CA ASP G 5 -12.29 16.34 -38.55
C ASP G 5 -13.70 16.78 -38.89
N VAL G 6 -13.81 17.80 -39.75
CA VAL G 6 -15.09 18.41 -40.10
C VAL G 6 -15.34 18.16 -41.59
N LYS G 7 -16.50 17.61 -41.90
CA LYS G 7 -16.88 17.31 -43.28
C LYS G 7 -18.18 18.04 -43.62
N PHE G 8 -18.23 18.58 -44.83
CA PHE G 8 -19.29 19.47 -45.26
C PHE G 8 -20.09 18.85 -46.39
N GLY G 9 -21.40 19.07 -46.36
CA GLY G 9 -22.24 18.80 -47.53
C GLY G 9 -22.35 17.33 -47.88
N ALA G 10 -22.12 17.02 -49.16
CA ALA G 10 -22.51 15.74 -49.70
C ALA G 10 -21.59 14.60 -49.25
N ASP G 11 -20.33 14.92 -48.91
CA ASP G 11 -19.40 13.87 -48.53
C ASP G 11 -19.82 13.20 -47.22
N ALA G 12 -20.14 14.01 -46.21
CA ALA G 12 -20.59 13.46 -44.94
C ALA G 12 -21.90 12.71 -45.10
N ARG G 13 -22.82 13.24 -45.90
CA ARG G 13 -24.08 12.56 -46.15
C ARG G 13 -23.85 11.20 -46.81
N ALA G 14 -22.93 11.15 -47.78
CA ALA G 14 -22.63 9.89 -48.45
C ALA G 14 -22.03 8.87 -47.50
N LEU G 15 -21.11 9.32 -46.63
CA LEU G 15 -20.50 8.39 -45.68
C LEU G 15 -21.52 7.86 -44.67
N MET G 16 -22.37 8.74 -44.13
CA MET G 16 -23.41 8.30 -43.21
C MET G 16 -24.38 7.35 -43.90
N LEU G 17 -24.71 7.64 -45.16
CA LEU G 17 -25.58 6.74 -45.92
C LEU G 17 -24.93 5.39 -46.12
N GLN G 18 -23.61 5.37 -46.35
CA GLN G 18 -22.91 4.10 -46.50
C GLN G 18 -23.01 3.29 -45.21
N GLY G 19 -22.79 3.93 -44.06
CA GLY G 19 -22.92 3.22 -42.80
C GLY G 19 -24.32 2.70 -42.55
N VAL G 20 -25.32 3.55 -42.81
CA VAL G 20 -26.71 3.16 -42.62
C VAL G 20 -27.07 1.99 -43.52
N ASP G 21 -26.66 2.05 -44.79
CA ASP G 21 -26.95 0.97 -45.72
C ASP G 21 -26.26 -0.32 -45.29
N LEU G 22 -25.02 -0.25 -44.82
CA LEU G 22 -24.35 -1.46 -44.37
C LEU G 22 -25.11 -2.10 -43.21
N LEU G 23 -25.44 -1.30 -42.19
CA LEU G 23 -26.13 -1.87 -41.03
C LEU G 23 -27.50 -2.41 -41.42
N ALA G 24 -28.24 -1.68 -42.25
CA ALA G 24 -29.59 -2.12 -42.60
C ALA G 24 -29.58 -3.30 -43.57
N ASP G 25 -28.53 -3.44 -44.37
CA ASP G 25 -28.39 -4.63 -45.20
C ASP G 25 -28.07 -5.84 -44.33
N ALA G 26 -27.24 -5.66 -43.31
CA ALA G 26 -26.99 -6.75 -42.38
C ALA G 26 -28.26 -7.15 -41.64
N VAL G 27 -29.05 -6.18 -41.19
CA VAL G 27 -30.25 -6.47 -40.43
C VAL G 27 -31.34 -7.07 -41.32
N ALA G 28 -31.54 -6.52 -42.51
CA ALA G 28 -32.71 -6.81 -43.33
C ALA G 28 -32.76 -8.25 -43.84
N VAL G 29 -31.66 -9.00 -43.75
CA VAL G 29 -31.71 -10.42 -44.15
C VAL G 29 -32.42 -11.29 -43.14
N THR G 30 -32.88 -10.71 -42.03
CA THR G 30 -33.61 -11.42 -41.00
C THR G 30 -35.07 -11.01 -40.97
N MET G 31 -35.66 -10.77 -42.14
CA MET G 31 -37.02 -10.28 -42.26
C MET G 31 -37.88 -11.29 -43.01
N GLY G 32 -39.10 -11.50 -42.52
CA GLY G 32 -40.04 -12.37 -43.17
C GLY G 32 -39.91 -13.80 -42.72
N PRO G 33 -40.89 -14.64 -43.08
CA PRO G 33 -40.81 -16.06 -42.73
C PRO G 33 -39.65 -16.78 -43.38
N LYS G 34 -39.15 -16.28 -44.51
CA LYS G 34 -38.04 -16.90 -45.21
C LYS G 34 -36.72 -16.20 -44.93
N GLY G 35 -36.67 -15.32 -43.94
CA GLY G 35 -35.42 -14.67 -43.60
C GLY G 35 -34.43 -15.64 -42.99
N ARG G 36 -33.15 -15.30 -43.12
CA ARG G 36 -32.06 -16.13 -42.64
C ARG G 36 -31.46 -15.52 -41.38
N THR G 37 -30.55 -16.27 -40.75
CA THR G 37 -29.99 -15.88 -39.46
C THR G 37 -28.63 -15.24 -39.65
N VAL G 38 -28.18 -14.56 -38.59
CA VAL G 38 -26.91 -13.86 -38.56
C VAL G 38 -26.08 -14.42 -37.41
N ILE G 39 -24.81 -14.72 -37.70
CA ILE G 39 -23.89 -15.25 -36.70
C ILE G 39 -22.97 -14.13 -36.24
N ILE G 40 -22.99 -13.84 -34.95
CA ILE G 40 -22.20 -12.79 -34.34
C ILE G 40 -21.15 -13.43 -33.45
N GLU G 41 -19.88 -13.10 -33.69
CA GLU G 41 -18.80 -13.67 -32.91
C GLU G 41 -18.81 -13.09 -31.50
N GLN G 42 -18.80 -13.97 -30.50
CA GLN G 42 -18.69 -13.58 -29.10
C GLN G 42 -17.24 -13.76 -28.66
N SER G 43 -16.70 -12.73 -27.99
CA SER G 43 -15.29 -12.76 -27.62
C SER G 43 -14.99 -13.89 -26.64
N TRP G 44 -15.90 -14.14 -25.70
CA TRP G 44 -15.63 -15.12 -24.65
C TRP G 44 -15.80 -16.55 -25.15
N GLY G 45 -17.01 -16.88 -25.62
CA GLY G 45 -17.30 -18.27 -25.98
C GLY G 45 -17.92 -18.45 -27.35
N SER G 46 -18.97 -19.26 -27.40
CA SER G 46 -19.58 -19.64 -28.67
C SER G 46 -20.26 -18.44 -29.32
N PRO G 47 -20.26 -18.36 -30.64
CA PRO G 47 -20.96 -17.28 -31.33
C PRO G 47 -22.46 -17.39 -31.17
N LYS G 48 -23.13 -16.25 -31.33
CA LYS G 48 -24.58 -16.17 -31.20
C LYS G 48 -25.21 -16.21 -32.60
N VAL G 49 -26.04 -17.22 -32.83
CA VAL G 49 -26.82 -17.32 -34.06
C VAL G 49 -28.20 -16.74 -33.75
N THR G 50 -28.51 -15.58 -34.33
CA THR G 50 -29.71 -14.86 -33.96
C THR G 50 -30.47 -14.40 -35.20
N LYS G 51 -31.78 -14.22 -35.04
CA LYS G 51 -32.65 -13.67 -36.06
C LYS G 51 -33.33 -12.40 -35.58
N ASP G 52 -32.82 -11.79 -34.52
CA ASP G 52 -33.42 -10.61 -33.92
C ASP G 52 -32.81 -9.35 -34.51
N GLY G 53 -33.68 -8.40 -34.89
CA GLY G 53 -33.19 -7.19 -35.53
C GLY G 53 -32.32 -6.35 -34.63
N VAL G 54 -32.77 -6.13 -33.39
CA VAL G 54 -32.02 -5.27 -32.49
C VAL G 54 -30.72 -5.93 -32.05
N THR G 55 -30.71 -7.27 -31.92
CA THR G 55 -29.48 -7.96 -31.56
C THR G 55 -28.42 -7.81 -32.64
N VAL G 56 -28.82 -7.90 -33.91
CA VAL G 56 -27.87 -7.70 -34.99
C VAL G 56 -27.45 -6.24 -35.06
N ALA G 57 -28.39 -5.32 -34.84
CA ALA G 57 -28.07 -3.90 -34.94
C ALA G 57 -27.07 -3.48 -33.87
N LYS G 58 -27.30 -3.88 -32.62
CA LYS G 58 -26.47 -3.43 -31.51
C LYS G 58 -25.05 -4.01 -31.56
N SER G 59 -24.84 -5.07 -32.32
CA SER G 59 -23.55 -5.76 -32.36
C SER G 59 -22.66 -5.28 -33.49
N ILE G 60 -23.05 -4.23 -34.22
CA ILE G 60 -22.30 -3.75 -35.37
C ILE G 60 -21.74 -2.38 -35.05
N ASP G 61 -20.42 -2.26 -35.09
CA ASP G 61 -19.72 -0.99 -34.98
C ASP G 61 -18.69 -0.91 -36.10
N LEU G 62 -18.53 0.27 -36.66
CA LEU G 62 -17.69 0.46 -37.84
C LEU G 62 -16.47 1.31 -37.50
N LYS G 63 -15.38 1.06 -38.23
CA LYS G 63 -14.14 1.76 -37.97
C LYS G 63 -14.24 3.24 -38.36
N ASP G 64 -14.79 3.50 -39.55
CA ASP G 64 -14.92 4.88 -40.01
C ASP G 64 -15.91 5.64 -39.13
N LYS G 65 -15.56 6.88 -38.78
CA LYS G 65 -16.33 7.63 -37.81
C LYS G 65 -17.71 8.02 -38.34
N TYR G 66 -17.79 8.40 -39.62
CA TYR G 66 -19.07 8.83 -40.18
C TYR G 66 -20.01 7.65 -40.39
N LYS G 67 -19.50 6.55 -40.94
CA LYS G 67 -20.28 5.33 -41.00
C LYS G 67 -20.67 4.86 -39.61
N ASN G 68 -19.80 5.07 -38.62
CA ASN G 68 -20.15 4.76 -37.24
C ASN G 68 -21.29 5.63 -36.75
N ILE G 69 -21.32 6.91 -37.15
CA ILE G 69 -22.41 7.79 -36.76
C ILE G 69 -23.73 7.30 -37.32
N GLY G 70 -23.73 6.95 -38.61
CA GLY G 70 -24.94 6.41 -39.22
C GLY G 70 -25.39 5.11 -38.56
N ALA G 71 -24.43 4.23 -38.26
CA ALA G 71 -24.75 2.98 -37.58
C ALA G 71 -25.30 3.24 -36.20
N LYS G 72 -24.77 4.23 -35.49
CA LYS G 72 -25.27 4.55 -34.16
C LYS G 72 -26.70 5.06 -34.22
N LEU G 73 -27.02 5.88 -35.22
CA LEU G 73 -28.40 6.35 -35.35
C LEU G 73 -29.35 5.20 -35.66
N VAL G 74 -28.95 4.29 -36.56
CA VAL G 74 -29.81 3.15 -36.86
C VAL G 74 -29.95 2.24 -35.63
N GLN G 75 -28.86 2.12 -34.85
CA GLN G 75 -28.93 1.36 -33.60
C GLN G 75 -29.90 2.00 -32.62
N ASP G 76 -29.92 3.33 -32.57
CA ASP G 76 -30.90 4.03 -31.74
C ASP G 76 -32.32 3.70 -32.19
N VAL G 77 -32.55 3.69 -33.50
CA VAL G 77 -33.87 3.33 -34.02
C VAL G 77 -34.27 1.94 -33.55
N ALA G 78 -33.38 0.97 -33.74
CA ALA G 78 -33.69 -0.41 -33.40
C ALA G 78 -33.90 -0.57 -31.89
N ASN G 79 -33.06 0.09 -31.09
CA ASN G 79 -33.17 -0.03 -29.64
C ASN G 79 -34.45 0.59 -29.13
N ASN G 80 -34.83 1.76 -29.65
CA ASN G 80 -36.08 2.38 -29.22
C ASN G 80 -37.27 1.51 -29.60
N THR G 81 -37.26 0.95 -30.81
CA THR G 81 -38.35 0.08 -31.23
C THR G 81 -38.43 -1.17 -30.35
N ASN G 82 -37.28 -1.74 -30.01
CA ASN G 82 -37.26 -2.94 -29.17
C ASN G 82 -37.75 -2.64 -27.76
N GLU G 83 -37.31 -1.53 -27.16
CA GLU G 83 -37.69 -1.25 -25.79
C GLU G 83 -39.13 -0.79 -25.66
N GLU G 84 -39.67 -0.12 -26.69
CA GLU G 84 -41.05 0.36 -26.58
C GLU G 84 -42.06 -0.72 -26.91
N ALA G 85 -41.87 -1.43 -28.03
CA ALA G 85 -42.85 -2.40 -28.49
C ALA G 85 -42.44 -3.84 -28.23
N GLY G 86 -41.16 -4.16 -28.31
CA GLY G 86 -40.69 -5.53 -28.15
C GLY G 86 -40.62 -6.32 -29.45
N ASP G 87 -41.06 -5.75 -30.56
CA ASP G 87 -41.02 -6.43 -31.85
C ASP G 87 -40.97 -5.37 -32.93
N GLY G 88 -40.83 -5.83 -34.18
CA GLY G 88 -40.76 -4.91 -35.29
C GLY G 88 -39.46 -4.13 -35.39
N THR G 89 -38.35 -4.72 -34.94
CA THR G 89 -37.06 -4.03 -35.02
C THR G 89 -36.55 -3.95 -36.45
N THR G 90 -36.65 -5.06 -37.20
CA THR G 90 -36.20 -5.05 -38.58
C THR G 90 -37.05 -4.12 -39.44
N THR G 91 -38.36 -4.09 -39.18
CA THR G 91 -39.23 -3.17 -39.90
C THR G 91 -38.81 -1.73 -39.66
N ALA G 92 -38.54 -1.38 -38.41
CA ALA G 92 -38.09 -0.02 -38.09
C ALA G 92 -36.75 0.28 -38.76
N THR G 93 -35.85 -0.70 -38.78
CA THR G 93 -34.54 -0.49 -39.38
C THR G 93 -34.65 -0.22 -40.88
N VAL G 94 -35.44 -1.03 -41.59
CA VAL G 94 -35.57 -0.85 -43.03
C VAL G 94 -36.31 0.44 -43.35
N LEU G 95 -37.32 0.79 -42.53
CA LEU G 95 -38.00 2.06 -42.73
C LEU G 95 -37.06 3.24 -42.52
N ALA G 96 -36.20 3.16 -41.50
CA ALA G 96 -35.25 4.23 -41.25
C ALA G 96 -34.26 4.37 -42.40
N ARG G 97 -33.74 3.25 -42.90
CA ARG G 97 -32.82 3.33 -44.03
C ARG G 97 -33.52 3.93 -45.25
N SER G 98 -34.75 3.50 -45.52
CA SER G 98 -35.46 4.03 -46.68
C SER G 98 -35.70 5.53 -46.55
N ILE G 99 -36.14 5.99 -45.37
CA ILE G 99 -36.39 7.41 -45.20
C ILE G 99 -35.12 8.21 -45.35
N ALA G 100 -34.02 7.73 -44.74
CA ALA G 100 -32.75 8.45 -44.84
C ALA G 100 -32.28 8.52 -46.29
N LYS G 101 -32.35 7.40 -47.01
CA LYS G 101 -31.90 7.38 -48.40
C LYS G 101 -32.76 8.30 -49.26
N GLU G 102 -34.08 8.23 -49.11
CA GLU G 102 -34.96 9.06 -49.92
C GLU G 102 -34.80 10.54 -49.60
N GLY G 103 -34.51 10.88 -48.35
CA GLY G 103 -34.32 12.28 -47.99
C GLY G 103 -32.98 12.84 -48.36
N PHE G 104 -31.96 11.97 -48.47
CA PHE G 104 -30.62 12.47 -48.77
C PHE G 104 -30.53 13.07 -50.18
N GLU G 105 -31.13 12.41 -51.17
CA GLU G 105 -31.08 12.98 -52.52
C GLU G 105 -31.99 14.18 -52.67
N LYS G 106 -33.05 14.27 -51.87
CA LYS G 106 -33.95 15.42 -51.94
C LYS G 106 -33.30 16.69 -51.41
N ILE G 107 -32.19 16.60 -50.69
CA ILE G 107 -31.51 17.77 -50.17
C ILE G 107 -30.78 18.47 -51.31
N SER G 108 -31.05 19.76 -51.47
CA SER G 108 -30.43 20.57 -52.51
C SER G 108 -30.10 21.94 -51.94
N LYS G 109 -29.62 22.83 -52.81
CA LYS G 109 -29.29 24.18 -52.37
C LYS G 109 -30.54 24.94 -51.93
N GLY G 110 -31.63 24.80 -52.67
CA GLY G 110 -32.86 25.49 -52.35
C GLY G 110 -33.82 24.75 -51.46
N ALA G 111 -33.56 23.47 -51.19
CA ALA G 111 -34.45 22.69 -50.34
C ALA G 111 -34.33 23.12 -48.88
N ASN G 112 -35.39 22.89 -48.13
CA ASN G 112 -35.44 23.22 -46.71
C ASN G 112 -35.61 21.93 -45.91
N PRO G 113 -34.53 21.35 -45.39
CA PRO G 113 -34.63 20.05 -44.72
C PRO G 113 -35.56 20.04 -43.51
N VAL G 114 -35.64 21.13 -42.76
CA VAL G 114 -36.48 21.14 -41.56
C VAL G 114 -37.96 21.09 -41.95
N GLU G 115 -38.34 21.78 -43.01
CA GLU G 115 -39.73 21.70 -43.48
C GLU G 115 -40.04 20.33 -44.06
N ILE G 116 -39.05 19.70 -44.71
CA ILE G 116 -39.22 18.32 -45.16
C ILE G 116 -39.47 17.40 -43.97
N ARG G 117 -38.71 17.60 -42.89
CA ARG G 117 -38.92 16.79 -41.69
C ARG G 117 -40.31 17.03 -41.10
N ARG G 118 -40.75 18.28 -41.07
CA ARG G 118 -42.09 18.58 -40.56
C ARG G 118 -43.16 17.89 -41.39
N GLY G 119 -43.01 17.93 -42.72
CA GLY G 119 -43.95 17.22 -43.58
C GLY G 119 -43.92 15.71 -43.35
N VAL G 120 -42.73 15.16 -43.11
CA VAL G 120 -42.60 13.73 -42.83
C VAL G 120 -43.36 13.38 -41.55
N MET G 121 -43.18 14.19 -40.50
CA MET G 121 -43.90 13.92 -39.25
C MET G 121 -45.40 14.05 -39.44
N LEU G 122 -45.85 15.03 -40.23
CA LEU G 122 -47.28 15.17 -40.50
C LEU G 122 -47.82 13.94 -41.22
N ALA G 123 -47.11 13.46 -42.24
CA ALA G 123 -47.54 12.27 -42.97
C ALA G 123 -47.56 11.05 -42.06
N VAL G 124 -46.56 10.93 -41.18
CA VAL G 124 -46.52 9.79 -40.27
C VAL G 124 -47.68 9.85 -39.29
N ASP G 125 -48.03 11.04 -38.81
CA ASP G 125 -49.19 11.18 -37.95
C ASP G 125 -50.46 10.76 -38.66
N ALA G 126 -50.62 11.16 -39.93
CA ALA G 126 -51.79 10.73 -40.69
C ALA G 126 -51.83 9.22 -40.87
N VAL G 127 -50.68 8.61 -41.16
CA VAL G 127 -50.63 7.16 -41.34
C VAL G 127 -50.97 6.44 -40.05
N ILE G 128 -50.47 6.96 -38.92
CA ILE G 128 -50.75 6.36 -37.63
C ILE G 128 -52.24 6.47 -37.31
N ALA G 129 -52.85 7.60 -37.62
CA ALA G 129 -54.29 7.74 -37.42
C ALA G 129 -55.06 6.73 -38.26
N GLU G 130 -54.66 6.56 -39.52
CA GLU G 130 -55.32 5.57 -40.37
C GLU G 130 -55.16 4.15 -39.81
N LEU G 131 -53.95 3.82 -39.34
CA LEU G 131 -53.71 2.51 -38.77
C LEU G 131 -54.57 2.26 -37.55
N LYS G 132 -54.69 3.27 -36.68
CA LYS G 132 -55.56 3.14 -35.52
C LYS G 132 -57.01 2.96 -35.93
N LYS G 133 -57.45 3.69 -36.97
CA LYS G 133 -58.82 3.57 -37.43
C LYS G 133 -59.11 2.18 -37.98
N GLN G 134 -58.19 1.60 -38.75
CA GLN G 134 -58.46 0.36 -39.46
C GLN G 134 -58.16 -0.90 -38.65
N SER G 135 -57.65 -0.76 -37.42
CA SER G 135 -57.36 -1.92 -36.60
C SER G 135 -58.63 -2.47 -35.97
N LYS G 136 -58.55 -3.73 -35.53
CA LYS G 136 -59.67 -4.39 -34.86
C LYS G 136 -59.18 -5.08 -33.60
N PRO G 137 -60.04 -5.21 -32.60
CA PRO G 137 -59.61 -5.81 -31.33
C PRO G 137 -59.45 -7.31 -31.42
N VAL G 138 -58.76 -7.86 -30.43
CA VAL G 138 -58.55 -9.30 -30.32
C VAL G 138 -59.60 -9.87 -29.36
N THR G 139 -60.32 -10.89 -29.81
CA THR G 139 -61.41 -11.47 -29.03
C THR G 139 -61.19 -12.94 -28.71
N THR G 140 -60.81 -13.76 -29.70
CA THR G 140 -60.74 -15.19 -29.44
C THR G 140 -59.31 -15.63 -29.20
N PRO G 141 -59.11 -16.71 -28.44
CA PRO G 141 -57.76 -17.25 -28.27
C PRO G 141 -57.14 -17.76 -29.57
N GLU G 142 -57.94 -18.07 -30.58
CA GLU G 142 -57.40 -18.47 -31.87
C GLU G 142 -56.56 -17.34 -32.47
N GLU G 143 -57.04 -16.10 -32.35
CA GLU G 143 -56.25 -14.97 -32.82
C GLU G 143 -54.96 -14.84 -32.02
N ILE G 144 -55.01 -15.15 -30.72
CA ILE G 144 -53.80 -15.13 -29.90
C ILE G 144 -52.78 -16.14 -30.42
N ALA G 145 -53.26 -17.35 -30.72
CA ALA G 145 -52.38 -18.38 -31.25
C ALA G 145 -51.81 -17.96 -32.60
N GLN G 146 -52.64 -17.36 -33.46
CA GLN G 146 -52.17 -16.91 -34.77
C GLN G 146 -51.09 -15.84 -34.62
N VAL G 147 -51.30 -14.87 -33.73
CA VAL G 147 -50.32 -13.81 -33.52
C VAL G 147 -49.01 -14.37 -33.00
N ALA G 148 -49.10 -15.27 -32.01
CA ALA G 148 -47.89 -15.87 -31.47
C ALA G 148 -47.15 -16.68 -32.52
N THR G 149 -47.87 -17.43 -33.35
CA THR G 149 -47.24 -18.21 -34.40
C THR G 149 -46.57 -17.32 -35.42
N ILE G 150 -47.23 -16.24 -35.83
CA ILE G 150 -46.64 -15.33 -36.82
C ILE G 150 -45.38 -14.69 -36.27
N SER G 151 -45.43 -14.24 -35.01
CA SER G 151 -44.28 -13.56 -34.42
C SER G 151 -43.14 -14.51 -34.11
N ALA G 152 -43.41 -15.82 -34.05
CA ALA G 152 -42.38 -16.82 -33.76
C ALA G 152 -41.90 -17.53 -35.01
N ASN G 153 -41.82 -16.82 -36.13
CA ASN G 153 -41.33 -17.36 -37.41
C ASN G 153 -42.13 -18.58 -37.85
N GLY G 154 -43.45 -18.50 -37.68
CA GLY G 154 -44.33 -19.57 -38.13
C GLY G 154 -44.16 -20.89 -37.42
N ASP G 155 -44.04 -20.86 -36.08
CA ASP G 155 -43.91 -22.07 -35.28
C ASP G 155 -45.24 -22.32 -34.57
N LYS G 156 -45.92 -23.39 -34.98
CA LYS G 156 -47.24 -23.68 -34.42
C LYS G 156 -47.14 -24.06 -32.95
N GLU G 157 -46.11 -24.81 -32.57
CA GLU G 157 -45.99 -25.28 -31.19
C GLU G 157 -45.85 -24.11 -30.22
N ILE G 158 -45.03 -23.12 -30.56
CA ILE G 158 -44.85 -21.97 -29.68
C ILE G 158 -46.15 -21.19 -29.54
N GLY G 159 -46.86 -21.01 -30.66
CA GLY G 159 -48.14 -20.31 -30.59
C GLY G 159 -49.14 -21.03 -29.72
N ASN G 160 -49.24 -22.35 -29.86
CA ASN G 160 -50.16 -23.12 -29.01
C ASN G 160 -49.75 -23.05 -27.55
N ILE G 161 -48.44 -23.11 -27.27
CA ILE G 161 -47.97 -23.05 -25.89
C ILE G 161 -48.35 -21.70 -25.26
N ILE G 162 -48.12 -20.62 -26.00
CA ILE G 162 -48.42 -19.30 -25.46
C ILE G 162 -49.91 -19.11 -25.29
N SER G 163 -50.71 -19.61 -26.24
CA SER G 163 -52.16 -19.51 -26.12
C SER G 163 -52.66 -20.28 -24.90
N ASP G 164 -52.13 -21.48 -24.68
CA ASP G 164 -52.52 -22.26 -23.51
C ASP G 164 -52.12 -21.56 -22.21
N ALA G 165 -50.92 -20.98 -22.18
CA ALA G 165 -50.48 -20.27 -20.98
C ALA G 165 -51.37 -19.09 -20.69
N MET G 166 -51.74 -18.32 -21.72
CA MET G 166 -52.62 -17.18 -21.50
C MET G 166 -54.03 -17.60 -21.13
N LYS G 167 -54.50 -18.73 -21.67
CA LYS G 167 -55.81 -19.24 -21.28
C LYS G 167 -55.84 -19.65 -19.81
N LYS G 168 -54.80 -20.36 -19.35
CA LYS G 168 -54.78 -20.89 -18.00
C LYS G 168 -54.25 -19.90 -16.97
N VAL G 169 -53.72 -18.76 -17.39
CA VAL G 169 -53.18 -17.76 -16.49
C VAL G 169 -53.90 -16.42 -16.61
N GLY G 170 -54.42 -16.11 -17.78
CA GLY G 170 -55.01 -14.80 -18.04
C GLY G 170 -54.23 -14.01 -19.07
N ARG G 171 -54.97 -13.22 -19.86
CA ARG G 171 -54.35 -12.47 -20.94
C ARG G 171 -53.38 -11.40 -20.44
N LYS G 172 -53.45 -11.06 -19.17
CA LYS G 172 -52.53 -10.10 -18.56
C LYS G 172 -51.84 -10.71 -17.34
N GLY G 173 -51.54 -12.00 -17.40
CA GLY G 173 -50.87 -12.69 -16.33
C GLY G 173 -49.36 -12.53 -16.40
N VAL G 174 -48.67 -13.25 -15.52
CA VAL G 174 -47.22 -13.22 -15.44
C VAL G 174 -46.69 -14.49 -16.08
N ILE G 175 -46.10 -14.34 -17.27
CA ILE G 175 -45.50 -15.43 -18.02
C ILE G 175 -44.03 -15.13 -18.19
N THR G 176 -43.18 -16.04 -17.75
CA THR G 176 -41.73 -15.91 -17.90
C THR G 176 -41.21 -17.07 -18.74
N VAL G 177 -40.05 -16.85 -19.35
CA VAL G 177 -39.44 -17.82 -20.25
C VAL G 177 -37.98 -18.02 -19.83
N LYS G 178 -37.52 -19.28 -19.87
CA LYS G 178 -36.14 -19.56 -19.54
C LYS G 178 -35.71 -20.86 -20.21
N ASP G 179 -34.39 -21.05 -20.27
CA ASP G 179 -33.83 -22.18 -20.99
C ASP G 179 -34.22 -23.50 -20.34
N GLY G 180 -34.41 -24.52 -21.17
CA GLY G 180 -34.72 -25.86 -20.70
C GLY G 180 -33.61 -26.83 -21.07
N LYS G 181 -33.43 -27.84 -20.22
CA LYS G 181 -32.40 -28.85 -20.44
C LYS G 181 -32.87 -30.00 -21.32
N THR G 182 -34.14 -30.01 -21.72
CA THR G 182 -34.71 -31.08 -22.52
C THR G 182 -34.77 -30.66 -23.99
N LEU G 183 -35.37 -31.52 -24.81
CA LEU G 183 -35.43 -31.29 -26.25
C LEU G 183 -36.64 -30.45 -26.67
N ASN G 184 -37.76 -30.60 -25.99
CA ASN G 184 -39.00 -29.96 -26.40
C ASN G 184 -39.45 -28.95 -25.34
N ASP G 185 -40.20 -27.95 -25.79
CA ASP G 185 -40.66 -26.90 -24.89
C ASP G 185 -41.67 -27.44 -23.89
N GLU G 186 -41.63 -26.90 -22.67
CA GLU G 186 -42.54 -27.28 -21.60
C GLU G 186 -43.19 -26.04 -21.02
N LEU G 187 -44.42 -26.20 -20.55
CA LEU G 187 -45.17 -25.12 -19.90
C LEU G 187 -45.58 -25.59 -18.51
N GLU G 188 -45.17 -24.84 -17.48
CA GLU G 188 -45.53 -25.17 -16.12
C GLU G 188 -46.25 -23.99 -15.48
N ILE G 189 -47.19 -24.29 -14.59
CA ILE G 189 -48.02 -23.29 -13.95
C ILE G 189 -47.83 -23.40 -12.44
N ILE G 190 -47.52 -22.28 -11.80
CA ILE G 190 -47.39 -22.21 -10.35
C ILE G 190 -48.65 -21.53 -9.82
N GLU G 191 -49.44 -22.28 -9.07
CA GLU G 191 -50.67 -21.79 -8.48
C GLU G 191 -50.48 -21.54 -6.99
N GLY G 192 -51.34 -20.69 -6.44
CA GLY G 192 -51.22 -20.34 -5.03
C GLY G 192 -49.95 -19.53 -4.79
N MET G 193 -49.37 -19.71 -3.61
CA MET G 193 -48.16 -19.01 -3.21
C MET G 193 -47.01 -20.00 -3.12
N LYS G 194 -45.90 -19.67 -3.79
CA LYS G 194 -44.72 -20.51 -3.77
C LYS G 194 -43.49 -19.62 -3.88
N PHE G 195 -42.57 -19.77 -2.93
CA PHE G 195 -41.36 -18.97 -2.88
C PHE G 195 -40.16 -19.88 -2.68
N ASP G 196 -39.02 -19.45 -3.21
CA ASP G 196 -37.80 -20.28 -3.23
C ASP G 196 -37.07 -20.21 -1.88
N ARG G 197 -37.74 -20.74 -0.86
CA ARG G 197 -37.17 -20.81 0.49
C ARG G 197 -37.51 -22.16 1.08
N GLY G 198 -36.52 -23.05 1.14
CA GLY G 198 -36.73 -24.39 1.67
C GLY G 198 -36.58 -24.43 3.19
N TYR G 199 -36.86 -25.61 3.74
CA TYR G 199 -36.71 -25.80 5.18
C TYR G 199 -35.25 -25.74 5.58
N ILE G 200 -35.03 -25.34 6.83
CA ILE G 200 -33.66 -25.13 7.32
C ILE G 200 -32.99 -26.47 7.62
N SER G 201 -33.58 -27.24 8.53
CA SER G 201 -32.96 -28.51 8.92
C SER G 201 -33.66 -29.66 8.21
N PRO G 202 -32.91 -30.63 7.69
CA PRO G 202 -33.51 -31.81 7.04
C PRO G 202 -34.03 -32.85 8.03
N TYR G 203 -34.80 -32.38 9.02
CA TYR G 203 -35.37 -33.26 10.03
C TYR G 203 -36.88 -33.23 10.08
N PHE G 204 -37.54 -32.35 9.32
CA PHE G 204 -38.98 -32.30 9.27
C PHE G 204 -39.57 -33.16 8.17
N ILE G 205 -38.74 -33.88 7.42
CA ILE G 205 -39.22 -34.69 6.31
C ILE G 205 -40.08 -35.84 6.85
N ASN G 206 -41.32 -35.93 6.37
CA ASN G 206 -42.23 -36.99 6.77
C ASN G 206 -42.98 -37.52 5.56
N THR G 207 -42.30 -37.69 4.43
CA THR G 207 -42.92 -38.18 3.22
C THR G 207 -42.13 -39.37 2.67
N SER G 208 -42.84 -40.23 1.95
CA SER G 208 -42.19 -41.40 1.35
C SER G 208 -41.33 -41.00 0.16
N LYS G 209 -41.84 -40.15 -0.72
CA LYS G 209 -41.17 -39.79 -1.97
C LYS G 209 -40.99 -38.29 -2.04
N GLY G 210 -39.84 -37.86 -2.58
CA GLY G 210 -39.54 -36.46 -2.76
C GLY G 210 -38.74 -35.82 -1.64
N GLN G 211 -38.70 -36.46 -0.46
CA GLN G 211 -37.97 -35.94 0.69
C GLN G 211 -38.39 -34.51 1.02
N LYS G 212 -39.71 -34.30 1.07
CA LYS G 212 -40.30 -33.02 1.42
C LYS G 212 -41.14 -33.19 2.69
N CYS G 213 -41.84 -32.12 3.06
CA CYS G 213 -42.76 -32.14 4.19
C CYS G 213 -44.15 -31.77 3.68
N GLU G 214 -45.12 -32.67 3.87
CA GLU G 214 -46.46 -32.51 3.33
C GLU G 214 -47.46 -32.45 4.47
N PHE G 215 -48.29 -31.40 4.47
CA PHE G 215 -49.30 -31.19 5.50
C PHE G 215 -50.61 -30.80 4.86
N GLN G 216 -51.71 -31.05 5.58
CA GLN G 216 -53.05 -30.64 5.15
C GLN G 216 -53.75 -29.93 6.30
N ASP G 217 -54.50 -28.88 5.96
CA ASP G 217 -55.22 -28.08 6.95
C ASP G 217 -54.28 -27.58 8.04
N ALA G 218 -53.11 -27.12 7.64
CA ALA G 218 -52.06 -26.75 8.57
C ALA G 218 -52.22 -25.33 9.07
N TYR G 219 -51.78 -25.11 10.31
CA TYR G 219 -51.66 -23.77 10.86
C TYR G 219 -50.42 -23.08 10.31
N VAL G 220 -50.50 -21.77 10.18
CA VAL G 220 -49.39 -20.96 9.66
C VAL G 220 -49.18 -19.79 10.60
N LEU G 221 -47.94 -19.62 11.06
CA LEU G 221 -47.54 -18.50 11.90
C LEU G 221 -46.43 -17.75 11.19
N LEU G 222 -46.65 -16.45 10.97
CA LEU G 222 -45.73 -15.60 10.23
C LEU G 222 -45.12 -14.60 11.19
N SER G 223 -43.79 -14.59 11.28
CA SER G 223 -43.06 -13.67 12.15
C SER G 223 -42.12 -12.83 11.30
N GLU G 224 -42.30 -11.52 11.34
CA GLU G 224 -41.40 -10.64 10.59
C GLU G 224 -40.00 -10.65 11.17
N LYS G 225 -39.87 -10.75 12.49
CA LYS G 225 -38.57 -10.81 13.13
C LYS G 225 -38.10 -12.26 13.27
N LYS G 226 -36.84 -12.41 13.68
CA LYS G 226 -36.28 -13.74 13.87
C LYS G 226 -36.89 -14.42 15.09
N ILE G 227 -36.73 -15.73 15.14
CA ILE G 227 -37.26 -16.55 16.22
C ILE G 227 -36.07 -17.18 16.95
N SER G 228 -35.79 -16.69 18.15
CA SER G 228 -34.67 -17.20 18.94
C SER G 228 -35.06 -17.59 20.35
N SER G 229 -35.95 -16.85 20.99
CA SER G 229 -36.31 -17.09 22.37
C SER G 229 -37.19 -18.33 22.50
N ILE G 230 -37.01 -19.05 23.61
CA ILE G 230 -37.86 -20.20 23.90
C ILE G 230 -39.30 -19.74 24.09
N GLN G 231 -39.49 -18.65 24.85
CA GLN G 231 -40.83 -18.16 25.13
C GLN G 231 -41.51 -17.56 23.91
N SER G 232 -40.75 -17.23 22.87
CA SER G 232 -41.33 -16.64 21.66
C SER G 232 -41.96 -17.69 20.75
N ILE G 233 -41.63 -18.97 20.93
CA ILE G 233 -42.15 -20.02 20.06
C ILE G 233 -42.97 -21.06 20.82
N VAL G 234 -42.83 -21.16 22.14
CA VAL G 234 -43.55 -22.21 22.89
C VAL G 234 -45.06 -22.05 22.80
N PRO G 235 -45.67 -20.88 23.04
CA PRO G 235 -47.15 -20.82 23.04
C PRO G 235 -47.79 -21.23 21.73
N ALA G 236 -47.16 -20.92 20.60
CA ALA G 236 -47.68 -21.38 19.32
C ALA G 236 -47.67 -22.90 19.24
N LEU G 237 -46.59 -23.52 19.73
CA LEU G 237 -46.54 -24.98 19.78
C LEU G 237 -47.61 -25.54 20.70
N GLU G 238 -47.88 -24.85 21.83
CA GLU G 238 -48.95 -25.28 22.72
C GLU G 238 -50.29 -25.25 22.00
N ILE G 239 -50.56 -24.18 21.26
CA ILE G 239 -51.82 -24.08 20.53
C ILE G 239 -51.92 -25.19 19.49
N ALA G 240 -50.83 -25.42 18.75
CA ALA G 240 -50.85 -26.45 17.71
C ALA G 240 -51.06 -27.84 18.30
N ASN G 241 -50.37 -28.14 19.41
CA ASN G 241 -50.53 -29.45 20.03
C ASN G 241 -51.92 -29.64 20.61
N ALA G 242 -52.47 -28.59 21.24
CA ALA G 242 -53.83 -28.69 21.77
C ALA G 242 -54.84 -28.92 20.65
N HIS G 243 -54.69 -28.21 19.53
CA HIS G 243 -55.59 -28.39 18.41
C HIS G 243 -55.23 -29.58 17.53
N ARG G 244 -54.05 -30.18 17.74
CA ARG G 244 -53.61 -31.37 17.01
C ARG G 244 -53.60 -31.13 15.51
N LYS G 245 -52.95 -30.04 15.09
CA LYS G 245 -52.85 -29.69 13.68
C LYS G 245 -51.41 -29.33 13.36
N PRO G 246 -50.96 -29.60 12.14
CA PRO G 246 -49.59 -29.26 11.76
C PRO G 246 -49.38 -27.75 11.72
N LEU G 247 -48.14 -27.34 11.95
CA LEU G 247 -47.80 -25.93 12.07
C LEU G 247 -46.60 -25.58 11.20
N VAL G 248 -46.68 -24.42 10.56
CA VAL G 248 -45.59 -23.87 9.76
C VAL G 248 -45.18 -22.55 10.38
N ILE G 249 -43.87 -22.34 10.47
CA ILE G 249 -43.31 -21.12 11.04
C ILE G 249 -42.52 -20.43 9.93
N ILE G 250 -43.08 -19.36 9.37
CA ILE G 250 -42.43 -18.61 8.31
C ILE G 250 -41.87 -17.34 8.91
N ALA G 251 -40.55 -17.19 8.86
CA ALA G 251 -39.89 -16.05 9.49
C ALA G 251 -38.58 -15.76 8.77
N GLU G 252 -37.89 -14.70 9.20
CA GLU G 252 -36.59 -14.38 8.63
C GLU G 252 -35.61 -15.51 8.88
N ASP G 253 -35.59 -16.04 10.10
CA ASP G 253 -34.73 -17.16 10.46
C ASP G 253 -35.19 -17.70 11.79
N VAL G 254 -35.07 -19.02 11.96
CA VAL G 254 -35.32 -19.68 13.22
C VAL G 254 -33.96 -20.01 13.82
N ASP G 255 -33.62 -19.37 14.93
CA ASP G 255 -32.28 -19.47 15.48
C ASP G 255 -32.07 -20.82 16.16
N GLY G 256 -30.85 -21.03 16.66
CA GLY G 256 -30.44 -22.35 17.10
C GLY G 256 -31.27 -22.89 18.24
N GLU G 257 -31.62 -22.03 19.21
CA GLU G 257 -32.37 -22.50 20.37
C GLU G 257 -33.76 -22.99 19.97
N ALA G 258 -34.51 -22.15 19.25
CA ALA G 258 -35.85 -22.55 18.83
C ALA G 258 -35.82 -23.67 17.80
N LEU G 259 -34.83 -23.65 16.91
CA LEU G 259 -34.71 -24.75 15.94
C LEU G 259 -34.45 -26.07 16.65
N SER G 260 -33.58 -26.06 17.67
CA SER G 260 -33.32 -27.27 18.44
C SER G 260 -34.58 -27.73 19.16
N THR G 261 -35.34 -26.78 19.74
CA THR G 261 -36.59 -27.14 20.39
C THR G 261 -37.55 -27.80 19.41
N LEU G 262 -37.72 -27.21 18.24
CA LEU G 262 -38.64 -27.74 17.24
C LEU G 262 -38.21 -29.13 16.79
N VAL G 263 -36.92 -29.29 16.48
CA VAL G 263 -36.42 -30.57 16.00
C VAL G 263 -36.59 -31.65 17.07
N LEU G 264 -36.24 -31.32 18.32
CA LEU G 264 -36.36 -32.29 19.40
C LEU G 264 -37.80 -32.70 19.61
N ASN G 265 -38.72 -31.74 19.62
CA ASN G 265 -40.13 -32.08 19.80
C ASN G 265 -40.65 -32.92 18.65
N ARG G 266 -40.33 -32.54 17.42
CA ARG G 266 -40.83 -33.28 16.25
C ARG G 266 -40.27 -34.70 16.22
N LEU G 267 -39.02 -34.88 16.65
CA LEU G 267 -38.43 -36.21 16.65
C LEU G 267 -38.93 -37.07 17.80
N LYS G 268 -39.20 -36.47 18.96
CA LYS G 268 -39.62 -37.24 20.12
C LYS G 268 -41.11 -37.53 20.10
N VAL G 269 -41.95 -36.48 20.15
CA VAL G 269 -43.38 -36.67 20.27
C VAL G 269 -44.09 -36.68 18.92
N GLY G 270 -43.34 -36.47 17.83
CA GLY G 270 -43.95 -36.41 16.52
C GLY G 270 -44.83 -35.20 16.30
N LEU G 271 -44.41 -34.04 16.80
CA LEU G 271 -45.16 -32.81 16.61
C LEU G 271 -44.98 -32.34 15.17
N GLN G 272 -46.07 -32.32 14.41
CA GLN G 272 -46.02 -31.88 13.02
C GLN G 272 -45.74 -30.39 12.96
N VAL G 273 -44.51 -30.03 12.60
CA VAL G 273 -44.12 -28.62 12.53
C VAL G 273 -42.97 -28.50 11.55
N VAL G 274 -42.92 -27.36 10.85
CA VAL G 274 -41.84 -27.07 9.90
C VAL G 274 -41.52 -25.58 9.98
N ALA G 275 -40.31 -25.24 9.52
CA ALA G 275 -39.82 -23.87 9.56
C ALA G 275 -39.33 -23.47 8.17
N VAL G 276 -39.66 -22.24 7.77
CA VAL G 276 -39.33 -21.71 6.45
C VAL G 276 -38.83 -20.28 6.60
N LYS G 277 -37.77 -19.96 5.88
CA LYS G 277 -37.27 -18.59 5.83
C LYS G 277 -38.21 -17.70 5.03
N ALA G 278 -38.33 -16.45 5.46
CA ALA G 278 -39.24 -15.52 4.81
C ALA G 278 -38.66 -15.07 3.46
N PRO G 279 -39.45 -15.14 2.38
CA PRO G 279 -38.94 -14.65 1.09
C PRO G 279 -38.79 -13.15 1.09
N GLY G 280 -37.88 -12.67 0.24
CA GLY G 280 -37.61 -11.26 0.13
C GLY G 280 -36.48 -10.81 1.05
N PHE G 281 -35.81 -9.74 0.64
CA PHE G 281 -34.69 -9.20 1.41
C PHE G 281 -34.86 -7.75 1.85
N GLY G 282 -35.88 -7.05 1.37
CA GLY G 282 -36.10 -5.68 1.77
C GLY G 282 -37.54 -5.40 2.16
N ASP G 283 -38.08 -4.27 1.70
CA ASP G 283 -39.49 -3.99 1.93
C ASP G 283 -40.37 -5.02 1.23
N ASN G 284 -39.87 -5.62 0.14
CA ASN G 284 -40.59 -6.68 -0.53
C ASN G 284 -40.84 -7.87 0.40
N ARG G 285 -39.92 -8.13 1.33
CA ARG G 285 -40.14 -9.18 2.31
C ARG G 285 -41.38 -8.89 3.14
N LYS G 286 -41.51 -7.64 3.63
CA LYS G 286 -42.68 -7.27 4.42
C LYS G 286 -43.95 -7.33 3.59
N ASN G 287 -43.89 -6.85 2.35
CA ASN G 287 -45.08 -6.90 1.49
C ASN G 287 -45.52 -8.33 1.25
N GLN G 288 -44.58 -9.23 0.96
CA GLN G 288 -44.93 -10.63 0.75
C GLN G 288 -45.47 -11.26 2.02
N LEU G 289 -44.88 -10.93 3.18
CA LEU G 289 -45.37 -11.47 4.44
C LEU G 289 -46.82 -11.05 4.68
N LYS G 290 -47.12 -9.77 4.44
CA LYS G 290 -48.50 -9.30 4.57
C LYS G 290 -49.41 -10.00 3.56
N ASP G 291 -48.91 -10.26 2.36
CA ASP G 291 -49.73 -10.92 1.35
C ASP G 291 -50.10 -12.33 1.76
N MET G 292 -49.13 -13.12 2.25
CA MET G 292 -49.49 -14.45 2.74
C MET G 292 -50.31 -14.39 4.02
N ALA G 293 -50.15 -13.35 4.83
CA ALA G 293 -51.02 -13.19 5.99
C ALA G 293 -52.47 -12.99 5.57
N ILE G 294 -52.69 -12.18 4.55
CA ILE G 294 -54.06 -11.95 4.07
C ILE G 294 -54.59 -13.20 3.38
N ALA G 295 -53.76 -13.85 2.56
CA ALA G 295 -54.22 -15.03 1.83
C ALA G 295 -54.58 -16.17 2.77
N THR G 296 -53.71 -16.45 3.75
CA THR G 296 -54.02 -17.50 4.71
C THR G 296 -55.08 -17.05 5.72
N GLY G 297 -54.96 -15.81 6.19
CA GLY G 297 -55.89 -15.28 7.17
C GLY G 297 -55.30 -15.29 8.56
N GLY G 298 -54.78 -14.14 8.99
CA GLY G 298 -54.13 -14.05 10.28
C GLY G 298 -53.45 -12.71 10.50
N ALA G 299 -52.25 -12.73 11.08
CA ALA G 299 -51.53 -11.51 11.35
C ALA G 299 -50.03 -11.77 11.30
N VAL G 300 -49.27 -10.71 11.12
CA VAL G 300 -47.81 -10.76 11.11
C VAL G 300 -47.31 -10.33 12.48
N PHE G 301 -46.50 -11.18 13.11
CA PHE G 301 -46.00 -10.92 14.45
C PHE G 301 -44.66 -10.19 14.36
N GLY G 302 -44.57 -9.07 15.05
CA GLY G 302 -43.37 -8.25 15.03
C GLY G 302 -43.38 -7.10 14.07
N GLU G 303 -44.53 -6.77 13.49
CA GLU G 303 -44.63 -5.65 12.55
C GLU G 303 -44.45 -4.33 13.28
N GLU G 304 -43.86 -3.36 12.59
CA GLU G 304 -43.58 -2.06 13.21
C GLU G 304 -44.85 -1.26 13.48
N GLY G 305 -45.97 -1.62 12.85
CA GLY G 305 -47.20 -0.88 13.03
C GLY G 305 -47.90 -1.16 14.35
N LEU G 306 -48.26 -2.43 14.57
CA LEU G 306 -48.97 -2.82 15.78
C LEU G 306 -48.08 -3.53 16.80
N THR G 307 -47.02 -4.18 16.35
CA THR G 307 -46.12 -4.95 17.21
C THR G 307 -46.89 -6.00 18.01
N LEU G 308 -47.49 -6.93 17.28
CA LEU G 308 -48.19 -8.05 17.89
C LEU G 308 -47.16 -9.03 18.40
N ASN G 309 -46.93 -9.03 19.70
CA ASN G 309 -45.92 -9.89 20.30
C ASN G 309 -46.30 -11.35 20.18
N LEU G 310 -45.29 -12.20 19.98
CA LEU G 310 -45.52 -13.62 19.80
C LEU G 310 -45.99 -14.31 21.07
N GLU G 311 -45.69 -13.74 22.24
CA GLU G 311 -46.10 -14.36 23.49
C GLU G 311 -47.62 -14.42 23.61
N ASP G 312 -48.30 -13.36 23.19
CA ASP G 312 -49.77 -13.31 23.25
C ASP G 312 -50.39 -13.82 21.94
N VAL G 313 -49.98 -15.01 21.52
CA VAL G 313 -50.53 -15.61 20.31
C VAL G 313 -51.84 -16.31 20.65
N GLN G 314 -52.80 -16.23 19.74
CA GLN G 314 -54.12 -16.80 19.92
C GLN G 314 -54.42 -17.77 18.78
N PRO G 315 -55.32 -18.74 19.00
CA PRO G 315 -55.66 -19.68 17.92
C PRO G 315 -56.24 -18.99 16.70
N HIS G 316 -56.86 -17.82 16.85
CA HIS G 316 -57.39 -17.09 15.71
C HIS G 316 -56.34 -16.24 15.01
N ASP G 317 -55.11 -16.22 15.52
CA ASP G 317 -54.01 -15.48 14.89
C ASP G 317 -53.21 -16.34 13.93
N LEU G 318 -53.57 -17.60 13.75
CA LEU G 318 -52.84 -18.53 12.89
C LEU G 318 -53.64 -18.79 11.62
N GLY G 319 -52.99 -18.65 10.48
CA GLY G 319 -53.65 -18.92 9.21
C GLY G 319 -53.89 -20.39 9.01
N LYS G 320 -54.87 -20.69 8.14
CA LYS G 320 -55.21 -22.06 7.80
C LYS G 320 -54.91 -22.29 6.32
N VAL G 321 -54.12 -23.32 6.02
CA VAL G 321 -53.80 -23.68 4.65
C VAL G 321 -54.34 -25.08 4.38
N GLY G 322 -54.96 -25.26 3.22
CA GLY G 322 -55.51 -26.56 2.88
C GLY G 322 -54.44 -27.62 2.68
N GLU G 323 -53.31 -27.24 2.11
CA GLU G 323 -52.24 -28.21 1.82
C GLU G 323 -50.97 -27.43 1.52
N VAL G 324 -49.87 -27.79 2.18
CA VAL G 324 -48.60 -27.10 2.05
C VAL G 324 -47.49 -28.13 1.93
N ILE G 325 -46.58 -27.91 0.97
CA ILE G 325 -45.38 -28.72 0.83
C ILE G 325 -44.16 -27.81 0.92
N VAL G 326 -43.05 -28.36 1.41
CA VAL G 326 -41.78 -27.66 1.49
C VAL G 326 -40.67 -28.66 1.25
N THR G 327 -39.74 -28.30 0.35
CA THR G 327 -38.63 -29.18 0.00
C THR G 327 -37.32 -28.43 0.13
N LYS G 328 -36.23 -29.02 -0.38
CA LYS G 328 -34.89 -28.49 -0.14
C LYS G 328 -34.74 -27.05 -0.62
N ASP G 329 -35.46 -26.65 -1.67
CA ASP G 329 -35.22 -25.36 -2.29
C ASP G 329 -36.39 -24.39 -2.21
N ASP G 330 -37.63 -24.86 -2.15
CA ASP G 330 -38.76 -23.95 -2.14
C ASP G 330 -39.93 -24.56 -1.38
N ALA G 331 -40.84 -23.68 -0.95
CA ALA G 331 -42.05 -24.07 -0.23
C ALA G 331 -43.26 -23.52 -0.96
N MET G 332 -44.33 -24.31 -1.01
CA MET G 332 -45.52 -23.95 -1.77
C MET G 332 -46.75 -24.16 -0.90
N LEU G 333 -47.68 -23.22 -0.97
CA LEU G 333 -48.89 -23.21 -0.15
C LEU G 333 -50.12 -23.17 -1.04
N LEU G 334 -51.15 -23.93 -0.69
CA LEU G 334 -52.41 -23.95 -1.42
C LEU G 334 -53.57 -23.80 -0.47
N LYS G 335 -54.69 -23.29 -1.01
CA LYS G 335 -55.98 -23.29 -0.33
C LYS G 335 -55.93 -22.55 1.00
N GLY G 336 -55.37 -21.34 0.98
CA GLY G 336 -55.38 -20.50 2.16
C GLY G 336 -56.79 -20.10 2.53
N LYS G 337 -57.19 -20.38 3.76
CA LYS G 337 -58.54 -20.08 4.24
C LYS G 337 -58.61 -18.62 4.69
N GLY G 338 -58.42 -17.73 3.74
CA GLY G 338 -58.49 -16.30 3.97
C GLY G 338 -59.80 -15.74 3.47
N ASP G 339 -60.21 -14.61 4.05
CA ASP G 339 -61.45 -13.97 3.63
C ASP G 339 -61.30 -13.39 2.23
N LYS G 340 -62.32 -13.60 1.40
CA LYS G 340 -62.23 -13.18 0.00
C LYS G 340 -62.21 -11.67 -0.13
N ALA G 341 -62.97 -10.96 0.70
CA ALA G 341 -63.04 -9.50 0.59
C ALA G 341 -61.68 -8.86 0.89
N GLN G 342 -60.99 -9.36 1.92
CA GLN G 342 -59.67 -8.81 2.24
C GLN G 342 -58.68 -9.08 1.12
N ILE G 343 -58.75 -10.27 0.51
CA ILE G 343 -57.88 -10.58 -0.62
C ILE G 343 -58.17 -9.64 -1.79
N GLU G 344 -59.46 -9.39 -2.07
CA GLU G 344 -59.82 -8.48 -3.14
C GLU G 344 -59.32 -7.06 -2.86
N LYS G 345 -59.44 -6.61 -1.62
CA LYS G 345 -58.94 -5.29 -1.26
C LYS G 345 -57.42 -5.20 -1.41
N ARG G 346 -56.71 -6.27 -1.02
CA ARG G 346 -55.26 -6.29 -1.22
C ARG G 346 -54.91 -6.26 -2.70
N ILE G 347 -55.67 -6.97 -3.52
CA ILE G 347 -55.45 -6.95 -4.97
C ILE G 347 -55.66 -5.55 -5.52
N GLN G 348 -56.72 -4.88 -5.07
CA GLN G 348 -56.96 -3.50 -5.50
C GLN G 348 -55.81 -2.59 -5.07
N GLU G 349 -55.30 -2.78 -3.86
CA GLU G 349 -54.18 -1.97 -3.39
C GLU G 349 -52.94 -2.21 -4.26
N ILE G 350 -52.69 -3.46 -4.63
CA ILE G 350 -51.52 -3.77 -5.47
C ILE G 350 -51.68 -3.12 -6.85
N ILE G 351 -52.85 -3.24 -7.46
CA ILE G 351 -53.03 -2.63 -8.78
C ILE G 351 -52.98 -1.11 -8.69
N GLU G 352 -53.37 -0.53 -7.54
CA GLU G 352 -53.24 0.91 -7.38
C GLU G 352 -51.78 1.33 -7.24
N GLN G 353 -51.00 0.58 -6.46
CA GLN G 353 -49.57 0.85 -6.38
C GLN G 353 -48.86 0.61 -7.70
N LEU G 354 -49.44 -0.20 -8.58
CA LEU G 354 -48.91 -0.35 -9.93
C LEU G 354 -49.11 0.89 -10.79
N ASP G 355 -49.93 1.84 -10.36
CA ASP G 355 -50.30 2.99 -11.17
C ASP G 355 -50.00 4.32 -10.47
N VAL G 356 -48.90 4.40 -9.74
CA VAL G 356 -48.47 5.64 -9.11
C VAL G 356 -47.15 6.13 -9.70
N THR G 357 -46.21 5.22 -9.94
CA THR G 357 -44.91 5.58 -10.50
C THR G 357 -44.29 4.32 -11.07
N THR G 358 -43.06 4.46 -11.58
CA THR G 358 -42.32 3.33 -12.14
C THR G 358 -40.88 3.40 -11.69
N SER G 359 -40.29 2.21 -11.47
CA SER G 359 -38.88 2.11 -11.11
C SER G 359 -38.18 0.97 -11.83
N GLU G 360 -38.81 0.35 -12.83
CA GLU G 360 -38.25 -0.71 -13.64
C GLU G 360 -38.05 -2.00 -12.86
N TYR G 361 -38.34 -1.97 -11.56
CA TYR G 361 -38.22 -3.17 -10.73
C TYR G 361 -39.45 -3.36 -9.85
N GLU G 362 -40.05 -2.25 -9.42
CA GLU G 362 -41.21 -2.34 -8.54
C GLU G 362 -42.44 -2.86 -9.28
N LYS G 363 -42.59 -2.51 -10.56
CA LYS G 363 -43.72 -3.03 -11.34
C LYS G 363 -43.65 -4.54 -11.46
N GLU G 364 -42.45 -5.08 -11.69
CA GLU G 364 -42.30 -6.53 -11.79
C GLU G 364 -42.69 -7.22 -10.48
N LYS G 365 -42.24 -6.67 -9.35
CA LYS G 365 -42.59 -7.27 -8.05
C LYS G 365 -44.08 -7.17 -7.79
N LEU G 366 -44.70 -6.03 -8.11
CA LEU G 366 -46.13 -5.88 -7.91
C LEU G 366 -46.91 -6.87 -8.77
N ASN G 367 -46.51 -7.04 -10.03
CA ASN G 367 -47.16 -8.01 -10.89
C ASN G 367 -46.99 -9.43 -10.37
N GLU G 368 -45.78 -9.75 -9.87
CA GLU G 368 -45.55 -11.07 -9.30
C GLU G 368 -46.46 -11.33 -8.12
N ARG G 369 -46.58 -10.35 -7.21
CA ARG G 369 -47.44 -10.52 -6.04
C ARG G 369 -48.90 -10.65 -6.45
N LEU G 370 -49.35 -9.84 -7.40
CA LEU G 370 -50.72 -9.91 -7.86
C LEU G 370 -51.03 -11.26 -8.50
N ALA G 371 -50.09 -11.77 -9.31
CA ALA G 371 -50.29 -13.08 -9.92
C ALA G 371 -50.32 -14.18 -8.86
N LYS G 372 -49.43 -14.10 -7.87
CA LYS G 372 -49.44 -15.09 -6.80
C LYS G 372 -50.75 -15.05 -6.01
N LEU G 373 -51.35 -13.86 -5.88
CA LEU G 373 -52.61 -13.76 -5.14
C LEU G 373 -53.77 -14.32 -5.93
N SER G 374 -53.83 -14.03 -7.23
CA SER G 374 -55.03 -14.31 -8.03
C SER G 374 -54.98 -15.64 -8.76
N ASP G 375 -54.03 -15.81 -9.68
CA ASP G 375 -54.06 -16.93 -10.61
C ASP G 375 -52.73 -17.67 -10.79
N GLY G 376 -51.68 -17.27 -10.09
CA GLY G 376 -50.38 -17.90 -10.28
C GLY G 376 -49.66 -17.38 -11.50
N VAL G 377 -48.51 -17.99 -11.76
CA VAL G 377 -47.64 -17.57 -12.85
C VAL G 377 -47.39 -18.75 -13.77
N ALA G 378 -46.84 -18.46 -14.95
CA ALA G 378 -46.50 -19.46 -15.93
C ALA G 378 -45.03 -19.36 -16.31
N VAL G 379 -44.39 -20.51 -16.50
CA VAL G 379 -42.98 -20.58 -16.88
C VAL G 379 -42.86 -21.46 -18.11
N LEU G 380 -42.10 -20.99 -19.10
CA LEU G 380 -41.87 -21.69 -20.35
C LEU G 380 -40.42 -22.16 -20.39
N LYS G 381 -40.23 -23.48 -20.30
CA LYS G 381 -38.92 -24.08 -20.46
C LYS G 381 -38.67 -24.29 -21.95
N VAL G 382 -37.77 -23.51 -22.53
CA VAL G 382 -37.46 -23.63 -23.94
C VAL G 382 -36.46 -24.76 -24.14
N GLY G 383 -36.87 -25.80 -24.87
CA GLY G 383 -36.01 -26.93 -25.09
C GLY G 383 -35.07 -26.76 -26.26
N GLY G 384 -34.06 -27.62 -26.32
CA GLY G 384 -33.09 -27.58 -27.39
C GLY G 384 -31.94 -28.49 -27.10
N THR G 385 -31.07 -28.65 -28.11
CA THR G 385 -29.92 -29.53 -28.01
C THR G 385 -28.70 -28.79 -27.46
N SER G 386 -28.28 -27.72 -28.14
CA SER G 386 -27.11 -26.94 -27.75
C SER G 386 -27.55 -25.59 -27.23
N ASP G 387 -26.56 -24.84 -26.70
CA ASP G 387 -26.85 -23.55 -26.10
C ASP G 387 -27.30 -22.53 -27.14
N VAL G 388 -26.69 -22.55 -28.33
CA VAL G 388 -27.03 -21.56 -29.35
C VAL G 388 -28.47 -21.75 -29.83
N GLU G 389 -28.88 -23.00 -30.06
CA GLU G 389 -30.24 -23.27 -30.49
C GLU G 389 -31.24 -22.84 -29.42
N VAL G 390 -30.94 -23.12 -28.16
CA VAL G 390 -31.82 -22.73 -27.06
C VAL G 390 -31.94 -21.22 -27.00
N ASN G 391 -30.81 -20.51 -27.15
CA ASN G 391 -30.85 -19.05 -27.11
C ASN G 391 -31.67 -18.46 -28.26
N GLU G 392 -31.51 -19.04 -29.46
CA GLU G 392 -32.28 -18.55 -30.61
C GLU G 392 -33.77 -18.77 -30.39
N LYS G 393 -34.15 -19.97 -29.93
CA LYS G 393 -35.56 -20.23 -29.68
C LYS G 393 -36.09 -19.36 -28.54
N LYS G 394 -35.26 -19.08 -27.54
CA LYS G 394 -35.68 -18.20 -26.45
C LYS G 394 -35.94 -16.79 -26.95
N ASP G 395 -35.08 -16.28 -27.84
CA ASP G 395 -35.30 -14.96 -28.41
C ASP G 395 -36.60 -14.93 -29.21
N ARG G 396 -36.84 -15.99 -30.00
CA ARG G 396 -38.09 -16.04 -30.77
C ARG G 396 -39.30 -16.09 -29.84
N VAL G 397 -39.22 -16.84 -28.75
CA VAL G 397 -40.34 -16.94 -27.81
C VAL G 397 -40.58 -15.60 -27.12
N THR G 398 -39.52 -14.89 -26.75
CA THR G 398 -39.69 -13.56 -26.16
C THR G 398 -40.35 -12.61 -27.14
N ASP G 399 -39.94 -12.66 -28.41
CA ASP G 399 -40.58 -11.84 -29.42
C ASP G 399 -42.06 -12.17 -29.54
N ALA G 400 -42.39 -13.46 -29.53
CA ALA G 400 -43.79 -13.87 -29.61
C ALA G 400 -44.59 -13.37 -28.42
N LEU G 401 -44.02 -13.47 -27.22
CA LEU G 401 -44.71 -13.00 -26.02
C LEU G 401 -44.96 -11.49 -26.08
N ASN G 402 -43.94 -10.72 -26.47
CA ASN G 402 -44.11 -9.28 -26.57
C ASN G 402 -45.16 -8.91 -27.61
N ALA G 403 -45.13 -9.58 -28.77
CA ALA G 403 -46.12 -9.29 -29.81
C ALA G 403 -47.52 -9.66 -29.36
N THR G 404 -47.67 -10.78 -28.66
CA THR G 404 -48.99 -11.17 -28.18
C THR G 404 -49.53 -10.18 -27.16
N ARG G 405 -48.66 -9.70 -26.26
CA ARG G 405 -49.08 -8.69 -25.29
C ARG G 405 -49.50 -7.41 -25.99
N ALA G 406 -48.73 -6.99 -27.00
CA ALA G 406 -49.08 -5.77 -27.73
C ALA G 406 -50.42 -5.94 -28.45
N ALA G 407 -50.65 -7.11 -29.05
CA ALA G 407 -51.91 -7.36 -29.74
C ALA G 407 -53.08 -7.36 -28.78
N VAL G 408 -52.88 -7.93 -27.58
CA VAL G 408 -53.93 -7.90 -26.57
C VAL G 408 -54.25 -6.46 -26.17
N GLU G 409 -53.20 -5.66 -25.95
CA GLU G 409 -53.43 -4.31 -25.44
C GLU G 409 -54.06 -3.40 -26.49
N GLU G 410 -53.64 -3.50 -27.74
CA GLU G 410 -54.05 -2.52 -28.75
C GLU G 410 -54.92 -3.09 -29.87
N GLY G 411 -54.63 -4.29 -30.36
CA GLY G 411 -55.40 -4.87 -31.45
C GLY G 411 -54.50 -5.45 -32.52
N ILE G 412 -55.11 -5.78 -33.65
CA ILE G 412 -54.40 -6.44 -34.74
C ILE G 412 -54.75 -5.77 -36.06
N VAL G 413 -53.84 -5.89 -37.02
CA VAL G 413 -54.01 -5.43 -38.39
C VAL G 413 -53.46 -6.51 -39.32
N LEU G 414 -53.63 -6.30 -40.62
CA LEU G 414 -53.14 -7.26 -41.61
C LEU G 414 -51.63 -7.38 -41.52
N GLY G 415 -51.15 -8.63 -41.53
CA GLY G 415 -49.72 -8.90 -41.48
C GLY G 415 -49.07 -8.84 -42.85
N GLY G 416 -47.77 -9.14 -42.85
CA GLY G 416 -47.02 -9.12 -44.09
C GLY G 416 -46.68 -7.76 -44.62
N GLY G 417 -46.86 -6.71 -43.82
CA GLY G 417 -46.59 -5.36 -44.27
C GLY G 417 -47.71 -4.71 -45.05
N CYS G 418 -48.82 -5.41 -45.28
CA CYS G 418 -49.94 -4.83 -46.03
C CYS G 418 -50.68 -3.78 -45.23
N ALA G 419 -50.54 -3.77 -43.90
CA ALA G 419 -51.19 -2.75 -43.09
C ALA G 419 -50.69 -1.37 -43.45
N LEU G 420 -49.38 -1.23 -43.64
CA LEU G 420 -48.84 0.05 -44.10
C LEU G 420 -49.21 0.34 -45.55
N LEU G 421 -49.29 -0.71 -46.38
CA LEU G 421 -49.64 -0.51 -47.79
C LEU G 421 -51.04 0.06 -47.94
N ARG G 422 -52.00 -0.44 -47.14
CA ARG G 422 -53.36 0.07 -47.21
C ARG G 422 -53.48 1.51 -46.72
N CYS G 423 -52.45 2.04 -46.05
CA CYS G 423 -52.47 3.42 -45.56
C CYS G 423 -51.98 4.42 -46.59
N ILE G 424 -51.51 3.95 -47.76
CA ILE G 424 -51.05 4.88 -48.80
C ILE G 424 -52.16 5.81 -49.28
N PRO G 425 -53.39 5.33 -49.56
CA PRO G 425 -54.44 6.28 -49.98
C PRO G 425 -54.75 7.34 -48.94
N ALA G 426 -54.50 7.06 -47.66
CA ALA G 426 -54.70 8.08 -46.63
C ALA G 426 -53.76 9.26 -46.80
N LEU G 427 -52.59 9.02 -47.41
CA LEU G 427 -51.64 10.10 -47.64
C LEU G 427 -52.01 10.97 -48.83
N ASP G 428 -52.92 10.51 -49.68
CA ASP G 428 -53.36 11.31 -50.82
C ASP G 428 -54.30 12.44 -50.43
N SER G 429 -54.86 12.41 -49.22
CA SER G 429 -55.77 13.44 -48.76
C SER G 429 -55.07 14.55 -47.98
N LEU G 430 -53.75 14.47 -47.81
CA LEU G 430 -53.00 15.48 -47.10
C LEU G 430 -52.65 16.64 -48.01
N THR G 431 -52.73 17.86 -47.46
CA THR G 431 -52.42 19.08 -48.20
C THR G 431 -51.15 19.70 -47.62
N PRO G 432 -50.00 19.55 -48.28
CA PRO G 432 -48.77 20.17 -47.76
C PRO G 432 -48.85 21.68 -47.78
N ALA G 433 -48.21 22.31 -46.79
CA ALA G 433 -48.20 23.77 -46.71
C ALA G 433 -47.28 24.39 -47.76
N ASN G 434 -46.21 23.68 -48.14
CA ASN G 434 -45.27 24.20 -49.13
C ASN G 434 -44.63 23.02 -49.85
N GLU G 435 -43.63 23.33 -50.68
CA GLU G 435 -43.01 22.31 -51.52
C GLU G 435 -42.26 21.28 -50.68
N ASP G 436 -41.58 21.72 -49.63
CA ASP G 436 -40.82 20.80 -48.80
C ASP G 436 -41.72 19.81 -48.08
N GLN G 437 -42.88 20.27 -47.61
CA GLN G 437 -43.83 19.35 -46.99
C GLN G 437 -44.36 18.34 -48.00
N LYS G 438 -44.54 18.78 -49.26
CA LYS G 438 -44.91 17.84 -50.31
C LYS G 438 -43.82 16.80 -50.53
N ILE G 439 -42.55 17.23 -50.49
CA ILE G 439 -41.45 16.28 -50.63
C ILE G 439 -41.46 15.28 -49.49
N GLY G 440 -41.70 15.75 -48.26
CA GLY G 440 -41.76 14.83 -47.13
C GLY G 440 -42.90 13.84 -47.24
N ILE G 441 -44.07 14.32 -47.69
CA ILE G 441 -45.22 13.43 -47.87
C ILE G 441 -44.91 12.37 -48.93
N GLU G 442 -44.28 12.78 -50.03
CA GLU G 442 -43.88 11.82 -51.06
C GLU G 442 -42.88 10.82 -50.52
N ILE G 443 -41.94 11.28 -49.69
CA ILE G 443 -40.94 10.38 -49.10
C ILE G 443 -41.63 9.31 -48.26
N ILE G 444 -42.58 9.73 -47.43
CA ILE G 444 -43.29 8.77 -46.59
C ILE G 444 -44.12 7.82 -47.45
N LYS G 445 -44.75 8.34 -48.50
CA LYS G 445 -45.55 7.49 -49.39
C LYS G 445 -44.68 6.43 -50.05
N ARG G 446 -43.49 6.81 -50.51
CA ARG G 446 -42.58 5.84 -51.10
C ARG G 446 -42.08 4.84 -50.06
N THR G 447 -41.82 5.31 -48.84
CA THR G 447 -41.28 4.44 -47.81
C THR G 447 -42.30 3.41 -47.34
N LEU G 448 -43.60 3.73 -47.45
CA LEU G 448 -44.63 2.82 -46.94
C LEU G 448 -44.59 1.44 -47.59
N LYS G 449 -44.02 1.32 -48.79
CA LYS G 449 -43.96 0.04 -49.48
C LYS G 449 -42.74 -0.79 -49.10
N ILE G 450 -41.83 -0.25 -48.30
CA ILE G 450 -40.56 -0.93 -48.05
C ILE G 450 -40.71 -2.26 -47.33
N PRO G 451 -41.48 -2.38 -46.23
CA PRO G 451 -41.56 -3.68 -45.55
C PRO G 451 -42.07 -4.80 -46.43
N ALA G 452 -43.11 -4.55 -47.23
CA ALA G 452 -43.62 -5.60 -48.11
C ALA G 452 -42.60 -5.98 -49.18
N MET G 453 -41.91 -4.98 -49.74
CA MET G 453 -40.90 -5.26 -50.74
C MET G 453 -39.77 -6.10 -50.16
N THR G 454 -39.33 -5.76 -48.95
CA THR G 454 -38.27 -6.53 -48.31
C THR G 454 -38.71 -7.96 -48.00
N ILE G 455 -39.94 -8.12 -47.50
CA ILE G 455 -40.45 -9.46 -47.19
C ILE G 455 -40.52 -10.30 -48.45
N ALA G 456 -41.01 -9.72 -49.55
CA ALA G 456 -41.07 -10.46 -50.80
C ALA G 456 -39.69 -10.78 -51.33
N LYS G 457 -38.75 -9.82 -51.24
CA LYS G 457 -37.41 -10.03 -51.76
C LYS G 457 -36.68 -11.13 -51.00
N ASN G 458 -36.86 -11.19 -49.67
CA ASN G 458 -36.25 -12.28 -48.90
C ASN G 458 -36.81 -13.63 -49.30
N ALA G 459 -38.04 -13.67 -49.84
CA ALA G 459 -38.64 -14.91 -50.28
C ALA G 459 -38.14 -15.36 -51.66
N GLY G 460 -37.36 -14.53 -52.34
CA GLY G 460 -36.84 -14.88 -53.65
C GLY G 460 -37.66 -14.41 -54.83
N VAL G 461 -38.69 -13.61 -54.60
CA VAL G 461 -39.52 -13.09 -55.67
C VAL G 461 -39.27 -11.59 -55.81
N GLU G 462 -39.81 -11.02 -56.89
CA GLU G 462 -39.66 -9.59 -57.15
C GLU G 462 -40.59 -8.80 -56.24
N GLY G 463 -40.02 -7.99 -55.35
CA GLY G 463 -40.83 -7.28 -54.38
C GLY G 463 -41.77 -6.27 -55.01
N SER G 464 -41.30 -5.54 -56.03
CA SER G 464 -42.12 -4.49 -56.62
C SER G 464 -43.38 -5.05 -57.25
N LEU G 465 -43.28 -6.16 -57.97
CA LEU G 465 -44.45 -6.75 -58.59
C LEU G 465 -45.45 -7.24 -57.56
N ILE G 466 -44.96 -7.86 -56.48
CA ILE G 466 -45.84 -8.34 -55.42
C ILE G 466 -46.57 -7.17 -54.77
N VAL G 467 -45.84 -6.09 -54.48
CA VAL G 467 -46.47 -4.92 -53.88
C VAL G 467 -47.50 -4.31 -54.82
N GLU G 468 -47.18 -4.23 -56.11
CA GLU G 468 -48.10 -3.65 -57.07
C GLU G 468 -49.39 -4.48 -57.13
N LYS G 469 -49.25 -5.81 -57.18
CA LYS G 469 -50.42 -6.67 -57.21
C LYS G 469 -51.23 -6.54 -55.92
N ILE G 470 -50.55 -6.40 -54.79
CA ILE G 470 -51.25 -6.23 -53.51
C ILE G 470 -52.08 -4.95 -53.54
N MET G 471 -51.50 -3.86 -54.03
CA MET G 471 -52.24 -2.60 -54.13
C MET G 471 -53.44 -2.73 -55.07
N GLN G 472 -53.26 -3.42 -56.20
CA GLN G 472 -54.36 -3.59 -57.14
C GLN G 472 -55.33 -4.69 -56.74
N SER G 473 -55.05 -5.44 -55.68
CA SER G 473 -55.97 -6.48 -55.23
C SER G 473 -57.11 -5.83 -54.44
N SER G 474 -57.91 -6.66 -53.76
CA SER G 474 -59.00 -6.14 -52.96
C SER G 474 -58.47 -5.45 -51.71
N SER G 475 -59.39 -4.99 -50.87
CA SER G 475 -59.00 -4.30 -49.64
C SER G 475 -58.53 -5.24 -48.54
N GLU G 476 -58.54 -6.54 -48.79
CA GLU G 476 -58.20 -7.51 -47.75
C GLU G 476 -57.15 -8.51 -48.23
N VAL G 477 -57.13 -8.79 -49.52
CA VAL G 477 -56.24 -9.82 -50.07
C VAL G 477 -54.79 -9.38 -49.90
N GLY G 478 -53.95 -10.28 -49.40
CA GLY G 478 -52.53 -10.01 -49.27
C GLY G 478 -51.68 -11.11 -49.84
N TYR G 479 -50.37 -11.08 -49.59
CA TYR G 479 -49.44 -12.05 -50.13
C TYR G 479 -48.83 -12.86 -48.99
N ASP G 480 -48.97 -14.18 -49.07
CA ASP G 480 -48.31 -15.10 -48.16
C ASP G 480 -46.96 -15.45 -48.75
N ALA G 481 -45.89 -15.00 -48.08
CA ALA G 481 -44.54 -15.24 -48.57
C ALA G 481 -44.10 -16.69 -48.32
N MET G 482 -44.48 -17.25 -47.18
CA MET G 482 -44.11 -18.63 -46.88
C MET G 482 -44.74 -19.59 -47.87
N ALA G 483 -46.03 -19.43 -48.15
CA ALA G 483 -46.67 -20.22 -49.19
C ALA G 483 -46.46 -19.62 -50.57
N GLY G 484 -46.03 -18.36 -50.64
CA GLY G 484 -45.74 -17.72 -51.91
C GLY G 484 -46.92 -17.54 -52.83
N ASP G 485 -48.05 -17.07 -52.31
CA ASP G 485 -49.23 -16.90 -53.15
C ASP G 485 -50.13 -15.84 -52.53
N PHE G 486 -51.01 -15.28 -53.35
CA PHE G 486 -51.92 -14.23 -52.91
C PHE G 486 -53.14 -14.88 -52.26
N VAL G 487 -53.33 -14.61 -50.96
CA VAL G 487 -54.32 -15.31 -50.16
C VAL G 487 -55.03 -14.31 -49.26
N ASN G 488 -55.90 -14.81 -48.38
CA ASN G 488 -56.64 -14.01 -47.41
C ASN G 488 -55.87 -13.99 -46.09
N MET G 489 -55.43 -12.80 -45.67
CA MET G 489 -54.64 -12.68 -44.44
C MET G 489 -55.41 -13.09 -43.20
N VAL G 490 -56.59 -12.51 -42.99
CA VAL G 490 -57.30 -12.74 -41.73
C VAL G 490 -57.76 -14.19 -41.63
N GLU G 491 -58.15 -14.80 -42.76
CA GLU G 491 -58.49 -16.22 -42.74
C GLU G 491 -57.27 -17.08 -42.48
N LYS G 492 -56.12 -16.73 -43.07
CA LYS G 492 -54.90 -17.50 -42.87
C LYS G 492 -54.15 -17.11 -41.61
N GLY G 493 -54.61 -16.11 -40.88
CA GLY G 493 -53.98 -15.76 -39.63
C GLY G 493 -52.67 -15.03 -39.72
N ILE G 494 -52.44 -14.30 -40.82
CA ILE G 494 -51.25 -13.47 -40.96
C ILE G 494 -51.64 -12.08 -40.48
N ILE G 495 -51.47 -11.85 -39.17
CA ILE G 495 -51.84 -10.58 -38.56
C ILE G 495 -50.69 -10.08 -37.70
N ASP G 496 -50.67 -8.77 -37.49
CA ASP G 496 -49.62 -8.10 -36.73
C ASP G 496 -50.24 -7.20 -35.67
N PRO G 497 -49.57 -7.02 -34.54
CA PRO G 497 -50.04 -6.04 -33.56
C PRO G 497 -49.90 -4.64 -34.08
N THR G 498 -51.00 -3.87 -34.01
CA THR G 498 -50.96 -2.50 -34.52
C THR G 498 -49.99 -1.63 -33.73
N LYS G 499 -49.81 -1.93 -32.44
CA LYS G 499 -48.87 -1.17 -31.63
C LYS G 499 -47.45 -1.30 -32.17
N VAL G 500 -47.05 -2.52 -32.55
CA VAL G 500 -45.71 -2.75 -33.06
C VAL G 500 -45.49 -1.95 -34.34
N VAL G 501 -46.44 -2.01 -35.26
CA VAL G 501 -46.30 -1.33 -36.54
C VAL G 501 -46.21 0.18 -36.34
N ARG G 502 -47.14 0.74 -35.55
CA ARG G 502 -47.15 2.19 -35.38
C ARG G 502 -45.91 2.66 -34.63
N THR G 503 -45.46 1.90 -33.63
CA THR G 503 -44.27 2.28 -32.89
C THR G 503 -43.03 2.25 -33.78
N ALA G 504 -42.88 1.19 -34.57
CA ALA G 504 -41.73 1.09 -35.46
C ALA G 504 -41.71 2.24 -36.46
N LEU G 505 -42.86 2.50 -37.09
CA LEU G 505 -42.92 3.59 -38.06
C LEU G 505 -42.61 4.93 -37.40
N LEU G 506 -43.19 5.18 -36.23
CA LEU G 506 -42.99 6.46 -35.56
C LEU G 506 -41.53 6.67 -35.21
N ASP G 507 -40.89 5.68 -34.59
CA ASP G 507 -39.50 5.84 -34.17
C ASP G 507 -38.57 5.97 -35.38
N ALA G 508 -38.78 5.13 -36.41
CA ALA G 508 -37.93 5.20 -37.58
C ALA G 508 -38.02 6.56 -38.26
N ALA G 509 -39.24 7.06 -38.44
CA ALA G 509 -39.40 8.38 -39.05
C ALA G 509 -38.78 9.47 -38.16
N GLY G 510 -39.02 9.40 -36.85
CA GLY G 510 -38.53 10.45 -35.97
C GLY G 510 -37.02 10.56 -35.97
N VAL G 511 -36.32 9.42 -36.11
CA VAL G 511 -34.86 9.49 -36.13
C VAL G 511 -34.36 9.84 -37.53
N ALA G 512 -34.91 9.20 -38.57
CA ALA G 512 -34.38 9.40 -39.92
C ALA G 512 -34.61 10.82 -40.41
N SER G 513 -35.77 11.41 -40.12
CA SER G 513 -36.04 12.78 -40.55
C SER G 513 -35.06 13.75 -39.91
N LEU G 514 -34.75 13.55 -38.63
CA LEU G 514 -33.76 14.39 -37.97
C LEU G 514 -32.37 14.18 -38.59
N LEU G 515 -32.03 12.94 -38.90
CA LEU G 515 -30.72 12.66 -39.49
C LEU G 515 -30.57 13.35 -40.85
N THR G 516 -31.62 13.32 -41.67
CA THR G 516 -31.53 13.89 -43.01
C THR G 516 -31.40 15.41 -43.03
N THR G 517 -31.34 16.12 -41.90
CA THR G 517 -31.18 17.57 -41.91
C THR G 517 -29.74 18.01 -41.69
N ALA G 518 -28.80 17.07 -41.66
CA ALA G 518 -27.41 17.41 -41.40
C ALA G 518 -26.75 18.02 -42.63
N GLU G 519 -25.82 18.95 -42.38
CA GLU G 519 -25.05 19.57 -43.44
C GLU G 519 -23.56 19.49 -43.11
N VAL G 520 -23.24 19.50 -41.82
CA VAL G 520 -21.86 19.48 -41.34
C VAL G 520 -21.74 18.37 -40.30
N VAL G 521 -20.69 17.57 -40.40
CA VAL G 521 -20.43 16.49 -39.45
C VAL G 521 -19.04 16.68 -38.85
N VAL G 522 -18.97 16.66 -37.52
CA VAL G 522 -17.72 16.82 -36.79
C VAL G 522 -17.45 15.51 -36.05
N THR G 523 -16.29 14.92 -36.30
CA THR G 523 -15.92 13.66 -35.68
C THR G 523 -14.56 13.79 -35.01
N GLU G 524 -14.31 12.95 -34.02
CA GLU G 524 -13.00 12.91 -33.38
C GLU G 524 -12.01 12.20 -34.30
N ILE G 525 -10.84 12.80 -34.45
CA ILE G 525 -9.81 12.19 -35.30
C ILE G 525 -9.35 10.88 -34.70
N PRO G 526 -9.30 9.78 -35.46
CA PRO G 526 -8.90 8.49 -34.88
C PRO G 526 -7.42 8.44 -34.53
N LYS G 527 -7.06 8.99 -33.38
CA LYS G 527 -5.66 8.99 -32.96
C LYS G 527 -5.16 7.57 -32.72
N GLU G 528 -6.00 6.71 -32.16
CA GLU G 528 -5.62 5.33 -31.89
C GLU G 528 -6.50 4.36 -32.66
N GLY H 3 -26.74 -27.23 63.63
CA GLY H 3 -25.79 -28.30 63.89
C GLY H 3 -26.10 -29.57 63.11
N GLN H 4 -27.24 -29.57 62.42
CA GLN H 4 -27.62 -30.72 61.62
C GLN H 4 -26.68 -30.88 60.43
N ALA H 5 -26.41 -32.13 60.06
CA ALA H 5 -25.45 -32.45 59.02
C ALA H 5 -26.05 -33.41 58.02
N PHE H 6 -25.67 -33.26 56.76
CA PHE H 6 -26.04 -34.23 55.73
C PHE H 6 -25.16 -35.48 55.85
N ARG H 7 -25.27 -36.36 54.87
CA ARG H 7 -24.48 -37.60 54.92
C ARG H 7 -23.00 -37.30 54.77
N LYS H 8 -22.25 -37.51 55.85
CA LYS H 8 -20.80 -37.35 55.86
C LYS H 8 -20.37 -35.95 55.43
N PHE H 9 -21.10 -34.93 55.90
CA PHE H 9 -20.75 -33.55 55.59
C PHE H 9 -21.43 -32.63 56.60
N LEU H 10 -20.67 -31.66 57.11
CA LEU H 10 -21.19 -30.66 58.04
C LEU H 10 -20.60 -29.31 57.69
N PRO H 11 -21.41 -28.35 57.25
CA PRO H 11 -20.87 -27.01 56.97
C PRO H 11 -20.48 -26.28 58.25
N LEU H 12 -19.57 -25.33 58.09
CA LEU H 12 -19.13 -24.47 59.17
C LEU H 12 -19.74 -23.08 59.02
N PHE H 13 -19.73 -22.34 60.14
CA PHE H 13 -20.18 -20.95 60.21
C PHE H 13 -21.65 -20.90 59.81
N ASP H 14 -22.07 -20.00 58.93
CA ASP H 14 -23.46 -19.88 58.52
C ASP H 14 -23.72 -20.51 57.16
N ARG H 15 -22.79 -21.30 56.66
CA ARG H 15 -22.94 -21.90 55.33
C ARG H 15 -24.10 -22.88 55.32
N VAL H 16 -24.84 -22.90 54.20
CA VAL H 16 -26.01 -23.75 54.04
C VAL H 16 -25.84 -24.56 52.77
N LEU H 17 -26.04 -25.88 52.88
CA LEU H 17 -25.92 -26.80 51.76
C LEU H 17 -27.31 -27.19 51.31
N VAL H 18 -27.61 -26.95 50.03
CA VAL H 18 -28.93 -27.19 49.45
C VAL H 18 -28.77 -28.02 48.19
N GLU H 19 -29.89 -28.54 47.70
CA GLU H 19 -29.95 -29.27 46.45
C GLU H 19 -30.99 -28.63 45.56
N ARG H 20 -30.64 -28.38 44.30
CA ARG H 20 -31.55 -27.72 43.38
C ARG H 20 -32.66 -28.67 42.95
N SER H 21 -33.84 -28.12 42.69
CA SER H 21 -34.99 -28.92 42.31
C SER H 21 -34.83 -29.44 40.88
N ALA H 22 -35.73 -30.35 40.50
CA ALA H 22 -35.71 -30.92 39.17
C ALA H 22 -36.06 -29.86 38.13
N ALA H 23 -35.27 -29.82 37.06
CA ALA H 23 -35.50 -28.84 36.00
C ALA H 23 -36.78 -29.17 35.23
N GLU H 24 -37.39 -28.12 34.68
CA GLU H 24 -38.62 -28.27 33.91
C GLU H 24 -38.26 -28.58 32.46
N THR H 25 -38.20 -29.88 32.16
CA THR H 25 -37.89 -30.32 30.81
C THR H 25 -39.13 -30.52 29.95
N VAL H 26 -40.32 -30.51 30.55
CA VAL H 26 -41.57 -30.70 29.83
C VAL H 26 -42.53 -29.58 30.22
N THR H 27 -43.08 -28.90 29.24
CA THR H 27 -44.04 -27.83 29.44
C THR H 27 -45.45 -28.44 29.62
N LYS H 28 -46.32 -27.68 30.31
CA LYS H 28 -47.68 -28.15 30.57
C LYS H 28 -48.41 -28.53 29.28
N GLY H 29 -48.07 -27.89 28.16
CA GLY H 29 -48.69 -28.21 26.89
C GLY H 29 -48.13 -29.42 26.18
N GLY H 30 -47.15 -30.11 26.78
CA GLY H 30 -46.54 -31.27 26.19
C GLY H 30 -45.25 -31.02 25.45
N ILE H 31 -44.91 -29.75 25.20
CA ILE H 31 -43.66 -29.43 24.51
C ILE H 31 -42.50 -29.63 25.47
N MET H 32 -41.51 -30.39 25.03
CA MET H 32 -40.32 -30.65 25.83
C MET H 32 -39.19 -29.73 25.41
N LEU H 33 -38.60 -29.04 26.38
CA LEU H 33 -37.55 -28.05 26.18
C LEU H 33 -36.20 -28.73 25.99
N PRO H 34 -35.31 -28.12 25.20
CA PRO H 34 -33.96 -28.67 25.07
C PRO H 34 -33.18 -28.54 26.38
N GLU H 35 -32.23 -29.46 26.56
CA GLU H 35 -31.42 -29.46 27.77
C GLU H 35 -30.55 -28.21 27.87
N LYS H 36 -30.08 -27.69 26.73
CA LYS H 36 -29.21 -26.52 26.76
C LYS H 36 -29.92 -25.28 27.28
N SER H 37 -31.22 -25.19 27.06
CA SER H 37 -32.01 -24.04 27.53
C SER H 37 -32.39 -24.24 28.99
N GLN H 38 -33.32 -23.41 29.47
CA GLN H 38 -33.96 -23.49 30.78
C GLN H 38 -33.00 -23.17 31.92
N GLY H 39 -31.73 -22.94 31.60
CA GLY H 39 -30.78 -22.45 32.59
C GLY H 39 -30.64 -23.36 33.80
N LYS H 40 -30.62 -22.75 34.98
CA LYS H 40 -30.46 -23.45 36.24
C LYS H 40 -31.66 -23.19 37.14
N VAL H 41 -32.03 -24.20 37.93
CA VAL H 41 -33.19 -24.09 38.79
C VAL H 41 -32.88 -23.17 39.96
N LEU H 42 -33.76 -22.21 40.22
CA LEU H 42 -33.58 -21.27 41.32
C LEU H 42 -34.28 -21.73 42.59
N GLN H 43 -35.07 -22.79 42.54
CA GLN H 43 -35.77 -23.30 43.71
C GLN H 43 -35.01 -24.50 44.25
N ALA H 44 -34.65 -24.46 45.54
CA ALA H 44 -33.87 -25.51 46.14
C ALA H 44 -34.45 -25.87 47.50
N THR H 45 -33.95 -26.96 48.07
CA THR H 45 -34.35 -27.43 49.38
C THR H 45 -33.11 -27.55 50.26
N VAL H 46 -33.21 -27.04 51.48
CA VAL H 46 -32.06 -27.06 52.39
C VAL H 46 -31.87 -28.48 52.93
N VAL H 47 -30.66 -29.01 52.78
CA VAL H 47 -30.34 -30.34 53.29
C VAL H 47 -29.30 -30.31 54.40
N ALA H 48 -28.56 -29.20 54.58
CA ALA H 48 -27.61 -29.11 55.67
C ALA H 48 -27.46 -27.66 56.09
N VAL H 49 -27.36 -27.43 57.40
CA VAL H 49 -27.25 -26.09 57.96
C VAL H 49 -25.97 -25.98 58.76
N GLY H 50 -25.38 -24.80 58.75
CA GLY H 50 -24.16 -24.56 59.48
C GLY H 50 -24.39 -24.44 60.98
N SER H 51 -23.27 -24.41 61.72
CA SER H 51 -23.35 -24.32 63.17
C SER H 51 -23.95 -22.98 63.60
N GLY H 52 -23.53 -21.90 62.97
CA GLY H 52 -24.02 -20.58 63.32
C GLY H 52 -22.97 -19.53 63.06
N SER H 53 -23.35 -18.28 63.31
CA SER H 53 -22.48 -17.14 63.05
C SER H 53 -21.87 -16.64 64.35
N LYS H 54 -20.54 -16.47 64.35
CA LYS H 54 -19.81 -15.98 65.49
C LYS H 54 -19.44 -14.50 65.35
N GLY H 55 -20.15 -13.77 64.47
CA GLY H 55 -19.88 -12.35 64.32
C GLY H 55 -20.08 -11.58 65.61
N LYS H 56 -21.15 -11.89 66.34
CA LYS H 56 -21.37 -11.34 67.67
C LYS H 56 -20.72 -12.25 68.69
N GLY H 57 -19.82 -11.69 69.50
CA GLY H 57 -19.08 -12.50 70.44
C GLY H 57 -19.96 -13.09 71.52
N GLY H 58 -19.46 -14.17 72.12
CA GLY H 58 -20.19 -14.86 73.16
C GLY H 58 -20.83 -16.15 72.66
N GLU H 59 -22.15 -16.13 72.53
CA GLU H 59 -22.89 -17.31 72.08
C GLU H 59 -22.90 -17.38 70.55
N ILE H 60 -23.55 -18.41 70.03
CA ILE H 60 -23.70 -18.60 68.60
C ILE H 60 -25.08 -18.11 68.17
N GLN H 61 -25.20 -17.79 66.89
CA GLN H 61 -26.47 -17.36 66.31
C GLN H 61 -26.90 -18.36 65.24
N PRO H 62 -27.89 -19.21 65.51
CA PRO H 62 -28.27 -20.23 64.54
C PRO H 62 -28.87 -19.63 63.27
N VAL H 63 -28.73 -20.38 62.18
CA VAL H 63 -29.24 -19.93 60.90
C VAL H 63 -30.77 -19.85 60.93
N SER H 64 -31.32 -19.06 60.01
CA SER H 64 -32.76 -18.86 59.94
C SER H 64 -33.47 -19.95 59.13
N VAL H 65 -32.73 -20.83 58.48
CA VAL H 65 -33.32 -21.91 57.69
C VAL H 65 -33.02 -23.24 58.38
N LYS H 66 -33.80 -24.26 58.03
CA LYS H 66 -33.64 -25.58 58.61
C LYS H 66 -33.66 -26.63 57.50
N VAL H 67 -33.29 -27.85 57.86
CA VAL H 67 -33.21 -28.94 56.89
C VAL H 67 -34.61 -29.24 56.35
N GLY H 68 -34.70 -29.39 55.03
CA GLY H 68 -35.95 -29.69 54.37
C GLY H 68 -36.76 -28.48 53.95
N ASP H 69 -36.36 -27.29 54.36
CA ASP H 69 -37.10 -26.09 54.00
C ASP H 69 -36.85 -25.73 52.54
N LYS H 70 -37.86 -25.18 51.89
CA LYS H 70 -37.79 -24.80 50.47
C LYS H 70 -37.47 -23.32 50.37
N VAL H 71 -36.44 -23.00 49.57
CA VAL H 71 -35.99 -21.62 49.41
C VAL H 71 -35.79 -21.33 47.93
N LEU H 72 -35.66 -20.05 47.63
CA LEU H 72 -35.36 -19.57 46.28
C LEU H 72 -33.96 -18.96 46.28
N LEU H 73 -33.09 -19.48 45.42
CA LEU H 73 -31.66 -19.21 45.38
C LEU H 73 -31.34 -18.05 44.45
N PRO H 74 -30.27 -17.32 44.72
CA PRO H 74 -29.86 -16.23 43.82
C PRO H 74 -29.22 -16.75 42.55
N GLU H 75 -29.20 -15.88 41.54
CA GLU H 75 -28.57 -16.23 40.27
C GLU H 75 -27.07 -16.45 40.43
N TYR H 76 -26.41 -15.59 41.22
CA TYR H 76 -24.97 -15.62 41.40
C TYR H 76 -24.61 -16.15 42.78
N GLY H 77 -23.39 -16.64 42.91
CA GLY H 77 -22.88 -17.18 44.15
C GLY H 77 -23.09 -18.68 44.27
N GLY H 78 -22.56 -19.22 45.35
CA GLY H 78 -22.65 -20.64 45.62
C GLY H 78 -21.43 -21.40 45.15
N THR H 79 -21.20 -22.55 45.79
CA THR H 79 -20.06 -23.41 45.49
C THR H 79 -20.55 -24.83 45.25
N LYS H 80 -19.98 -25.47 44.24
CA LYS H 80 -20.35 -26.84 43.88
C LYS H 80 -19.72 -27.84 44.84
N VAL H 81 -20.53 -28.75 45.36
CA VAL H 81 -20.06 -29.80 46.26
C VAL H 81 -20.56 -31.13 45.73
N VAL H 82 -19.74 -32.17 45.85
CA VAL H 82 -20.08 -33.50 45.37
C VAL H 82 -20.19 -34.44 46.57
N LEU H 83 -21.37 -35.03 46.74
CA LEU H 83 -21.63 -35.98 47.81
C LEU H 83 -22.32 -37.19 47.22
N ASP H 84 -21.69 -38.36 47.32
CA ASP H 84 -22.19 -39.59 46.73
C ASP H 84 -22.48 -39.41 45.25
N ASP H 85 -21.53 -38.79 44.54
CA ASP H 85 -21.63 -38.49 43.13
C ASP H 85 -22.86 -37.66 42.78
N LYS H 86 -23.45 -37.01 43.79
CA LYS H 86 -24.57 -36.11 43.58
C LYS H 86 -24.12 -34.67 43.80
N ASP H 87 -24.75 -33.75 43.06
CA ASP H 87 -24.38 -32.35 43.08
C ASP H 87 -25.20 -31.62 44.13
N TYR H 88 -24.53 -30.75 44.89
CA TYR H 88 -25.19 -29.86 45.85
C TYR H 88 -24.51 -28.51 45.78
N PHE H 89 -25.21 -27.49 46.27
CA PHE H 89 -24.71 -26.12 46.22
C PHE H 89 -24.65 -25.54 47.62
N LEU H 90 -23.51 -24.91 47.94
CA LEU H 90 -23.26 -24.33 49.24
C LEU H 90 -23.31 -22.81 49.13
N PHE H 91 -24.13 -22.19 49.97
CA PHE H 91 -24.31 -20.75 49.99
C PHE H 91 -24.09 -20.24 51.41
N ARG H 92 -24.30 -18.94 51.59
CA ARG H 92 -24.34 -18.32 52.91
C ARG H 92 -25.78 -17.97 53.26
N ASP H 93 -25.99 -17.64 54.55
CA ASP H 93 -27.33 -17.29 54.99
C ASP H 93 -27.84 -16.03 54.30
N GLY H 94 -26.99 -15.02 54.16
CA GLY H 94 -27.40 -13.77 53.56
C GLY H 94 -27.73 -13.86 52.09
N ASP H 95 -27.25 -14.90 51.40
CA ASP H 95 -27.50 -15.03 49.97
C ASP H 95 -28.89 -15.56 49.67
N ILE H 96 -29.60 -16.12 50.65
CA ILE H 96 -30.93 -16.66 50.43
C ILE H 96 -31.92 -15.50 50.43
N LEU H 97 -32.72 -15.40 49.36
CA LEU H 97 -33.66 -14.29 49.25
C LEU H 97 -34.99 -14.62 49.91
N GLY H 98 -35.62 -15.72 49.51
CA GLY H 98 -36.93 -16.06 50.03
C GLY H 98 -37.04 -17.52 50.38
N LYS H 99 -37.96 -17.81 51.30
CA LYS H 99 -38.26 -19.16 51.72
C LYS H 99 -39.70 -19.49 51.40
N TYR H 100 -39.92 -20.66 50.80
CA TYR H 100 -41.24 -21.09 50.36
C TYR H 100 -41.95 -21.69 51.56
N VAL H 101 -42.81 -20.88 52.19
CA VAL H 101 -43.57 -21.35 53.35
C VAL H 101 -44.72 -22.21 52.86
N ASP H 102 -44.78 -23.45 53.32
CA ASP H 102 -45.82 -24.39 52.89
C ASP H 102 -46.00 -25.50 53.91
N GLY I 1 -18.74 -0.58 -29.42
CA GLY I 1 -17.49 0.01 -28.97
C GLY I 1 -16.29 -0.48 -29.76
N SER I 2 -16.36 -1.73 -30.22
CA SER I 2 -15.29 -2.34 -30.99
C SER I 2 -15.72 -2.47 -32.44
N ALA I 3 -14.85 -2.01 -33.35
CA ALA I 3 -15.17 -2.06 -34.77
C ALA I 3 -15.33 -3.50 -35.23
N LYS I 4 -16.24 -3.71 -36.18
CA LYS I 4 -16.61 -5.04 -36.63
C LYS I 4 -16.37 -5.17 -38.13
N ASP I 5 -16.08 -6.41 -38.55
CA ASP I 5 -16.03 -6.77 -39.96
C ASP I 5 -17.26 -7.62 -40.28
N VAL I 6 -18.00 -7.22 -41.31
CA VAL I 6 -19.25 -7.85 -41.69
C VAL I 6 -19.08 -8.49 -43.06
N LYS I 7 -19.38 -9.78 -43.16
CA LYS I 7 -19.26 -10.52 -44.40
C LYS I 7 -20.62 -11.10 -44.79
N PHE I 8 -20.91 -11.06 -46.08
CA PHE I 8 -22.22 -11.41 -46.61
C PHE I 8 -22.13 -12.65 -47.49
N GLY I 9 -23.15 -13.50 -47.42
CA GLY I 9 -23.33 -14.57 -48.38
C GLY I 9 -22.26 -15.64 -48.45
N ALA I 10 -21.79 -15.92 -49.67
CA ALA I 10 -21.02 -17.13 -49.91
C ALA I 10 -19.61 -17.05 -49.33
N ASP I 11 -19.05 -15.85 -49.21
CA ASP I 11 -17.69 -15.73 -48.69
C ASP I 11 -17.60 -16.19 -47.24
N ALA I 12 -18.52 -15.71 -46.41
CA ALA I 12 -18.53 -16.11 -45.01
C ALA I 12 -18.80 -17.60 -44.87
N ARG I 13 -19.72 -18.14 -45.68
CA ARG I 13 -19.99 -19.57 -45.64
C ARG I 13 -18.76 -20.37 -46.03
N ALA I 14 -18.02 -19.91 -47.04
CA ALA I 14 -16.80 -20.61 -47.46
C ALA I 14 -15.75 -20.58 -46.36
N LEU I 15 -15.60 -19.44 -45.68
CA LEU I 15 -14.61 -19.37 -44.60
C LEU I 15 -15.00 -20.28 -43.43
N MET I 16 -16.27 -20.27 -43.05
CA MET I 16 -16.72 -21.17 -41.99
C MET I 16 -16.51 -22.62 -42.40
N LEU I 17 -16.79 -22.95 -43.66
CA LEU I 17 -16.58 -24.31 -44.14
C LEU I 17 -15.10 -24.68 -44.07
N GLN I 18 -14.22 -23.75 -44.41
CA GLN I 18 -12.78 -24.02 -44.30
C GLN I 18 -12.42 -24.36 -42.87
N GLY I 19 -12.89 -23.56 -41.92
CA GLY I 19 -12.60 -23.85 -40.51
C GLY I 19 -13.15 -25.20 -40.07
N VAL I 20 -14.40 -25.48 -40.45
CA VAL I 20 -15.05 -26.73 -40.05
C VAL I 20 -14.31 -27.93 -40.62
N ASP I 21 -13.95 -27.87 -41.91
CA ASP I 21 -13.21 -28.97 -42.50
C ASP I 21 -11.82 -29.12 -41.89
N LEU I 22 -11.17 -28.02 -41.54
CA LEU I 22 -9.87 -28.15 -40.87
C LEU I 22 -10.00 -28.90 -39.55
N LEU I 23 -10.95 -28.47 -38.71
CA LEU I 23 -11.12 -29.13 -37.42
C LEU I 23 -11.53 -30.58 -37.59
N ALA I 24 -12.45 -30.85 -38.51
CA ALA I 24 -12.96 -32.22 -38.66
C ALA I 24 -11.95 -33.13 -39.33
N ASP I 25 -11.05 -32.58 -40.17
CA ASP I 25 -9.97 -33.38 -40.71
C ASP I 25 -8.94 -33.70 -39.64
N ALA I 26 -8.69 -32.75 -38.74
CA ALA I 26 -7.80 -33.05 -37.61
C ALA I 26 -8.41 -34.13 -36.72
N VAL I 27 -9.71 -34.04 -36.45
CA VAL I 27 -10.36 -34.97 -35.53
C VAL I 27 -10.52 -36.36 -36.17
N ALA I 28 -10.94 -36.41 -37.44
CA ALA I 28 -11.38 -37.64 -38.07
C ALA I 28 -10.28 -38.67 -38.25
N VAL I 29 -9.01 -38.29 -38.11
CA VAL I 29 -7.93 -39.28 -38.20
C VAL I 29 -7.84 -40.16 -36.97
N THR I 30 -8.69 -39.93 -35.97
CA THR I 30 -8.72 -40.71 -34.74
C THR I 30 -9.98 -41.56 -34.67
N MET I 31 -10.43 -42.07 -35.81
CA MET I 31 -11.68 -42.81 -35.91
C MET I 31 -11.42 -44.22 -36.37
N GLY I 32 -12.10 -45.18 -35.74
CA GLY I 32 -12.00 -46.57 -36.12
C GLY I 32 -10.88 -47.29 -35.40
N PRO I 33 -10.86 -48.62 -35.50
CA PRO I 33 -9.78 -49.39 -34.87
C PRO I 33 -8.40 -49.08 -35.44
N LYS I 34 -8.34 -48.64 -36.69
CA LYS I 34 -7.06 -48.32 -37.33
C LYS I 34 -6.76 -46.83 -37.33
N GLY I 35 -7.50 -46.04 -36.56
CA GLY I 35 -7.22 -44.63 -36.47
C GLY I 35 -5.91 -44.35 -35.76
N ARG I 36 -5.32 -43.20 -36.07
CA ARG I 36 -4.04 -42.80 -35.51
C ARG I 36 -4.25 -41.70 -34.47
N THR I 37 -3.18 -41.34 -33.77
CA THR I 37 -3.24 -40.43 -32.64
C THR I 37 -2.80 -39.02 -33.06
N VAL I 38 -3.15 -38.07 -32.20
CA VAL I 38 -2.84 -36.66 -32.41
C VAL I 38 -1.98 -36.18 -31.25
N ILE I 39 -0.91 -35.46 -31.56
CA ILE I 39 0.00 -34.92 -30.56
C ILE I 39 -0.28 -33.43 -30.42
N ILE I 40 -0.70 -33.01 -29.24
CA ILE I 40 -1.04 -31.62 -28.94
C ILE I 40 0.02 -31.06 -28.01
N GLU I 41 0.63 -29.95 -28.41
CA GLU I 41 1.67 -29.34 -27.61
C GLU I 41 1.07 -28.71 -26.35
N GLN I 42 1.65 -29.05 -25.21
CA GLN I 42 1.26 -28.44 -23.93
C GLN I 42 2.28 -27.37 -23.58
N SER I 43 1.79 -26.19 -23.19
CA SER I 43 2.68 -25.06 -22.94
C SER I 43 3.61 -25.32 -21.76
N TRP I 44 3.11 -26.00 -20.73
CA TRP I 44 3.92 -26.18 -19.52
C TRP I 44 4.94 -27.29 -19.68
N GLY I 45 4.48 -28.52 -19.98
CA GLY I 45 5.38 -29.65 -20.00
C GLY I 45 5.28 -30.51 -21.24
N SER I 46 5.20 -31.82 -21.03
CA SER I 46 5.23 -32.78 -22.13
C SER I 46 3.95 -32.68 -22.96
N PRO I 47 4.05 -32.89 -24.28
CA PRO I 47 2.85 -32.87 -25.12
C PRO I 47 1.94 -34.05 -24.82
N LYS I 48 0.68 -33.88 -25.16
CA LYS I 48 -0.35 -34.90 -24.93
C LYS I 48 -0.59 -35.67 -26.22
N VAL I 49 -0.35 -36.98 -26.18
CA VAL I 49 -0.66 -37.87 -27.29
C VAL I 49 -2.02 -38.48 -27.00
N THR I 50 -3.02 -38.13 -27.81
CA THR I 50 -4.39 -38.51 -27.50
C THR I 50 -5.09 -39.06 -28.74
N LYS I 51 -6.10 -39.89 -28.50
CA LYS I 51 -6.97 -40.44 -29.54
C LYS I 51 -8.42 -40.05 -29.30
N ASP I 52 -8.66 -39.06 -28.45
CA ASP I 52 -10.00 -38.66 -28.05
C ASP I 52 -10.48 -37.53 -28.96
N GLY I 53 -11.71 -37.65 -29.46
CA GLY I 53 -12.22 -36.66 -30.38
C GLY I 53 -12.39 -35.29 -29.74
N VAL I 54 -13.00 -35.25 -28.54
CA VAL I 54 -13.27 -33.96 -27.92
C VAL I 54 -11.98 -33.30 -27.45
N THR I 55 -10.98 -34.08 -27.05
CA THR I 55 -9.70 -33.50 -26.65
C THR I 55 -9.03 -32.82 -27.82
N VAL I 56 -9.06 -33.45 -29.00
CA VAL I 56 -8.49 -32.83 -30.19
C VAL I 56 -9.30 -31.60 -30.59
N ALA I 57 -10.63 -31.70 -30.51
CA ALA I 57 -11.48 -30.58 -30.93
C ALA I 57 -11.27 -29.36 -30.05
N LYS I 58 -11.20 -29.56 -28.73
CA LYS I 58 -11.12 -28.42 -27.81
C LYS I 58 -9.77 -27.72 -27.84
N SER I 59 -8.74 -28.38 -28.37
CA SER I 59 -7.39 -27.83 -28.37
C SER I 59 -7.07 -27.07 -29.65
N ILE I 60 -8.04 -26.88 -30.53
CA ILE I 60 -7.81 -26.25 -31.83
C ILE I 60 -8.51 -24.89 -31.83
N ASP I 61 -7.74 -23.83 -32.01
CA ASP I 61 -8.25 -22.49 -32.23
C ASP I 61 -7.54 -21.89 -33.43
N LEU I 62 -8.25 -21.09 -34.21
CA LEU I 62 -7.74 -20.58 -35.47
C LEU I 62 -7.62 -19.06 -35.41
N LYS I 63 -6.64 -18.53 -36.15
CA LYS I 63 -6.40 -17.10 -36.15
C LYS I 63 -7.53 -16.35 -36.84
N ASP I 64 -7.96 -16.83 -38.01
CA ASP I 64 -9.03 -16.18 -38.75
C ASP I 64 -10.34 -16.28 -37.99
N LYS I 65 -11.09 -15.18 -37.94
CA LYS I 65 -12.27 -15.11 -37.08
C LYS I 65 -13.39 -16.01 -37.58
N TYR I 66 -13.59 -16.09 -38.90
CA TYR I 66 -14.69 -16.90 -39.43
C TYR I 66 -14.38 -18.39 -39.31
N LYS I 67 -13.16 -18.80 -39.66
CA LYS I 67 -12.74 -20.15 -39.40
C LYS I 67 -12.79 -20.47 -37.91
N ASN I 68 -12.50 -19.47 -37.07
CA ASN I 68 -12.65 -19.66 -35.63
C ASN I 68 -14.09 -19.89 -35.24
N ILE I 69 -15.03 -19.20 -35.90
CA ILE I 69 -16.45 -19.40 -35.61
C ILE I 69 -16.86 -20.83 -35.96
N GLY I 70 -16.45 -21.30 -37.14
CA GLY I 70 -16.74 -22.67 -37.52
C GLY I 70 -16.13 -23.68 -36.56
N ALA I 71 -14.88 -23.43 -36.16
CA ALA I 71 -14.21 -24.32 -35.21
C ALA I 71 -14.93 -24.31 -33.87
N LYS I 72 -15.41 -23.15 -33.43
CA LYS I 72 -16.13 -23.07 -32.16
C LYS I 72 -17.42 -23.86 -32.21
N LEU I 73 -18.14 -23.79 -33.33
CA LEU I 73 -19.36 -24.57 -33.45
C LEU I 73 -19.07 -26.07 -33.44
N VAL I 74 -18.03 -26.50 -34.15
CA VAL I 74 -17.66 -27.92 -34.12
C VAL I 74 -17.24 -28.33 -32.72
N GLN I 75 -16.54 -27.44 -32.00
CA GLN I 75 -16.16 -27.70 -30.62
C GLN I 75 -17.38 -27.85 -29.74
N ASP I 76 -18.41 -27.04 -29.98
CA ASP I 76 -19.66 -27.18 -29.24
C ASP I 76 -20.29 -28.55 -29.50
N VAL I 77 -20.28 -28.98 -30.76
CA VAL I 77 -20.81 -30.31 -31.08
C VAL I 77 -20.08 -31.38 -30.29
N ALA I 78 -18.74 -31.36 -30.35
CA ALA I 78 -17.95 -32.38 -29.69
C ALA I 78 -18.13 -32.34 -28.18
N ASN I 79 -18.16 -31.14 -27.60
CA ASN I 79 -18.30 -31.01 -26.15
C ASN I 79 -19.67 -31.49 -25.68
N ASN I 80 -20.74 -31.15 -26.40
CA ASN I 80 -22.06 -31.63 -26.03
C ASN I 80 -22.14 -33.15 -26.12
N THR I 81 -21.58 -33.72 -27.18
CA THR I 81 -21.58 -35.18 -27.31
C THR I 81 -20.79 -35.83 -26.19
N ASN I 82 -19.66 -35.24 -25.80
CA ASN I 82 -18.85 -35.82 -24.74
C ASN I 82 -19.54 -35.72 -23.39
N GLU I 83 -20.17 -34.58 -23.10
CA GLU I 83 -20.78 -34.40 -21.78
C GLU I 83 -22.07 -35.19 -21.64
N GLU I 84 -22.80 -35.40 -22.73
CA GLU I 84 -24.08 -36.10 -22.61
C GLU I 84 -23.88 -37.62 -22.63
N ALA I 85 -23.14 -38.13 -23.61
CA ALA I 85 -22.98 -39.57 -23.79
C ALA I 85 -21.66 -40.10 -23.25
N GLY I 86 -20.58 -39.35 -23.36
CA GLY I 86 -19.27 -39.80 -22.95
C GLY I 86 -18.46 -40.49 -24.02
N ASP I 87 -19.04 -40.71 -25.20
CA ASP I 87 -18.34 -41.36 -26.30
C ASP I 87 -18.96 -40.87 -27.60
N GLY I 88 -18.41 -41.35 -28.71
CA GLY I 88 -18.90 -40.95 -30.02
C GLY I 88 -18.67 -39.50 -30.35
N THR I 89 -17.54 -38.92 -29.90
CA THR I 89 -17.26 -37.53 -30.21
C THR I 89 -16.81 -37.36 -31.66
N THR I 90 -15.95 -38.26 -32.15
CA THR I 90 -15.50 -38.18 -33.53
C THR I 90 -16.65 -38.43 -34.50
N THR I 91 -17.55 -39.35 -34.15
CA THR I 91 -18.73 -39.58 -34.97
C THR I 91 -19.57 -38.32 -35.09
N ALA I 92 -19.80 -37.64 -33.96
CA ALA I 92 -20.55 -36.40 -33.98
C ALA I 92 -19.84 -35.33 -34.80
N THR I 93 -18.51 -35.27 -34.69
CA THR I 93 -17.76 -34.26 -35.43
C THR I 93 -17.87 -34.48 -36.94
N VAL I 94 -17.69 -35.73 -37.39
CA VAL I 94 -17.76 -36.00 -38.82
C VAL I 94 -19.18 -35.81 -39.34
N LEU I 95 -20.19 -36.19 -38.55
CA LEU I 95 -21.57 -35.95 -38.95
C LEU I 95 -21.86 -34.46 -39.06
N ALA I 96 -21.35 -33.67 -38.12
CA ALA I 96 -21.56 -32.23 -38.18
C ALA I 96 -20.90 -31.62 -39.41
N ARG I 97 -19.66 -32.02 -39.71
CA ARG I 97 -19.01 -31.51 -40.91
C ARG I 97 -19.77 -31.90 -42.16
N SER I 98 -20.24 -33.15 -42.24
CA SER I 98 -20.97 -33.59 -43.42
C SER I 98 -22.27 -32.82 -43.58
N ILE I 99 -23.02 -32.62 -42.50
CA ILE I 99 -24.28 -31.90 -42.60
C ILE I 99 -24.03 -30.45 -43.02
N ALA I 100 -23.03 -29.80 -42.42
CA ALA I 100 -22.74 -28.42 -42.78
C ALA I 100 -22.33 -28.31 -44.24
N LYS I 101 -21.45 -29.20 -44.69
CA LYS I 101 -20.99 -29.15 -46.08
C LYS I 101 -22.15 -29.39 -47.04
N GLU I 102 -22.95 -30.42 -46.78
CA GLU I 102 -24.07 -30.73 -47.68
C GLU I 102 -25.08 -29.58 -47.71
N GLY I 103 -25.36 -28.97 -46.56
CA GLY I 103 -26.30 -27.87 -46.53
C GLY I 103 -25.78 -26.58 -47.12
N PHE I 104 -24.46 -26.39 -47.17
CA PHE I 104 -23.93 -25.13 -47.67
C PHE I 104 -24.18 -24.95 -49.17
N GLU I 105 -23.96 -25.99 -49.97
CA GLU I 105 -24.23 -25.85 -51.39
C GLU I 105 -25.73 -25.84 -51.72
N LYS I 106 -26.56 -26.41 -50.85
CA LYS I 106 -28.00 -26.37 -51.07
C LYS I 106 -28.59 -24.98 -50.87
N ILE I 107 -27.86 -24.07 -50.25
CA ILE I 107 -28.35 -22.71 -50.05
C ILE I 107 -28.30 -21.97 -51.38
N SER I 108 -29.43 -21.39 -51.78
CA SER I 108 -29.53 -20.64 -53.02
C SER I 108 -30.41 -19.43 -52.79
N LYS I 109 -30.68 -18.68 -53.85
CA LYS I 109 -31.53 -17.50 -53.74
C LYS I 109 -32.96 -17.88 -53.36
N GLY I 110 -33.48 -18.94 -53.96
CA GLY I 110 -34.83 -19.39 -53.68
C GLY I 110 -34.96 -20.40 -52.56
N ALA I 111 -33.85 -20.93 -52.06
CA ALA I 111 -33.90 -21.92 -50.99
C ALA I 111 -34.31 -21.26 -49.68
N ASN I 112 -34.92 -22.07 -48.82
CA ASN I 112 -35.36 -21.62 -47.49
C ASN I 112 -34.59 -22.40 -46.43
N PRO I 113 -33.50 -21.84 -45.89
CA PRO I 113 -32.69 -22.61 -44.93
C PRO I 113 -33.43 -23.05 -43.69
N VAL I 114 -34.39 -22.25 -43.20
CA VAL I 114 -35.11 -22.61 -42.00
C VAL I 114 -35.94 -23.88 -42.23
N GLU I 115 -36.62 -23.96 -43.37
CA GLU I 115 -37.40 -25.16 -43.66
C GLU I 115 -36.50 -26.35 -43.92
N ILE I 116 -35.32 -26.13 -44.50
CA ILE I 116 -34.34 -27.20 -44.64
C ILE I 116 -33.93 -27.74 -43.27
N ARG I 117 -33.71 -26.83 -42.32
CA ARG I 117 -33.37 -27.25 -40.96
C ARG I 117 -34.51 -28.02 -40.31
N ARG I 118 -35.75 -27.57 -40.53
CA ARG I 118 -36.90 -28.29 -39.99
C ARG I 118 -36.98 -29.70 -40.57
N GLY I 119 -36.76 -29.83 -41.87
CA GLY I 119 -36.75 -31.16 -42.48
C GLY I 119 -35.63 -32.02 -41.95
N VAL I 120 -34.46 -31.43 -41.72
CA VAL I 120 -33.34 -32.19 -41.15
C VAL I 120 -33.70 -32.71 -39.76
N MET I 121 -34.31 -31.85 -38.94
CA MET I 121 -34.71 -32.29 -37.60
C MET I 121 -35.75 -33.39 -37.67
N LEU I 122 -36.70 -33.29 -38.61
CA LEU I 122 -37.70 -34.34 -38.78
C LEU I 122 -37.05 -35.66 -39.17
N ALA I 123 -36.13 -35.61 -40.12
CA ALA I 123 -35.43 -36.83 -40.55
C ALA I 123 -34.62 -37.43 -39.41
N VAL I 124 -33.98 -36.58 -38.61
CA VAL I 124 -33.19 -37.08 -37.48
C VAL I 124 -34.09 -37.72 -36.44
N ASP I 125 -35.26 -37.14 -36.20
CA ASP I 125 -36.21 -37.75 -35.28
C ASP I 125 -36.65 -39.13 -35.79
N ALA I 126 -36.91 -39.24 -37.09
CA ALA I 126 -37.28 -40.55 -37.65
C ALA I 126 -36.15 -41.56 -37.49
N VAL I 127 -34.91 -41.13 -37.76
CA VAL I 127 -33.77 -42.03 -37.64
C VAL I 127 -33.57 -42.47 -36.19
N ILE I 128 -33.77 -41.55 -35.24
CA ILE I 128 -33.64 -41.89 -33.84
C ILE I 128 -34.72 -42.88 -33.42
N ALA I 129 -35.94 -42.70 -33.92
CA ALA I 129 -37.00 -43.65 -33.64
C ALA I 129 -36.65 -45.03 -34.18
N GLU I 130 -36.11 -45.09 -35.40
CA GLU I 130 -35.70 -46.38 -35.96
C GLU I 130 -34.59 -47.02 -35.14
N LEU I 131 -33.62 -46.21 -34.71
CA LEU I 131 -32.52 -46.73 -33.90
C LEU I 131 -33.03 -47.30 -32.58
N LYS I 132 -33.96 -46.60 -31.94
CA LYS I 132 -34.56 -47.11 -30.71
C LYS I 132 -35.32 -48.41 -30.97
N LYS I 133 -36.02 -48.48 -32.10
CA LYS I 133 -36.78 -49.70 -32.42
C LYS I 133 -35.86 -50.89 -32.63
N GLN I 134 -34.73 -50.69 -33.31
CA GLN I 134 -33.89 -51.81 -33.71
C GLN I 134 -32.82 -52.18 -32.68
N SER I 135 -32.77 -51.49 -31.55
CA SER I 135 -31.79 -51.82 -30.52
C SER I 135 -32.29 -53.00 -29.68
N LYS I 136 -31.34 -53.65 -29.00
CA LYS I 136 -31.66 -54.76 -28.12
C LYS I 136 -30.96 -54.60 -26.79
N PRO I 137 -31.54 -55.12 -25.71
CA PRO I 137 -30.97 -54.93 -24.38
C PRO I 137 -29.71 -55.76 -24.16
N VAL I 138 -28.96 -55.39 -23.13
CA VAL I 138 -27.75 -56.11 -22.74
C VAL I 138 -28.10 -57.05 -21.60
N THR I 139 -27.76 -58.33 -21.77
CA THR I 139 -28.10 -59.37 -20.81
C THR I 139 -26.89 -60.04 -20.20
N THR I 140 -25.93 -60.48 -21.02
CA THR I 140 -24.82 -61.26 -20.50
C THR I 140 -23.60 -60.39 -20.27
N PRO I 141 -22.73 -60.77 -19.32
CA PRO I 141 -21.46 -60.03 -19.15
C PRO I 141 -20.54 -60.14 -20.35
N GLU I 142 -20.73 -61.14 -21.21
CA GLU I 142 -19.93 -61.23 -22.43
C GLU I 142 -20.16 -60.02 -23.32
N GLU I 143 -21.41 -59.58 -23.42
CA GLU I 143 -21.71 -58.36 -24.18
C GLU I 143 -21.04 -57.15 -23.54
N ILE I 144 -20.98 -57.12 -22.20
CA ILE I 144 -20.29 -56.03 -21.51
C ILE I 144 -18.82 -56.01 -21.87
N ALA I 145 -18.18 -57.18 -21.87
CA ALA I 145 -16.77 -57.27 -22.25
C ALA I 145 -16.58 -56.84 -23.69
N GLN I 146 -17.48 -57.27 -24.59
CA GLN I 146 -17.36 -56.88 -25.99
C GLN I 146 -17.49 -55.38 -26.17
N VAL I 147 -18.44 -54.76 -25.48
CA VAL I 147 -18.63 -53.31 -25.60
C VAL I 147 -17.40 -52.58 -25.06
N ALA I 148 -16.89 -53.00 -23.90
CA ALA I 148 -15.71 -52.35 -23.34
C ALA I 148 -14.50 -52.51 -24.26
N THR I 149 -14.33 -53.69 -24.85
CA THR I 149 -13.21 -53.91 -25.76
C THR I 149 -13.34 -53.05 -27.01
N ILE I 150 -14.53 -52.97 -27.59
CA ILE I 150 -14.73 -52.16 -28.79
C ILE I 150 -14.46 -50.69 -28.49
N SER I 151 -14.96 -50.20 -27.35
CA SER I 151 -14.78 -48.78 -27.02
C SER I 151 -13.36 -48.46 -26.60
N ALA I 152 -12.55 -49.46 -26.25
CA ALA I 152 -11.17 -49.25 -25.84
C ALA I 152 -10.18 -49.56 -26.96
N ASN I 153 -10.56 -49.28 -28.21
CA ASN I 153 -9.70 -49.51 -29.37
C ASN I 153 -9.26 -50.96 -29.48
N GLY I 154 -10.19 -51.88 -29.22
CA GLY I 154 -9.89 -53.30 -29.37
C GLY I 154 -8.87 -53.84 -28.40
N ASP I 155 -8.96 -53.47 -27.12
CA ASP I 155 -8.06 -53.97 -26.09
C ASP I 155 -8.81 -54.99 -25.25
N LYS I 156 -8.43 -56.27 -25.38
CA LYS I 156 -9.12 -57.33 -24.66
C LYS I 156 -8.94 -57.21 -23.16
N GLU I 157 -7.74 -56.83 -22.72
CA GLU I 157 -7.46 -56.77 -21.29
C GLU I 157 -8.34 -55.75 -20.60
N ILE I 158 -8.52 -54.57 -21.21
CA ILE I 158 -9.35 -53.53 -20.61
C ILE I 158 -10.80 -54.00 -20.51
N GLY I 159 -11.30 -54.64 -21.58
CA GLY I 159 -12.66 -55.16 -21.55
C GLY I 159 -12.86 -56.20 -20.46
N ASN I 160 -11.91 -57.13 -20.33
CA ASN I 160 -12.01 -58.13 -19.28
C ASN I 160 -11.95 -57.49 -17.89
N ILE I 161 -11.09 -56.49 -17.71
CA ILE I 161 -10.98 -55.82 -16.42
C ILE I 161 -12.30 -55.13 -16.06
N ILE I 162 -12.89 -54.43 -17.02
CA ILE I 162 -14.13 -53.71 -16.75
C ILE I 162 -15.27 -54.69 -16.50
N SER I 163 -15.33 -55.78 -17.26
CA SER I 163 -16.36 -56.79 -17.03
C SER I 163 -16.23 -57.41 -15.65
N ASP I 164 -14.99 -57.72 -15.23
CA ASP I 164 -14.78 -58.28 -13.90
C ASP I 164 -15.20 -57.28 -12.81
N ALA I 165 -14.84 -56.00 -12.99
CA ALA I 165 -15.21 -54.99 -12.01
C ALA I 165 -16.72 -54.88 -11.88
N MET I 166 -17.43 -54.86 -13.02
CA MET I 166 -18.89 -54.74 -12.96
C MET I 166 -19.53 -56.02 -12.42
N LYS I 167 -18.93 -57.18 -12.67
CA LYS I 167 -19.43 -58.40 -12.05
C LYS I 167 -19.29 -58.36 -10.54
N LYS I 168 -18.16 -57.85 -10.05
CA LYS I 168 -17.89 -57.88 -8.62
C LYS I 168 -18.60 -56.76 -7.85
N VAL I 169 -18.88 -55.62 -8.48
CA VAL I 169 -19.51 -54.50 -7.79
C VAL I 169 -20.91 -54.20 -8.30
N GLY I 170 -21.39 -54.93 -9.29
CA GLY I 170 -22.69 -54.62 -9.86
C GLY I 170 -22.60 -53.74 -11.10
N ARG I 171 -23.58 -53.90 -11.98
CA ARG I 171 -23.58 -53.17 -13.24
C ARG I 171 -23.78 -51.67 -13.06
N LYS I 172 -24.22 -51.23 -11.89
CA LYS I 172 -24.40 -49.81 -11.59
C LYS I 172 -23.63 -49.42 -10.33
N GLY I 173 -22.45 -50.01 -10.16
CA GLY I 173 -21.60 -49.69 -9.03
C GLY I 173 -20.77 -48.45 -9.28
N VAL I 174 -19.88 -48.18 -8.34
CA VAL I 174 -18.98 -47.03 -8.39
C VAL I 174 -17.61 -47.53 -8.79
N ILE I 175 -17.19 -47.19 -10.02
CA ILE I 175 -15.90 -47.59 -10.56
C ILE I 175 -15.14 -46.32 -10.92
N THR I 176 -13.90 -46.22 -10.44
CA THR I 176 -13.06 -45.06 -10.70
C THR I 176 -11.76 -45.51 -11.36
N VAL I 177 -11.16 -44.58 -12.11
CA VAL I 177 -9.95 -44.83 -12.89
C VAL I 177 -8.89 -43.84 -12.42
N LYS I 178 -7.68 -44.34 -12.17
CA LYS I 178 -6.59 -43.43 -11.85
C LYS I 178 -5.27 -44.05 -12.27
N ASP I 179 -4.26 -43.19 -12.41
CA ASP I 179 -2.97 -43.61 -12.93
C ASP I 179 -2.29 -44.60 -11.98
N GLY I 180 -1.54 -45.53 -12.56
CA GLY I 180 -0.80 -46.51 -11.81
C GLY I 180 0.70 -46.36 -12.05
N LYS I 181 1.47 -46.65 -11.02
CA LYS I 181 2.93 -46.57 -11.09
C LYS I 181 3.56 -47.84 -11.64
N THR I 182 2.76 -48.85 -11.96
CA THR I 182 3.25 -50.12 -12.46
C THR I 182 3.10 -50.17 -13.99
N LEU I 183 3.39 -51.33 -14.56
CA LEU I 183 3.36 -51.50 -16.01
C LEU I 183 2.00 -52.00 -16.52
N ASN I 184 1.30 -52.81 -15.73
CA ASN I 184 0.06 -53.42 -16.16
C ASN I 184 -1.11 -52.94 -15.30
N ASP I 185 -2.30 -52.95 -15.89
CA ASP I 185 -3.49 -52.47 -15.20
C ASP I 185 -3.84 -53.37 -14.03
N GLU I 186 -4.35 -52.76 -12.96
CA GLU I 186 -4.78 -53.48 -11.77
C GLU I 186 -6.18 -53.05 -11.37
N LEU I 187 -6.93 -53.99 -10.81
CA LEU I 187 -8.28 -53.73 -10.32
C LEU I 187 -8.36 -54.11 -8.86
N GLU I 188 -8.81 -53.17 -8.02
CA GLU I 188 -8.97 -53.43 -6.60
C GLU I 188 -10.39 -53.10 -6.18
N ILE I 189 -10.92 -53.90 -5.25
CA ILE I 189 -12.29 -53.76 -4.77
C ILE I 189 -12.23 -53.40 -3.29
N ILE I 190 -12.88 -52.31 -2.93
CA ILE I 190 -12.98 -51.86 -1.55
C ILE I 190 -14.36 -52.26 -1.04
N GLU I 191 -14.40 -53.15 -0.06
CA GLU I 191 -15.64 -53.63 0.53
C GLU I 191 -15.84 -53.01 1.90
N GLY I 192 -17.09 -53.04 2.36
CA GLY I 192 -17.40 -52.43 3.65
C GLY I 192 -17.22 -50.93 3.59
N MET I 193 -16.85 -50.34 4.72
CA MET I 193 -16.64 -48.91 4.84
C MET I 193 -15.17 -48.62 5.05
N LYS I 194 -14.62 -47.74 4.22
CA LYS I 194 -13.22 -47.37 4.31
C LYS I 194 -13.08 -45.90 3.91
N PHE I 195 -12.47 -45.11 4.79
CA PHE I 195 -12.30 -43.68 4.55
C PHE I 195 -10.85 -43.30 4.87
N ASP I 196 -10.38 -42.24 4.21
CA ASP I 196 -8.99 -41.84 4.26
C ASP I 196 -8.70 -40.99 5.51
N ARG I 197 -8.84 -41.63 6.67
CA ARG I 197 -8.54 -40.99 7.95
C ARG I 197 -7.82 -42.00 8.82
N GLY I 198 -6.53 -41.78 9.05
CA GLY I 198 -5.73 -42.68 9.85
C GLY I 198 -5.73 -42.30 11.33
N TYR I 199 -5.07 -43.13 12.12
CA TYR I 199 -4.96 -42.87 13.55
C TYR I 199 -4.10 -41.64 13.79
N ILE I 200 -4.40 -40.92 14.87
CA ILE I 200 -3.70 -39.67 15.16
C ILE I 200 -2.31 -39.95 15.72
N SER I 201 -2.25 -40.65 16.85
CA SER I 201 -0.96 -40.92 17.47
C SER I 201 -0.46 -42.29 17.07
N PRO I 202 0.81 -42.43 16.66
CA PRO I 202 1.37 -43.74 16.33
C PRO I 202 1.71 -44.59 17.55
N TYR I 203 0.76 -44.70 18.47
CA TYR I 203 0.93 -45.48 19.69
C TYR I 203 -0.06 -46.61 19.85
N PHE I 204 -1.08 -46.70 19.00
CA PHE I 204 -2.06 -47.78 19.06
C PHE I 204 -1.64 -48.98 18.22
N ILE I 205 -0.49 -48.92 17.56
CA ILE I 205 -0.06 -50.00 16.67
C ILE I 205 0.21 -51.25 17.51
N ASN I 206 -0.48 -52.34 17.18
CA ASN I 206 -0.29 -53.61 17.87
C ASN I 206 -0.27 -54.76 16.88
N THR I 207 0.43 -54.59 15.76
CA THR I 207 0.51 -55.61 14.72
C THR I 207 1.97 -55.89 14.39
N SER I 208 2.23 -57.11 13.92
CA SER I 208 3.59 -57.49 13.54
C SER I 208 3.99 -56.83 12.22
N LYS I 209 3.11 -56.84 11.23
CA LYS I 209 3.41 -56.36 9.89
C LYS I 209 2.40 -55.31 9.47
N GLY I 210 2.89 -54.29 8.76
CA GLY I 210 2.04 -53.23 8.26
C GLY I 210 1.97 -52.00 9.13
N GLN I 211 2.34 -52.11 10.40
CA GLN I 211 2.31 -50.99 11.35
C GLN I 211 0.92 -50.36 11.40
N LYS I 212 -0.09 -51.20 11.52
CA LYS I 212 -1.48 -50.79 11.64
C LYS I 212 -2.03 -51.26 12.99
N CYS I 213 -3.32 -51.06 13.19
CA CYS I 213 -4.03 -51.52 14.38
C CYS I 213 -5.14 -52.46 13.93
N GLU I 214 -5.09 -53.71 14.39
CA GLU I 214 -6.03 -54.74 13.96
C GLU I 214 -6.86 -55.19 15.15
N PHE I 215 -8.18 -55.11 14.99
CA PHE I 215 -9.12 -55.57 16.02
C PHE I 215 -10.20 -56.43 15.37
N GLN I 216 -10.69 -57.40 16.14
CA GLN I 216 -11.79 -58.26 15.73
C GLN I 216 -12.88 -58.21 16.78
N ASP I 217 -14.14 -58.10 16.32
CA ASP I 217 -15.30 -58.00 17.20
C ASP I 217 -15.07 -56.84 18.18
N ALA I 218 -15.05 -55.64 17.62
CA ALA I 218 -14.69 -54.44 18.34
C ALA I 218 -15.89 -53.51 18.51
N TYR I 219 -15.90 -52.80 19.64
CA TYR I 219 -16.87 -51.75 19.87
C TYR I 219 -16.49 -50.50 19.09
N VAL I 220 -17.51 -49.75 18.66
CA VAL I 220 -17.33 -48.52 17.91
C VAL I 220 -18.19 -47.44 18.54
N LEU I 221 -17.57 -46.31 18.88
CA LEU I 221 -18.25 -45.14 19.42
C LEU I 221 -18.02 -43.98 18.47
N LEU I 222 -19.12 -43.38 18.00
CA LEU I 222 -19.07 -42.30 17.03
C LEU I 222 -19.54 -41.02 17.70
N SER I 223 -18.72 -39.98 17.63
CA SER I 223 -19.05 -38.68 18.22
C SER I 223 -18.96 -37.62 17.13
N GLU I 224 -20.06 -36.89 16.93
CA GLU I 224 -20.05 -35.82 15.94
C GLU I 224 -19.18 -34.66 16.40
N LYS I 225 -19.16 -34.38 17.70
CA LYS I 225 -18.36 -33.31 18.24
C LYS I 225 -16.97 -33.82 18.65
N LYS I 226 -16.08 -32.89 18.97
CA LYS I 226 -14.74 -33.25 19.38
C LYS I 226 -14.75 -33.86 20.77
N ILE I 227 -13.69 -34.60 21.07
CA ILE I 227 -13.55 -35.29 22.35
C ILE I 227 -12.37 -34.65 23.08
N SER I 228 -12.67 -33.89 24.12
CA SER I 228 -11.63 -33.21 24.90
C SER I 228 -11.75 -33.45 26.39
N SER I 229 -12.97 -33.52 26.93
CA SER I 229 -13.16 -33.66 28.36
C SER I 229 -12.80 -35.07 28.83
N ILE I 230 -12.26 -35.15 30.05
CA ILE I 230 -11.97 -36.45 30.65
C ILE I 230 -13.26 -37.23 30.86
N GLN I 231 -14.29 -36.56 31.39
CA GLN I 231 -15.55 -37.23 31.69
C GLN I 231 -16.33 -37.59 30.43
N SER I 232 -15.98 -37.00 29.29
CA SER I 232 -16.68 -37.30 28.04
C SER I 232 -16.22 -38.60 27.40
N ILE I 233 -15.09 -39.15 27.82
CA ILE I 233 -14.56 -40.37 27.23
C ILE I 233 -14.38 -41.49 28.25
N VAL I 234 -14.33 -41.19 29.55
CA VAL I 234 -14.08 -42.23 30.55
C VAL I 234 -15.17 -43.30 30.56
N PRO I 235 -16.47 -42.97 30.60
CA PRO I 235 -17.47 -44.05 30.71
C PRO I 235 -17.44 -45.06 29.57
N ALA I 236 -17.14 -44.61 28.34
CA ALA I 236 -17.00 -45.55 27.24
C ALA I 236 -15.83 -46.51 27.48
N LEU I 237 -14.72 -45.98 28.01
CA LEU I 237 -13.59 -46.82 28.36
C LEU I 237 -13.96 -47.81 29.47
N GLU I 238 -14.77 -47.36 30.43
CA GLU I 238 -15.24 -48.26 31.48
C GLU I 238 -16.05 -49.40 30.90
N ILE I 239 -16.96 -49.09 29.97
CA ILE I 239 -17.77 -50.12 29.34
C ILE I 239 -16.88 -51.10 28.58
N ALA I 240 -15.92 -50.57 27.81
CA ALA I 240 -15.04 -51.42 27.03
C ALA I 240 -14.20 -52.33 27.92
N ASN I 241 -13.66 -51.79 29.01
CA ASN I 241 -12.84 -52.59 29.91
C ASN I 241 -13.67 -53.64 30.63
N ALA I 242 -14.89 -53.28 31.04
CA ALA I 242 -15.76 -54.26 31.70
C ALA I 242 -16.11 -55.39 30.74
N HIS I 243 -16.41 -55.07 29.48
CA HIS I 243 -16.72 -56.10 28.50
C HIS I 243 -15.47 -56.72 27.89
N ARG I 244 -14.28 -56.16 28.15
CA ARG I 244 -13.01 -56.69 27.65
C ARG I 244 -13.01 -56.83 26.13
N LYS I 245 -13.38 -55.74 25.46
CA LYS I 245 -13.44 -55.72 24.00
C LYS I 245 -12.74 -54.47 23.48
N PRO I 246 -12.11 -54.56 22.31
CA PRO I 246 -11.44 -53.40 21.74
C PRO I 246 -12.45 -52.32 21.35
N LEU I 247 -11.98 -51.07 21.37
CA LEU I 247 -12.84 -49.92 21.17
C LEU I 247 -12.23 -48.97 20.14
N VAL I 248 -13.09 -48.45 19.26
CA VAL I 248 -12.71 -47.45 18.27
C VAL I 248 -13.50 -46.18 18.58
N ILE I 249 -12.82 -45.04 18.51
CA ILE I 249 -13.45 -43.74 18.77
C ILE I 249 -13.33 -42.94 17.48
N ILE I 250 -14.44 -42.80 16.77
CA ILE I 250 -14.46 -42.05 15.51
C ILE I 250 -15.13 -40.71 15.78
N ALA I 251 -14.38 -39.63 15.60
CA ALA I 251 -14.89 -38.30 15.91
C ALA I 251 -14.17 -37.27 15.04
N GLU I 252 -14.57 -36.01 15.20
CA GLU I 252 -13.89 -34.94 14.47
C GLU I 252 -12.42 -34.85 14.88
N ASP I 253 -12.15 -34.93 16.18
CA ASP I 253 -10.80 -34.91 16.70
C ASP I 253 -10.83 -35.30 18.16
N VAL I 254 -9.79 -36.02 18.58
CA VAL I 254 -9.58 -36.35 19.99
C VAL I 254 -8.52 -35.39 20.51
N ASP I 255 -8.92 -34.46 21.37
CA ASP I 255 -8.03 -33.39 21.80
C ASP I 255 -6.95 -33.93 22.72
N GLY I 256 -6.05 -33.03 23.14
CA GLY I 256 -4.83 -33.46 23.81
C GLY I 256 -5.07 -34.19 25.11
N GLU I 257 -6.05 -33.74 25.90
CA GLU I 257 -6.32 -34.36 27.19
C GLU I 257 -6.80 -35.79 27.02
N ALA I 258 -7.83 -35.99 26.20
CA ALA I 258 -8.38 -37.33 25.99
C ALA I 258 -7.41 -38.21 25.22
N LEU I 259 -6.68 -37.63 24.25
CA LEU I 259 -5.69 -38.41 23.52
C LEU I 259 -4.59 -38.90 24.45
N SER I 260 -4.12 -38.03 25.36
CA SER I 260 -3.12 -38.44 26.34
C SER I 260 -3.67 -39.53 27.24
N THR I 261 -4.93 -39.39 27.68
CA THR I 261 -5.54 -40.43 28.51
C THR I 261 -5.56 -41.77 27.78
N LEU I 262 -6.02 -41.76 26.53
CA LEU I 262 -6.12 -43.00 25.76
C LEU I 262 -4.75 -43.64 25.54
N VAL I 263 -3.77 -42.84 25.12
CA VAL I 263 -2.44 -43.37 24.83
C VAL I 263 -1.81 -43.92 26.10
N LEU I 264 -1.90 -43.16 27.20
CA LEU I 264 -1.30 -43.59 28.45
C LEU I 264 -1.94 -44.88 28.96
N ASN I 265 -3.27 -44.97 28.90
CA ASN I 265 -3.93 -46.19 29.34
C ASN I 265 -3.56 -47.38 28.46
N ARG I 266 -3.58 -47.20 27.13
CA ARG I 266 -3.26 -48.30 26.24
C ARG I 266 -1.82 -48.76 26.43
N LEU I 267 -0.92 -47.85 26.78
CA LEU I 267 0.47 -48.23 27.01
C LEU I 267 0.65 -48.89 28.37
N LYS I 268 -0.11 -48.47 29.37
CA LYS I 268 0.09 -49.00 30.72
C LYS I 268 -0.64 -50.33 30.93
N VAL I 269 -1.97 -50.31 30.83
CA VAL I 269 -2.77 -51.50 31.12
C VAL I 269 -3.01 -52.33 29.86
N GLY I 270 -2.64 -51.82 28.70
CA GLY I 270 -2.91 -52.51 27.45
C GLY I 270 -4.38 -52.53 27.07
N LEU I 271 -5.08 -51.42 27.27
CA LEU I 271 -6.47 -51.29 26.86
C LEU I 271 -6.52 -51.17 25.35
N GLN I 272 -7.19 -52.10 24.69
CA GLN I 272 -7.31 -52.07 23.23
C GLN I 272 -8.25 -50.95 22.83
N VAL I 273 -7.68 -49.87 22.30
CA VAL I 273 -8.47 -48.71 21.90
C VAL I 273 -7.71 -47.96 20.81
N VAL I 274 -8.46 -47.36 19.88
CA VAL I 274 -7.89 -46.56 18.81
C VAL I 274 -8.80 -45.38 18.54
N ALA I 275 -8.22 -44.34 17.93
CA ALA I 275 -8.93 -43.10 17.63
C ALA I 275 -8.77 -42.75 16.17
N VAL I 276 -9.88 -42.32 15.54
CA VAL I 276 -9.91 -42.00 14.12
C VAL I 276 -10.69 -40.70 13.92
N LYS I 277 -10.17 -39.84 13.04
CA LYS I 277 -10.88 -38.63 12.67
C LYS I 277 -12.08 -38.95 11.78
N ALA I 278 -13.13 -38.16 11.92
CA ALA I 278 -14.36 -38.38 11.17
C ALA I 278 -14.17 -37.93 9.72
N PRO I 279 -14.51 -38.78 8.75
CA PRO I 279 -14.41 -38.37 7.35
C PRO I 279 -15.44 -37.32 7.00
N GLY I 280 -15.11 -36.51 6.00
CA GLY I 280 -15.99 -35.44 5.56
C GLY I 280 -15.70 -34.12 6.28
N PHE I 281 -16.02 -33.03 5.59
CA PHE I 281 -15.78 -31.69 6.11
C PHE I 281 -17.02 -30.82 6.24
N GLY I 282 -18.16 -31.25 5.72
CA GLY I 282 -19.38 -30.47 5.84
C GLY I 282 -20.56 -31.30 6.30
N ASP I 283 -21.71 -31.11 5.66
CA ASP I 283 -22.86 -31.97 5.94
C ASP I 283 -22.58 -33.41 5.56
N ASN I 284 -21.69 -33.62 4.59
CA ASN I 284 -21.28 -34.98 4.23
C ASN I 284 -20.66 -35.71 5.41
N ARG I 285 -19.96 -34.98 6.29
CA ARG I 285 -19.43 -35.61 7.50
C ARG I 285 -20.55 -36.18 8.35
N LYS I 286 -21.62 -35.41 8.57
CA LYS I 286 -22.74 -35.90 9.35
C LYS I 286 -23.44 -37.07 8.66
N ASN I 287 -23.61 -36.98 7.34
CA ASN I 287 -24.25 -38.07 6.61
C ASN I 287 -23.44 -39.36 6.73
N GLN I 288 -22.13 -39.27 6.58
CA GLN I 288 -21.28 -40.44 6.71
C GLN I 288 -21.30 -40.99 8.14
N LEU I 289 -21.30 -40.09 9.13
CA LEU I 289 -21.38 -40.53 10.52
C LEU I 289 -22.65 -41.33 10.76
N LYS I 290 -23.78 -40.81 10.28
CA LYS I 290 -25.04 -41.54 10.41
C LYS I 290 -24.99 -42.86 9.65
N ASP I 291 -24.29 -42.89 8.51
CA ASP I 291 -24.22 -44.12 7.72
C ASP I 291 -23.45 -45.20 8.45
N MET I 292 -22.28 -44.87 9.01
CA MET I 292 -21.57 -45.88 9.79
C MET I 292 -22.30 -46.21 11.09
N ALA I 293 -23.07 -45.26 11.63
CA ALA I 293 -23.88 -45.58 12.80
C ALA I 293 -24.92 -46.63 12.48
N ILE I 294 -25.58 -46.51 11.32
CA ILE I 294 -26.57 -47.51 10.93
C ILE I 294 -25.89 -48.82 10.56
N ALA I 295 -24.77 -48.77 9.85
CA ALA I 295 -24.09 -49.98 9.41
C ALA I 295 -23.57 -50.78 10.60
N THR I 296 -22.90 -50.13 11.55
CA THR I 296 -22.41 -50.82 12.73
C THR I 296 -23.55 -51.13 13.70
N GLY I 297 -24.46 -50.18 13.88
CA GLY I 297 -25.57 -50.36 14.80
C GLY I 297 -25.35 -49.64 16.10
N GLY I 298 -25.92 -48.44 16.24
CA GLY I 298 -25.72 -47.64 17.43
C GLY I 298 -26.31 -46.25 17.29
N ALA I 299 -25.58 -45.25 17.77
CA ALA I 299 -26.06 -43.87 17.73
C ALA I 299 -24.88 -42.93 17.61
N VAL I 300 -25.16 -41.71 17.13
CA VAL I 300 -24.17 -40.66 17.03
C VAL I 300 -24.31 -39.74 18.22
N PHE I 301 -23.22 -39.52 18.94
CA PHE I 301 -23.24 -38.71 20.15
C PHE I 301 -22.91 -37.27 19.80
N GLY I 302 -23.75 -36.35 20.23
CA GLY I 302 -23.58 -34.95 19.94
C GLY I 302 -24.34 -34.43 18.75
N GLU I 303 -25.30 -35.19 18.23
CA GLU I 303 -26.09 -34.74 17.08
C GLU I 303 -27.05 -33.64 17.50
N GLU I 304 -27.34 -32.74 16.55
CA GLU I 304 -28.20 -31.61 16.85
C GLU I 304 -29.65 -32.01 17.05
N GLY I 305 -30.05 -33.20 16.59
CA GLY I 305 -31.43 -33.64 16.73
C GLY I 305 -31.81 -34.05 18.13
N LEU I 306 -31.12 -35.07 18.66
CA LEU I 306 -31.40 -35.59 20.00
C LEU I 306 -30.40 -35.17 21.05
N THR I 307 -29.17 -34.85 20.66
CA THR I 307 -28.11 -34.47 21.59
C THR I 307 -27.89 -35.55 22.64
N LEU I 308 -27.53 -36.74 22.17
CA LEU I 308 -27.21 -37.86 23.05
C LEU I 308 -25.85 -37.59 23.69
N ASN I 309 -25.88 -37.18 24.96
CA ASN I 309 -24.64 -36.83 25.64
C ASN I 309 -23.77 -38.07 25.85
N LEU I 310 -22.46 -37.86 25.75
CA LEU I 310 -21.51 -38.95 25.90
C LEU I 310 -21.43 -39.47 27.32
N GLU I 311 -21.80 -38.66 28.31
CA GLU I 311 -21.75 -39.11 29.70
C GLU I 311 -22.69 -40.27 29.95
N ASP I 312 -23.89 -40.22 29.37
CA ASP I 312 -24.87 -41.29 29.54
C ASP I 312 -24.75 -42.33 28.42
N VAL I 313 -23.54 -42.85 28.24
CA VAL I 313 -23.31 -43.88 27.23
C VAL I 313 -23.68 -45.24 27.81
N GLN I 314 -24.23 -46.11 26.98
CA GLN I 314 -24.69 -47.43 27.37
C GLN I 314 -24.03 -48.48 26.51
N PRO I 315 -23.90 -49.72 27.01
CA PRO I 315 -23.31 -50.78 26.18
C PRO I 315 -24.06 -51.05 24.89
N HIS I 316 -25.36 -50.75 24.84
CA HIS I 316 -26.14 -50.92 23.63
C HIS I 316 -26.03 -49.75 22.68
N ASP I 317 -25.30 -48.70 23.04
CA ASP I 317 -25.09 -47.54 22.18
C ASP I 317 -23.81 -47.65 21.36
N LEU I 318 -23.08 -48.76 21.45
CA LEU I 318 -21.82 -48.94 20.76
C LEU I 318 -21.99 -49.96 19.65
N GLY I 319 -21.52 -49.61 18.44
CA GLY I 319 -21.61 -50.53 17.33
C GLY I 319 -20.63 -51.67 17.47
N LYS I 320 -20.93 -52.77 16.77
CA LYS I 320 -20.08 -53.95 16.76
C LYS I 320 -19.55 -54.16 15.34
N VAL I 321 -18.22 -54.25 15.22
CA VAL I 321 -17.58 -54.51 13.94
C VAL I 321 -16.83 -55.83 14.01
N GLY I 322 -17.01 -56.65 12.97
CA GLY I 322 -16.33 -57.94 12.95
C GLY I 322 -14.82 -57.81 12.84
N GLU I 323 -14.34 -56.82 12.09
CA GLU I 323 -12.91 -56.65 11.87
C GLU I 323 -12.66 -55.21 11.43
N VAL I 324 -11.77 -54.51 12.13
CA VAL I 324 -11.43 -53.13 11.80
C VAL I 324 -9.92 -53.00 11.78
N ILE I 325 -9.39 -52.42 10.70
CA ILE I 325 -7.97 -52.11 10.58
C ILE I 325 -7.83 -50.62 10.30
N VAL I 326 -6.82 -50.00 10.91
CA VAL I 326 -6.53 -48.59 10.70
C VAL I 326 -5.02 -48.43 10.57
N THR I 327 -4.60 -47.69 9.53
CA THR I 327 -3.18 -47.45 9.29
C THR I 327 -2.92 -45.96 9.16
N LYS I 328 -1.72 -45.60 8.71
CA LYS I 328 -1.28 -44.20 8.76
C LYS I 328 -2.19 -43.27 7.97
N ASP I 329 -2.86 -43.76 6.94
CA ASP I 329 -3.61 -42.88 6.05
C ASP I 329 -5.11 -43.17 6.00
N ASP I 330 -5.55 -44.40 6.23
CA ASP I 330 -6.96 -44.70 6.12
C ASP I 330 -7.33 -45.84 7.07
N ALA I 331 -8.63 -45.94 7.36
CA ALA I 331 -9.18 -46.96 8.24
C ALA I 331 -10.30 -47.69 7.52
N MET I 332 -10.42 -48.99 7.80
CA MET I 332 -11.42 -49.83 7.16
C MET I 332 -12.24 -50.56 8.21
N LEU I 333 -13.56 -50.55 8.06
CA LEU I 333 -14.47 -51.24 8.94
C LEU I 333 -15.17 -52.35 8.17
N LEU I 334 -15.16 -53.56 8.74
CA LEU I 334 -15.73 -54.73 8.07
C LEU I 334 -16.67 -55.46 9.02
N LYS I 335 -17.70 -56.05 8.43
CA LYS I 335 -18.65 -56.92 9.15
C LYS I 335 -19.34 -56.17 10.29
N GLY I 336 -19.94 -55.02 9.95
CA GLY I 336 -20.70 -54.28 10.94
C GLY I 336 -21.96 -55.03 11.33
N LYS I 337 -22.15 -55.23 12.64
CA LYS I 337 -23.31 -55.97 13.14
C LYS I 337 -24.50 -55.02 13.30
N GLY I 338 -24.96 -54.50 12.16
CA GLY I 338 -26.10 -53.61 12.12
C GLY I 338 -27.32 -54.34 11.62
N ASP I 339 -28.50 -53.83 12.00
CA ASP I 339 -29.75 -54.43 11.56
C ASP I 339 -29.94 -54.23 10.06
N LYS I 340 -30.35 -55.29 9.37
CA LYS I 340 -30.47 -55.24 7.92
C LYS I 340 -31.59 -54.31 7.47
N ALA I 341 -32.71 -54.27 8.22
CA ALA I 341 -33.84 -53.44 7.81
C ALA I 341 -33.47 -51.96 7.84
N GLN I 342 -32.76 -51.53 8.88
CA GLN I 342 -32.34 -50.13 8.95
C GLN I 342 -31.37 -49.79 7.82
N ILE I 343 -30.47 -50.71 7.49
CA ILE I 343 -29.55 -50.48 6.38
C ILE I 343 -30.33 -50.36 5.07
N GLU I 344 -31.32 -51.22 4.87
CA GLU I 344 -32.13 -51.14 3.65
C GLU I 344 -32.90 -49.83 3.58
N LYS I 345 -33.45 -49.38 4.71
CA LYS I 345 -34.16 -48.10 4.73
C LYS I 345 -33.21 -46.94 4.43
N ARG I 346 -32.00 -46.99 4.98
CA ARG I 346 -31.02 -45.95 4.67
C ARG I 346 -30.66 -45.95 3.20
N ILE I 347 -30.52 -47.15 2.61
CA ILE I 347 -30.23 -47.25 1.18
C ILE I 347 -31.36 -46.65 0.37
N GLN I 348 -32.61 -46.95 0.74
CA GLN I 348 -33.75 -46.36 0.04
C GLN I 348 -33.75 -44.85 0.17
N GLU I 349 -33.41 -44.33 1.34
CA GLU I 349 -33.33 -42.88 1.53
C GLU I 349 -32.25 -42.27 0.64
N ILE I 350 -31.11 -42.94 0.51
CA ILE I 350 -30.04 -42.44 -0.33
C ILE I 350 -30.47 -42.41 -1.80
N ILE I 351 -31.09 -43.49 -2.28
CA ILE I 351 -31.53 -43.49 -3.68
C ILE I 351 -32.65 -42.47 -3.89
N GLU I 352 -33.44 -42.18 -2.86
CA GLU I 352 -34.47 -41.15 -3.00
C GLU I 352 -33.85 -39.76 -3.08
N GLN I 353 -32.85 -39.49 -2.24
CA GLN I 353 -32.13 -38.22 -2.32
C GLN I 353 -31.35 -38.11 -3.63
N LEU I 354 -31.03 -39.23 -4.27
CA LEU I 354 -30.41 -39.18 -5.59
C LEU I 354 -31.38 -38.73 -6.68
N ASP I 355 -32.68 -38.65 -6.39
CA ASP I 355 -33.69 -38.36 -7.39
C ASP I 355 -34.57 -37.18 -7.01
N VAL I 356 -33.99 -36.17 -6.37
CA VAL I 356 -34.72 -34.95 -6.06
C VAL I 356 -34.17 -33.76 -6.84
N THR I 357 -32.84 -33.66 -6.97
CA THR I 357 -32.21 -32.58 -7.71
C THR I 357 -30.80 -33.02 -8.07
N THR I 358 -30.04 -32.10 -8.68
CA THR I 358 -28.67 -32.37 -9.07
C THR I 358 -27.81 -31.15 -8.78
N SER I 359 -26.56 -31.39 -8.36
CA SER I 359 -25.61 -30.32 -8.13
C SER I 359 -24.22 -30.67 -8.63
N GLU I 360 -24.07 -31.74 -9.41
CA GLU I 360 -22.81 -32.16 -10.03
C GLU I 360 -21.81 -32.67 -8.99
N TYR I 361 -22.16 -32.60 -7.71
CA TYR I 361 -21.27 -33.07 -6.66
C TYR I 361 -22.04 -33.93 -5.65
N GLU I 362 -23.30 -33.59 -5.42
CA GLU I 362 -24.09 -34.35 -4.44
C GLU I 362 -24.43 -35.74 -4.95
N LYS I 363 -24.65 -35.90 -6.25
CA LYS I 363 -24.90 -37.22 -6.80
C LYS I 363 -23.69 -38.13 -6.61
N GLU I 364 -22.49 -37.60 -6.81
CA GLU I 364 -21.28 -38.39 -6.61
C GLU I 364 -21.16 -38.85 -5.18
N LYS I 365 -21.41 -37.96 -4.21
CA LYS I 365 -21.32 -38.33 -2.81
C LYS I 365 -22.39 -39.36 -2.44
N LEU I 366 -23.61 -39.17 -2.95
CA LEU I 366 -24.68 -40.13 -2.67
C LEU I 366 -24.33 -41.51 -3.23
N ASN I 367 -23.80 -41.55 -4.46
CA ASN I 367 -23.41 -42.83 -5.04
C ASN I 367 -22.27 -43.47 -4.25
N GLU I 368 -21.31 -42.65 -3.80
CA GLU I 368 -20.22 -43.19 -2.99
C GLU I 368 -20.74 -43.81 -1.70
N ARG I 369 -21.65 -43.10 -1.01
CA ARG I 369 -22.19 -43.63 0.24
C ARG I 369 -23.01 -44.89 -0.01
N LEU I 370 -23.81 -44.92 -1.08
CA LEU I 370 -24.59 -46.10 -1.39
C LEU I 370 -23.71 -47.29 -1.70
N ALA I 371 -22.63 -47.07 -2.46
CA ALA I 371 -21.70 -48.15 -2.77
C ALA I 371 -21.01 -48.65 -1.50
N LYS I 372 -20.60 -47.73 -0.63
CA LYS I 372 -19.99 -48.13 0.63
C LYS I 372 -20.95 -48.95 1.50
N LEU I 373 -22.25 -48.64 1.42
CA LEU I 373 -23.23 -49.38 2.22
C LEU I 373 -23.47 -50.78 1.65
N SER I 374 -23.59 -50.88 0.32
CA SER I 374 -24.08 -52.12 -0.30
C SER I 374 -22.97 -53.07 -0.74
N ASP I 375 -22.11 -52.64 -1.67
CA ASP I 375 -21.20 -53.56 -2.32
C ASP I 375 -19.76 -53.06 -2.44
N GLY I 376 -19.44 -51.87 -1.96
CA GLY I 376 -18.10 -51.35 -2.12
C GLY I 376 -17.89 -50.71 -3.47
N VAL I 377 -16.65 -50.27 -3.70
CA VAL I 377 -16.29 -49.55 -4.91
C VAL I 377 -15.15 -50.28 -5.60
N ALA I 378 -14.90 -49.93 -6.87
CA ALA I 378 -13.80 -50.50 -7.63
C ALA I 378 -12.87 -49.40 -8.12
N VAL I 379 -11.57 -49.66 -8.05
CA VAL I 379 -10.55 -48.71 -8.49
C VAL I 379 -9.66 -49.41 -9.50
N LEU I 380 -9.39 -48.73 -10.62
CA LEU I 380 -8.56 -49.26 -11.69
C LEU I 380 -7.29 -48.43 -11.78
N LYS I 381 -6.16 -49.05 -11.43
CA LYS I 381 -4.85 -48.46 -11.64
C LYS I 381 -4.42 -48.73 -13.08
N VAL I 382 -4.29 -47.67 -13.86
CA VAL I 382 -3.88 -47.78 -15.25
C VAL I 382 -2.36 -47.80 -15.30
N GLY I 383 -1.79 -48.94 -15.73
CA GLY I 383 -0.35 -49.07 -15.79
C GLY I 383 0.25 -48.45 -17.05
N GLY I 384 1.56 -48.27 -17.00
CA GLY I 384 2.27 -47.70 -18.13
C GLY I 384 3.69 -47.38 -17.74
N THR I 385 4.47 -46.99 -18.76
CA THR I 385 5.87 -46.64 -18.57
C THR I 385 6.07 -45.16 -18.27
N SER I 386 5.56 -44.30 -19.14
CA SER I 386 5.70 -42.86 -18.99
C SER I 386 4.34 -42.21 -18.75
N ASP I 387 4.37 -40.90 -18.53
CA ASP I 387 3.14 -40.18 -18.22
C ASP I 387 2.19 -40.13 -19.41
N VAL I 388 2.73 -39.91 -20.62
CA VAL I 388 1.88 -39.76 -21.79
C VAL I 388 1.14 -41.06 -22.10
N GLU I 389 1.84 -42.19 -22.02
CA GLU I 389 1.20 -43.48 -22.27
C GLU I 389 0.11 -43.75 -21.25
N VAL I 390 0.39 -43.45 -19.97
CA VAL I 390 -0.61 -43.65 -18.92
C VAL I 390 -1.83 -42.78 -19.18
N ASN I 391 -1.62 -41.52 -19.57
CA ASN I 391 -2.74 -40.63 -19.83
C ASN I 391 -3.58 -41.11 -21.00
N GLU I 392 -2.92 -41.59 -22.08
CA GLU I 392 -3.66 -42.09 -23.23
C GLU I 392 -4.50 -43.31 -22.85
N LYS I 393 -3.89 -44.25 -22.13
CA LYS I 393 -4.64 -45.44 -21.70
C LYS I 393 -5.75 -45.08 -20.75
N LYS I 394 -5.54 -44.07 -19.89
CA LYS I 394 -6.59 -43.62 -18.98
C LYS I 394 -7.76 -43.03 -19.74
N ASP I 395 -7.48 -42.23 -20.77
CA ASP I 395 -8.57 -41.69 -21.60
C ASP I 395 -9.34 -42.81 -22.27
N ARG I 396 -8.63 -43.81 -22.80
CA ARG I 396 -9.31 -44.93 -23.43
C ARG I 396 -10.17 -45.71 -22.44
N VAL I 397 -9.66 -45.90 -21.21
CA VAL I 397 -10.41 -46.63 -20.20
C VAL I 397 -11.65 -45.86 -19.78
N THR I 398 -11.54 -44.54 -19.63
CA THR I 398 -12.70 -43.74 -19.29
C THR I 398 -13.75 -43.80 -20.40
N ASP I 399 -13.30 -43.76 -21.66
CA ASP I 399 -14.23 -43.92 -22.78
C ASP I 399 -14.94 -45.26 -22.71
N ALA I 400 -14.19 -46.32 -22.41
CA ALA I 400 -14.79 -47.65 -22.31
C ALA I 400 -15.82 -47.72 -21.19
N LEU I 401 -15.51 -47.12 -20.04
CA LEU I 401 -16.46 -47.11 -18.93
C LEU I 401 -17.73 -46.36 -19.30
N ASN I 402 -17.59 -45.19 -19.91
CA ASN I 402 -18.77 -44.42 -20.30
C ASN I 402 -19.62 -45.19 -21.30
N ALA I 403 -18.97 -45.81 -22.30
CA ALA I 403 -19.71 -46.57 -23.29
C ALA I 403 -20.42 -47.78 -22.67
N THR I 404 -19.75 -48.46 -21.74
CA THR I 404 -20.37 -49.61 -21.09
C THR I 404 -21.57 -49.19 -20.26
N ARG I 405 -21.45 -48.07 -19.54
CA ARG I 405 -22.59 -47.57 -18.78
C ARG I 405 -23.75 -47.21 -19.70
N ALA I 406 -23.47 -46.57 -20.83
CA ALA I 406 -24.53 -46.23 -21.78
C ALA I 406 -25.19 -47.48 -22.34
N ALA I 407 -24.38 -48.51 -22.65
CA ALA I 407 -24.95 -49.75 -23.17
C ALA I 407 -25.81 -50.44 -22.14
N VAL I 408 -25.40 -50.41 -20.87
CA VAL I 408 -26.22 -50.99 -19.80
C VAL I 408 -27.53 -50.24 -19.69
N GLU I 409 -27.49 -48.90 -19.72
CA GLU I 409 -28.70 -48.12 -19.50
C GLU I 409 -29.68 -48.23 -20.66
N GLU I 410 -29.19 -48.26 -21.90
CA GLU I 410 -30.07 -48.17 -23.06
C GLU I 410 -30.09 -49.39 -23.95
N GLY I 411 -28.95 -50.04 -24.19
CA GLY I 411 -28.89 -51.20 -25.05
C GLY I 411 -27.76 -51.08 -26.06
N ILE I 412 -27.77 -51.99 -27.03
CA ILE I 412 -26.69 -52.08 -28.01
C ILE I 412 -27.28 -52.19 -29.41
N VAL I 413 -26.50 -51.76 -30.39
CA VAL I 413 -26.81 -51.85 -31.80
C VAL I 413 -25.55 -52.29 -32.54
N LEU I 414 -25.68 -52.53 -33.84
CA LEU I 414 -24.54 -52.93 -34.65
C LEU I 414 -23.46 -51.86 -34.63
N GLY I 415 -22.21 -52.28 -34.45
CA GLY I 415 -21.08 -51.38 -34.43
C GLY I 415 -20.56 -51.11 -35.83
N GLY I 416 -19.48 -50.34 -35.88
CA GLY I 416 -18.87 -50.00 -37.15
C GLY I 416 -19.63 -48.98 -37.98
N GLY I 417 -20.63 -48.32 -37.40
CA GLY I 417 -21.41 -47.36 -38.14
C GLY I 417 -22.54 -47.94 -38.96
N CYS I 418 -22.69 -49.26 -38.98
CA CYS I 418 -23.77 -49.87 -39.75
C CYS I 418 -25.14 -49.66 -39.11
N ALA I 419 -25.19 -49.30 -37.83
CA ALA I 419 -26.47 -49.00 -37.19
C ALA I 419 -27.14 -47.82 -37.87
N LEU I 420 -26.37 -46.79 -38.20
CA LEU I 420 -26.92 -45.67 -38.96
C LEU I 420 -27.23 -46.06 -40.40
N LEU I 421 -26.42 -46.94 -40.98
CA LEU I 421 -26.64 -47.36 -42.36
C LEU I 421 -27.98 -48.09 -42.51
N ARG I 422 -28.31 -48.95 -41.55
CA ARG I 422 -29.58 -49.67 -41.61
C ARG I 422 -30.78 -48.75 -41.44
N CYS I 423 -30.57 -47.52 -40.98
CA CYS I 423 -31.66 -46.57 -40.81
C CYS I 423 -31.99 -45.80 -42.08
N ILE I 424 -31.21 -45.97 -43.15
CA ILE I 424 -31.49 -45.27 -44.41
C ILE I 424 -32.86 -45.64 -44.98
N PRO I 425 -33.26 -46.91 -45.04
CA PRO I 425 -34.62 -47.20 -45.55
C PRO I 425 -35.73 -46.54 -44.77
N ALA I 426 -35.52 -46.27 -43.48
CA ALA I 426 -36.54 -45.57 -42.69
C ALA I 426 -36.76 -44.16 -43.20
N LEU I 427 -35.74 -43.54 -43.78
CA LEU I 427 -35.88 -42.19 -44.32
C LEU I 427 -36.65 -42.16 -45.64
N ASP I 428 -36.75 -43.29 -46.34
CA ASP I 428 -37.50 -43.34 -47.58
C ASP I 428 -39.01 -43.29 -47.34
N SER I 429 -39.47 -43.48 -46.11
CA SER I 429 -40.88 -43.44 -45.78
C SER I 429 -41.35 -42.08 -45.31
N LEU I 430 -40.48 -41.08 -45.29
CA LEU I 430 -40.83 -39.74 -44.84
C LEU I 430 -41.37 -38.92 -46.00
N THR I 431 -42.43 -38.15 -45.74
CA THR I 431 -43.05 -37.31 -46.75
C THR I 431 -42.76 -35.85 -46.44
N PRO I 432 -41.87 -35.19 -47.18
CA PRO I 432 -41.60 -33.77 -46.92
C PRO I 432 -42.81 -32.91 -47.24
N ALA I 433 -42.95 -31.82 -46.48
CA ALA I 433 -44.05 -30.90 -46.71
C ALA I 433 -43.80 -30.03 -47.94
N ASN I 434 -42.54 -29.72 -48.22
CA ASN I 434 -42.20 -28.88 -49.36
C ASN I 434 -40.82 -29.30 -49.86
N GLU I 435 -40.28 -28.50 -50.79
CA GLU I 435 -38.99 -28.84 -51.40
C GLU I 435 -37.85 -28.75 -50.40
N ASP I 436 -37.89 -27.76 -49.50
CA ASP I 436 -36.81 -27.60 -48.53
C ASP I 436 -36.73 -28.77 -47.58
N GLN I 437 -37.88 -29.27 -47.12
CA GLN I 437 -37.87 -30.46 -46.27
C GLN I 437 -37.35 -31.68 -47.03
N LYS I 438 -37.65 -31.78 -48.33
CA LYS I 438 -37.12 -32.85 -49.15
C LYS I 438 -35.59 -32.75 -49.23
N ILE I 439 -35.08 -31.53 -49.37
CA ILE I 439 -33.63 -31.32 -49.41
C ILE I 439 -33.00 -31.72 -48.09
N GLY I 440 -33.64 -31.35 -46.98
CA GLY I 440 -33.12 -31.74 -45.67
C GLY I 440 -33.10 -33.24 -45.47
N ILE I 441 -34.17 -33.91 -45.90
CA ILE I 441 -34.22 -35.36 -45.81
C ILE I 441 -33.10 -35.99 -46.65
N GLU I 442 -32.87 -35.46 -47.85
CA GLU I 442 -31.76 -35.95 -48.67
C GLU I 442 -30.42 -35.72 -47.99
N ILE I 443 -30.26 -34.57 -47.34
CA ILE I 443 -29.01 -34.27 -46.64
C ILE I 443 -28.76 -35.28 -45.55
N ILE I 444 -29.79 -35.59 -44.75
CA ILE I 444 -29.61 -36.57 -43.68
C ILE I 444 -29.33 -37.95 -44.25
N LYS I 445 -30.03 -38.32 -45.34
CA LYS I 445 -29.80 -39.61 -45.97
C LYS I 445 -28.37 -39.75 -46.46
N ARG I 446 -27.83 -38.70 -47.08
CA ARG I 446 -26.44 -38.74 -47.52
C ARG I 446 -25.48 -38.77 -46.34
N THR I 447 -25.81 -38.04 -45.26
CA THR I 447 -24.91 -37.98 -44.12
C THR I 447 -24.85 -39.29 -43.36
N LEU I 448 -25.91 -40.11 -43.43
CA LEU I 448 -25.95 -41.34 -42.66
C LEU I 448 -24.81 -42.30 -43.00
N LYS I 449 -24.21 -42.18 -44.18
CA LYS I 449 -23.12 -43.07 -44.58
C LYS I 449 -21.74 -42.58 -44.14
N ILE I 450 -21.67 -41.39 -43.52
CA ILE I 450 -20.36 -40.79 -43.23
C ILE I 450 -19.55 -41.60 -42.23
N PRO I 451 -20.09 -42.05 -41.09
CA PRO I 451 -19.24 -42.79 -40.14
C PRO I 451 -18.61 -44.05 -40.73
N ALA I 452 -19.39 -44.85 -41.46
CA ALA I 452 -18.85 -46.07 -42.04
C ALA I 452 -17.80 -45.74 -43.10
N MET I 453 -18.05 -44.73 -43.92
CA MET I 453 -17.07 -44.35 -44.93
C MET I 453 -15.76 -43.88 -44.29
N THR I 454 -15.86 -43.08 -43.22
CA THR I 454 -14.65 -42.62 -42.53
C THR I 454 -13.91 -43.78 -41.90
N ILE I 455 -14.63 -44.71 -41.27
CA ILE I 455 -13.98 -45.85 -40.64
C ILE I 455 -13.26 -46.69 -41.69
N ALA I 456 -13.90 -46.94 -42.83
CA ALA I 456 -13.25 -47.70 -43.89
C ALA I 456 -12.06 -46.95 -44.46
N LYS I 457 -12.18 -45.64 -44.64
CA LYS I 457 -11.08 -44.85 -45.21
C LYS I 457 -9.87 -44.86 -44.30
N ASN I 458 -10.09 -44.76 -42.98
CA ASN I 458 -8.96 -44.83 -42.05
C ASN I 458 -8.28 -46.18 -42.11
N ALA I 459 -9.01 -47.23 -42.46
CA ALA I 459 -8.43 -48.57 -42.58
C ALA I 459 -7.58 -48.72 -43.84
N GLY I 460 -7.62 -47.77 -44.75
CA GLY I 460 -6.84 -47.84 -45.97
C GLY I 460 -7.57 -48.40 -47.17
N VAL I 461 -8.87 -48.63 -47.07
CA VAL I 461 -9.66 -49.14 -48.17
C VAL I 461 -10.61 -48.04 -48.65
N GLU I 462 -11.28 -48.31 -49.78
CA GLU I 462 -12.22 -47.35 -50.34
C GLU I 462 -13.52 -47.39 -49.55
N GLY I 463 -13.87 -46.26 -48.94
CA GLY I 463 -15.04 -46.24 -48.06
C GLY I 463 -16.35 -46.46 -48.81
N SER I 464 -16.49 -45.84 -49.99
CA SER I 464 -17.76 -45.91 -50.70
C SER I 464 -18.10 -47.33 -51.11
N LEU I 465 -17.12 -48.08 -51.60
CA LEU I 465 -17.38 -49.46 -52.02
C LEU I 465 -17.77 -50.32 -50.82
N ILE I 466 -17.08 -50.15 -49.69
CA ILE I 466 -17.40 -50.92 -48.49
C ILE I 466 -18.80 -50.61 -48.02
N VAL I 467 -19.17 -49.33 -47.99
CA VAL I 467 -20.51 -48.95 -47.56
C VAL I 467 -21.56 -49.52 -48.51
N GLU I 468 -21.29 -49.47 -49.82
CA GLU I 468 -22.25 -49.98 -50.79
C GLU I 468 -22.45 -51.49 -50.61
N LYS I 469 -21.35 -52.22 -50.40
CA LYS I 469 -21.46 -53.66 -50.19
C LYS I 469 -22.20 -53.95 -48.88
N ILE I 470 -21.98 -53.13 -47.85
CA ILE I 470 -22.71 -53.29 -46.60
C ILE I 470 -24.21 -53.13 -46.83
N MET I 471 -24.60 -52.10 -47.58
CA MET I 471 -26.02 -51.91 -47.88
C MET I 471 -26.59 -53.08 -48.67
N GLN I 472 -25.83 -53.59 -49.65
CA GLN I 472 -26.32 -54.72 -50.43
C GLN I 472 -26.17 -56.05 -49.72
N SER I 473 -25.54 -56.09 -48.55
CA SER I 473 -25.42 -57.32 -47.80
C SER I 473 -26.73 -57.62 -47.09
N SER I 474 -26.73 -58.60 -46.19
CA SER I 474 -27.93 -58.95 -45.45
C SER I 474 -28.24 -57.85 -44.43
N SER I 475 -29.31 -58.06 -43.66
CA SER I 475 -29.71 -57.10 -42.64
C SER I 475 -28.79 -57.11 -41.44
N GLU I 476 -27.84 -58.02 -41.37
CA GLU I 476 -26.97 -58.17 -40.21
C GLU I 476 -25.49 -58.12 -40.55
N VAL I 477 -25.08 -58.55 -41.75
CA VAL I 477 -23.67 -58.62 -42.09
C VAL I 477 -23.07 -57.22 -42.11
N GLY I 478 -21.90 -57.07 -41.48
CA GLY I 478 -21.20 -55.81 -41.46
C GLY I 478 -19.75 -55.96 -41.87
N TYR I 479 -18.96 -54.89 -41.74
CA TYR I 479 -17.57 -54.88 -42.16
C TYR I 479 -16.67 -54.72 -40.94
N ASP I 480 -15.76 -55.67 -40.75
CA ASP I 480 -14.73 -55.57 -39.73
C ASP I 480 -13.52 -54.89 -40.34
N ALA I 481 -13.23 -53.66 -39.89
CA ALA I 481 -12.12 -52.90 -40.42
C ALA I 481 -10.79 -53.40 -39.90
N MET I 482 -10.72 -53.80 -38.64
CA MET I 482 -9.47 -54.31 -38.08
C MET I 482 -9.03 -55.58 -38.80
N ALA I 483 -9.94 -56.54 -38.95
CA ALA I 483 -9.65 -57.71 -39.76
C ALA I 483 -9.74 -57.39 -41.25
N GLY I 484 -10.65 -56.50 -41.63
CA GLY I 484 -10.79 -56.08 -43.01
C GLY I 484 -11.59 -57.06 -43.86
N ASP I 485 -12.75 -57.48 -43.38
CA ASP I 485 -13.57 -58.42 -44.14
C ASP I 485 -15.01 -58.31 -43.67
N PHE I 486 -15.92 -58.83 -44.50
CA PHE I 486 -17.35 -58.75 -44.22
C PHE I 486 -17.74 -59.93 -43.35
N VAL I 487 -18.14 -59.65 -42.10
CA VAL I 487 -18.35 -60.64 -41.06
C VAL I 487 -19.70 -60.40 -40.40
N ASN I 488 -19.96 -61.20 -39.36
CA ASN I 488 -21.15 -61.06 -38.51
C ASN I 488 -20.77 -60.18 -37.32
N MET I 489 -21.38 -58.98 -37.24
CA MET I 489 -21.05 -58.06 -36.16
C MET I 489 -21.42 -58.60 -34.79
N VAL I 490 -22.64 -59.12 -34.64
CA VAL I 490 -23.09 -59.58 -33.33
C VAL I 490 -22.23 -60.76 -32.87
N GLU I 491 -21.95 -61.70 -33.78
CA GLU I 491 -21.11 -62.83 -33.42
C GLU I 491 -19.68 -62.39 -33.10
N LYS I 492 -19.14 -61.45 -33.88
CA LYS I 492 -17.79 -60.96 -33.65
C LYS I 492 -17.70 -59.92 -32.55
N GLY I 493 -18.84 -59.48 -32.00
CA GLY I 493 -18.82 -58.56 -30.88
C GLY I 493 -18.52 -57.13 -31.22
N ILE I 494 -18.80 -56.70 -32.46
CA ILE I 494 -18.63 -55.30 -32.86
C ILE I 494 -19.99 -54.64 -32.66
N ILE I 495 -20.21 -54.10 -31.46
CA ILE I 495 -21.47 -53.48 -31.10
C ILE I 495 -21.21 -52.12 -30.48
N ASP I 496 -22.22 -51.26 -30.53
CA ASP I 496 -22.12 -49.90 -30.03
C ASP I 496 -23.30 -49.60 -29.11
N PRO I 497 -23.10 -48.73 -28.11
CA PRO I 497 -24.25 -48.30 -27.30
C PRO I 497 -25.17 -47.41 -28.11
N THR I 498 -26.47 -47.74 -28.11
CA THR I 498 -27.42 -46.98 -28.90
C THR I 498 -27.55 -45.54 -28.40
N LYS I 499 -27.35 -45.32 -27.09
CA LYS I 499 -27.40 -43.97 -26.54
C LYS I 499 -26.32 -43.10 -27.17
N VAL I 500 -25.10 -43.63 -27.31
CA VAL I 500 -24.00 -42.86 -27.87
C VAL I 500 -24.33 -42.45 -29.31
N VAL I 501 -24.81 -43.39 -30.11
CA VAL I 501 -25.09 -43.10 -31.52
C VAL I 501 -26.19 -42.07 -31.63
N ARG I 502 -27.30 -42.27 -30.90
CA ARG I 502 -28.42 -41.35 -31.04
C ARG I 502 -28.05 -39.96 -30.52
N THR I 503 -27.29 -39.89 -29.42
CA THR I 503 -26.88 -38.60 -28.89
C THR I 503 -25.97 -37.87 -29.86
N ALA I 504 -24.98 -38.58 -30.42
CA ALA I 504 -24.07 -37.96 -31.36
C ALA I 504 -24.82 -37.42 -32.57
N LEU I 505 -25.70 -38.25 -33.15
CA LEU I 505 -26.46 -37.80 -34.31
C LEU I 505 -27.33 -36.60 -33.98
N LEU I 506 -28.03 -36.65 -32.85
CA LEU I 506 -28.94 -35.58 -32.47
C LEU I 506 -28.20 -34.26 -32.30
N ASP I 507 -27.11 -34.27 -31.52
CA ASP I 507 -26.38 -33.03 -31.27
C ASP I 507 -25.73 -32.50 -32.55
N ALA I 508 -25.12 -33.38 -33.34
CA ALA I 508 -24.46 -32.93 -34.56
C ALA I 508 -25.47 -32.29 -35.51
N ALA I 509 -26.62 -32.93 -35.71
CA ALA I 509 -27.64 -32.35 -36.57
C ALA I 509 -28.16 -31.03 -36.00
N GLY I 510 -28.44 -31.01 -34.70
CA GLY I 510 -29.01 -29.81 -34.11
C GLY I 510 -28.10 -28.59 -34.24
N VAL I 511 -26.80 -28.80 -34.16
CA VAL I 511 -25.89 -27.66 -34.31
C VAL I 511 -25.66 -27.32 -35.77
N ALA I 512 -25.41 -28.34 -36.61
CA ALA I 512 -25.04 -28.08 -38.00
C ALA I 512 -26.20 -27.47 -38.78
N SER I 513 -27.43 -27.94 -38.54
CA SER I 513 -28.58 -27.38 -39.25
C SER I 513 -28.77 -25.91 -38.92
N LEU I 514 -28.58 -25.54 -37.65
CA LEU I 514 -28.65 -24.12 -37.27
C LEU I 514 -27.52 -23.34 -37.93
N LEU I 515 -26.31 -23.92 -37.98
CA LEU I 515 -25.19 -23.23 -38.59
C LEU I 515 -25.44 -22.95 -40.07
N THR I 516 -26.02 -23.91 -40.79
CA THR I 516 -26.22 -23.73 -42.23
C THR I 516 -27.29 -22.70 -42.58
N THR I 517 -27.86 -21.95 -41.63
CA THR I 517 -28.86 -20.94 -41.94
C THR I 517 -28.30 -19.52 -41.92
N ALA I 518 -26.97 -19.37 -41.88
CA ALA I 518 -26.35 -18.06 -41.77
C ALA I 518 -26.22 -17.40 -43.14
N GLU I 519 -26.35 -16.08 -43.15
CA GLU I 519 -26.20 -15.30 -44.37
C GLU I 519 -25.23 -14.15 -44.15
N VAL I 520 -25.19 -13.63 -42.92
CA VAL I 520 -24.35 -12.49 -42.56
C VAL I 520 -23.56 -12.87 -41.32
N VAL I 521 -22.26 -12.52 -41.32
CA VAL I 521 -21.38 -12.82 -40.20
C VAL I 521 -20.72 -11.53 -39.74
N VAL I 522 -20.78 -11.27 -38.44
CA VAL I 522 -20.16 -10.10 -37.82
C VAL I 522 -19.07 -10.59 -36.87
N THR I 523 -17.84 -10.14 -37.11
CA THR I 523 -16.71 -10.56 -36.28
C THR I 523 -15.97 -9.32 -35.79
N GLU I 524 -15.26 -9.49 -34.67
CA GLU I 524 -14.44 -8.42 -34.15
C GLU I 524 -13.17 -8.30 -35.00
N ILE I 525 -12.83 -7.07 -35.38
CA ILE I 525 -11.63 -6.84 -36.19
C ILE I 525 -10.40 -7.22 -35.36
N PRO I 526 -9.46 -7.98 -35.91
CA PRO I 526 -8.29 -8.39 -35.12
C PRO I 526 -7.33 -7.24 -34.87
N LYS I 527 -7.64 -6.41 -33.87
CA LYS I 527 -6.80 -5.28 -33.54
C LYS I 527 -5.42 -5.73 -33.05
N GLU I 528 -5.39 -6.80 -32.26
CA GLU I 528 -4.13 -7.31 -31.72
C GLU I 528 -3.89 -8.74 -32.18
N GLY J 3 -3.81 -24.57 69.90
CA GLY J 3 -2.41 -24.43 70.26
C GLY J 3 -1.57 -25.63 69.85
N GLN J 4 -2.22 -26.61 69.24
CA GLN J 4 -1.50 -27.80 68.79
C GLN J 4 -0.60 -27.47 67.60
N ALA J 5 0.50 -28.20 67.51
CA ALA J 5 1.53 -27.92 66.52
C ALA J 5 1.84 -29.18 65.72
N PHE J 6 2.10 -28.99 64.43
CA PHE J 6 2.70 -30.04 63.63
C PHE J 6 4.19 -30.14 63.94
N ARG J 7 4.90 -30.95 63.17
CA ARG J 7 6.33 -31.11 63.42
C ARG J 7 7.09 -29.81 63.16
N LYS J 8 7.56 -29.20 64.24
CA LYS J 8 8.41 -28.01 64.18
C LYS J 8 7.73 -26.85 63.46
N PHE J 9 6.45 -26.63 63.77
CA PHE J 9 5.69 -25.56 63.12
C PHE J 9 4.45 -25.24 63.94
N LEU J 10 4.17 -23.94 64.10
CA LEU J 10 2.98 -23.48 64.80
C LEU J 10 2.41 -22.26 64.06
N PRO J 11 1.19 -22.34 63.54
CA PRO J 11 0.56 -21.15 62.95
C PRO J 11 0.10 -20.18 64.02
N LEU J 12 -0.08 -18.93 63.61
CA LEU J 12 -0.60 -17.88 64.47
C LEU J 12 -1.99 -17.46 64.03
N PHE J 13 -2.69 -16.78 64.94
CA PHE J 13 -4.04 -16.25 64.71
C PHE J 13 -4.96 -17.43 64.42
N ASP J 14 -5.82 -17.36 63.40
CA ASP J 14 -6.76 -18.42 63.08
C ASP J 14 -6.29 -19.29 61.93
N ARG J 15 -5.02 -19.17 61.53
CA ARG J 15 -4.50 -19.92 60.41
C ARG J 15 -4.50 -21.42 60.70
N VAL J 16 -4.81 -22.22 59.68
CA VAL J 16 -4.91 -23.66 59.79
C VAL J 16 -4.04 -24.30 58.72
N LEU J 17 -3.19 -25.24 59.12
CA LEU J 17 -2.30 -25.96 58.21
C LEU J 17 -2.86 -27.35 57.97
N VAL J 18 -3.10 -27.68 56.70
CA VAL J 18 -3.73 -28.94 56.30
C VAL J 18 -2.86 -29.60 55.24
N GLU J 19 -3.16 -30.88 54.98
CA GLU J 19 -2.50 -31.65 53.94
C GLU J 19 -3.57 -32.24 53.03
N ARG J 20 -3.39 -32.06 51.72
CA ARG J 20 -4.38 -32.54 50.76
C ARG J 20 -4.34 -34.05 50.65
N SER J 21 -5.48 -34.64 50.30
CA SER J 21 -5.58 -36.08 50.19
C SER J 21 -4.92 -36.56 48.89
N ALA J 22 -4.80 -37.89 48.77
CA ALA J 22 -4.21 -38.49 47.58
C ALA J 22 -5.13 -38.29 46.38
N ALA J 23 -4.52 -37.97 45.24
CA ALA J 23 -5.28 -37.73 44.03
C ALA J 23 -5.90 -39.03 43.50
N GLU J 24 -7.03 -38.89 42.80
CA GLU J 24 -7.75 -40.03 42.25
C GLU J 24 -7.16 -40.37 40.88
N THR J 25 -5.95 -40.93 40.91
CA THR J 25 -5.26 -41.28 39.67
C THR J 25 -5.84 -42.52 39.00
N VAL J 26 -6.65 -43.31 39.71
CA VAL J 26 -7.24 -44.53 39.17
C VAL J 26 -8.75 -44.46 39.34
N THR J 27 -9.48 -44.71 38.26
CA THR J 27 -10.93 -44.75 38.27
C THR J 27 -11.39 -46.17 38.63
N LYS J 28 -12.61 -46.25 39.19
CA LYS J 28 -13.16 -47.53 39.61
C LYS J 28 -13.19 -48.55 38.47
N GLY J 29 -13.33 -48.07 37.23
CA GLY J 29 -13.38 -48.98 36.09
C GLY J 29 -12.05 -49.50 35.60
N GLY J 30 -10.95 -49.09 36.23
CA GLY J 30 -9.62 -49.51 35.85
C GLY J 30 -8.86 -48.51 35.02
N ILE J 31 -9.53 -47.52 34.44
CA ILE J 31 -8.85 -46.49 33.66
C ILE J 31 -8.14 -45.55 34.61
N MET J 32 -6.83 -45.43 34.44
CA MET J 32 -6.02 -44.59 35.32
C MET J 32 -5.70 -43.28 34.60
N LEU J 33 -6.05 -42.17 35.24
CA LEU J 33 -6.04 -40.88 34.58
C LEU J 33 -4.62 -40.33 34.46
N PRO J 34 -4.38 -39.45 33.48
CA PRO J 34 -3.07 -38.79 33.40
C PRO J 34 -2.86 -37.81 34.55
N GLU J 35 -1.58 -37.56 34.84
CA GLU J 35 -1.24 -36.68 35.95
C GLU J 35 -1.65 -35.23 35.67
N LYS J 36 -1.64 -34.81 34.40
CA LYS J 36 -1.95 -33.42 34.08
C LYS J 36 -3.40 -33.06 34.41
N SER J 37 -4.32 -34.00 34.22
CA SER J 37 -5.72 -33.76 34.52
C SER J 37 -5.97 -33.90 36.02
N GLN J 38 -7.25 -33.97 36.40
CA GLN J 38 -7.72 -34.25 37.76
C GLN J 38 -7.45 -33.09 38.72
N GLY J 39 -6.76 -32.05 38.25
CA GLY J 39 -6.61 -30.83 39.01
C GLY J 39 -5.97 -31.04 40.37
N LYS J 40 -6.55 -30.41 41.38
CA LYS J 40 -6.06 -30.48 42.76
C LYS J 40 -7.15 -31.05 43.66
N VAL J 41 -6.72 -31.78 44.68
CA VAL J 41 -7.65 -32.42 45.61
C VAL J 41 -8.26 -31.37 46.53
N LEU J 42 -9.58 -31.36 46.62
CA LEU J 42 -10.29 -30.42 47.49
C LEU J 42 -10.55 -30.98 48.88
N GLN J 43 -10.27 -32.25 49.12
CA GLN J 43 -10.47 -32.87 50.43
C GLN J 43 -9.13 -32.92 51.16
N ALA J 44 -9.08 -32.34 52.35
CA ALA J 44 -7.84 -32.28 53.11
C ALA J 44 -8.10 -32.69 54.56
N THR J 45 -7.02 -32.88 55.31
CA THR J 45 -7.07 -33.21 56.72
C THR J 45 -6.27 -32.18 57.49
N VAL J 46 -6.85 -31.68 58.59
CA VAL J 46 -6.19 -30.65 59.38
C VAL J 46 -5.06 -31.29 60.19
N VAL J 47 -3.85 -30.73 60.05
CA VAL J 47 -2.71 -31.21 60.81
C VAL J 47 -2.18 -30.19 61.80
N ALA J 48 -2.54 -28.91 61.69
CA ALA J 48 -2.11 -27.92 62.65
C ALA J 48 -3.16 -26.82 62.74
N VAL J 49 -3.42 -26.34 63.95
CA VAL J 49 -4.42 -25.32 64.20
C VAL J 49 -3.75 -24.11 64.84
N GLY J 50 -4.30 -22.93 64.55
CA GLY J 50 -3.76 -21.71 65.12
C GLY J 50 -4.18 -21.52 66.56
N SER J 51 -3.53 -20.53 67.20
CA SER J 51 -3.82 -20.24 68.60
C SER J 51 -5.25 -19.75 68.78
N GLY J 52 -5.72 -18.90 67.90
CA GLY J 52 -7.07 -18.36 68.00
C GLY J 52 -7.12 -16.94 67.47
N SER J 53 -8.35 -16.43 67.39
CA SER J 53 -8.60 -15.11 66.84
C SER J 53 -8.70 -14.08 67.97
N LYS J 54 -7.97 -12.97 67.83
CA LYS J 54 -7.99 -11.89 68.79
C LYS J 54 -8.84 -10.71 68.32
N GLY J 55 -9.73 -10.95 67.35
CA GLY J 55 -10.61 -9.88 66.89
C GLY J 55 -11.46 -9.31 67.99
N LYS J 56 -12.03 -10.17 68.84
CA LYS J 56 -12.74 -9.73 70.03
C LYS J 56 -11.74 -9.63 71.17
N GLY J 57 -11.65 -8.45 71.78
CA GLY J 57 -10.65 -8.22 72.80
C GLY J 57 -10.90 -9.04 74.06
N GLY J 58 -9.83 -9.20 74.82
CA GLY J 58 -9.89 -9.98 76.05
C GLY J 58 -9.30 -11.36 75.90
N GLU J 59 -10.16 -12.38 75.87
CA GLU J 59 -9.71 -13.75 75.74
C GLU J 59 -9.47 -14.10 74.27
N ILE J 60 -9.12 -15.36 74.03
CA ILE J 60 -8.90 -15.87 72.70
C ILE J 60 -10.10 -16.70 72.28
N GLN J 61 -10.29 -16.83 70.97
CA GLN J 61 -11.38 -17.62 70.40
C GLN J 61 -10.80 -18.77 69.61
N PRO J 62 -10.83 -20.00 70.12
CA PRO J 62 -10.20 -21.12 69.42
C PRO J 62 -10.91 -21.43 68.11
N VAL J 63 -10.14 -22.02 67.19
CA VAL J 63 -10.68 -22.38 65.88
C VAL J 63 -11.72 -23.48 66.02
N SER J 64 -12.60 -23.56 65.03
CA SER J 64 -13.68 -24.54 65.04
C SER J 64 -13.26 -25.92 64.57
N VAL J 65 -12.06 -26.05 64.01
CA VAL J 65 -11.56 -27.34 63.54
C VAL J 65 -10.42 -27.78 64.45
N LYS J 66 -10.13 -29.08 64.41
CA LYS J 66 -9.09 -29.67 65.23
C LYS J 66 -8.21 -30.58 64.36
N VAL J 67 -7.08 -30.97 64.93
CA VAL J 67 -6.11 -31.79 64.20
C VAL J 67 -6.74 -33.15 63.89
N GLY J 68 -6.60 -33.60 62.64
CA GLY J 68 -7.13 -34.87 62.22
C GLY J 68 -8.50 -34.81 61.59
N ASP J 69 -9.20 -33.68 61.70
CA ASP J 69 -10.52 -33.56 61.09
C ASP J 69 -10.40 -33.46 59.58
N LYS J 70 -11.38 -34.01 58.88
CA LYS J 70 -11.42 -33.98 57.42
C LYS J 70 -12.32 -32.84 56.96
N VAL J 71 -11.80 -32.00 56.07
CA VAL J 71 -12.51 -30.81 55.60
C VAL J 71 -12.41 -30.75 54.08
N LEU J 72 -13.23 -29.88 53.50
CA LEU J 72 -13.22 -29.59 52.07
C LEU J 72 -12.74 -28.17 51.85
N LEU J 73 -11.67 -28.02 51.07
CA LEU J 73 -10.97 -26.76 50.85
C LEU J 73 -11.59 -25.98 49.70
N PRO J 74 -11.45 -24.65 49.71
CA PRO J 74 -11.93 -23.85 48.57
C PRO J 74 -11.00 -23.96 47.39
N GLU J 75 -11.52 -23.56 46.22
CA GLU J 75 -10.74 -23.58 45.00
C GLU J 75 -9.58 -22.58 45.06
N TYR J 76 -9.83 -21.40 45.63
CA TYR J 76 -8.83 -20.34 45.70
C TYR J 76 -8.42 -20.10 47.15
N GLY J 77 -7.28 -19.43 47.31
CA GLY J 77 -6.72 -19.16 48.62
C GLY J 77 -5.75 -20.23 49.06
N GLY J 78 -5.10 -19.95 50.19
CA GLY J 78 -4.12 -20.87 50.74
C GLY J 78 -2.70 -20.53 50.32
N THR J 79 -1.75 -20.95 51.15
CA THR J 79 -0.34 -20.69 50.93
C THR J 79 0.43 -21.99 51.02
N LYS J 80 1.41 -22.15 50.14
CA LYS J 80 2.23 -23.36 50.10
C LYS J 80 3.28 -23.31 51.20
N VAL J 81 3.37 -24.39 51.98
CA VAL J 81 4.36 -24.53 53.04
C VAL J 81 5.08 -25.86 52.84
N VAL J 82 6.38 -25.87 53.12
CA VAL J 82 7.22 -27.05 52.95
C VAL J 82 7.72 -27.48 54.31
N LEU J 83 7.38 -28.71 54.72
CA LEU J 83 7.83 -29.27 55.98
C LEU J 83 8.35 -30.68 55.71
N ASP J 84 9.63 -30.90 56.00
CA ASP J 84 10.29 -32.17 55.73
C ASP J 84 10.12 -32.57 54.27
N ASP J 85 10.34 -31.61 53.38
CA ASP J 85 10.21 -31.79 51.93
C ASP J 85 8.81 -32.24 51.53
N LYS J 86 7.83 -32.11 52.43
CA LYS J 86 6.45 -32.41 52.13
C LYS J 86 5.64 -31.13 52.00
N ASP J 87 4.60 -31.18 51.18
CA ASP J 87 3.80 -30.03 50.82
C ASP J 87 2.59 -29.97 51.75
N TYR J 88 2.31 -28.77 52.26
CA TYR J 88 1.12 -28.52 53.05
C TYR J 88 0.54 -27.18 52.64
N PHE J 89 -0.73 -26.97 52.96
CA PHE J 89 -1.43 -25.75 52.58
C PHE J 89 -1.97 -25.05 53.81
N LEU J 90 -1.76 -23.73 53.87
CA LEU J 90 -2.16 -22.92 55.00
C LEU J 90 -3.32 -22.01 54.60
N PHE J 91 -4.42 -22.11 55.32
CA PHE J 91 -5.62 -21.33 55.07
C PHE J 91 -6.01 -20.57 56.32
N ARG J 92 -7.14 -19.88 56.26
CA ARG J 92 -7.77 -19.27 57.42
C ARG J 92 -9.00 -20.07 57.82
N ASP J 93 -9.51 -19.78 59.02
CA ASP J 93 -10.68 -20.50 59.51
C ASP J 93 -11.89 -20.26 58.62
N GLY J 94 -12.11 -19.02 58.19
CA GLY J 94 -13.29 -18.70 57.40
C GLY J 94 -13.28 -19.30 56.01
N ASP J 95 -12.10 -19.66 55.50
CA ASP J 95 -12.02 -20.20 54.15
C ASP J 95 -12.48 -21.66 54.07
N ILE J 96 -12.57 -22.35 55.20
CA ILE J 96 -12.96 -23.75 55.21
C ILE J 96 -14.48 -23.85 55.04
N LEU J 97 -14.92 -24.51 53.98
CA LEU J 97 -16.35 -24.59 53.69
C LEU J 97 -17.06 -25.52 54.66
N GLY J 98 -16.54 -26.74 54.83
CA GLY J 98 -17.22 -27.71 55.66
C GLY J 98 -16.29 -28.82 56.07
N LYS J 99 -16.75 -29.59 57.07
CA LYS J 99 -15.98 -30.68 57.63
C LYS J 99 -16.70 -32.01 57.41
N TYR J 100 -15.91 -33.06 57.26
CA TYR J 100 -16.46 -34.41 57.03
C TYR J 100 -16.65 -35.09 58.37
N VAL J 101 -17.90 -35.14 58.83
CA VAL J 101 -18.21 -35.77 60.11
C VAL J 101 -18.49 -37.24 59.87
N ASP J 102 -17.71 -38.10 60.52
CA ASP J 102 -17.87 -39.55 60.35
C ASP J 102 -17.28 -40.29 61.54
N GLY K 1 -8.43 -20.41 -26.96
CA GLY K 1 -8.02 -19.05 -26.64
C GLY K 1 -6.86 -18.57 -27.48
N SER K 2 -5.89 -19.45 -27.70
CA SER K 2 -4.70 -19.14 -28.49
C SER K 2 -4.79 -19.85 -29.83
N ALA K 3 -4.57 -19.10 -30.91
CA ALA K 3 -4.61 -19.68 -32.25
C ALA K 3 -3.53 -20.74 -32.39
N LYS K 4 -3.85 -21.80 -33.12
CA LYS K 4 -2.98 -22.96 -33.26
C LYS K 4 -2.58 -23.17 -34.71
N ASP K 5 -1.46 -23.86 -34.88
CA ASP K 5 -0.98 -24.32 -36.18
C ASP K 5 -1.11 -25.84 -36.21
N VAL K 6 -1.76 -26.36 -37.25
CA VAL K 6 -2.05 -27.78 -37.39
C VAL K 6 -1.30 -28.31 -38.59
N LYS K 7 -0.54 -29.37 -38.39
CA LYS K 7 0.24 -29.99 -39.46
C LYS K 7 -0.14 -31.46 -39.60
N PHE K 8 -0.24 -31.91 -40.85
CA PHE K 8 -0.76 -33.22 -41.18
C PHE K 8 0.31 -34.09 -41.81
N GLY K 9 0.28 -35.38 -41.50
CA GLY K 9 1.02 -36.35 -42.28
C GLY K 9 2.53 -36.26 -42.12
N ALA K 10 3.23 -36.32 -43.25
CA ALA K 10 4.67 -36.58 -43.23
C ALA K 10 5.47 -35.36 -42.80
N ASP K 11 4.93 -34.16 -43.00
CA ASP K 11 5.67 -32.94 -42.65
C ASP K 11 5.93 -32.87 -41.15
N ALA K 12 4.89 -33.11 -40.35
CA ALA K 12 5.05 -33.07 -38.91
C ALA K 12 5.96 -34.19 -38.42
N ARG K 13 5.85 -35.37 -39.03
CA ARG K 13 6.74 -36.47 -38.67
C ARG K 13 8.19 -36.12 -38.97
N ALA K 14 8.44 -35.48 -40.12
CA ALA K 14 9.79 -35.07 -40.46
C ALA K 14 10.32 -34.04 -39.48
N LEU K 15 9.47 -33.09 -39.05
CA LEU K 15 9.92 -32.09 -38.09
C LEU K 15 10.24 -32.71 -36.74
N MET K 16 9.39 -33.61 -36.25
CA MET K 16 9.71 -34.32 -35.01
C MET K 16 11.00 -35.13 -35.16
N LEU K 17 11.19 -35.76 -36.32
CA LEU K 17 12.40 -36.53 -36.54
C LEU K 17 13.63 -35.62 -36.50
N GLN K 18 13.51 -34.43 -37.09
CA GLN K 18 14.61 -33.47 -37.03
C GLN K 18 14.96 -33.12 -35.58
N GLY K 19 13.94 -32.79 -34.78
CA GLY K 19 14.20 -32.46 -33.38
C GLY K 19 14.80 -33.63 -32.61
N VAL K 20 14.25 -34.82 -32.80
CA VAL K 20 14.73 -36.01 -32.08
C VAL K 20 16.16 -36.32 -32.46
N ASP K 21 16.48 -36.26 -33.76
CA ASP K 21 17.85 -36.51 -34.19
C ASP K 21 18.81 -35.45 -33.66
N LEU K 22 18.38 -34.19 -33.60
CA LEU K 22 19.25 -33.17 -33.03
C LEU K 22 19.58 -33.47 -31.57
N LEU K 23 18.54 -33.75 -30.77
CA LEU K 23 18.79 -34.03 -29.36
C LEU K 23 19.63 -35.28 -29.18
N ALA K 24 19.35 -36.34 -29.94
CA ALA K 24 20.07 -37.59 -29.75
C ALA K 24 21.48 -37.53 -30.32
N ASP K 25 21.72 -36.67 -31.30
CA ASP K 25 23.09 -36.44 -31.77
C ASP K 25 23.89 -35.67 -30.73
N ALA K 26 23.25 -34.70 -30.07
CA ALA K 26 23.92 -34.00 -28.99
C ALA K 26 24.25 -34.94 -27.84
N VAL K 27 23.30 -35.81 -27.49
CA VAL K 27 23.47 -36.70 -26.34
C VAL K 27 24.47 -37.82 -26.66
N ALA K 28 24.37 -38.41 -27.84
CA ALA K 28 25.08 -39.65 -28.17
C ALA K 28 26.59 -39.50 -28.22
N VAL K 29 27.12 -38.27 -28.26
CA VAL K 29 28.57 -38.08 -28.22
C VAL K 29 29.15 -38.33 -26.83
N THR K 30 28.31 -38.65 -25.85
CA THR K 30 28.73 -38.92 -24.49
C THR K 30 28.52 -40.39 -24.13
N MET K 31 28.75 -41.28 -25.10
CA MET K 31 28.50 -42.70 -24.92
C MET K 31 29.79 -43.48 -25.12
N GLY K 32 30.03 -44.44 -24.24
CA GLY K 32 31.18 -45.30 -24.35
C GLY K 32 32.37 -44.79 -23.58
N PRO K 33 33.39 -45.64 -23.42
CA PRO K 33 34.60 -45.20 -22.71
C PRO K 33 35.34 -44.09 -23.43
N LYS K 34 35.16 -43.95 -24.74
CA LYS K 34 35.82 -42.91 -25.53
C LYS K 34 34.90 -41.75 -25.85
N GLY K 35 33.76 -41.64 -25.17
CA GLY K 35 32.87 -40.53 -25.40
C GLY K 35 33.46 -39.22 -24.90
N ARG K 36 32.96 -38.12 -25.47
CA ARG K 36 33.45 -36.79 -25.13
C ARG K 36 32.39 -36.04 -24.34
N THR K 37 32.78 -34.87 -23.82
CA THR K 37 31.94 -34.11 -22.91
C THR K 37 31.18 -33.02 -23.66
N VAL K 38 30.12 -32.53 -23.02
CA VAL K 38 29.27 -31.47 -23.56
C VAL K 38 29.32 -30.29 -22.60
N ILE K 39 29.51 -29.09 -23.14
CA ILE K 39 29.57 -27.86 -22.36
C ILE K 39 28.24 -27.13 -22.52
N ILE K 40 27.54 -26.96 -21.40
CA ILE K 40 26.24 -26.30 -21.38
C ILE K 40 26.41 -24.96 -20.70
N GLU K 41 26.01 -23.88 -21.37
CA GLU K 41 26.15 -22.55 -20.81
C GLU K 41 25.16 -22.36 -19.67
N GLN K 42 25.66 -21.91 -18.53
CA GLN K 42 24.82 -21.54 -17.39
C GLN K 42 24.66 -20.03 -17.37
N SER K 43 23.41 -19.58 -17.21
CA SER K 43 23.13 -18.15 -17.30
C SER K 43 23.80 -17.37 -16.17
N TRP K 44 23.85 -17.96 -14.98
CA TRP K 44 24.36 -17.22 -13.82
C TRP K 44 25.88 -17.21 -13.78
N GLY K 45 26.49 -18.38 -13.72
CA GLY K 45 27.93 -18.48 -13.50
C GLY K 45 28.62 -19.30 -14.57
N SER K 46 29.56 -20.12 -14.13
CA SER K 46 30.41 -20.88 -15.05
C SER K 46 29.59 -21.97 -15.77
N PRO K 47 29.94 -22.26 -17.01
CA PRO K 47 29.25 -23.34 -17.73
C PRO K 47 29.55 -24.71 -17.12
N LYS K 48 28.64 -25.63 -17.37
CA LYS K 48 28.74 -26.99 -16.85
C LYS K 48 29.31 -27.90 -17.93
N VAL K 49 30.44 -28.53 -17.63
CA VAL K 49 31.02 -29.55 -18.50
C VAL K 49 30.58 -30.90 -17.97
N THR K 50 29.75 -31.61 -18.74
CA THR K 50 29.12 -32.82 -18.26
C THR K 50 29.21 -33.93 -19.29
N LYS K 51 29.17 -35.17 -18.80
CA LYS K 51 29.11 -36.37 -19.63
C LYS K 51 27.86 -37.18 -19.33
N ASP K 52 26.86 -36.56 -18.71
CA ASP K 52 25.64 -37.24 -18.29
C ASP K 52 24.58 -37.08 -19.37
N GLY K 53 23.93 -38.19 -19.73
CA GLY K 53 22.94 -38.14 -20.80
C GLY K 53 21.74 -37.30 -20.46
N VAL K 54 21.18 -37.48 -19.25
CA VAL K 54 19.97 -36.75 -18.90
C VAL K 54 20.27 -35.27 -18.68
N THR K 55 21.47 -34.93 -18.19
CA THR K 55 21.82 -33.52 -18.03
C THR K 55 21.88 -32.81 -19.37
N VAL K 56 22.45 -33.47 -20.39
CA VAL K 56 22.49 -32.88 -21.72
C VAL K 56 21.09 -32.81 -22.32
N ALA K 57 20.29 -33.86 -22.11
CA ALA K 57 18.95 -33.89 -22.68
C ALA K 57 18.07 -32.80 -22.11
N LYS K 58 18.08 -32.62 -20.79
CA LYS K 58 17.19 -31.66 -20.14
C LYS K 58 17.56 -30.22 -20.43
N SER K 59 18.77 -29.96 -20.89
CA SER K 59 19.24 -28.61 -21.15
C SER K 59 19.03 -28.14 -22.57
N ILE K 60 18.34 -28.94 -23.39
CA ILE K 60 18.14 -28.64 -24.80
C ILE K 60 16.68 -28.31 -25.04
N ASP K 61 16.42 -27.10 -25.50
CA ASP K 61 15.10 -26.68 -25.95
C ASP K 61 15.26 -25.99 -27.30
N LEU K 62 14.29 -26.20 -28.18
CA LEU K 62 14.37 -25.72 -29.55
C LEU K 62 13.29 -24.68 -29.83
N LYS K 63 13.60 -23.77 -30.74
CA LYS K 63 12.66 -22.70 -31.06
C LYS K 63 11.45 -23.24 -31.82
N ASP K 64 11.67 -24.08 -32.82
CA ASP K 64 10.57 -24.64 -33.59
C ASP K 64 9.72 -25.54 -32.72
N LYS K 65 8.40 -25.40 -32.84
CA LYS K 65 7.49 -26.08 -31.91
C LYS K 65 7.49 -27.59 -32.11
N TYR K 66 7.57 -28.05 -33.36
CA TYR K 66 7.53 -29.49 -33.61
C TYR K 66 8.83 -30.17 -33.20
N LYS K 67 9.97 -29.55 -33.55
CA LYS K 67 11.24 -30.03 -33.04
C LYS K 67 11.27 -29.97 -31.52
N ASN K 68 10.61 -28.96 -30.94
CA ASN K 68 10.51 -28.88 -29.48
C ASN K 68 9.70 -30.05 -28.94
N ILE K 69 8.66 -30.46 -29.65
CA ILE K 69 7.86 -31.61 -29.21
C ILE K 69 8.69 -32.88 -29.21
N GLY K 70 9.43 -33.10 -30.30
CA GLY K 70 10.32 -34.25 -30.35
C GLY K 70 11.36 -34.22 -29.24
N ALA K 71 11.94 -33.04 -29.00
CA ALA K 71 12.92 -32.89 -27.93
C ALA K 71 12.30 -33.17 -26.57
N LYS K 72 11.06 -32.73 -26.37
CA LYS K 72 10.39 -32.97 -25.10
C LYS K 72 10.16 -34.47 -24.88
N LEU K 73 9.77 -35.19 -25.93
CA LEU K 73 9.57 -36.63 -25.78
C LEU K 73 10.90 -37.34 -25.48
N VAL K 74 11.98 -36.95 -26.16
CA VAL K 74 13.28 -37.55 -25.87
C VAL K 74 13.72 -37.21 -24.44
N GLN K 75 13.42 -35.99 -23.99
CA GLN K 75 13.71 -35.60 -22.61
C GLN K 75 12.92 -36.45 -21.63
N ASP K 76 11.67 -36.75 -21.96
CA ASP K 76 10.89 -37.64 -21.11
C ASP K 76 11.54 -39.02 -21.02
N VAL K 77 12.01 -39.55 -22.16
CA VAL K 77 12.70 -40.84 -22.15
C VAL K 77 13.89 -40.79 -21.21
N ALA K 78 14.74 -39.77 -21.37
CA ALA K 78 15.96 -39.68 -20.58
C ALA K 78 15.65 -39.50 -19.10
N ASN K 79 14.66 -38.66 -18.79
CA ASN K 79 14.31 -38.40 -17.40
C ASN K 79 13.72 -39.63 -16.72
N ASN K 80 12.84 -40.36 -17.41
CA ASN K 80 12.30 -41.58 -16.84
C ASN K 80 13.41 -42.60 -16.59
N THR K 81 14.31 -42.76 -17.55
CA THR K 81 15.40 -43.71 -17.38
C THR K 81 16.30 -43.31 -16.21
N ASN K 82 16.56 -42.00 -16.06
CA ASN K 82 17.41 -41.55 -14.97
C ASN K 82 16.74 -41.73 -13.62
N GLU K 83 15.45 -41.40 -13.51
CA GLU K 83 14.79 -41.48 -12.22
C GLU K 83 14.49 -42.92 -11.81
N GLU K 84 14.32 -43.83 -12.77
CA GLU K 84 14.01 -45.21 -12.40
C GLU K 84 15.27 -46.00 -12.10
N ALA K 85 16.25 -45.96 -13.01
CA ALA K 85 17.45 -46.77 -12.88
C ALA K 85 18.65 -46.00 -12.34
N GLY K 86 18.81 -44.73 -12.71
CA GLY K 86 19.96 -43.96 -12.32
C GLY K 86 21.12 -44.00 -13.29
N ASP K 87 21.01 -44.78 -14.36
CA ASP K 87 22.07 -44.89 -15.36
C ASP K 87 21.44 -45.31 -16.68
N GLY K 88 22.28 -45.41 -17.71
CA GLY K 88 21.79 -45.78 -19.02
C GLY K 88 20.89 -44.76 -19.67
N THR K 89 21.15 -43.46 -19.45
CA THR K 89 20.34 -42.42 -20.07
C THR K 89 20.66 -42.28 -21.56
N THR K 90 21.95 -42.30 -21.91
CA THR K 90 22.34 -42.19 -23.32
C THR K 90 21.87 -43.41 -24.11
N THR K 91 21.94 -44.60 -23.50
CA THR K 91 21.43 -45.79 -24.17
C THR K 91 19.94 -45.67 -24.46
N ALA K 92 19.18 -45.19 -23.48
CA ALA K 92 17.75 -44.99 -23.69
C ALA K 92 17.49 -43.96 -24.77
N THR K 93 18.28 -42.89 -24.80
CA THR K 93 18.09 -41.84 -25.79
C THR K 93 18.36 -42.36 -27.20
N VAL K 94 19.45 -43.09 -27.39
CA VAL K 94 19.77 -43.59 -28.73
C VAL K 94 18.76 -44.66 -29.16
N LEU K 95 18.32 -45.49 -28.21
CA LEU K 95 17.30 -46.48 -28.54
C LEU K 95 16.00 -45.79 -28.95
N ALA K 96 15.62 -44.72 -28.24
CA ALA K 96 14.40 -44.00 -28.59
C ALA K 96 14.51 -43.37 -29.97
N ARG K 97 15.64 -42.74 -30.27
CA ARG K 97 15.81 -42.16 -31.61
C ARG K 97 15.75 -43.23 -32.68
N SER K 98 16.40 -44.37 -32.45
CA SER K 98 16.39 -45.44 -33.44
C SER K 98 14.98 -45.98 -33.67
N ILE K 99 14.24 -46.21 -32.59
CA ILE K 99 12.88 -46.74 -32.75
C ILE K 99 12.00 -45.74 -33.48
N ALA K 100 12.10 -44.45 -33.11
CA ALA K 100 11.29 -43.44 -33.77
C ALA K 100 11.62 -43.35 -35.26
N LYS K 101 12.91 -43.33 -35.59
CA LYS K 101 13.31 -43.22 -36.99
C LYS K 101 12.86 -44.44 -37.78
N GLU K 102 13.07 -45.64 -37.24
CA GLU K 102 12.68 -46.86 -37.95
C GLU K 102 11.17 -46.92 -38.14
N GLY K 103 10.40 -46.53 -37.12
CA GLY K 103 8.95 -46.56 -37.25
C GLY K 103 8.38 -45.49 -38.14
N PHE K 104 9.10 -44.37 -38.32
CA PHE K 104 8.55 -43.29 -39.13
C PHE K 104 8.44 -43.68 -40.60
N GLU K 105 9.47 -44.34 -41.16
CA GLU K 105 9.38 -44.73 -42.56
C GLU K 105 8.40 -45.89 -42.76
N LYS K 106 8.20 -46.72 -41.74
CA LYS K 106 7.26 -47.83 -41.86
C LYS K 106 5.81 -47.38 -41.90
N ILE K 107 5.52 -46.13 -41.56
CA ILE K 107 4.16 -45.62 -41.62
C ILE K 107 3.79 -45.35 -43.07
N SER K 108 2.67 -45.93 -43.50
CA SER K 108 2.18 -45.77 -44.86
C SER K 108 0.67 -45.60 -44.81
N LYS K 109 0.04 -45.57 -45.98
CA LYS K 109 -1.42 -45.44 -46.04
C LYS K 109 -2.10 -46.68 -45.47
N GLY K 110 -1.58 -47.86 -45.79
CA GLY K 110 -2.17 -49.10 -45.31
C GLY K 110 -1.62 -49.62 -44.01
N ALA K 111 -0.54 -49.02 -43.50
CA ALA K 111 0.05 -49.47 -42.25
C ALA K 111 -0.84 -49.11 -41.07
N ASN K 112 -0.74 -49.91 -40.01
CA ASN K 112 -1.50 -49.68 -38.79
C ASN K 112 -0.53 -49.37 -37.65
N PRO K 113 -0.32 -48.10 -37.34
CA PRO K 113 0.68 -47.75 -36.31
C PRO K 113 0.39 -48.33 -34.94
N VAL K 114 -0.89 -48.47 -34.56
CA VAL K 114 -1.22 -49.01 -33.24
C VAL K 114 -0.78 -50.46 -33.13
N GLU K 115 -1.04 -51.27 -34.17
CA GLU K 115 -0.59 -52.66 -34.14
C GLU K 115 0.92 -52.76 -34.21
N ILE K 116 1.57 -51.84 -34.93
CA ILE K 116 3.03 -51.80 -34.91
C ILE K 116 3.54 -51.56 -33.50
N ARG K 117 2.92 -50.63 -32.79
CA ARG K 117 3.31 -50.36 -31.41
C ARG K 117 3.08 -51.57 -30.52
N ARG K 118 1.96 -52.26 -30.71
CA ARG K 118 1.69 -53.46 -29.93
C ARG K 118 2.75 -54.53 -30.18
N GLY K 119 3.14 -54.72 -31.44
CA GLY K 119 4.20 -55.66 -31.75
C GLY K 119 5.53 -55.25 -31.14
N VAL K 120 5.80 -53.94 -31.13
CA VAL K 120 7.03 -53.45 -30.50
C VAL K 120 7.05 -53.77 -29.02
N MET K 121 5.93 -53.53 -28.34
CA MET K 121 5.87 -53.86 -26.91
C MET K 121 6.02 -55.36 -26.68
N LEU K 122 5.41 -56.18 -27.54
CA LEU K 122 5.57 -57.63 -27.40
C LEU K 122 7.02 -58.05 -27.56
N ALA K 123 7.70 -57.50 -28.57
CA ALA K 123 9.11 -57.83 -28.78
C ALA K 123 9.97 -57.36 -27.62
N VAL K 124 9.65 -56.19 -27.07
CA VAL K 124 10.41 -55.68 -25.92
C VAL K 124 10.20 -56.57 -24.71
N ASP K 125 8.97 -57.05 -24.50
CA ASP K 125 8.73 -57.97 -23.39
C ASP K 125 9.53 -59.25 -23.57
N ALA K 126 9.58 -59.78 -24.80
CA ALA K 126 10.39 -60.97 -25.04
C ALA K 126 11.87 -60.72 -24.76
N VAL K 127 12.38 -59.56 -25.21
CA VAL K 127 13.79 -59.23 -24.99
C VAL K 127 14.08 -59.09 -23.51
N ILE K 128 13.17 -58.46 -22.76
CA ILE K 128 13.37 -58.29 -21.33
C ILE K 128 13.37 -59.65 -20.63
N ALA K 129 12.48 -60.55 -21.05
CA ALA K 129 12.48 -61.89 -20.48
C ALA K 129 13.79 -62.60 -20.75
N GLU K 130 14.32 -62.48 -21.97
CA GLU K 130 15.61 -63.10 -22.29
C GLU K 130 16.72 -62.49 -21.44
N LEU K 131 16.72 -61.17 -21.28
CA LEU K 131 17.74 -60.51 -20.47
C LEU K 131 17.68 -60.98 -19.02
N LYS K 132 16.48 -61.11 -18.47
CA LYS K 132 16.35 -61.63 -17.10
C LYS K 132 16.85 -63.06 -17.02
N LYS K 133 16.58 -63.87 -18.04
CA LYS K 133 17.03 -65.26 -18.03
C LYS K 133 18.54 -65.35 -18.06
N GLN K 134 19.20 -64.53 -18.86
CA GLN K 134 20.64 -64.67 -19.09
C GLN K 134 21.49 -63.90 -18.08
N SER K 135 20.89 -63.20 -17.14
CA SER K 135 21.66 -62.47 -16.16
C SER K 135 22.14 -63.39 -15.05
N LYS K 136 23.16 -62.95 -14.31
CA LYS K 136 23.71 -63.70 -13.19
C LYS K 136 23.88 -62.78 -11.99
N PRO K 137 23.79 -63.33 -10.78
CA PRO K 137 23.87 -62.49 -9.58
C PRO K 137 25.29 -62.04 -9.30
N VAL K 138 25.39 -61.02 -8.45
CA VAL K 138 26.68 -60.48 -8.01
C VAL K 138 27.05 -61.11 -6.67
N THR K 139 28.24 -61.71 -6.60
CA THR K 139 28.69 -62.41 -5.41
C THR K 139 29.92 -61.79 -4.77
N THR K 140 30.99 -61.56 -5.54
CA THR K 140 32.23 -61.11 -4.94
C THR K 140 32.33 -59.58 -5.01
N PRO K 141 33.06 -58.97 -4.08
CA PRO K 141 33.30 -57.52 -4.17
C PRO K 141 34.11 -57.12 -5.40
N GLU K 142 34.85 -58.04 -6.01
CA GLU K 142 35.57 -57.73 -7.23
C GLU K 142 34.61 -57.32 -8.34
N GLU K 143 33.47 -58.02 -8.44
CA GLU K 143 32.45 -57.63 -9.40
C GLU K 143 31.90 -56.26 -9.08
N ILE K 144 31.77 -55.93 -7.80
CA ILE K 144 31.32 -54.60 -7.41
C ILE K 144 32.31 -53.54 -7.90
N ALA K 145 33.60 -53.79 -7.68
CA ALA K 145 34.61 -52.85 -8.15
C ALA K 145 34.59 -52.72 -9.66
N GLN K 146 34.42 -53.83 -10.37
CA GLN K 146 34.36 -53.78 -11.83
C GLN K 146 33.17 -52.97 -12.32
N VAL K 147 32.00 -53.18 -11.70
CA VAL K 147 30.80 -52.44 -12.10
C VAL K 147 30.98 -50.96 -11.84
N ALA K 148 31.52 -50.60 -10.67
CA ALA K 148 31.74 -49.19 -10.35
C ALA K 148 32.73 -48.56 -11.31
N THR K 149 33.81 -49.29 -11.65
CA THR K 149 34.79 -48.76 -12.58
C THR K 149 34.20 -48.56 -13.96
N ILE K 150 33.42 -49.52 -14.45
CA ILE K 150 32.81 -49.40 -15.77
C ILE K 150 31.85 -48.22 -15.80
N SER K 151 31.04 -48.06 -14.75
CA SER K 151 30.07 -46.98 -14.73
C SER K 151 30.70 -45.62 -14.50
N ALA K 152 31.94 -45.57 -14.02
CA ALA K 152 32.65 -44.32 -13.77
C ALA K 152 33.64 -43.99 -14.87
N ASN K 153 33.32 -44.34 -16.12
CA ASN K 153 34.17 -44.06 -17.28
C ASN K 153 35.56 -44.66 -17.12
N GLY K 154 35.62 -45.88 -16.61
CA GLY K 154 36.88 -46.60 -16.48
C GLY K 154 37.87 -45.98 -15.51
N ASP K 155 37.40 -45.56 -14.33
CA ASP K 155 38.25 -44.98 -13.31
C ASP K 155 38.44 -46.02 -12.20
N LYS K 156 39.68 -46.52 -12.07
CA LYS K 156 39.95 -47.57 -11.08
C LYS K 156 39.80 -47.04 -9.66
N GLU K 157 40.24 -45.80 -9.42
CA GLU K 157 40.21 -45.26 -8.06
C GLU K 157 38.78 -45.15 -7.53
N ILE K 158 37.86 -44.68 -8.37
CA ILE K 158 36.47 -44.54 -7.94
C ILE K 158 35.86 -45.91 -7.64
N GLY K 159 36.14 -46.89 -8.49
CA GLY K 159 35.65 -48.24 -8.25
C GLY K 159 36.17 -48.82 -6.95
N ASN K 160 37.47 -48.65 -6.70
CA ASN K 160 38.04 -49.15 -5.45
C ASN K 160 37.45 -48.44 -4.24
N ILE K 161 37.24 -47.13 -4.34
CA ILE K 161 36.66 -46.37 -3.23
C ILE K 161 35.25 -46.87 -2.93
N ILE K 162 34.44 -47.05 -3.97
CA ILE K 162 33.07 -47.49 -3.75
C ILE K 162 33.04 -48.92 -3.21
N SER K 163 33.92 -49.79 -3.71
CA SER K 163 33.98 -51.15 -3.20
C SER K 163 34.37 -51.16 -1.72
N ASP K 164 35.36 -50.34 -1.35
CA ASP K 164 35.75 -50.27 0.06
C ASP K 164 34.62 -49.75 0.93
N ALA K 165 33.92 -48.71 0.46
CA ALA K 165 32.79 -48.17 1.23
C ALA K 165 31.72 -49.22 1.43
N MET K 166 31.37 -49.97 0.37
CA MET K 166 30.35 -50.98 0.50
C MET K 166 30.81 -52.15 1.36
N LYS K 167 32.10 -52.47 1.34
CA LYS K 167 32.63 -53.50 2.24
C LYS K 167 32.50 -53.06 3.69
N LYS K 168 32.80 -51.79 3.97
CA LYS K 168 32.84 -51.32 5.35
C LYS K 168 31.47 -51.00 5.92
N VAL K 169 30.50 -50.63 5.08
CA VAL K 169 29.17 -50.27 5.55
C VAL K 169 28.09 -51.24 5.11
N GLY K 170 28.44 -52.26 4.34
CA GLY K 170 27.43 -53.19 3.84
C GLY K 170 26.97 -52.83 2.45
N ARG K 171 26.55 -53.85 1.70
CA ARG K 171 26.15 -53.64 0.31
C ARG K 171 24.87 -52.83 0.19
N LYS K 172 24.11 -52.65 1.27
CA LYS K 172 22.91 -51.84 1.28
C LYS K 172 22.98 -50.76 2.35
N GLY K 173 24.16 -50.18 2.53
CA GLY K 173 24.35 -49.11 3.49
C GLY K 173 23.96 -47.77 2.92
N VAL K 174 24.23 -46.73 3.71
CA VAL K 174 23.94 -45.35 3.33
C VAL K 174 25.25 -44.69 2.95
N ILE K 175 25.41 -44.42 1.66
CA ILE K 175 26.60 -43.77 1.11
C ILE K 175 26.17 -42.47 0.44
N THR K 176 26.81 -41.38 0.82
CA THR K 176 26.53 -40.07 0.26
C THR K 176 27.77 -39.50 -0.40
N VAL K 177 27.56 -38.64 -1.38
CA VAL K 177 28.63 -38.05 -2.17
C VAL K 177 28.51 -36.53 -2.08
N LYS K 178 29.62 -35.86 -1.80
CA LYS K 178 29.61 -34.41 -1.78
C LYS K 178 30.98 -33.89 -2.19
N ASP K 179 31.00 -32.62 -2.61
CA ASP K 179 32.22 -32.01 -3.12
C ASP K 179 33.29 -31.92 -2.05
N GLY K 180 34.54 -32.10 -2.47
CA GLY K 180 35.69 -32.00 -1.60
C GLY K 180 36.57 -30.82 -1.99
N LYS K 181 37.19 -30.20 -0.99
CA LYS K 181 38.07 -29.06 -1.20
C LYS K 181 39.50 -29.46 -1.53
N THR K 182 39.79 -30.76 -1.55
CA THR K 182 41.13 -31.25 -1.81
C THR K 182 41.26 -31.71 -3.27
N LEU K 183 42.40 -32.31 -3.60
CA LEU K 183 42.67 -32.75 -4.96
C LEU K 183 42.22 -34.17 -5.24
N ASN K 184 42.27 -35.05 -4.24
CA ASN K 184 41.98 -36.47 -4.42
C ASN K 184 40.77 -36.86 -3.60
N ASP K 185 40.06 -37.89 -4.07
CA ASP K 185 38.84 -38.34 -3.41
C ASP K 185 39.16 -38.93 -2.04
N GLU K 186 38.25 -38.72 -1.09
CA GLU K 186 38.39 -39.26 0.25
C GLU K 186 37.11 -39.98 0.65
N LEU K 187 37.27 -41.02 1.46
CA LEU K 187 36.16 -41.80 1.99
C LEU K 187 36.24 -41.79 3.51
N GLU K 188 35.14 -41.42 4.17
CA GLU K 188 35.07 -41.44 5.62
C GLU K 188 33.86 -42.24 6.06
N ILE K 189 34.01 -42.95 7.18
CA ILE K 189 32.97 -43.79 7.74
C ILE K 189 32.59 -43.23 9.10
N ILE K 190 31.31 -42.97 9.28
CA ILE K 190 30.76 -42.50 10.55
C ILE K 190 30.09 -43.68 11.23
N GLU K 191 30.63 -44.09 12.37
CA GLU K 191 30.12 -45.21 13.15
C GLU K 191 29.38 -44.70 14.37
N GLY K 192 28.52 -45.56 14.91
CA GLY K 192 27.72 -45.16 16.05
C GLY K 192 26.71 -44.10 15.67
N MET K 193 26.39 -43.23 16.61
CA MET K 193 25.43 -42.16 16.41
C MET K 193 26.15 -40.82 16.45
N LYS K 194 25.90 -40.00 15.42
CA LYS K 194 26.53 -38.69 15.33
C LYS K 194 25.57 -37.74 14.62
N PHE K 195 25.28 -36.61 15.26
CA PHE K 195 24.35 -35.62 14.74
C PHE K 195 24.97 -34.24 14.81
N ASP K 196 24.54 -33.36 13.89
CA ASP K 196 25.14 -32.05 13.73
C ASP K 196 24.55 -31.04 14.72
N ARG K 197 24.78 -31.31 16.00
CA ARG K 197 24.37 -30.41 17.07
C ARG K 197 25.50 -30.30 18.08
N GLY K 198 26.15 -29.13 18.13
CA GLY K 198 27.27 -28.93 19.02
C GLY K 198 26.85 -28.44 20.40
N TYR K 199 27.82 -28.32 21.28
CA TYR K 199 27.57 -27.84 22.63
C TYR K 199 27.15 -26.38 22.60
N ILE K 200 26.35 -25.99 23.59
CA ILE K 200 25.79 -24.63 23.62
C ILE K 200 26.82 -23.63 24.11
N SER K 201 27.34 -23.84 25.31
CA SER K 201 28.27 -22.81 25.76
C SER K 201 29.71 -23.30 25.70
N PRO K 202 30.64 -22.44 25.28
CA PRO K 202 32.06 -22.80 25.20
C PRO K 202 32.75 -22.84 26.56
N TYR K 203 32.15 -23.56 27.50
CA TYR K 203 32.71 -23.69 28.84
C TYR K 203 32.85 -25.14 29.30
N PHE K 204 32.37 -26.10 28.53
CA PHE K 204 32.51 -27.52 28.86
C PHE K 204 33.76 -28.15 28.27
N ILE K 205 34.57 -27.38 27.53
CA ILE K 205 35.74 -27.93 26.88
C ILE K 205 36.76 -28.32 27.94
N ASN K 206 37.23 -29.57 27.88
CA ASN K 206 38.23 -30.08 28.81
C ASN K 206 39.26 -30.93 28.07
N THR K 207 39.70 -30.46 26.91
CA THR K 207 40.66 -31.21 26.09
C THR K 207 41.84 -30.33 25.75
N SER K 208 42.99 -30.98 25.52
CA SER K 208 44.18 -30.26 25.09
C SER K 208 44.08 -29.85 23.63
N LYS K 209 43.60 -30.74 22.77
CA LYS K 209 43.57 -30.52 21.33
C LYS K 209 42.16 -30.70 20.79
N GLY K 210 41.78 -29.84 19.84
CA GLY K 210 40.50 -29.93 19.19
C GLY K 210 39.41 -29.06 19.79
N GLN K 211 39.58 -28.62 21.04
CA GLN K 211 38.61 -27.77 21.72
C GLN K 211 37.22 -28.42 21.75
N LYS K 212 37.20 -29.71 22.09
CA LYS K 212 35.97 -30.47 22.23
C LYS K 212 35.85 -30.98 23.67
N CYS K 213 34.78 -31.72 23.93
CA CYS K 213 34.53 -32.32 25.23
C CYS K 213 34.48 -33.83 25.06
N GLU K 214 35.38 -34.54 25.74
CA GLU K 214 35.51 -35.98 25.59
C GLU K 214 35.26 -36.65 26.93
N PHE K 215 34.37 -37.64 26.93
CA PHE K 215 34.04 -38.41 28.12
C PHE K 215 34.06 -39.89 27.79
N GLN K 216 34.42 -40.69 28.78
CA GLN K 216 34.42 -42.15 28.66
C GLN K 216 33.57 -42.75 29.78
N ASP K 217 32.72 -43.70 29.41
CA ASP K 217 31.78 -44.33 30.34
C ASP K 217 30.94 -43.24 31.02
N ALA K 218 30.12 -42.60 30.21
CA ALA K 218 29.37 -41.42 30.62
C ALA K 218 27.88 -41.71 30.68
N TYR K 219 27.22 -41.04 31.62
CA TYR K 219 25.76 -41.05 31.71
C TYR K 219 25.16 -40.14 30.64
N VAL K 220 23.99 -40.54 30.16
CA VAL K 220 23.26 -39.79 29.14
C VAL K 220 21.82 -39.63 29.60
N LEU K 221 21.34 -38.38 29.62
CA LEU K 221 19.96 -38.05 29.97
C LEU K 221 19.33 -37.36 28.77
N LEU K 222 18.23 -37.91 28.27
CA LEU K 222 17.55 -37.41 27.09
C LEU K 222 16.20 -36.83 27.50
N SER K 223 15.96 -35.57 27.15
CA SER K 223 14.71 -34.89 27.47
C SER K 223 14.08 -34.38 26.19
N GLU K 224 12.84 -34.80 25.95
CA GLU K 224 12.14 -34.33 24.75
C GLU K 224 11.74 -32.86 24.88
N LYS K 225 11.50 -32.39 26.09
CA LYS K 225 11.15 -30.99 26.31
C LYS K 225 12.39 -30.19 26.71
N LYS K 226 12.21 -28.87 26.75
CA LYS K 226 13.31 -27.98 27.12
C LYS K 226 13.63 -28.11 28.61
N ILE K 227 14.84 -27.70 28.97
CA ILE K 227 15.30 -27.77 30.36
C ILE K 227 15.50 -26.33 30.82
N SER K 228 14.63 -25.87 31.71
CA SER K 228 14.71 -24.53 32.26
C SER K 228 14.64 -24.49 33.78
N SER K 229 13.85 -25.35 34.39
CA SER K 229 13.65 -25.33 35.83
C SER K 229 14.87 -25.85 36.57
N ILE K 230 15.15 -25.25 37.72
CA ILE K 230 16.27 -25.70 38.56
C ILE K 230 16.02 -27.12 39.03
N GLN K 231 14.82 -27.39 39.54
CA GLN K 231 14.50 -28.71 40.07
C GLN K 231 14.34 -29.76 38.97
N SER K 232 14.25 -29.34 37.71
CA SER K 232 14.15 -30.30 36.62
C SER K 232 15.49 -30.90 36.23
N ILE K 233 16.60 -30.30 36.65
CA ILE K 233 17.93 -30.78 36.28
C ILE K 233 18.78 -31.13 37.49
N VAL K 234 18.45 -30.63 38.69
CA VAL K 234 19.29 -30.89 39.86
C VAL K 234 19.39 -32.37 40.20
N PRO K 235 18.29 -33.15 40.28
CA PRO K 235 18.44 -34.56 40.70
C PRO K 235 19.35 -35.39 39.80
N ALA K 236 19.32 -35.13 38.49
CA ALA K 236 20.25 -35.83 37.60
C ALA K 236 21.69 -35.49 37.94
N LEU K 237 21.96 -34.22 38.24
CA LEU K 237 23.30 -33.82 38.67
C LEU K 237 23.67 -34.49 39.98
N GLU K 238 22.71 -34.64 40.90
CA GLU K 238 22.98 -35.34 42.15
C GLU K 238 23.38 -36.78 41.88
N ILE K 239 22.65 -37.46 40.99
CA ILE K 239 22.96 -38.84 40.65
C ILE K 239 24.35 -38.93 40.04
N ALA K 240 24.65 -38.03 39.10
CA ALA K 240 25.96 -38.05 38.44
C ALA K 240 27.10 -37.80 39.42
N ASN K 241 26.93 -36.84 40.33
CA ASN K 241 27.96 -36.53 41.30
C ASN K 241 28.15 -37.68 42.28
N ALA K 242 27.05 -38.29 42.74
CA ALA K 242 27.17 -39.42 43.65
C ALA K 242 27.88 -40.58 43.00
N HIS K 243 27.55 -40.88 41.73
CA HIS K 243 28.21 -41.96 41.02
C HIS K 243 29.55 -41.55 40.44
N ARG K 244 29.89 -40.27 40.47
CA ARG K 244 31.18 -39.76 39.99
C ARG K 244 31.43 -40.15 38.54
N LYS K 245 30.45 -39.86 37.69
CA LYS K 245 30.56 -40.16 36.27
C LYS K 245 30.13 -38.96 35.45
N PRO K 246 30.74 -38.76 34.28
CA PRO K 246 30.36 -37.63 33.43
C PRO K 246 28.94 -37.79 32.91
N LEU K 247 28.30 -36.66 32.63
CA LEU K 247 26.90 -36.63 32.25
C LEU K 247 26.69 -35.77 31.00
N VAL K 248 25.85 -36.26 30.11
CA VAL K 248 25.44 -35.56 28.90
C VAL K 248 23.94 -35.30 28.99
N ILE K 249 23.52 -34.10 28.62
CA ILE K 249 22.12 -33.70 28.64
C ILE K 249 21.73 -33.38 27.21
N ILE K 250 20.99 -34.27 26.56
CA ILE K 250 20.54 -34.06 25.19
C ILE K 250 19.06 -33.69 25.22
N ALA K 251 18.75 -32.49 24.74
CA ALA K 251 17.38 -32.00 24.81
C ALA K 251 17.15 -31.01 23.68
N GLU K 252 15.91 -30.52 23.57
CA GLU K 252 15.62 -29.49 22.57
C GLU K 252 16.44 -28.23 22.83
N ASP K 253 16.52 -27.80 24.08
CA ASP K 253 17.33 -26.66 24.47
C ASP K 253 17.45 -26.63 25.99
N VAL K 254 18.63 -26.27 26.46
CA VAL K 254 18.87 -26.00 27.87
C VAL K 254 18.77 -24.49 28.02
N ASP K 255 17.86 -24.04 28.88
CA ASP K 255 17.59 -22.62 28.99
C ASP K 255 18.60 -21.94 29.91
N GLY K 256 18.48 -20.61 30.01
CA GLY K 256 19.53 -19.82 30.63
C GLY K 256 19.78 -20.17 32.09
N GLU K 257 18.72 -20.45 32.83
CA GLU K 257 18.87 -20.80 34.24
C GLU K 257 19.66 -22.11 34.39
N ALA K 258 19.26 -23.14 33.66
CA ALA K 258 19.97 -24.41 33.73
C ALA K 258 21.36 -24.31 33.12
N LEU K 259 21.53 -23.51 32.07
CA LEU K 259 22.86 -23.28 31.52
C LEU K 259 23.78 -22.66 32.57
N SER K 260 23.28 -21.65 33.29
CA SER K 260 24.08 -21.02 34.32
C SER K 260 24.42 -22.01 35.43
N THR K 261 23.44 -22.81 35.85
CA THR K 261 23.71 -23.81 36.88
C THR K 261 24.80 -24.78 36.44
N LEU K 262 24.67 -25.34 35.23
CA LEU K 262 25.63 -26.32 34.74
C LEU K 262 27.02 -25.70 34.60
N VAL K 263 27.10 -24.51 34.01
CA VAL K 263 28.40 -23.88 33.79
C VAL K 263 29.06 -23.55 35.12
N LEU K 264 28.29 -23.00 36.06
CA LEU K 264 28.84 -22.64 37.37
C LEU K 264 29.36 -23.88 38.09
N ASN K 265 28.57 -24.96 38.08
CA ASN K 265 29.01 -26.17 38.77
C ASN K 265 30.26 -26.75 38.11
N ARG K 266 30.27 -26.83 36.78
CA ARG K 266 31.42 -27.40 36.08
C ARG K 266 32.68 -26.57 36.29
N LEU K 267 32.54 -25.24 36.36
CA LEU K 267 33.70 -24.39 36.55
C LEU K 267 34.18 -24.41 38.00
N LYS K 268 33.27 -24.51 38.96
CA LYS K 268 33.66 -24.46 40.37
C LYS K 268 34.14 -25.81 40.87
N VAL K 269 33.26 -26.82 40.86
CA VAL K 269 33.60 -28.11 41.44
C VAL K 269 34.16 -29.09 40.42
N GLY K 270 34.23 -28.70 39.15
CA GLY K 270 34.71 -29.60 38.12
C GLY K 270 33.77 -30.76 37.84
N LEU K 271 32.47 -30.51 37.85
CA LEU K 271 31.49 -31.56 37.54
C LEU K 271 31.48 -31.80 36.04
N GLN K 272 31.86 -33.01 35.64
CA GLN K 272 31.90 -33.37 34.23
C GLN K 272 30.48 -33.45 33.69
N VAL K 273 30.08 -32.45 32.90
CA VAL K 273 28.73 -32.41 32.34
C VAL K 273 28.78 -31.58 31.07
N VAL K 274 27.97 -31.98 30.09
CA VAL K 274 27.86 -31.26 28.82
C VAL K 274 26.39 -31.26 28.38
N ALA K 275 26.05 -30.31 27.52
CA ALA K 275 24.69 -30.14 27.02
C ALA K 275 24.68 -30.09 25.51
N VAL K 276 23.71 -30.77 24.90
CA VAL K 276 23.60 -30.87 23.45
C VAL K 276 22.13 -30.69 23.05
N LYS K 277 21.92 -29.94 21.98
CA LYS K 277 20.59 -29.78 21.41
C LYS K 277 20.15 -31.07 20.70
N ALA K 278 18.86 -31.35 20.76
CA ALA K 278 18.33 -32.56 20.17
C ALA K 278 18.29 -32.44 18.65
N PRO K 279 18.82 -33.41 17.91
CA PRO K 279 18.73 -33.36 16.45
C PRO K 279 17.30 -33.55 15.98
N GLY K 280 17.01 -33.02 14.80
CA GLY K 280 15.68 -33.09 14.22
C GLY K 280 14.82 -31.90 14.60
N PHE K 281 13.84 -31.62 13.74
CA PHE K 281 12.95 -30.48 13.94
C PHE K 281 11.47 -30.83 13.97
N GLY K 282 11.09 -32.08 13.70
CA GLY K 282 9.70 -32.47 13.76
C GLY K 282 9.51 -33.79 14.47
N ASP K 283 8.68 -34.67 13.90
CA ASP K 283 8.55 -36.02 14.45
C ASP K 283 9.85 -36.78 14.36
N ASN K 284 10.69 -36.44 13.38
CA ASN K 284 12.01 -37.06 13.27
C ASN K 284 12.84 -36.81 14.53
N ARG K 285 12.66 -35.66 15.17
CA ARG K 285 13.35 -35.41 16.44
C ARG K 285 12.96 -36.45 17.48
N LYS K 286 11.66 -36.72 17.62
CA LYS K 286 11.21 -37.72 18.58
C LYS K 286 11.70 -39.11 18.21
N ASN K 287 11.68 -39.45 16.92
CA ASN K 287 12.16 -40.76 16.49
C ASN K 287 13.64 -40.93 16.82
N GLN K 288 14.46 -39.91 16.54
CA GLN K 288 15.88 -39.98 16.85
C GLN K 288 16.11 -40.04 18.36
N LEU K 289 15.32 -39.30 19.13
CA LEU K 289 15.45 -39.36 20.59
C LEU K 289 15.18 -40.77 21.10
N LYS K 290 14.11 -41.39 20.61
CA LYS K 290 13.83 -42.77 20.99
C LYS K 290 14.94 -43.71 20.54
N ASP K 291 15.53 -43.43 19.38
CA ASP K 291 16.60 -44.28 18.87
C ASP K 291 17.84 -44.22 19.77
N MET K 292 18.26 -43.02 20.17
CA MET K 292 19.41 -42.98 21.08
C MET K 292 19.04 -43.48 22.46
N ALA K 293 17.76 -43.36 22.85
CA ALA K 293 17.33 -43.94 24.13
C ALA K 293 17.49 -45.46 24.10
N ILE K 294 17.10 -46.09 23.00
CA ILE K 294 17.23 -47.54 22.88
C ILE K 294 18.69 -47.94 22.75
N ALA K 295 19.47 -47.20 21.96
CA ALA K 295 20.87 -47.57 21.74
C ALA K 295 21.68 -47.45 23.02
N THR K 296 21.54 -46.33 23.73
CA THR K 296 22.27 -46.17 24.98
C THR K 296 21.65 -47.00 26.10
N GLY K 297 20.32 -47.06 26.16
CA GLY K 297 19.63 -47.80 27.19
C GLY K 297 19.11 -46.90 28.29
N GLY K 298 17.82 -46.56 28.21
CA GLY K 298 17.24 -45.65 29.18
C GLY K 298 15.82 -45.26 28.82
N ALA K 299 15.48 -43.99 28.98
CA ALA K 299 14.15 -43.51 28.69
C ALA K 299 14.21 -42.05 28.27
N VAL K 300 13.16 -41.62 27.58
CA VAL K 300 13.01 -40.23 27.15
C VAL K 300 12.09 -39.53 28.15
N PHE K 301 12.57 -38.42 28.71
CA PHE K 301 11.82 -37.69 29.72
C PHE K 301 10.98 -36.61 29.05
N GLY K 302 9.69 -36.59 29.35
CA GLY K 302 8.77 -35.65 28.75
C GLY K 302 8.02 -36.15 27.53
N GLU K 303 8.03 -37.45 27.27
CA GLU K 303 7.32 -38.00 26.13
C GLU K 303 5.81 -37.95 26.38
N GLU K 304 5.05 -37.76 25.30
CA GLU K 304 3.60 -37.64 25.41
C GLU K 304 2.94 -38.95 25.82
N GLY K 305 3.61 -40.08 25.65
CA GLY K 305 3.02 -41.36 25.96
C GLY K 305 2.97 -41.66 27.45
N LEU K 306 4.13 -41.64 28.10
CA LEU K 306 4.22 -41.94 29.53
C LEU K 306 4.43 -40.72 30.41
N THR K 307 5.03 -39.66 29.87
CA THR K 307 5.33 -38.44 30.62
C THR K 307 6.15 -38.76 31.87
N LEU K 308 7.36 -39.29 31.63
CA LEU K 308 8.31 -39.57 32.70
C LEU K 308 8.90 -38.24 33.15
N ASN K 309 8.44 -37.74 34.28
CA ASN K 309 8.90 -36.44 34.77
C ASN K 309 10.37 -36.52 35.18
N LEU K 310 11.09 -35.42 34.94
CA LEU K 310 12.51 -35.37 35.23
C LEU K 310 12.81 -35.37 36.72
N GLU K 311 11.84 -34.95 37.54
CA GLU K 311 12.07 -34.91 38.98
C GLU K 311 12.31 -36.31 39.54
N ASP K 312 11.56 -37.30 39.08
CA ASP K 312 11.72 -38.67 39.55
C ASP K 312 12.70 -39.45 38.68
N VAL K 313 13.89 -38.88 38.50
CA VAL K 313 14.94 -39.54 37.72
C VAL K 313 15.64 -40.56 38.61
N GLN K 314 16.03 -41.68 38.02
CA GLN K 314 16.67 -42.78 38.73
C GLN K 314 17.99 -43.12 38.06
N PRO K 315 18.95 -43.70 38.79
CA PRO K 315 20.22 -44.08 38.16
C PRO K 315 20.06 -45.07 37.02
N HIS K 316 19.00 -45.87 37.03
CA HIS K 316 18.74 -46.81 35.93
C HIS K 316 18.03 -46.17 34.76
N ASP K 317 17.68 -44.88 34.84
CA ASP K 317 17.05 -44.17 33.75
C ASP K 317 18.04 -43.44 32.86
N LEU K 318 19.34 -43.55 33.14
CA LEU K 318 20.38 -42.86 32.40
C LEU K 318 21.14 -43.85 31.54
N GLY K 319 21.31 -43.52 30.26
CA GLY K 319 22.07 -44.38 29.38
C GLY K 319 23.55 -44.33 29.67
N LYS K 320 24.26 -45.39 29.25
CA LYS K 320 25.70 -45.48 29.42
C LYS K 320 26.36 -45.49 28.04
N VAL K 321 27.32 -44.60 27.83
CA VAL K 321 28.06 -44.52 26.58
C VAL K 321 29.53 -44.77 26.86
N GLY K 322 30.15 -45.60 26.02
CA GLY K 322 31.56 -45.90 26.21
C GLY K 322 32.46 -44.71 25.98
N GLU K 323 32.13 -43.88 24.99
CA GLU K 323 32.96 -42.72 24.67
C GLU K 323 32.12 -41.73 23.89
N VAL K 324 32.10 -40.47 24.31
CA VAL K 324 31.33 -39.42 23.65
C VAL K 324 32.21 -38.19 23.47
N ILE K 325 32.20 -37.65 22.25
CA ILE K 325 32.89 -36.39 21.95
C ILE K 325 31.89 -35.42 21.36
N VAL K 326 32.00 -34.16 21.74
CA VAL K 326 31.14 -33.10 21.23
C VAL K 326 32.00 -31.88 20.94
N THR K 327 31.83 -31.31 19.75
CA THR K 327 32.60 -30.13 19.35
C THR K 327 31.65 -29.01 18.93
N LYS K 328 32.21 -27.95 18.34
CA LYS K 328 31.43 -26.75 18.05
C LYS K 328 30.28 -27.01 17.09
N ASP K 329 30.40 -28.03 16.23
CA ASP K 329 29.42 -28.26 15.18
C ASP K 329 28.61 -29.54 15.34
N ASP K 330 29.19 -30.61 15.88
CA ASP K 330 28.46 -31.87 15.97
C ASP K 330 28.98 -32.69 17.14
N ALA K 331 28.18 -33.66 17.56
CA ALA K 331 28.50 -34.55 18.66
C ALA K 331 28.28 -35.99 18.22
N MET K 332 29.09 -36.90 18.74
CA MET K 332 28.98 -38.31 18.42
C MET K 332 28.95 -39.14 19.70
N LEU K 333 28.26 -40.27 19.64
CA LEU K 333 28.15 -41.19 20.76
C LEU K 333 28.60 -42.58 20.31
N LEU K 334 29.47 -43.20 21.09
CA LEU K 334 30.04 -44.50 20.74
C LEU K 334 29.89 -45.46 21.89
N LYS K 335 29.78 -46.74 21.55
CA LYS K 335 29.72 -47.85 22.52
C LYS K 335 28.56 -47.67 23.50
N GLY K 336 27.36 -47.48 22.96
CA GLY K 336 26.18 -47.40 23.79
C GLY K 336 25.91 -48.73 24.49
N LYS K 337 25.74 -48.67 25.80
CA LYS K 337 25.52 -49.89 26.60
C LYS K 337 24.04 -50.21 26.67
N GLY K 338 23.48 -50.52 25.51
CA GLY K 338 22.07 -50.86 25.38
C GLY K 338 21.91 -52.35 25.10
N ASP K 339 20.76 -52.89 25.49
CA ASP K 339 20.48 -54.29 25.25
C ASP K 339 20.31 -54.55 23.76
N LYS K 340 20.91 -55.65 23.29
CA LYS K 340 20.89 -55.96 21.86
C LYS K 340 19.49 -56.31 21.37
N ALA K 341 18.65 -56.91 22.23
CA ALA K 341 17.31 -57.31 21.80
C ALA K 341 16.47 -56.09 21.45
N GLN K 342 16.51 -55.06 22.29
CA GLN K 342 15.74 -53.85 22.02
C GLN K 342 16.24 -53.15 20.76
N ILE K 343 17.55 -53.13 20.55
CA ILE K 343 18.12 -52.53 19.34
C ILE K 343 17.65 -53.30 18.10
N GLU K 344 17.67 -54.62 18.18
CA GLU K 344 17.21 -55.43 17.05
C GLU K 344 15.73 -55.21 16.77
N LYS K 345 14.92 -55.11 17.82
CA LYS K 345 13.50 -54.86 17.62
C LYS K 345 13.26 -53.48 17.00
N ARG K 346 14.02 -52.47 17.44
CA ARG K 346 13.91 -51.15 16.84
C ARG K 346 14.32 -51.18 15.38
N ILE K 347 15.38 -51.93 15.05
CA ILE K 347 15.80 -52.06 13.66
C ILE K 347 14.70 -52.70 12.82
N GLN K 348 14.09 -53.76 13.35
CA GLN K 348 12.98 -54.41 12.64
C GLN K 348 11.82 -53.43 12.44
N GLU K 349 11.53 -52.62 13.45
CA GLU K 349 10.46 -51.63 13.31
C GLU K 349 10.80 -50.62 12.23
N ILE K 350 12.06 -50.19 12.16
CA ILE K 350 12.45 -49.23 11.12
C ILE K 350 12.31 -49.85 9.73
N ILE K 351 12.77 -51.08 9.55
CA ILE K 351 12.64 -51.71 8.23
C ILE K 351 11.16 -51.95 7.90
N GLU K 352 10.32 -52.16 8.91
CA GLU K 352 8.90 -52.32 8.64
C GLU K 352 8.26 -51.00 8.21
N GLN K 353 8.61 -49.91 8.90
CA GLN K 353 8.13 -48.59 8.48
C GLN K 353 8.68 -48.19 7.12
N LEU K 354 9.81 -48.76 6.71
CA LEU K 354 10.32 -48.53 5.36
C LEU K 354 9.45 -49.17 4.29
N ASP K 355 8.55 -50.09 4.66
CA ASP K 355 7.79 -50.88 3.69
C ASP K 355 6.29 -50.73 3.89
N VAL K 356 5.82 -49.53 4.22
CA VAL K 356 4.39 -49.25 4.31
C VAL K 356 3.94 -48.26 3.26
N THR K 357 4.75 -47.23 3.01
CA THR K 357 4.43 -46.20 2.02
C THR K 357 5.72 -45.48 1.65
N THR K 358 5.58 -44.46 0.80
CA THR K 358 6.72 -43.66 0.38
C THR K 358 6.32 -42.19 0.34
N SER K 359 7.26 -41.32 0.69
CA SER K 359 7.04 -39.88 0.63
C SER K 359 8.26 -39.13 0.10
N GLU K 360 9.26 -39.84 -0.44
CA GLU K 360 10.46 -39.25 -1.04
C GLU K 360 11.36 -38.59 -0.01
N TYR K 361 10.93 -38.57 1.26
CA TYR K 361 11.75 -37.99 2.32
C TYR K 361 11.78 -38.91 3.53
N GLU K 362 10.68 -39.64 3.78
CA GLU K 362 10.64 -40.51 4.95
C GLU K 362 11.54 -41.73 4.77
N LYS K 363 11.65 -42.25 3.54
CA LYS K 363 12.55 -43.37 3.30
C LYS K 363 14.00 -42.99 3.58
N GLU K 364 14.40 -41.79 3.18
CA GLU K 364 15.76 -41.34 3.44
C GLU K 364 16.03 -41.25 4.93
N LYS K 365 15.09 -40.69 5.69
CA LYS K 365 15.27 -40.59 7.14
C LYS K 365 15.31 -41.96 7.79
N LEU K 366 14.43 -42.87 7.37
CA LEU K 366 14.44 -44.21 7.93
C LEU K 366 15.75 -44.93 7.64
N ASN K 367 16.25 -44.80 6.41
CA ASN K 367 17.54 -45.41 6.08
C ASN K 367 18.67 -44.80 6.88
N GLU K 368 18.64 -43.48 7.09
CA GLU K 368 19.67 -42.83 7.89
C GLU K 368 19.65 -43.36 9.32
N ARG K 369 18.46 -43.47 9.92
CA ARG K 369 18.36 -43.97 11.28
C ARG K 369 18.81 -45.41 11.38
N LEU K 370 18.43 -46.24 10.41
CA LEU K 370 18.83 -47.64 10.41
C LEU K 370 20.35 -47.77 10.29
N ALA K 371 20.96 -46.97 9.42
CA ALA K 371 22.42 -47.00 9.27
C ALA K 371 23.10 -46.54 10.56
N LYS K 372 22.58 -45.49 11.18
CA LYS K 372 23.15 -45.01 12.44
C LYS K 372 23.05 -46.07 13.53
N LEU K 373 21.98 -46.87 13.52
CA LEU K 373 21.82 -47.90 14.54
C LEU K 373 22.75 -49.08 14.29
N SER K 374 22.90 -49.51 13.04
CA SER K 374 23.55 -50.77 12.73
C SER K 374 25.05 -50.62 12.41
N ASP K 375 25.39 -49.89 11.35
CA ASP K 375 26.75 -49.91 10.83
C ASP K 375 27.33 -48.54 10.50
N GLY K 376 26.59 -47.46 10.66
CA GLY K 376 27.09 -46.14 10.30
C GLY K 376 26.89 -45.85 8.82
N VAL K 377 27.38 -44.69 8.42
CA VAL K 377 27.20 -44.18 7.06
C VAL K 377 28.57 -43.93 6.45
N ALA K 378 28.60 -43.75 5.13
CA ALA K 378 29.84 -43.44 4.42
C ALA K 378 29.66 -42.14 3.63
N VAL K 379 30.71 -41.31 3.64
CA VAL K 379 30.71 -40.04 2.93
C VAL K 379 31.91 -40.01 2.00
N LEU K 380 31.67 -39.60 0.76
CA LEU K 380 32.70 -39.52 -0.28
C LEU K 380 32.92 -38.06 -0.63
N LYS K 381 34.08 -37.54 -0.25
CA LYS K 381 34.50 -36.20 -0.66
C LYS K 381 35.16 -36.31 -2.03
N VAL K 382 34.51 -35.76 -3.04
CA VAL K 382 35.02 -35.80 -4.41
C VAL K 382 35.99 -34.65 -4.59
N GLY K 383 37.27 -34.98 -4.83
CA GLY K 383 38.29 -33.97 -4.96
C GLY K 383 38.41 -33.41 -6.36
N GLY K 384 39.11 -32.28 -6.45
CA GLY K 384 39.33 -31.64 -7.73
C GLY K 384 39.94 -30.27 -7.54
N THR K 385 40.29 -29.66 -8.67
CA THR K 385 40.92 -28.34 -8.66
C THR K 385 39.89 -27.22 -8.70
N SER K 386 39.07 -27.18 -9.73
CA SER K 386 38.05 -26.16 -9.91
C SER K 386 36.66 -26.74 -9.64
N ASP K 387 35.65 -25.89 -9.79
CA ASP K 387 34.29 -26.32 -9.49
C ASP K 387 33.73 -27.22 -10.58
N VAL K 388 34.04 -26.93 -11.85
CA VAL K 388 33.49 -27.70 -12.95
C VAL K 388 34.02 -29.13 -12.93
N GLU K 389 35.32 -29.29 -12.67
CA GLU K 389 35.91 -30.63 -12.58
C GLU K 389 35.30 -31.42 -11.44
N VAL K 390 35.11 -30.78 -10.28
CA VAL K 390 34.50 -31.44 -9.13
C VAL K 390 33.08 -31.87 -9.46
N ASN K 391 32.32 -31.00 -10.13
CA ASN K 391 30.94 -31.34 -10.47
C ASN K 391 30.89 -32.51 -11.45
N GLU K 392 31.77 -32.52 -12.44
CA GLU K 392 31.80 -33.62 -13.39
C GLU K 392 32.14 -34.94 -12.70
N LYS K 393 33.17 -34.93 -11.85
CA LYS K 393 33.53 -36.15 -11.14
C LYS K 393 32.42 -36.58 -10.18
N LYS K 394 31.72 -35.61 -9.58
CA LYS K 394 30.60 -35.94 -8.70
C LYS K 394 29.48 -36.63 -9.47
N ASP K 395 29.17 -36.12 -10.66
CA ASP K 395 28.15 -36.78 -11.49
C ASP K 395 28.58 -38.19 -11.85
N ARG K 396 29.85 -38.38 -12.21
CA ARG K 396 30.32 -39.72 -12.54
C ARG K 396 30.23 -40.65 -11.33
N VAL K 397 30.58 -40.15 -10.14
CA VAL K 397 30.55 -40.98 -8.94
C VAL K 397 29.11 -41.35 -8.58
N THR K 398 28.17 -40.40 -8.73
CA THR K 398 26.77 -40.72 -8.48
C THR K 398 26.26 -41.76 -9.46
N ASP K 399 26.66 -41.66 -10.72
CA ASP K 399 26.29 -42.68 -11.69
C ASP K 399 26.85 -44.04 -11.29
N ALA K 400 28.10 -44.07 -10.83
CA ALA K 400 28.70 -45.33 -10.40
C ALA K 400 27.95 -45.92 -9.21
N LEU K 401 27.57 -45.08 -8.25
CA LEU K 401 26.82 -45.57 -7.09
C LEU K 401 25.47 -46.15 -7.50
N ASN K 402 24.75 -45.43 -8.37
CA ASN K 402 23.45 -45.93 -8.82
C ASN K 402 23.60 -47.26 -9.56
N ALA K 403 24.60 -47.36 -10.44
CA ALA K 403 24.80 -48.59 -11.18
C ALA K 403 25.19 -49.74 -10.26
N THR K 404 26.02 -49.47 -9.26
CA THR K 404 26.41 -50.52 -8.32
C THR K 404 25.21 -51.00 -7.50
N ARG K 405 24.36 -50.07 -7.08
CA ARG K 405 23.16 -50.47 -6.34
C ARG K 405 22.24 -51.32 -7.22
N ALA K 406 22.07 -50.92 -8.49
CA ALA K 406 21.24 -51.70 -9.40
C ALA K 406 21.82 -53.10 -9.62
N ALA K 407 23.14 -53.19 -9.78
CA ALA K 407 23.79 -54.49 -9.97
C ALA K 407 23.62 -55.37 -8.73
N VAL K 408 23.72 -54.78 -7.54
CA VAL K 408 23.51 -55.54 -6.32
C VAL K 408 22.07 -56.06 -6.26
N GLU K 409 21.10 -55.20 -6.60
CA GLU K 409 19.71 -55.59 -6.44
C GLU K 409 19.29 -56.65 -7.47
N GLU K 410 19.74 -56.52 -8.72
CA GLU K 410 19.23 -57.36 -9.79
C GLU K 410 20.24 -58.31 -10.41
N GLY K 411 21.49 -57.91 -10.55
CA GLY K 411 22.51 -58.75 -11.15
C GLY K 411 23.25 -58.02 -12.25
N ILE K 412 24.03 -58.78 -13.01
CA ILE K 412 24.89 -58.23 -14.05
C ILE K 412 24.74 -59.02 -15.34
N VAL K 413 25.02 -58.35 -16.45
CA VAL K 413 25.05 -58.94 -17.78
C VAL K 413 26.29 -58.41 -18.49
N LEU K 414 26.55 -58.91 -19.69
CA LEU K 414 27.68 -58.46 -20.47
C LEU K 414 27.56 -56.97 -20.79
N GLY K 415 28.67 -56.25 -20.63
CA GLY K 415 28.70 -54.83 -20.91
C GLY K 415 28.91 -54.53 -22.38
N GLY K 416 29.11 -53.26 -22.67
CA GLY K 416 29.42 -52.83 -24.02
C GLY K 416 28.27 -52.91 -24.99
N GLY K 417 27.04 -53.14 -24.51
CA GLY K 417 25.90 -53.30 -25.38
C GLY K 417 25.72 -54.68 -25.95
N CYS K 418 26.61 -55.62 -25.63
CA CYS K 418 26.49 -56.97 -26.14
C CYS K 418 25.34 -57.75 -25.50
N ALA K 419 24.89 -57.31 -24.32
CA ALA K 419 23.77 -57.99 -23.68
C ALA K 419 22.51 -57.91 -24.53
N LEU K 420 22.26 -56.73 -25.12
CA LEU K 420 21.14 -56.60 -26.05
C LEU K 420 21.39 -57.36 -27.35
N LEU K 421 22.65 -57.41 -27.81
CA LEU K 421 22.97 -58.11 -29.04
C LEU K 421 22.68 -59.60 -28.92
N ARG K 422 23.01 -60.20 -27.78
CA ARG K 422 22.75 -61.62 -27.58
C ARG K 422 21.27 -61.94 -27.49
N CYS K 423 20.40 -60.94 -27.34
CA CYS K 423 18.96 -61.14 -27.26
C CYS K 423 18.29 -61.14 -28.63
N ILE K 424 19.05 -60.85 -29.70
CA ILE K 424 18.46 -60.86 -31.05
C ILE K 424 17.91 -62.23 -31.43
N PRO K 425 18.62 -63.35 -31.20
CA PRO K 425 18.02 -64.66 -31.53
C PRO K 425 16.73 -64.95 -30.78
N ALA K 426 16.53 -64.36 -29.60
CA ALA K 426 15.28 -64.55 -28.88
C ALA K 426 14.11 -63.96 -29.64
N LEU K 427 14.35 -62.93 -30.44
CA LEU K 427 13.29 -62.32 -31.25
C LEU K 427 12.93 -63.15 -32.46
N ASP K 428 13.79 -64.07 -32.88
CA ASP K 428 13.49 -64.94 -34.01
C ASP K 428 12.42 -65.97 -33.69
N SER K 429 12.13 -66.20 -32.41
CA SER K 429 11.13 -67.19 -32.01
C SER K 429 9.75 -66.59 -31.79
N LEU K 430 9.57 -65.30 -32.05
CA LEU K 430 8.28 -64.64 -31.87
C LEU K 430 7.43 -64.80 -33.12
N THR K 431 6.12 -64.99 -32.92
CA THR K 431 5.17 -65.13 -34.01
C THR K 431 4.25 -63.91 -34.04
N PRO K 432 4.43 -62.98 -34.97
CA PRO K 432 3.53 -61.83 -35.04
C PRO K 432 2.11 -62.24 -35.40
N ALA K 433 1.15 -61.51 -34.86
CA ALA K 433 -0.25 -61.79 -35.14
C ALA K 433 -0.65 -61.32 -36.53
N ASN K 434 0.01 -60.30 -37.06
CA ASN K 434 -0.28 -59.78 -38.39
C ASN K 434 0.97 -59.10 -38.94
N GLU K 435 0.80 -58.40 -40.06
CA GLU K 435 1.94 -57.77 -40.73
C GLU K 435 2.53 -56.65 -39.87
N ASP K 436 1.67 -55.87 -39.21
CA ASP K 436 2.16 -54.75 -38.42
C ASP K 436 2.98 -55.22 -37.23
N GLN K 437 2.57 -56.32 -36.59
CA GLN K 437 3.37 -56.88 -35.50
C GLN K 437 4.72 -57.37 -36.02
N LYS K 438 4.74 -57.93 -37.23
CA LYS K 438 6.01 -58.31 -37.85
C LYS K 438 6.89 -57.07 -38.05
N ILE K 439 6.29 -55.97 -38.51
CA ILE K 439 7.05 -54.74 -38.68
C ILE K 439 7.63 -54.27 -37.35
N GLY K 440 6.83 -54.32 -36.29
CA GLY K 440 7.33 -53.91 -34.98
C GLY K 440 8.45 -54.80 -34.46
N ILE K 441 8.32 -56.11 -34.66
CA ILE K 441 9.37 -57.04 -34.25
C ILE K 441 10.65 -56.76 -35.01
N GLU K 442 10.54 -56.50 -36.32
CA GLU K 442 11.72 -56.16 -37.11
C GLU K 442 12.34 -54.85 -36.65
N ILE K 443 11.50 -53.88 -36.27
CA ILE K 443 12.01 -52.60 -35.77
C ILE K 443 12.83 -52.82 -34.52
N ILE K 444 12.31 -53.61 -33.59
CA ILE K 444 13.04 -53.88 -32.35
C ILE K 444 14.32 -54.64 -32.63
N LYS K 445 14.26 -55.61 -33.56
CA LYS K 445 15.45 -56.39 -33.90
C LYS K 445 16.55 -55.50 -34.48
N ARG K 446 16.17 -54.56 -35.35
CA ARG K 446 17.16 -53.63 -35.89
C ARG K 446 17.68 -52.68 -34.82
N THR K 447 16.81 -52.25 -33.91
CA THR K 447 17.21 -51.30 -32.87
C THR K 447 18.16 -51.93 -31.87
N LEU K 448 18.08 -53.25 -31.68
CA LEU K 448 18.89 -53.90 -30.66
C LEU K 448 20.39 -53.72 -30.89
N LYS K 449 20.82 -53.43 -32.11
CA LYS K 449 22.24 -53.25 -32.41
C LYS K 449 22.73 -51.82 -32.19
N ILE K 450 21.83 -50.89 -31.84
CA ILE K 450 22.20 -49.47 -31.79
C ILE K 450 23.25 -49.18 -30.71
N PRO K 451 23.11 -49.62 -29.46
CA PRO K 451 24.11 -49.25 -28.45
C PRO K 451 25.52 -49.69 -28.81
N ALA K 452 25.69 -50.92 -29.30
CA ALA K 452 27.03 -51.39 -29.66
C ALA K 452 27.60 -50.60 -30.82
N MET K 453 26.76 -50.30 -31.83
CA MET K 453 27.24 -49.52 -32.97
C MET K 453 27.65 -48.12 -32.54
N THR K 454 26.87 -47.50 -31.65
CA THR K 454 27.22 -46.17 -31.17
C THR K 454 28.51 -46.19 -30.36
N ILE K 455 28.68 -47.19 -29.49
CA ILE K 455 29.89 -47.29 -28.71
C ILE K 455 31.11 -47.47 -29.60
N ALA K 456 30.99 -48.33 -30.62
CA ALA K 456 32.10 -48.52 -31.56
C ALA K 456 32.38 -47.25 -32.35
N LYS K 457 31.32 -46.55 -32.79
CA LYS K 457 31.50 -45.36 -33.59
C LYS K 457 32.19 -44.25 -32.81
N ASN K 458 31.83 -44.10 -31.53
CA ASN K 458 32.51 -43.10 -30.71
C ASN K 458 34.00 -43.43 -30.55
N ALA K 459 34.36 -44.70 -30.63
CA ALA K 459 35.75 -45.11 -30.54
C ALA K 459 36.53 -44.86 -31.82
N GLY K 460 35.86 -44.49 -32.91
CA GLY K 460 36.51 -44.23 -34.17
C GLY K 460 36.56 -45.38 -35.15
N VAL K 461 35.90 -46.49 -34.85
CA VAL K 461 35.87 -47.64 -35.73
C VAL K 461 34.48 -47.77 -36.34
N GLU K 462 34.37 -48.66 -37.33
CA GLU K 462 33.09 -48.89 -38.00
C GLU K 462 32.19 -49.73 -37.11
N GLY K 463 31.05 -49.17 -36.71
CA GLY K 463 30.18 -49.86 -35.78
C GLY K 463 29.58 -51.13 -36.36
N SER K 464 29.16 -51.09 -37.62
CA SER K 464 28.50 -52.24 -38.23
C SER K 464 29.42 -53.45 -38.28
N LEU K 465 30.68 -53.24 -38.67
CA LEU K 465 31.63 -54.36 -38.73
C LEU K 465 31.88 -54.95 -37.36
N ILE K 466 32.01 -54.10 -36.34
CA ILE K 466 32.24 -54.58 -34.98
C ILE K 466 31.04 -55.39 -34.50
N VAL K 467 29.82 -54.89 -34.78
CA VAL K 467 28.61 -55.60 -34.36
C VAL K 467 28.52 -56.95 -35.07
N GLU K 468 28.82 -56.98 -36.37
CA GLU K 468 28.77 -58.24 -37.11
C GLU K 468 29.79 -59.23 -36.56
N LYS K 469 31.00 -58.77 -36.27
CA LYS K 469 32.01 -59.67 -35.72
C LYS K 469 31.59 -60.18 -34.34
N ILE K 470 30.99 -59.32 -33.52
CA ILE K 470 30.48 -59.75 -32.23
C ILE K 470 29.43 -60.83 -32.39
N MET K 471 28.50 -60.64 -33.33
CA MET K 471 27.46 -61.62 -33.56
C MET K 471 28.05 -62.95 -34.04
N GLN K 472 29.04 -62.89 -34.93
CA GLN K 472 29.64 -64.11 -35.46
C GLN K 472 30.65 -64.73 -34.50
N SER K 473 30.99 -64.06 -33.40
CA SER K 473 31.92 -64.60 -32.42
C SER K 473 31.17 -65.60 -31.52
N SER K 474 31.82 -66.01 -30.43
CA SER K 474 31.21 -66.95 -29.52
C SER K 474 30.08 -66.28 -28.73
N SER K 475 29.49 -67.02 -27.81
CA SER K 475 28.39 -66.51 -27.00
C SER K 475 28.86 -65.64 -25.84
N GLU K 476 30.17 -65.44 -25.69
CA GLU K 476 30.70 -64.68 -24.55
C GLU K 476 31.65 -63.58 -25.01
N VAL K 477 32.32 -63.79 -26.15
CA VAL K 477 33.32 -62.84 -26.61
C VAL K 477 32.65 -61.52 -26.98
N GLY K 478 33.23 -60.41 -26.51
CA GLY K 478 32.71 -59.10 -26.84
C GLY K 478 33.81 -58.17 -27.30
N TYR K 479 33.50 -56.88 -27.45
CA TYR K 479 34.45 -55.91 -27.97
C TYR K 479 34.79 -54.89 -26.90
N ASP K 480 36.07 -54.78 -26.56
CA ASP K 480 36.59 -53.74 -25.67
C ASP K 480 36.91 -52.53 -26.54
N ALA K 481 36.11 -51.47 -26.40
CA ALA K 481 36.32 -50.26 -27.19
C ALA K 481 37.49 -49.43 -26.66
N MET K 482 37.73 -49.44 -25.35
CA MET K 482 38.85 -48.69 -24.80
C MET K 482 40.18 -49.26 -25.29
N ALA K 483 40.36 -50.57 -25.16
CA ALA K 483 41.53 -51.22 -25.74
C ALA K 483 41.38 -51.40 -27.24
N GLY K 484 40.14 -51.57 -27.72
CA GLY K 484 39.88 -51.70 -29.14
C GLY K 484 40.18 -53.07 -29.70
N ASP K 485 39.70 -54.12 -29.03
CA ASP K 485 39.95 -55.47 -29.50
C ASP K 485 38.88 -56.40 -28.94
N PHE K 486 38.76 -57.57 -29.56
CA PHE K 486 37.74 -58.54 -29.19
C PHE K 486 38.27 -59.41 -28.05
N VAL K 487 37.67 -59.26 -26.87
CA VAL K 487 38.17 -59.88 -25.65
C VAL K 487 37.06 -60.63 -24.91
N ASN K 488 37.42 -61.15 -23.74
CA ASN K 488 36.49 -61.84 -22.85
C ASN K 488 35.89 -60.81 -21.89
N MET K 489 34.59 -60.58 -22.00
CA MET K 489 33.98 -59.47 -21.26
C MET K 489 33.98 -59.72 -19.76
N VAL K 490 33.51 -60.89 -19.32
CA VAL K 490 33.41 -61.15 -17.89
C VAL K 490 34.80 -61.22 -17.27
N GLU K 491 35.77 -61.77 -17.99
CA GLU K 491 37.14 -61.80 -17.47
C GLU K 491 37.72 -60.40 -17.38
N LYS K 492 37.44 -59.54 -18.37
CA LYS K 492 37.95 -58.18 -18.36
C LYS K 492 37.10 -57.23 -17.53
N GLY K 493 35.98 -57.70 -16.98
CA GLY K 493 35.18 -56.89 -16.08
C GLY K 493 34.33 -55.83 -16.73
N ILE K 494 34.01 -55.96 -18.01
CA ILE K 494 33.11 -55.02 -18.68
C ILE K 494 31.71 -55.61 -18.56
N ILE K 495 31.02 -55.23 -17.47
CA ILE K 495 29.70 -55.75 -17.17
C ILE K 495 28.77 -54.58 -16.87
N ASP K 496 27.47 -54.83 -17.03
CA ASP K 496 26.45 -53.82 -16.84
C ASP K 496 25.37 -54.35 -15.91
N PRO K 497 24.72 -53.47 -15.14
CA PRO K 497 23.57 -53.90 -14.35
C PRO K 497 22.38 -54.20 -15.25
N THR K 498 21.81 -55.39 -15.10
CA THR K 498 20.69 -55.79 -15.95
C THR K 498 19.48 -54.89 -15.74
N LYS K 499 19.30 -54.34 -14.54
CA LYS K 499 18.20 -53.43 -14.28
C LYS K 499 18.31 -52.19 -15.16
N VAL K 500 19.51 -51.64 -15.28
CA VAL K 500 19.72 -50.43 -16.08
C VAL K 500 19.35 -50.70 -17.54
N VAL K 501 19.84 -51.82 -18.09
CA VAL K 501 19.59 -52.14 -19.49
C VAL K 501 18.10 -52.34 -19.74
N ARG K 502 17.46 -53.15 -18.91
CA ARG K 502 16.05 -53.44 -19.14
C ARG K 502 15.19 -52.20 -18.95
N THR K 503 15.51 -51.37 -17.95
CA THR K 503 14.75 -50.14 -17.73
C THR K 503 14.90 -49.18 -18.91
N ALA K 504 16.14 -49.00 -19.39
CA ALA K 504 16.36 -48.09 -20.51
C ALA K 504 15.61 -48.58 -21.75
N LEU K 505 15.72 -49.86 -22.07
CA LEU K 505 15.02 -50.40 -23.23
C LEU K 505 13.51 -50.24 -23.09
N LEU K 506 12.98 -50.58 -21.92
CA LEU K 506 11.53 -50.52 -21.71
C LEU K 506 11.02 -49.10 -21.87
N ASP K 507 11.65 -48.13 -21.22
CA ASP K 507 11.17 -46.76 -21.28
C ASP K 507 11.31 -46.19 -22.69
N ALA K 508 12.46 -46.43 -23.34
CA ALA K 508 12.68 -45.90 -24.68
C ALA K 508 11.64 -46.45 -25.65
N ALA K 509 11.40 -47.76 -25.61
CA ALA K 509 10.40 -48.35 -26.49
C ALA K 509 9.01 -47.82 -26.17
N GLY K 510 8.66 -47.75 -24.88
CA GLY K 510 7.33 -47.32 -24.51
C GLY K 510 7.00 -45.92 -24.96
N VAL K 511 8.01 -45.03 -24.96
CA VAL K 511 7.73 -43.67 -25.42
C VAL K 511 7.80 -43.58 -26.93
N ALA K 512 8.81 -44.19 -27.56
CA ALA K 512 9.00 -44.04 -29.00
C ALA K 512 7.87 -44.69 -29.79
N SER K 513 7.38 -45.85 -29.34
CA SER K 513 6.29 -46.51 -30.05
C SER K 513 5.03 -45.65 -30.04
N LEU K 514 4.74 -45.02 -28.90
CA LEU K 514 3.61 -44.10 -28.84
C LEU K 514 3.83 -42.89 -29.73
N LEU K 515 5.06 -42.37 -29.76
CA LEU K 515 5.36 -41.21 -30.59
C LEU K 515 5.14 -41.53 -32.07
N THR K 516 5.55 -42.72 -32.51
CA THR K 516 5.43 -43.06 -33.93
C THR K 516 4.00 -43.27 -34.41
N THR K 517 2.96 -43.04 -33.61
CA THR K 517 1.59 -43.21 -34.05
C THR K 517 0.89 -41.90 -34.36
N ALA K 518 1.64 -40.81 -34.46
CA ALA K 518 1.06 -39.48 -34.69
C ALA K 518 0.79 -39.26 -36.17
N GLU K 519 -0.29 -38.55 -36.44
CA GLU K 519 -0.65 -38.19 -37.82
C GLU K 519 -0.94 -36.70 -37.93
N VAL K 520 -1.45 -36.11 -36.86
CA VAL K 520 -1.82 -34.70 -36.82
C VAL K 520 -1.18 -34.06 -35.60
N VAL K 521 -0.64 -32.86 -35.78
CA VAL K 521 0.05 -32.14 -34.71
C VAL K 521 -0.55 -30.76 -34.57
N VAL K 522 -0.88 -30.38 -33.34
CA VAL K 522 -1.42 -29.06 -33.03
C VAL K 522 -0.42 -28.37 -32.11
N THR K 523 0.08 -27.21 -32.53
CA THR K 523 1.04 -26.46 -31.76
C THR K 523 0.56 -25.02 -31.59
N GLU K 524 0.99 -24.40 -30.49
CA GLU K 524 0.67 -22.99 -30.26
C GLU K 524 1.48 -22.13 -31.22
N ILE K 525 0.81 -21.19 -31.86
CA ILE K 525 1.49 -20.29 -32.80
C ILE K 525 2.48 -19.42 -32.03
N PRO K 526 3.74 -19.31 -32.47
CA PRO K 526 4.72 -18.51 -31.71
C PRO K 526 4.45 -17.01 -31.81
N LYS K 527 3.51 -16.53 -30.99
CA LYS K 527 3.18 -15.11 -31.00
C LYS K 527 4.37 -14.26 -30.54
N GLU K 528 5.10 -14.74 -29.54
CA GLU K 528 6.25 -14.01 -29.02
C GLU K 528 7.54 -14.82 -29.20
N GLY L 3 8.41 -4.28 73.66
CA GLY L 3 9.17 -3.06 73.80
C GLY L 3 10.66 -3.25 73.57
N GLN L 4 11.06 -4.50 73.33
CA GLN L 4 12.46 -4.80 73.06
C GLN L 4 12.90 -4.19 71.74
N ALA L 5 14.15 -3.77 71.68
CA ALA L 5 14.68 -3.03 70.55
C ALA L 5 15.95 -3.69 70.03
N PHE L 6 16.12 -3.64 68.71
CA PHE L 6 17.40 -4.01 68.12
C PHE L 6 18.40 -2.86 68.34
N ARG L 7 19.54 -2.95 67.68
CA ARG L 7 20.56 -1.92 67.83
C ARG L 7 20.09 -0.60 67.22
N LYS L 8 19.88 0.38 68.10
CA LYS L 8 19.58 1.76 67.71
C LYS L 8 18.30 1.84 66.87
N PHE L 9 17.31 1.01 67.20
CA PHE L 9 16.07 0.96 66.43
C PHE L 9 14.95 0.38 67.27
N LEU L 10 13.77 0.98 67.17
CA LEU L 10 12.58 0.48 67.85
C LEU L 10 11.38 0.59 66.90
N PRO L 11 10.75 -0.52 66.54
CA PRO L 11 9.52 -0.44 65.74
C PRO L 11 8.36 0.11 66.54
N LEU L 12 7.38 0.65 65.81
CA LEU L 12 6.18 1.21 66.42
C LEU L 12 4.97 0.33 66.11
N PHE L 13 3.95 0.45 66.95
CA PHE L 13 2.68 -0.26 66.80
C PHE L 13 2.96 -1.76 66.85
N ASP L 14 2.46 -2.55 65.91
CA ASP L 14 2.68 -3.99 65.90
C ASP L 14 3.75 -4.42 64.91
N ARG L 15 4.52 -3.47 64.39
CA ARG L 15 5.55 -3.78 63.41
C ARG L 15 6.63 -4.67 64.01
N VAL L 16 7.11 -5.62 63.21
CA VAL L 16 8.12 -6.59 63.65
C VAL L 16 9.28 -6.53 62.67
N LEU L 17 10.50 -6.39 63.20
CA LEU L 17 11.71 -6.35 62.39
C LEU L 17 12.42 -7.69 62.49
N VAL L 18 12.65 -8.32 61.34
CA VAL L 18 13.23 -9.66 61.26
C VAL L 18 14.39 -9.64 60.28
N GLU L 19 15.20 -10.70 60.36
CA GLU L 19 16.33 -10.91 59.46
C GLU L 19 16.16 -12.26 58.78
N ARG L 20 16.28 -12.27 57.45
CA ARG L 20 16.08 -13.51 56.70
C ARG L 20 17.26 -14.45 56.91
N SER L 21 16.97 -15.75 56.80
CA SER L 21 17.99 -16.76 56.99
C SER L 21 18.94 -16.80 55.78
N ALA L 22 20.04 -17.53 55.95
CA ALA L 22 21.01 -17.67 54.87
C ALA L 22 20.43 -18.47 53.72
N ALA L 23 20.65 -17.98 52.51
CA ALA L 23 20.11 -18.65 51.32
C ALA L 23 20.79 -20.00 51.11
N GLU L 24 20.05 -20.92 50.51
CA GLU L 24 20.55 -22.26 50.23
C GLU L 24 21.28 -22.26 48.89
N THR L 25 22.56 -21.90 48.94
CA THR L 25 23.37 -21.83 47.74
C THR L 25 24.01 -23.17 47.38
N VAL L 26 23.97 -24.15 48.27
CA VAL L 26 24.57 -25.45 48.04
C VAL L 26 23.53 -26.52 48.35
N THR L 27 23.32 -27.44 47.40
CA THR L 27 22.40 -28.55 47.56
C THR L 27 23.11 -29.69 48.29
N LYS L 28 22.31 -30.54 48.96
CA LYS L 28 22.86 -31.67 49.71
C LYS L 28 23.74 -32.56 48.85
N GLY L 29 23.47 -32.64 47.55
CA GLY L 29 24.26 -33.44 46.65
C GLY L 29 25.56 -32.83 46.19
N GLY L 30 25.87 -31.61 46.62
CA GLY L 30 27.08 -30.91 46.23
C GLY L 30 26.88 -29.88 45.13
N ILE L 31 25.74 -29.90 44.44
CA ILE L 31 25.49 -28.94 43.39
C ILE L 31 25.20 -27.58 44.01
N MET L 32 25.90 -26.55 43.52
CA MET L 32 25.73 -25.20 44.01
C MET L 32 24.86 -24.41 43.04
N LEU L 33 23.79 -23.83 43.56
CA LEU L 33 22.82 -23.10 42.75
C LEU L 33 23.36 -21.72 42.40
N PRO L 34 22.96 -21.17 41.25
CA PRO L 34 23.35 -19.80 40.91
C PRO L 34 22.69 -18.79 41.82
N GLU L 35 23.34 -17.64 41.97
CA GLU L 35 22.82 -16.59 42.83
C GLU L 35 21.51 -16.02 42.31
N LYS L 36 21.32 -16.02 40.98
CA LYS L 36 20.09 -15.46 40.41
C LYS L 36 18.87 -16.29 40.76
N SER L 37 19.03 -17.60 40.88
CA SER L 37 17.91 -18.48 41.22
C SER L 37 17.67 -18.45 42.72
N GLN L 38 16.86 -19.40 43.21
CA GLN L 38 16.59 -19.65 44.62
C GLN L 38 15.79 -18.53 45.28
N GLY L 39 15.53 -17.45 44.54
CA GLY L 39 14.63 -16.42 45.01
C GLY L 39 15.06 -15.80 46.33
N LYS L 40 14.09 -15.64 47.23
CA LYS L 40 14.30 -15.05 48.54
C LYS L 40 13.93 -16.05 49.62
N VAL L 41 14.60 -15.94 50.77
CA VAL L 41 14.37 -16.86 51.87
C VAL L 41 13.08 -16.49 52.58
N LEU L 42 12.19 -17.46 52.78
CA LEU L 42 10.93 -17.24 53.48
C LEU L 42 11.03 -17.46 54.97
N GLN L 43 12.16 -17.97 55.47
CA GLN L 43 12.34 -18.24 56.88
C GLN L 43 13.20 -17.16 57.50
N ALA L 44 12.72 -16.55 58.58
CA ALA L 44 13.43 -15.45 59.22
C ALA L 44 13.39 -15.63 60.73
N THR L 45 14.15 -14.78 61.42
CA THR L 45 14.20 -14.76 62.87
C THR L 45 13.86 -13.36 63.35
N VAL L 46 12.98 -13.26 64.34
CA VAL L 46 12.56 -11.96 64.84
C VAL L 46 13.68 -11.35 65.67
N VAL L 47 14.06 -10.11 65.33
CA VAL L 47 15.10 -9.40 66.07
C VAL L 47 14.57 -8.15 66.76
N ALA L 48 13.38 -7.67 66.42
CA ALA L 48 12.80 -6.53 67.11
C ALA L 48 11.28 -6.63 67.05
N VAL L 49 10.63 -6.29 68.16
CA VAL L 49 9.18 -6.36 68.26
C VAL L 49 8.64 -4.97 68.60
N GLY L 50 7.45 -4.67 68.08
CA GLY L 50 6.83 -3.40 68.33
C GLY L 50 6.24 -3.29 69.72
N SER L 51 5.84 -2.07 70.07
CA SER L 51 5.27 -1.83 71.39
C SER L 51 3.96 -2.57 71.58
N GLY L 52 3.11 -2.58 70.57
CA GLY L 52 1.83 -3.25 70.66
C GLY L 52 0.78 -2.53 69.83
N SER L 53 -0.41 -3.13 69.80
CA SER L 53 -1.50 -2.59 68.99
C SER L 53 -2.48 -1.82 69.88
N LYS L 54 -2.81 -0.61 69.45
CA LYS L 54 -3.75 0.25 70.15
C LYS L 54 -5.13 0.24 69.51
N GLY L 55 -5.43 -0.77 68.70
CA GLY L 55 -6.76 -0.86 68.09
C GLY L 55 -7.86 -0.92 69.11
N LYS L 56 -7.67 -1.72 70.17
CA LYS L 56 -8.60 -1.75 71.28
C LYS L 56 -8.18 -0.71 72.31
N GLY L 57 -9.11 0.19 72.64
CA GLY L 57 -8.78 1.29 73.53
C GLY L 57 -8.43 0.83 74.93
N GLY L 58 -7.72 1.70 75.64
CA GLY L 58 -7.29 1.39 76.98
C GLY L 58 -5.84 0.96 77.07
N GLU L 59 -5.61 -0.32 77.34
CA GLU L 59 -4.26 -0.84 77.47
C GLU L 59 -3.68 -1.17 76.10
N ILE L 60 -2.46 -1.71 76.11
CA ILE L 60 -1.80 -2.13 74.88
C ILE L 60 -1.91 -3.64 74.75
N GLN L 61 -1.79 -4.12 73.52
CA GLN L 61 -1.83 -5.55 73.22
C GLN L 61 -0.49 -5.98 72.64
N PRO L 62 0.35 -6.67 73.40
CA PRO L 62 1.68 -7.02 72.89
C PRO L 62 1.60 -8.02 71.75
N VAL L 63 2.62 -7.99 70.89
CA VAL L 63 2.67 -8.90 69.76
C VAL L 63 2.85 -10.33 70.24
N SER L 64 2.46 -11.27 69.39
CA SER L 64 2.51 -12.69 69.72
C SER L 64 3.88 -13.31 69.48
N VAL L 65 4.81 -12.59 68.86
CA VAL L 65 6.16 -13.09 68.62
C VAL L 65 7.12 -12.32 69.51
N LYS L 66 8.30 -12.91 69.71
CA LYS L 66 9.34 -12.31 70.54
C LYS L 66 10.67 -12.38 69.81
N VAL L 67 11.64 -11.61 70.31
CA VAL L 67 12.95 -11.55 69.68
C VAL L 67 13.62 -12.92 69.77
N GLY L 68 14.20 -13.36 68.65
CA GLY L 68 14.86 -14.64 68.57
C GLY L 68 13.99 -15.78 68.09
N ASP L 69 12.68 -15.58 68.00
CA ASP L 69 11.80 -16.64 67.52
C ASP L 69 11.93 -16.79 66.01
N LYS L 70 11.79 -18.04 65.55
CA LYS L 70 11.90 -18.35 64.13
C LYS L 70 10.50 -18.40 63.52
N VAL L 71 10.31 -17.68 62.41
CA VAL L 71 9.02 -17.59 61.75
C VAL L 71 9.21 -17.80 60.25
N LEU L 72 8.08 -18.05 59.58
CA LEU L 72 8.04 -18.18 58.14
C LEU L 72 7.29 -16.98 57.56
N LEU L 73 7.95 -16.24 56.66
CA LEU L 73 7.51 -14.97 56.14
C LEU L 73 6.67 -15.15 54.88
N PRO L 74 5.74 -14.23 54.63
CA PRO L 74 4.95 -14.30 53.39
C PRO L 74 5.76 -13.89 52.18
N GLU L 75 5.28 -14.31 51.01
CA GLU L 75 5.94 -13.95 49.76
C GLU L 75 5.86 -12.46 49.49
N TYR L 76 4.73 -11.84 49.82
CA TYR L 76 4.50 -10.43 49.56
C TYR L 76 4.48 -9.64 50.86
N GLY L 77 4.69 -8.34 50.73
CA GLY L 77 4.71 -7.44 51.88
C GLY L 77 6.10 -7.28 52.47
N GLY L 78 6.18 -6.40 53.45
CA GLY L 78 7.43 -6.11 54.11
C GLY L 78 8.10 -4.87 53.56
N THR L 79 8.96 -4.28 54.40
CA THR L 79 9.68 -3.06 54.05
C THR L 79 11.17 -3.26 54.32
N LYS L 80 11.99 -2.69 53.44
CA LYS L 80 13.44 -2.86 53.51
C LYS L 80 14.03 -1.85 54.48
N VAL L 81 14.81 -2.33 55.45
CA VAL L 81 15.44 -1.47 56.45
C VAL L 81 16.94 -1.79 56.47
N VAL L 82 17.75 -0.76 56.66
CA VAL L 82 19.21 -0.89 56.70
C VAL L 82 19.70 -0.47 58.07
N LEU L 83 20.40 -1.38 58.74
CA LEU L 83 20.99 -1.14 60.06
C LEU L 83 22.42 -1.64 60.05
N ASP L 84 23.37 -0.73 60.26
CA ASP L 84 24.79 -1.06 60.24
C ASP L 84 25.18 -1.78 58.94
N ASP L 85 24.70 -1.24 57.82
CA ASP L 85 24.95 -1.77 56.48
C ASP L 85 24.42 -3.19 56.30
N LYS L 86 23.67 -3.69 57.28
CA LYS L 86 23.00 -4.97 57.13
C LYS L 86 21.52 -4.75 56.82
N ASP L 87 20.91 -5.76 56.22
CA ASP L 87 19.57 -5.65 55.67
C ASP L 87 18.57 -6.42 56.54
N TYR L 88 17.44 -5.79 56.82
CA TYR L 88 16.38 -6.41 57.61
C TYR L 88 15.03 -6.07 56.97
N PHE L 89 14.01 -6.83 57.35
CA PHE L 89 12.68 -6.66 56.78
C PHE L 89 11.67 -6.39 57.89
N LEU L 90 10.82 -5.41 57.66
CA LEU L 90 9.81 -4.98 58.63
C LEU L 90 8.43 -5.37 58.14
N PHE L 91 7.71 -6.13 58.96
CA PHE L 91 6.37 -6.61 58.64
C PHE L 91 5.40 -6.17 59.72
N ARG L 92 4.15 -6.59 59.59
CA ARG L 92 3.15 -6.46 60.63
C ARG L 92 2.92 -7.81 61.30
N ASP L 93 2.23 -7.78 62.43
CA ASP L 93 1.95 -9.01 63.16
C ASP L 93 1.08 -9.95 62.34
N GLY L 94 0.06 -9.42 61.65
CA GLY L 94 -0.85 -10.25 60.90
C GLY L 94 -0.25 -10.91 59.68
N ASP L 95 0.86 -10.37 59.18
CA ASP L 95 1.48 -10.93 57.98
C ASP L 95 2.29 -12.19 58.26
N ILE L 96 2.61 -12.47 59.52
CA ILE L 96 3.38 -13.65 59.87
C ILE L 96 2.44 -14.86 59.87
N LEU L 97 2.74 -15.85 59.04
CA LEU L 97 1.86 -17.00 58.91
C LEU L 97 2.15 -18.05 59.98
N GLY L 98 3.39 -18.47 60.10
CA GLY L 98 3.72 -19.53 61.03
C GLY L 98 5.04 -19.26 61.73
N LYS L 99 5.17 -19.85 62.93
CA LYS L 99 6.37 -19.77 63.72
C LYS L 99 6.94 -21.17 63.92
N TYR L 100 8.26 -21.25 64.03
CA TYR L 100 8.96 -22.52 64.17
C TYR L 100 9.19 -22.78 65.65
N VAL L 101 8.34 -23.63 66.24
CA VAL L 101 8.49 -24.00 67.64
C VAL L 101 9.52 -25.12 67.74
N ASP L 102 10.58 -24.87 68.48
CA ASP L 102 11.67 -25.83 68.62
C ASP L 102 12.48 -25.58 69.88
N GLY M 1 12.80 -24.50 -21.19
CA GLY M 1 11.91 -23.37 -21.34
C GLY M 1 12.42 -22.32 -22.31
N SER M 2 13.74 -22.19 -22.38
CA SER M 2 14.39 -21.23 -23.27
C SER M 2 15.04 -21.96 -24.43
N ALA M 3 14.76 -21.51 -25.65
CA ALA M 3 15.32 -22.15 -26.84
C ALA M 3 16.84 -22.04 -26.83
N LYS M 4 17.50 -23.09 -27.33
CA LYS M 4 18.95 -23.18 -27.27
C LYS M 4 19.53 -23.30 -28.68
N ASP M 5 20.79 -22.92 -28.80
CA ASP M 5 21.59 -23.13 -30.00
C ASP M 5 22.65 -24.18 -29.69
N VAL M 6 22.73 -25.20 -30.53
CA VAL M 6 23.63 -26.33 -30.34
C VAL M 6 24.65 -26.33 -31.47
N LYS M 7 25.93 -26.36 -31.11
CA LYS M 7 27.02 -26.37 -32.08
C LYS M 7 27.87 -27.61 -31.88
N PHE M 8 28.29 -28.21 -32.99
CA PHE M 8 28.98 -29.49 -32.99
C PHE M 8 30.41 -29.33 -33.50
N GLY M 9 31.32 -30.08 -32.89
CA GLY M 9 32.66 -30.25 -33.42
C GLY M 9 33.55 -29.03 -33.49
N ALA M 10 34.12 -28.78 -34.66
CA ALA M 10 35.25 -27.86 -34.77
C ALA M 10 34.80 -26.40 -34.65
N ASP M 11 33.56 -26.09 -35.03
CA ASP M 11 33.11 -24.70 -34.98
C ASP M 11 33.08 -24.18 -33.55
N ALA M 12 32.52 -24.98 -32.63
CA ALA M 12 32.46 -24.57 -31.24
C ALA M 12 33.85 -24.47 -30.62
N ARG M 13 34.73 -25.40 -30.98
CA ARG M 13 36.11 -25.35 -30.48
C ARG M 13 36.80 -24.09 -30.97
N ALA M 14 36.59 -23.73 -32.24
CA ALA M 14 37.18 -22.51 -32.77
C ALA M 14 36.65 -21.27 -32.05
N LEU M 15 35.35 -21.26 -31.75
CA LEU M 15 34.78 -20.11 -31.05
C LEU M 15 35.33 -19.99 -29.62
N MET M 16 35.44 -21.11 -28.91
CA MET M 16 36.09 -21.07 -27.60
C MET M 16 37.53 -20.60 -27.72
N LEU M 17 38.24 -21.08 -28.73
CA LEU M 17 39.63 -20.66 -28.91
C LEU M 17 39.71 -19.16 -29.15
N GLN M 18 38.77 -18.62 -29.92
CA GLN M 18 38.75 -17.17 -30.15
C GLN M 18 38.54 -16.42 -28.85
N GLY M 19 37.57 -16.86 -28.04
CA GLY M 19 37.31 -16.17 -26.78
C GLY M 19 38.48 -16.26 -25.81
N VAL M 20 39.05 -17.46 -25.68
CA VAL M 20 40.17 -17.67 -24.79
C VAL M 20 41.38 -16.86 -25.24
N ASP M 21 41.64 -16.85 -26.55
CA ASP M 21 42.76 -16.08 -27.08
C ASP M 21 42.56 -14.60 -26.84
N LEU M 22 41.34 -14.09 -27.01
CA LEU M 22 41.10 -12.67 -26.73
C LEU M 22 41.38 -12.34 -25.27
N LEU M 23 40.81 -13.12 -24.34
CA LEU M 23 41.00 -12.80 -22.94
C LEU M 23 42.47 -12.92 -22.55
N ALA M 24 43.16 -13.97 -23.02
CA ALA M 24 44.54 -14.18 -22.63
C ALA M 24 45.48 -13.20 -23.31
N ASP M 25 45.12 -12.68 -24.49
CA ASP M 25 45.89 -11.61 -25.10
C ASP M 25 45.73 -10.32 -24.31
N ALA M 26 44.52 -10.05 -23.82
CA ALA M 26 44.32 -8.87 -22.98
C ALA M 26 45.11 -9.00 -21.67
N VAL M 27 45.09 -10.17 -21.06
CA VAL M 27 45.75 -10.37 -19.77
C VAL M 27 47.27 -10.39 -19.93
N ALA M 28 47.78 -11.07 -20.95
CA ALA M 28 49.19 -11.38 -21.06
C ALA M 28 50.07 -10.17 -21.29
N VAL M 29 49.51 -9.01 -21.62
CA VAL M 29 50.30 -7.79 -21.74
C VAL M 29 50.72 -7.24 -20.38
N THR M 30 50.27 -7.85 -19.29
CA THR M 30 50.60 -7.44 -17.93
C THR M 30 51.52 -8.44 -17.26
N MET M 31 52.45 -9.01 -18.04
CA MET M 31 53.34 -10.05 -17.55
C MET M 31 54.79 -9.60 -17.69
N GLY M 32 55.57 -9.81 -16.63
CA GLY M 32 56.97 -9.49 -16.65
C GLY M 32 57.27 -8.11 -16.11
N PRO M 33 58.54 -7.83 -15.85
CA PRO M 33 58.90 -6.48 -15.36
C PRO M 33 58.62 -5.39 -16.37
N LYS M 34 58.61 -5.71 -17.66
CA LYS M 34 58.36 -4.73 -18.71
C LYS M 34 56.91 -4.76 -19.20
N GLY M 35 56.02 -5.46 -18.49
CA GLY M 35 54.63 -5.49 -18.88
C GLY M 35 53.97 -4.14 -18.68
N ARG M 36 52.91 -3.91 -19.45
CA ARG M 36 52.18 -2.66 -19.41
C ARG M 36 50.84 -2.86 -18.72
N THR M 37 50.14 -1.75 -18.47
CA THR M 37 48.91 -1.75 -17.69
C THR M 37 47.69 -1.76 -18.59
N VAL M 38 46.55 -2.09 -17.99
CA VAL M 38 45.27 -2.17 -18.68
C VAL M 38 44.30 -1.22 -18.00
N ILE M 39 43.58 -0.44 -18.81
CA ILE M 39 42.60 0.51 -18.31
C ILE M 39 41.21 -0.11 -18.48
N ILE M 40 40.48 -0.24 -17.38
CA ILE M 40 39.14 -0.81 -17.38
C ILE M 40 38.16 0.30 -17.00
N GLU M 41 37.18 0.53 -17.86
CA GLU M 41 36.20 1.58 -17.60
C GLU M 41 35.29 1.17 -16.46
N GLN M 42 35.12 2.07 -15.49
CA GLN M 42 34.18 1.87 -14.39
C GLN M 42 32.93 2.68 -14.67
N SER M 43 31.77 2.05 -14.50
CA SER M 43 30.50 2.70 -14.83
C SER M 43 30.24 3.90 -13.94
N TRP M 44 30.64 3.82 -12.67
CA TRP M 44 30.32 4.89 -11.73
C TRP M 44 31.27 6.07 -11.86
N GLY M 45 32.57 5.84 -11.66
CA GLY M 45 33.52 6.93 -11.64
C GLY M 45 34.75 6.73 -12.51
N SER M 46 35.91 7.01 -11.94
CA SER M 46 37.15 7.00 -12.69
C SER M 46 37.51 5.57 -13.13
N PRO M 47 38.12 5.42 -14.30
CA PRO M 47 38.56 4.10 -14.73
C PRO M 47 39.69 3.56 -13.85
N LYS M 48 39.81 2.24 -13.84
CA LYS M 48 40.82 1.55 -13.05
C LYS M 48 41.99 1.17 -13.95
N VAL M 49 43.17 1.70 -13.63
CA VAL M 49 44.41 1.32 -14.32
C VAL M 49 45.07 0.25 -13.47
N THR M 50 45.13 -0.98 -14.00
CA THR M 50 45.57 -2.11 -13.20
C THR M 50 46.56 -2.97 -13.99
N LYS M 51 47.40 -3.68 -13.24
CA LYS M 51 48.35 -4.63 -13.80
C LYS M 51 48.12 -6.04 -13.25
N ASP M 52 46.98 -6.26 -12.62
CA ASP M 52 46.65 -7.54 -11.99
C ASP M 52 45.97 -8.46 -13.00
N GLY M 53 46.41 -9.70 -13.05
CA GLY M 53 45.85 -10.63 -14.02
C GLY M 53 44.39 -10.93 -13.78
N VAL M 54 44.03 -11.22 -12.52
CA VAL M 54 42.64 -11.60 -12.24
C VAL M 54 41.71 -10.40 -12.37
N THR M 55 42.20 -9.20 -12.07
CA THR M 55 41.37 -8.01 -12.24
C THR M 55 41.02 -7.79 -13.71
N VAL M 56 41.99 -7.97 -14.60
CA VAL M 56 41.72 -7.84 -16.03
C VAL M 56 40.82 -8.97 -16.50
N ALA M 57 41.06 -10.19 -16.01
CA ALA M 57 40.28 -11.34 -16.47
C ALA M 57 38.82 -11.22 -16.08
N LYS M 58 38.55 -10.85 -14.82
CA LYS M 58 37.18 -10.82 -14.32
C LYS M 58 36.36 -9.69 -14.92
N SER M 59 37.00 -8.69 -15.51
CA SER M 59 36.31 -7.54 -16.07
C SER M 59 36.00 -7.69 -17.54
N ILE M 60 36.25 -8.85 -18.13
CA ILE M 60 36.06 -9.08 -19.56
C ILE M 60 34.90 -10.04 -19.75
N ASP M 61 33.85 -9.58 -20.42
CA ASP M 61 32.74 -10.40 -20.86
C ASP M 61 32.47 -10.13 -22.32
N LEU M 62 32.14 -11.18 -23.06
CA LEU M 62 32.00 -11.09 -24.51
C LEU M 62 30.55 -11.30 -24.93
N LYS M 63 30.18 -10.67 -26.05
CA LYS M 63 28.80 -10.76 -26.52
C LYS M 63 28.47 -12.16 -27.01
N ASP M 64 29.35 -12.75 -27.81
CA ASP M 64 29.09 -14.08 -28.34
C ASP M 64 29.12 -15.11 -27.23
N LYS M 65 28.16 -16.03 -27.27
CA LYS M 65 27.97 -16.97 -26.16
C LYS M 65 29.14 -17.94 -26.03
N TYR M 66 29.67 -18.42 -27.15
CA TYR M 66 30.76 -19.40 -27.08
C TYR M 66 32.07 -18.75 -26.65
N LYS M 67 32.38 -17.58 -27.22
CA LYS M 67 33.51 -16.81 -26.73
C LYS M 67 33.33 -16.45 -25.27
N ASN M 68 32.09 -16.19 -24.86
CA ASN M 68 31.82 -15.94 -23.45
C ASN M 68 32.10 -17.18 -22.61
N ILE M 69 31.80 -18.37 -23.13
CA ILE M 69 32.09 -19.60 -22.39
C ILE M 69 33.59 -19.76 -22.18
N GLY M 70 34.36 -19.55 -23.25
CA GLY M 70 35.81 -19.63 -23.12
C GLY M 70 36.35 -18.59 -22.16
N ALA M 71 35.82 -17.37 -22.22
CA ALA M 71 36.24 -16.32 -21.31
C ALA M 71 35.89 -16.68 -19.87
N LYS M 72 34.71 -17.28 -19.65
CA LYS M 72 34.33 -17.68 -18.31
C LYS M 72 35.26 -18.75 -17.75
N LEU M 73 35.65 -19.71 -18.59
CA LEU M 73 36.58 -20.73 -18.12
C LEU M 73 37.94 -20.13 -17.77
N VAL M 74 38.45 -19.22 -18.60
CA VAL M 74 39.73 -18.59 -18.28
C VAL M 74 39.60 -17.74 -17.01
N GLN M 75 38.44 -17.10 -16.83
CA GLN M 75 38.17 -16.34 -15.61
C GLN M 75 38.19 -17.25 -14.40
N ASP M 76 37.64 -18.45 -14.53
CA ASP M 76 37.71 -19.43 -13.45
C ASP M 76 39.15 -19.78 -13.13
N VAL M 77 39.97 -19.98 -14.15
CA VAL M 77 41.39 -20.27 -13.93
C VAL M 77 42.04 -19.15 -13.12
N ALA M 78 41.85 -17.91 -13.58
CA ALA M 78 42.50 -16.78 -12.93
C ALA M 78 41.98 -16.60 -11.50
N ASN M 79 40.67 -16.76 -11.30
CA ASN M 79 40.09 -16.58 -9.97
C ASN M 79 40.58 -17.64 -9.01
N ASN M 80 40.63 -18.91 -9.45
CA ASN M 80 41.14 -19.97 -8.58
C ASN M 80 42.59 -19.71 -8.21
N THR M 81 43.41 -19.31 -9.19
CA THR M 81 44.81 -19.02 -8.90
C THR M 81 44.94 -17.86 -7.92
N ASN M 82 44.11 -16.82 -8.07
CA ASN M 82 44.18 -15.68 -7.18
C ASN M 82 43.75 -16.03 -5.76
N GLU M 83 42.67 -16.82 -5.63
CA GLU M 83 42.17 -17.11 -4.29
C GLU M 83 43.03 -18.14 -3.57
N GLU M 84 43.70 -19.03 -4.31
CA GLU M 84 44.51 -20.04 -3.63
C GLU M 84 45.89 -19.52 -3.27
N ALA M 85 46.59 -18.93 -4.25
CA ALA M 85 47.96 -18.49 -4.05
C ALA M 85 48.10 -17.00 -3.81
N GLY M 86 47.27 -16.18 -4.44
CA GLY M 86 47.39 -14.74 -4.34
C GLY M 86 48.29 -14.09 -5.37
N ASP M 87 48.96 -14.88 -6.20
CA ASP M 87 49.84 -14.35 -7.23
C ASP M 87 49.95 -15.39 -8.34
N GLY M 88 50.55 -14.98 -9.46
CA GLY M 88 50.68 -15.87 -10.59
C GLY M 88 49.41 -16.05 -11.40
N THR M 89 48.55 -15.03 -11.44
CA THR M 89 47.31 -15.15 -12.20
C THR M 89 47.57 -15.09 -13.70
N THR M 90 48.46 -14.18 -14.13
CA THR M 90 48.78 -14.09 -15.55
C THR M 90 49.49 -15.35 -16.03
N THR M 91 50.36 -15.92 -15.20
CA THR M 91 51.02 -17.17 -15.55
C THR M 91 49.99 -18.28 -15.75
N ALA M 92 49.02 -18.38 -14.84
CA ALA M 92 47.97 -19.38 -14.99
C ALA M 92 47.15 -19.14 -16.25
N THR M 93 46.86 -17.87 -16.55
CA THR M 93 46.06 -17.56 -17.74
C THR M 93 46.78 -17.97 -19.01
N VAL M 94 48.07 -17.63 -19.12
CA VAL M 94 48.80 -17.97 -20.34
C VAL M 94 49.00 -19.47 -20.45
N LEU M 95 49.23 -20.15 -19.32
CA LEU M 95 49.33 -21.60 -19.36
C LEU M 95 48.02 -22.24 -19.80
N ALA M 96 46.88 -21.71 -19.31
CA ALA M 96 45.59 -22.25 -19.70
C ALA M 96 45.34 -22.05 -21.19
N ARG M 97 45.64 -20.85 -21.70
CA ARG M 97 45.47 -20.62 -23.14
C ARG M 97 46.35 -21.56 -23.95
N SER M 98 47.60 -21.74 -23.53
CA SER M 98 48.50 -22.61 -24.27
C SER M 98 48.02 -24.05 -24.27
N ILE M 99 47.57 -24.54 -23.11
CA ILE M 99 47.11 -25.93 -23.03
C ILE M 99 45.86 -26.11 -23.89
N ALA M 100 44.92 -25.17 -23.81
CA ALA M 100 43.71 -25.28 -24.62
C ALA M 100 44.03 -25.26 -26.11
N LYS M 101 44.89 -24.32 -26.53
CA LYS M 101 45.25 -24.24 -27.94
C LYS M 101 45.95 -25.50 -28.41
N GLU M 102 46.94 -26.00 -27.65
CA GLU M 102 47.66 -27.19 -28.06
C GLU M 102 46.76 -28.41 -28.10
N GLY M 103 45.83 -28.53 -27.15
CA GLY M 103 44.93 -29.67 -27.16
C GLY M 103 43.86 -29.62 -28.22
N PHE M 104 43.51 -28.41 -28.69
CA PHE M 104 42.43 -28.32 -29.66
C PHE M 104 42.78 -28.94 -31.01
N GLU M 105 44.00 -28.70 -31.52
CA GLU M 105 44.35 -29.34 -32.78
C GLU M 105 44.61 -30.83 -32.62
N LYS M 106 45.04 -31.26 -31.43
CA LYS M 106 45.27 -32.68 -31.20
C LYS M 106 43.98 -33.49 -31.21
N ILE M 107 42.82 -32.85 -31.08
CA ILE M 107 41.55 -33.56 -31.13
C ILE M 107 41.26 -33.97 -32.56
N SER M 108 40.99 -35.25 -32.77
CA SER M 108 40.69 -35.78 -34.09
C SER M 108 39.61 -36.85 -33.96
N LYS M 109 39.29 -37.50 -35.07
CA LYS M 109 38.28 -38.55 -35.05
C LYS M 109 38.73 -39.73 -34.20
N GLY M 110 39.99 -40.12 -34.31
CA GLY M 110 40.51 -41.26 -33.57
C GLY M 110 41.12 -40.93 -32.23
N ALA M 111 41.29 -39.65 -31.92
CA ALA M 111 41.88 -39.26 -30.64
C ALA M 111 40.90 -39.48 -29.51
N ASN M 112 41.45 -39.69 -28.31
CA ASN M 112 40.64 -39.88 -27.09
C ASN M 112 40.91 -38.73 -26.15
N PRO M 113 40.05 -37.70 -26.13
CA PRO M 113 40.33 -36.52 -25.29
C PRO M 113 40.45 -36.82 -23.80
N VAL M 114 39.68 -37.79 -23.30
CA VAL M 114 39.74 -38.11 -21.88
C VAL M 114 41.11 -38.66 -21.49
N GLU M 115 41.65 -39.55 -22.31
CA GLU M 115 42.98 -40.10 -22.03
C GLU M 115 44.05 -39.03 -22.20
N ILE M 116 43.87 -38.10 -23.14
CA ILE M 116 44.79 -36.98 -23.27
C ILE M 116 44.78 -36.15 -21.99
N ARG M 117 43.58 -35.90 -21.44
CA ARG M 117 43.48 -35.16 -20.19
C ARG M 117 44.16 -35.90 -19.05
N ARG M 118 43.97 -37.23 -18.99
CA ARG M 118 44.61 -38.02 -17.94
C ARG M 118 46.13 -37.93 -18.05
N GLY M 119 46.66 -38.02 -19.26
CA GLY M 119 48.09 -37.85 -19.45
C GLY M 119 48.57 -36.46 -19.05
N VAL M 120 47.75 -35.44 -19.33
CA VAL M 120 48.11 -34.08 -18.94
C VAL M 120 48.22 -33.98 -17.42
N MET M 121 47.24 -34.52 -16.71
CA MET M 121 47.31 -34.49 -15.24
C MET M 121 48.51 -35.28 -14.73
N LEU M 122 48.82 -36.41 -15.36
CA LEU M 122 50.00 -37.18 -14.95
C LEU M 122 51.28 -36.36 -15.12
N ALA M 123 51.42 -35.71 -16.27
CA ALA M 123 52.60 -34.88 -16.52
C ALA M 123 52.67 -33.71 -15.54
N VAL M 124 51.52 -33.11 -15.22
CA VAL M 124 51.50 -32.00 -14.29
C VAL M 124 51.89 -32.46 -12.89
N ASP M 125 51.45 -33.66 -12.50
CA ASP M 125 51.86 -34.20 -11.21
C ASP M 125 53.37 -34.43 -11.17
N ALA M 126 53.93 -34.96 -12.26
CA ALA M 126 55.38 -35.14 -12.30
C ALA M 126 56.11 -33.81 -12.21
N VAL M 127 55.63 -32.79 -12.93
CA VAL M 127 56.27 -31.48 -12.90
C VAL M 127 56.19 -30.87 -11.50
N ILE M 128 55.04 -31.02 -10.84
CA ILE M 128 54.88 -30.50 -9.49
C ILE M 128 55.82 -31.19 -8.52
N ALA M 129 55.97 -32.51 -8.67
CA ALA M 129 56.92 -33.24 -7.83
C ALA M 129 58.34 -32.74 -8.05
N GLU M 130 58.73 -32.51 -9.31
CA GLU M 130 60.06 -31.98 -9.59
C GLU M 130 60.24 -30.59 -8.98
N LEU M 131 59.22 -29.74 -9.10
CA LEU M 131 59.29 -28.39 -8.54
C LEU M 131 59.46 -28.44 -7.02
N LYS M 132 58.72 -29.33 -6.36
CA LYS M 132 58.87 -29.48 -4.91
C LYS M 132 60.28 -29.98 -4.57
N LYS M 133 60.81 -30.90 -5.37
CA LYS M 133 62.15 -31.43 -5.11
C LYS M 133 63.21 -30.35 -5.25
N GLN M 134 63.10 -29.48 -6.26
CA GLN M 134 64.16 -28.53 -6.56
C GLN M 134 64.04 -27.20 -5.83
N SER M 135 63.01 -27.02 -5.00
CA SER M 135 62.86 -25.79 -4.26
C SER M 135 63.76 -25.77 -3.03
N LYS M 136 63.98 -24.58 -2.50
CA LYS M 136 64.77 -24.40 -1.28
C LYS M 136 64.06 -23.46 -0.33
N PRO M 137 64.27 -23.62 0.97
CA PRO M 137 63.56 -22.79 1.95
C PRO M 137 64.12 -21.38 2.03
N VAL M 138 63.33 -20.49 2.63
CA VAL M 138 63.71 -19.10 2.85
C VAL M 138 64.27 -18.97 4.26
N THR M 139 65.48 -18.42 4.36
CA THR M 139 66.17 -18.31 5.64
C THR M 139 66.45 -16.87 6.04
N THR M 140 66.99 -16.06 5.14
CA THR M 140 67.41 -14.71 5.52
C THR M 140 66.35 -13.68 5.12
N PRO M 141 66.27 -12.56 5.83
CA PRO M 141 65.37 -11.48 5.41
C PRO M 141 65.73 -10.87 4.07
N GLU M 142 66.97 -11.03 3.62
CA GLU M 142 67.35 -10.55 2.30
C GLU M 142 66.54 -11.24 1.21
N GLU M 143 66.33 -12.55 1.36
CA GLU M 143 65.47 -13.27 0.41
C GLU M 143 64.04 -12.77 0.47
N ILE M 144 63.58 -12.39 1.67
CA ILE M 144 62.23 -11.83 1.80
C ILE M 144 62.14 -10.52 1.02
N ALA M 145 63.14 -9.66 1.16
CA ALA M 145 63.16 -8.41 0.42
C ALA M 145 63.21 -8.66 -1.08
N GLN M 146 64.01 -9.64 -1.51
CA GLN M 146 64.09 -9.96 -2.93
C GLN M 146 62.76 -10.43 -3.47
N VAL M 147 62.08 -11.31 -2.73
CA VAL M 147 60.79 -11.84 -3.18
C VAL M 147 59.76 -10.71 -3.26
N ALA M 148 59.72 -9.85 -2.24
CA ALA M 148 58.77 -8.75 -2.25
C ALA M 148 59.05 -7.78 -3.40
N THR M 149 60.33 -7.50 -3.66
CA THR M 149 60.68 -6.61 -4.76
C THR M 149 60.30 -7.21 -6.11
N ILE M 150 60.55 -8.51 -6.30
CA ILE M 150 60.21 -9.15 -7.57
C ILE M 150 58.69 -9.14 -7.76
N SER M 151 57.94 -9.45 -6.71
CA SER M 151 56.49 -9.51 -6.84
C SER M 151 55.85 -8.14 -6.97
N ALA M 152 56.56 -7.07 -6.62
CA ALA M 152 56.05 -5.71 -6.71
C ALA M 152 56.56 -4.97 -7.95
N ASN M 153 56.75 -5.70 -9.05
CA ASN M 153 57.21 -5.12 -10.31
C ASN M 153 58.56 -4.40 -10.15
N GLY M 154 59.46 -5.00 -9.39
CA GLY M 154 60.79 -4.45 -9.21
C GLY M 154 60.85 -3.14 -8.46
N ASP M 155 60.10 -3.01 -7.38
CA ASP M 155 60.10 -1.80 -6.56
C ASP M 155 60.87 -2.08 -5.29
N LYS M 156 62.05 -1.46 -5.16
CA LYS M 156 62.91 -1.71 -4.01
C LYS M 156 62.27 -1.22 -2.71
N GLU M 157 61.60 -0.06 -2.76
CA GLU M 157 61.04 0.53 -1.56
C GLU M 157 59.98 -0.38 -0.94
N ILE M 158 59.11 -0.94 -1.77
CA ILE M 158 58.05 -1.82 -1.25
C ILE M 158 58.66 -3.06 -0.63
N GLY M 159 59.68 -3.64 -1.28
CA GLY M 159 60.34 -4.81 -0.71
C GLY M 159 60.98 -4.52 0.62
N ASN M 160 61.68 -3.39 0.72
CA ASN M 160 62.30 -3.01 2.00
C ASN M 160 61.24 -2.79 3.07
N ILE M 161 60.13 -2.14 2.72
CA ILE M 161 59.07 -1.88 3.69
C ILE M 161 58.49 -3.19 4.21
N ILE M 162 58.21 -4.13 3.31
CA ILE M 162 57.62 -5.40 3.72
C ILE M 162 58.62 -6.20 4.56
N SER M 163 59.90 -6.18 4.17
CA SER M 163 60.91 -6.88 4.95
C SER M 163 61.02 -6.30 6.35
N ASP M 164 61.00 -4.97 6.47
CA ASP M 164 61.05 -4.35 7.79
C ASP M 164 59.83 -4.71 8.62
N ALA M 165 58.65 -4.70 8.01
CA ALA M 165 57.43 -5.05 8.73
C ALA M 165 57.48 -6.48 9.25
N MET M 166 57.94 -7.42 8.40
CA MET M 166 58.02 -8.80 8.84
C MET M 166 59.13 -9.01 9.87
N LYS M 167 60.20 -8.23 9.79
CA LYS M 167 61.23 -8.31 10.83
C LYS M 167 60.70 -7.84 12.17
N LYS M 168 59.96 -6.73 12.19
CA LYS M 168 59.51 -6.12 13.43
C LYS M 168 58.22 -6.71 13.98
N VAL M 169 57.51 -7.50 13.19
CA VAL M 169 56.25 -8.11 13.62
C VAL M 169 56.30 -9.62 13.60
N GLY M 170 57.26 -10.21 12.89
CA GLY M 170 57.36 -11.65 12.72
C GLY M 170 56.90 -12.08 11.33
N ARG M 171 57.50 -13.18 10.86
CA ARG M 171 57.24 -13.65 9.51
C ARG M 171 55.82 -14.16 9.31
N LYS M 172 55.07 -14.38 10.39
CA LYS M 172 53.68 -14.79 10.32
C LYS M 172 52.80 -13.84 11.13
N GLY M 173 53.12 -12.56 11.11
CA GLY M 173 52.34 -11.56 11.81
C GLY M 173 51.16 -11.07 11.00
N VAL M 174 50.47 -10.08 11.55
CA VAL M 174 49.30 -9.50 10.93
C VAL M 174 49.71 -8.18 10.29
N ILE M 175 49.78 -8.18 8.96
CA ILE M 175 50.13 -7.00 8.18
C ILE M 175 48.97 -6.68 7.25
N THR M 176 48.51 -5.44 7.30
CA THR M 176 47.41 -4.99 6.46
C THR M 176 47.86 -3.81 5.60
N VAL M 177 47.13 -3.58 4.52
CA VAL M 177 47.44 -2.54 3.54
C VAL M 177 46.23 -1.62 3.43
N LYS M 178 46.46 -0.32 3.51
CA LYS M 178 45.36 0.63 3.32
C LYS M 178 45.90 1.88 2.62
N ASP M 179 44.99 2.59 1.96
CA ASP M 179 45.36 3.75 1.18
C ASP M 179 45.88 4.86 2.07
N GLY M 180 46.88 5.58 1.58
CA GLY M 180 47.48 6.70 2.29
C GLY M 180 47.17 8.01 1.59
N LYS M 181 47.10 9.09 2.37
CA LYS M 181 46.81 10.42 1.85
C LYS M 181 48.07 11.19 1.48
N THR M 182 49.25 10.62 1.70
CA THR M 182 50.51 11.30 1.44
C THR M 182 51.13 10.77 0.14
N LEU M 183 52.33 11.25 -0.18
CA LEU M 183 53.00 10.89 -1.43
C LEU M 183 53.79 9.59 -1.34
N ASN M 184 54.31 9.25 -0.17
CA ASN M 184 55.19 8.10 -0.02
C ASN M 184 54.60 7.10 0.96
N ASP M 185 55.00 5.84 0.79
CA ASP M 185 54.50 4.77 1.63
C ASP M 185 54.99 4.93 3.06
N GLU M 186 54.14 4.55 4.02
CA GLU M 186 54.46 4.60 5.43
C GLU M 186 54.17 3.26 6.07
N LEU M 187 54.93 2.93 7.11
CA LEU M 187 54.75 1.70 7.88
C LEU M 187 54.51 2.08 9.34
N GLU M 188 53.37 1.65 9.88
CA GLU M 188 53.01 1.95 11.26
C GLU M 188 52.81 0.65 12.01
N ILE M 189 53.37 0.58 13.22
CA ILE M 189 53.32 -0.63 14.04
C ILE M 189 52.52 -0.33 15.29
N ILE M 190 51.52 -1.16 15.56
CA ILE M 190 50.70 -1.06 16.76
C ILE M 190 51.13 -2.17 17.71
N GLU M 191 51.67 -1.77 18.86
CA GLU M 191 52.12 -2.72 19.88
C GLU M 191 51.13 -2.73 21.04
N GLY M 192 51.17 -3.82 21.80
CA GLY M 192 50.24 -3.97 22.90
C GLY M 192 48.82 -4.15 22.41
N MET M 193 47.87 -3.64 23.18
CA MET M 193 46.45 -3.73 22.86
C MET M 193 45.92 -2.34 22.53
N LYS M 194 45.25 -2.23 21.37
CA LYS M 194 44.69 -0.97 20.94
C LYS M 194 43.43 -1.25 20.15
N PHE M 195 42.32 -0.65 20.56
CA PHE M 195 41.03 -0.86 19.92
C PHE M 195 40.36 0.48 19.66
N ASP M 196 39.54 0.53 18.61
CA ASP M 196 38.94 1.78 18.14
C ASP M 196 37.69 2.13 18.95
N ARG M 197 37.90 2.43 20.22
CA ARG M 197 36.82 2.87 21.11
C ARG M 197 37.35 4.02 21.96
N GLY M 198 36.85 5.23 21.69
CA GLY M 198 37.31 6.41 22.40
C GLY M 198 36.54 6.65 23.69
N TYR M 199 37.02 7.62 24.45
CA TYR M 199 36.36 8.00 25.69
C TYR M 199 35.00 8.62 25.40
N ILE M 200 34.07 8.43 26.34
CA ILE M 200 32.69 8.85 26.12
C ILE M 200 32.54 10.36 26.26
N SER M 201 32.86 10.89 27.45
CA SER M 201 32.65 12.31 27.69
C SER M 201 33.95 13.07 27.55
N PRO M 202 33.96 14.19 26.83
CA PRO M 202 35.18 15.02 26.71
C PRO M 202 35.50 15.79 27.98
N TYR M 203 35.62 15.07 29.09
CA TYR M 203 35.92 15.68 30.38
C TYR M 203 37.06 14.99 31.13
N PHE M 204 37.56 13.86 30.65
CA PHE M 204 38.68 13.18 31.29
C PHE M 204 40.03 13.62 30.74
N ILE M 205 40.05 14.54 29.78
CA ILE M 205 41.30 14.97 29.16
C ILE M 205 42.16 15.69 30.20
N ASN M 206 43.38 15.21 30.40
CA ASN M 206 44.32 15.82 31.34
C ASN M 206 45.71 15.88 30.73
N THR M 207 45.81 16.21 29.45
CA THR M 207 47.09 16.30 28.76
C THR M 207 47.23 17.64 28.08
N SER M 208 48.47 18.09 27.92
CA SER M 208 48.73 19.36 27.26
C SER M 208 48.51 19.25 25.75
N LYS M 209 49.00 18.19 25.12
CA LYS M 209 48.98 18.04 23.68
C LYS M 209 48.26 16.75 23.31
N GLY M 210 47.46 16.81 22.23
CA GLY M 210 46.74 15.67 21.72
C GLY M 210 45.31 15.55 22.21
N GLN M 211 44.97 16.23 23.30
CA GLN M 211 43.63 16.20 23.88
C GLN M 211 43.18 14.76 24.16
N LYS M 212 44.07 14.01 24.78
CA LYS M 212 43.81 12.63 25.18
C LYS M 212 43.88 12.51 26.70
N CYS M 213 43.78 11.29 27.20
CA CYS M 213 43.93 10.99 28.61
C CYS M 213 45.09 10.03 28.78
N GLU M 214 46.13 10.47 29.48
CA GLU M 214 47.36 9.71 29.64
C GLU M 214 47.54 9.31 31.10
N PHE M 215 47.71 8.01 31.34
CA PHE M 215 47.93 7.48 32.67
C PHE M 215 49.09 6.50 32.64
N GLN M 216 49.79 6.39 33.77
CA GLN M 216 50.88 5.45 33.94
C GLN M 216 50.66 4.67 35.24
N ASP M 217 50.89 3.36 35.18
CA ASP M 217 50.66 2.47 36.32
C ASP M 217 49.23 2.62 36.84
N ALA M 218 48.29 2.27 35.96
CA ALA M 218 46.87 2.52 36.18
C ALA M 218 46.14 1.21 36.43
N TYR M 219 45.10 1.30 37.26
CA TYR M 219 44.17 0.21 37.47
C TYR M 219 43.20 0.11 36.30
N VAL M 220 42.79 -1.13 36.00
CA VAL M 220 41.86 -1.42 34.92
C VAL M 220 40.76 -2.31 35.45
N LEU M 221 39.51 -1.90 35.23
CA LEU M 221 38.33 -2.66 35.61
C LEU M 221 37.51 -2.94 34.36
N LEU M 222 37.28 -4.21 34.08
CA LEU M 222 36.58 -4.66 32.88
C LEU M 222 35.22 -5.23 33.27
N SER M 223 34.16 -4.66 32.71
CA SER M 223 32.81 -5.11 32.99
C SER M 223 32.15 -5.53 31.68
N GLU M 224 31.71 -6.78 31.61
CA GLU M 224 31.02 -7.26 30.41
C GLU M 224 29.65 -6.59 30.25
N LYS M 225 28.96 -6.33 31.35
CA LYS M 225 27.67 -5.68 31.31
C LYS M 225 27.82 -4.16 31.41
N LYS M 226 26.72 -3.46 31.19
CA LYS M 226 26.73 -2.00 31.27
C LYS M 226 26.87 -1.56 32.73
N ILE M 227 27.34 -0.33 32.90
CA ILE M 227 27.54 0.26 34.22
C ILE M 227 26.52 1.40 34.35
N SER M 228 25.52 1.20 35.19
CA SER M 228 24.49 2.22 35.42
C SER M 228 24.26 2.53 36.88
N SER M 229 24.32 1.53 37.75
CA SER M 229 24.01 1.72 39.17
C SER M 229 25.13 2.46 39.87
N ILE M 230 24.74 3.30 40.84
CA ILE M 230 25.73 4.00 41.67
C ILE M 230 26.56 2.99 42.46
N GLN M 231 25.89 2.00 43.06
CA GLN M 231 26.57 1.02 43.89
C GLN M 231 27.41 0.05 43.08
N SER M 232 27.20 -0.02 41.77
CA SER M 232 27.99 -0.92 40.92
C SER M 232 29.35 -0.34 40.55
N ILE M 233 29.56 0.96 40.76
CA ILE M 233 30.82 1.59 40.39
C ILE M 233 31.52 2.23 41.56
N VAL M 234 30.81 2.57 42.64
CA VAL M 234 31.43 3.28 43.77
C VAL M 234 32.57 2.49 44.39
N PRO M 235 32.42 1.19 44.73
CA PRO M 235 33.52 0.50 45.44
C PRO M 235 34.83 0.48 44.65
N ALA M 236 34.77 0.36 43.33
CA ALA M 236 36.00 0.45 42.53
C ALA M 236 36.65 1.80 42.69
N LEU M 237 35.84 2.87 42.69
CA LEU M 237 36.38 4.21 42.92
C LEU M 237 36.98 4.33 44.31
N GLU M 238 36.36 3.70 45.31
CA GLU M 238 36.91 3.70 46.66
C GLU M 238 38.29 3.03 46.67
N ILE M 239 38.41 1.89 46.01
CA ILE M 239 39.70 1.20 45.94
C ILE M 239 40.73 2.07 45.25
N ALA M 240 40.36 2.69 44.13
CA ALA M 240 41.29 3.53 43.38
C ALA M 240 41.74 4.73 44.21
N ASN M 241 40.81 5.39 44.89
CA ASN M 241 41.14 6.56 45.69
C ASN M 241 42.01 6.19 46.88
N ALA M 242 41.70 5.06 47.53
CA ALA M 242 42.53 4.61 48.65
C ALA M 242 43.95 4.28 48.19
N HIS M 243 44.08 3.62 47.06
CA HIS M 243 45.40 3.30 46.53
C HIS M 243 46.03 4.46 45.77
N ARG M 244 45.27 5.52 45.50
CA ARG M 244 45.78 6.72 44.83
C ARG M 244 46.41 6.39 43.47
N LYS M 245 45.65 5.69 42.64
CA LYS M 245 46.10 5.31 41.31
C LYS M 245 45.01 5.59 40.29
N PRO M 246 45.39 5.93 39.06
CA PRO M 246 44.38 6.16 38.02
C PRO M 246 43.63 4.88 37.67
N LEU M 247 42.39 5.06 37.22
CA LEU M 247 41.50 3.94 36.98
C LEU M 247 40.85 4.06 35.61
N VAL M 248 40.75 2.92 34.92
CA VAL M 248 40.09 2.82 33.63
C VAL M 248 38.92 1.87 33.78
N ILE M 249 37.78 2.22 33.19
CA ILE M 249 36.57 1.41 33.23
C ILE M 249 36.25 1.04 31.79
N ILE M 250 36.50 -0.21 31.42
CA ILE M 250 36.22 -0.69 30.07
C ILE M 250 34.98 -1.56 30.14
N ALA M 251 33.92 -1.15 29.43
CA ALA M 251 32.65 -1.86 29.50
C ALA M 251 31.88 -1.65 28.21
N GLU M 252 30.72 -2.30 28.10
CA GLU M 252 29.86 -2.08 26.94
C GLU M 252 29.43 -0.62 26.85
N ASP M 253 29.02 -0.05 27.98
CA ASP M 253 28.65 1.35 28.06
C ASP M 253 28.52 1.74 29.52
N VAL M 254 28.94 2.96 29.81
CA VAL M 254 28.73 3.58 31.11
C VAL M 254 27.52 4.48 30.98
N ASP M 255 26.48 4.21 31.77
CA ASP M 255 25.22 4.92 31.60
C ASP M 255 25.28 6.30 32.29
N GLY M 256 24.23 7.08 32.08
CA GLY M 256 24.27 8.49 32.42
C GLY M 256 24.54 8.76 33.89
N GLU M 257 23.97 7.94 34.78
CA GLU M 257 24.18 8.13 36.21
C GLU M 257 25.66 7.95 36.56
N ALA M 258 26.27 6.86 36.08
CA ALA M 258 27.67 6.61 36.38
C ALA M 258 28.58 7.58 35.65
N LEU M 259 28.22 7.99 34.43
CA LEU M 259 28.98 9.03 33.77
C LEU M 259 28.97 10.33 34.58
N SER M 260 27.80 10.72 35.08
CA SER M 260 27.73 11.93 35.90
C SER M 260 28.59 11.80 37.13
N THR M 261 28.52 10.65 37.81
CA THR M 261 29.34 10.44 39.00
C THR M 261 30.82 10.55 38.68
N LEU M 262 31.28 9.82 37.67
CA LEU M 262 32.70 9.80 37.34
C LEU M 262 33.18 11.18 36.91
N VAL M 263 32.45 11.83 36.00
CA VAL M 263 32.88 13.12 35.48
C VAL M 263 32.92 14.16 36.59
N LEU M 264 31.87 14.22 37.41
CA LEU M 264 31.82 15.25 38.45
C LEU M 264 32.88 15.01 39.50
N ASN M 265 33.11 13.75 39.88
CA ASN M 265 34.18 13.47 40.84
C ASN M 265 35.54 13.86 40.26
N ARG M 266 35.79 13.52 38.99
CA ARG M 266 37.06 13.85 38.37
C ARG M 266 37.26 15.36 38.27
N LEU M 267 36.17 16.11 38.06
CA LEU M 267 36.27 17.56 37.96
C LEU M 267 36.45 18.21 39.33
N LYS M 268 35.82 17.65 40.37
CA LYS M 268 35.90 18.27 41.69
C LYS M 268 37.17 17.88 42.43
N VAL M 269 37.34 16.58 42.73
CA VAL M 269 38.46 16.14 43.55
C VAL M 269 39.66 15.75 42.71
N GLY M 270 39.55 15.79 41.39
CA GLY M 270 40.65 15.38 40.54
C GLY M 270 40.95 13.90 40.60
N LEU M 271 39.91 13.07 40.66
CA LEU M 271 40.09 11.62 40.67
C LEU M 271 40.46 11.15 39.27
N GLN M 272 41.65 10.60 39.11
CA GLN M 272 42.11 10.12 37.81
C GLN M 272 41.30 8.89 37.41
N VAL M 273 40.39 9.06 36.46
CA VAL M 273 39.52 7.97 36.01
C VAL M 273 39.08 8.26 34.59
N VAL M 274 38.92 7.20 33.80
CA VAL M 274 38.45 7.31 32.42
C VAL M 274 37.55 6.12 32.11
N ALA M 275 36.71 6.29 31.09
CA ALA M 275 35.75 5.27 30.69
C ALA M 275 35.87 5.00 29.20
N VAL M 276 35.81 3.72 28.83
CA VAL M 276 35.99 3.29 27.45
C VAL M 276 34.98 2.20 27.13
N LYS M 277 34.36 2.29 25.95
CA LYS M 277 33.46 1.26 25.48
C LYS M 277 34.21 0.00 25.10
N ALA M 278 33.58 -1.14 25.32
CA ALA M 278 34.20 -2.42 25.03
C ALA M 278 34.22 -2.68 23.53
N PRO M 279 35.37 -3.02 22.96
CA PRO M 279 35.42 -3.33 21.52
C PRO M 279 34.69 -4.64 21.23
N GLY M 280 34.20 -4.75 20.00
CA GLY M 280 33.46 -5.92 19.57
C GLY M 280 31.97 -5.78 19.79
N PHE M 281 31.21 -6.49 18.96
CA PHE M 281 29.75 -6.45 19.02
C PHE M 281 29.08 -7.78 19.26
N GLY M 282 29.82 -8.89 19.23
CA GLY M 282 29.23 -10.19 19.48
C GLY M 282 30.03 -11.02 20.46
N ASP M 283 30.21 -12.31 20.17
CA ASP M 283 31.08 -13.14 21.00
C ASP M 283 32.52 -12.64 20.97
N ASN M 284 32.91 -11.97 19.88
CA ASN M 284 34.24 -11.38 19.80
C ASN M 284 34.46 -10.35 20.89
N ARG M 285 33.40 -9.64 21.30
CA ARG M 285 33.51 -8.71 22.42
C ARG M 285 33.93 -9.44 23.69
N LYS M 286 33.29 -10.57 23.98
CA LYS M 286 33.64 -11.35 25.16
C LYS M 286 35.05 -11.90 25.06
N ASN M 287 35.42 -12.40 23.87
CA ASN M 287 36.77 -12.92 23.69
C ASN M 287 37.82 -11.85 23.92
N GLN M 288 37.61 -10.65 23.37
CA GLN M 288 38.54 -9.56 23.58
C GLN M 288 38.59 -9.13 25.04
N LEU M 289 37.43 -9.11 25.70
CA LEU M 289 37.41 -8.76 27.12
C LEU M 289 38.24 -9.73 27.93
N LYS M 290 38.08 -11.03 27.67
CA LYS M 290 38.90 -12.03 28.35
C LYS M 290 40.38 -11.86 28.01
N ASP M 291 40.67 -11.48 26.76
CA ASP M 291 42.06 -11.29 26.35
C ASP M 291 42.72 -10.16 27.12
N MET M 292 42.07 -9.01 27.22
CA MET M 292 42.67 -7.93 28.01
C MET M 292 42.65 -8.25 29.49
N ALA M 293 41.69 -9.06 29.96
CA ALA M 293 41.71 -9.48 31.35
C ALA M 293 42.95 -10.32 31.65
N ILE M 294 43.29 -11.24 30.75
CA ILE M 294 44.48 -12.06 30.95
C ILE M 294 45.74 -11.23 30.79
N ALA M 295 45.77 -10.33 29.80
CA ALA M 295 46.96 -9.53 29.53
C ALA M 295 47.26 -8.59 30.70
N THR M 296 46.25 -7.86 31.17
CA THR M 296 46.46 -6.95 32.29
C THR M 296 46.57 -7.72 33.61
N GLY M 297 45.74 -8.75 33.79
CA GLY M 297 45.74 -9.54 35.00
C GLY M 297 44.61 -9.17 35.93
N GLY M 298 43.53 -9.94 35.89
CA GLY M 298 42.36 -9.64 36.69
C GLY M 298 41.19 -10.54 36.36
N ALA M 299 39.99 -9.96 36.28
CA ALA M 299 38.79 -10.74 36.00
C ALA M 299 37.78 -9.85 35.29
N VAL M 300 36.85 -10.50 34.60
CA VAL M 300 35.76 -9.82 33.92
C VAL M 300 34.52 -9.89 34.80
N PHE M 301 33.95 -8.73 35.10
CA PHE M 301 32.79 -8.65 35.99
C PHE M 301 31.51 -8.74 35.17
N GLY M 302 30.63 -9.65 35.56
CA GLY M 302 29.39 -9.87 34.85
C GLY M 302 29.41 -10.98 33.84
N GLU M 303 30.42 -11.85 33.85
CA GLU M 303 30.50 -12.95 32.91
C GLU M 303 29.45 -14.01 33.25
N GLU M 304 28.97 -14.71 32.23
CA GLU M 304 27.93 -15.70 32.42
C GLU M 304 28.44 -16.95 33.14
N GLY M 305 29.76 -17.13 33.23
CA GLY M 305 30.32 -18.31 33.86
C GLY M 305 30.32 -18.24 35.37
N LEU M 306 31.00 -17.24 35.93
CA LEU M 306 31.10 -17.09 37.38
C LEU M 306 30.21 -15.98 37.93
N THR M 307 29.87 -14.99 37.11
CA THR M 307 29.05 -13.84 37.53
C THR M 307 29.68 -13.15 38.74
N LEU M 308 30.89 -12.63 38.53
CA LEU M 308 31.59 -11.86 39.55
C LEU M 308 30.94 -10.49 39.65
N ASN M 309 30.12 -10.30 40.68
CA ASN M 309 29.40 -9.04 40.84
C ASN M 309 30.37 -7.91 41.15
N LEU M 310 30.05 -6.73 40.62
CA LEU M 310 30.92 -5.57 40.79
C LEU M 310 30.94 -5.05 42.22
N GLU M 311 29.89 -5.35 43.00
CA GLU M 311 29.85 -4.87 44.38
C GLU M 311 30.98 -5.44 45.21
N ASP M 312 31.28 -6.72 45.03
CA ASP M 312 32.36 -7.38 45.77
C ASP M 312 33.69 -7.30 45.01
N VAL M 313 34.07 -6.09 44.62
CA VAL M 313 35.33 -5.89 43.92
C VAL M 313 36.46 -5.79 44.93
N GLN M 314 37.62 -6.34 44.58
CA GLN M 314 38.78 -6.39 45.44
C GLN M 314 39.96 -5.73 44.75
N PRO M 315 40.94 -5.22 45.51
CA PRO M 315 42.12 -4.62 44.87
C PRO M 315 42.88 -5.57 43.98
N HIS M 316 42.80 -6.88 44.23
CA HIS M 316 43.47 -7.86 43.38
C HIS M 316 42.65 -8.24 42.16
N ASP M 317 41.45 -7.69 42.01
CA ASP M 317 40.61 -7.95 40.84
C ASP M 317 40.80 -6.91 39.74
N LEU M 318 41.70 -5.95 39.92
CA LEU M 318 41.93 -4.88 38.97
C LEU M 318 43.26 -5.09 38.27
N GLY M 319 43.27 -5.01 36.94
CA GLY M 319 44.50 -5.15 36.20
C GLY M 319 45.40 -3.94 36.35
N LYS M 320 46.68 -4.15 36.11
CA LYS M 320 47.68 -3.09 36.17
C LYS M 320 48.26 -2.86 34.78
N VAL M 321 48.23 -1.61 34.32
CA VAL M 321 48.81 -1.25 33.03
C VAL M 321 49.93 -0.24 33.26
N GLY M 322 51.06 -0.47 32.60
CA GLY M 322 52.18 0.43 32.76
C GLY M 322 51.91 1.82 32.20
N GLU M 323 51.17 1.90 31.11
CA GLU M 323 50.90 3.18 30.45
C GLU M 323 49.73 3.00 29.50
N VAL M 324 48.70 3.84 29.66
CA VAL M 324 47.48 3.77 28.85
C VAL M 324 47.13 5.16 28.36
N ILE M 325 46.83 5.28 27.07
CA ILE M 325 46.33 6.51 26.47
C ILE M 325 45.01 6.21 25.80
N VAL M 326 44.12 7.20 25.79
CA VAL M 326 42.82 7.09 25.13
C VAL M 326 42.49 8.43 24.50
N THR M 327 42.12 8.42 23.22
CA THR M 327 41.76 9.65 22.53
C THR M 327 40.37 9.52 21.91
N LYS M 328 40.00 10.49 21.07
CA LYS M 328 38.62 10.61 20.62
C LYS M 328 38.15 9.39 19.81
N ASP M 329 39.07 8.61 19.25
CA ASP M 329 38.69 7.50 18.38
C ASP M 329 39.14 6.13 18.88
N ASP M 330 40.26 6.04 19.59
CA ASP M 330 40.75 4.74 20.02
C ASP M 330 41.55 4.89 21.31
N ALA M 331 41.72 3.75 22.00
CA ALA M 331 42.45 3.68 23.26
C ALA M 331 43.52 2.62 23.15
N MET M 332 44.68 2.88 23.77
CA MET M 332 45.83 1.99 23.69
C MET M 332 46.29 1.63 25.10
N LEU M 333 46.52 0.33 25.32
CA LEU M 333 47.01 -0.17 26.60
C LEU M 333 48.36 -0.84 26.39
N LEU M 334 49.35 -0.45 27.20
CA LEU M 334 50.70 -0.97 27.10
C LEU M 334 51.18 -1.44 28.47
N LYS M 335 52.07 -2.44 28.44
CA LYS M 335 52.75 -2.95 29.65
C LYS M 335 51.74 -3.48 30.67
N GLY M 336 50.89 -4.40 30.22
CA GLY M 336 49.98 -5.06 31.13
C GLY M 336 50.74 -5.97 32.08
N LYS M 337 50.50 -5.80 33.39
CA LYS M 337 51.20 -6.59 34.40
C LYS M 337 50.44 -7.89 34.65
N GLY M 338 50.44 -8.73 33.62
CA GLY M 338 49.80 -10.04 33.68
C GLY M 338 50.84 -11.14 33.74
N ASP M 339 50.46 -12.26 34.33
CA ASP M 339 51.37 -13.40 34.42
C ASP M 339 51.63 -13.99 33.04
N LYS M 340 52.90 -14.30 32.77
CA LYS M 340 53.28 -14.77 31.45
C LYS M 340 52.71 -16.16 31.16
N ALA M 341 52.54 -17.00 32.18
CA ALA M 341 52.02 -18.34 31.97
C ALA M 341 50.59 -18.30 31.44
N GLN M 342 49.74 -17.45 32.04
CA GLN M 342 48.37 -17.33 31.58
C GLN M 342 48.30 -16.77 30.17
N ILE M 343 49.15 -15.80 29.85
CA ILE M 343 49.20 -15.25 28.50
C ILE M 343 49.60 -16.33 27.50
N GLU M 344 50.60 -17.14 27.85
CA GLU M 344 51.03 -18.20 26.95
C GLU M 344 49.94 -19.23 26.76
N LYS M 345 49.23 -19.59 27.83
CA LYS M 345 48.13 -20.54 27.70
C LYS M 345 47.02 -19.98 26.83
N ARG M 346 46.72 -18.68 26.98
CA ARG M 346 45.73 -18.05 26.13
C ARG M 346 46.16 -18.06 24.67
N ILE M 347 47.45 -17.82 24.42
CA ILE M 347 47.97 -17.87 23.04
C ILE M 347 47.83 -19.27 22.47
N GLN M 348 48.12 -20.29 23.29
CA GLN M 348 47.94 -21.67 22.85
C GLN M 348 46.47 -21.95 22.53
N GLU M 349 45.55 -21.44 23.35
CA GLU M 349 44.13 -21.61 23.07
C GLU M 349 43.75 -20.93 21.75
N ILE M 350 44.30 -19.74 21.49
CA ILE M 350 44.00 -19.04 20.25
C ILE M 350 44.48 -19.83 19.05
N ILE M 351 45.72 -20.34 19.11
CA ILE M 351 46.25 -21.07 17.96
C ILE M 351 45.52 -22.39 17.80
N GLU M 352 45.02 -22.99 18.88
CA GLU M 352 44.23 -24.20 18.76
C GLU M 352 42.89 -23.92 18.12
N GLN M 353 42.21 -22.83 18.52
CA GLN M 353 40.97 -22.44 17.89
C GLN M 353 41.16 -22.03 16.44
N LEU M 354 42.38 -21.62 16.07
CA LEU M 354 42.68 -21.36 14.66
C LEU M 354 42.74 -22.62 13.83
N ASP M 355 42.75 -23.81 14.44
CA ASP M 355 42.95 -25.06 13.74
C ASP M 355 41.86 -26.07 14.03
N VAL M 356 40.61 -25.62 14.13
CA VAL M 356 39.47 -26.51 14.30
C VAL M 356 38.54 -26.45 13.09
N THR M 357 38.30 -25.25 12.56
CA THR M 357 37.45 -25.07 11.40
C THR M 357 37.78 -23.72 10.78
N THR M 358 37.01 -23.34 9.75
CA THR M 358 37.17 -22.07 9.08
C THR M 358 35.81 -21.47 8.77
N SER M 359 35.74 -20.14 8.84
CA SER M 359 34.51 -19.43 8.50
C SER M 359 34.80 -18.15 7.71
N GLU M 360 36.04 -17.95 7.25
CA GLU M 360 36.43 -16.80 6.43
C GLU M 360 36.42 -15.49 7.22
N TYR M 361 36.00 -15.54 8.48
CA TYR M 361 35.98 -14.35 9.32
C TYR M 361 36.56 -14.64 10.69
N GLU M 362 36.38 -15.87 11.18
CA GLU M 362 36.88 -16.21 12.50
C GLU M 362 38.39 -16.33 12.52
N LYS M 363 39.00 -16.80 11.42
CA LYS M 363 40.46 -16.87 11.35
C LYS M 363 41.08 -15.48 11.44
N GLU M 364 40.48 -14.50 10.76
CA GLU M 364 41.00 -13.14 10.81
C GLU M 364 40.94 -12.58 12.22
N LYS M 365 39.82 -12.79 12.92
CA LYS M 365 39.69 -12.30 14.28
C LYS M 365 40.68 -12.99 15.21
N LEU M 366 40.83 -14.32 15.07
CA LEU M 366 41.78 -15.04 15.91
C LEU M 366 43.20 -14.55 15.68
N ASN M 367 43.58 -14.34 14.42
CA ASN M 367 44.91 -13.83 14.11
C ASN M 367 45.10 -12.43 14.68
N GLU M 368 44.07 -11.58 14.59
CA GLU M 368 44.15 -10.23 15.14
C GLU M 368 44.39 -10.28 16.65
N ARG M 369 43.62 -11.11 17.36
CA ARG M 369 43.76 -11.21 18.80
C ARG M 369 45.12 -11.78 19.18
N LEU M 370 45.59 -12.79 18.45
CA LEU M 370 46.90 -13.37 18.73
C LEU M 370 48.01 -12.34 18.52
N ALA M 371 47.92 -11.55 17.44
CA ALA M 371 48.91 -10.51 17.20
C ALA M 371 48.88 -9.44 18.29
N LYS M 372 47.66 -9.05 18.71
CA LYS M 372 47.55 -8.09 19.80
C LYS M 372 48.15 -8.63 21.09
N LEU M 373 48.06 -9.94 21.31
CA LEU M 373 48.63 -10.52 22.53
C LEU M 373 50.14 -10.58 22.47
N SER M 374 50.71 -10.97 21.33
CA SER M 374 52.13 -11.31 21.24
C SER M 374 53.00 -10.14 20.78
N ASP M 375 52.79 -9.65 19.55
CA ASP M 375 53.74 -8.74 18.93
C ASP M 375 53.13 -7.51 18.27
N GLY M 376 51.82 -7.35 18.28
CA GLY M 376 51.19 -6.23 17.60
C GLY M 376 51.00 -6.49 16.13
N VAL M 377 50.49 -5.46 15.45
CA VAL M 377 50.14 -5.55 14.03
C VAL M 377 50.88 -4.47 13.27
N ALA M 378 50.95 -4.62 11.95
CA ALA M 378 51.56 -3.63 11.07
C ALA M 378 50.58 -3.19 10.01
N VAL M 379 50.57 -1.89 9.72
CA VAL M 379 49.72 -1.30 8.69
C VAL M 379 50.60 -0.53 7.72
N LEU M 380 50.36 -0.74 6.42
CA LEU M 380 51.10 -0.06 5.36
C LEU M 380 50.19 0.96 4.71
N LYS M 381 50.53 2.24 4.89
CA LYS M 381 49.82 3.34 4.26
C LYS M 381 50.43 3.54 2.88
N VAL M 382 49.72 3.12 1.84
CA VAL M 382 50.23 3.23 0.48
C VAL M 382 49.99 4.65 -0.01
N GLY M 383 51.07 5.37 -0.32
CA GLY M 383 50.97 6.75 -0.73
C GLY M 383 50.78 6.93 -2.22
N GLY M 384 50.37 8.13 -2.60
CA GLY M 384 50.15 8.45 -3.99
C GLY M 384 49.53 9.82 -4.12
N THR M 385 49.38 10.24 -5.38
CA THR M 385 48.79 11.54 -5.68
C THR M 385 47.28 11.45 -5.88
N SER M 386 46.85 10.65 -6.85
CA SER M 386 45.44 10.48 -7.16
C SER M 386 44.96 9.12 -6.68
N ASP M 387 43.68 8.84 -6.92
CA ASP M 387 43.10 7.58 -6.46
C ASP M 387 43.57 6.40 -7.28
N VAL M 388 43.73 6.59 -8.59
CA VAL M 388 44.10 5.48 -9.48
C VAL M 388 45.50 4.98 -9.14
N GLU M 389 46.44 5.90 -8.93
CA GLU M 389 47.80 5.51 -8.59
C GLU M 389 47.84 4.75 -7.27
N VAL M 390 47.09 5.25 -6.27
CA VAL M 390 47.04 4.59 -4.98
C VAL M 390 46.46 3.19 -5.11
N ASN M 391 45.40 3.04 -5.90
CA ASN M 391 44.79 1.72 -6.09
C ASN M 391 45.76 0.76 -6.77
N GLU M 392 46.47 1.24 -7.80
CA GLU M 392 47.40 0.36 -8.50
C GLU M 392 48.55 -0.07 -7.59
N LYS M 393 49.11 0.88 -6.83
CA LYS M 393 50.18 0.54 -5.91
C LYS M 393 49.68 -0.36 -4.78
N LYS M 394 48.44 -0.18 -4.35
CA LYS M 394 47.86 -1.06 -3.34
C LYS M 394 47.73 -2.48 -3.86
N ASP M 395 47.30 -2.63 -5.11
CA ASP M 395 47.23 -3.97 -5.71
C ASP M 395 48.61 -4.60 -5.78
N ARG M 396 49.62 -3.83 -6.18
CA ARG M 396 50.98 -4.36 -6.25
C ARG M 396 51.48 -4.76 -4.86
N VAL M 397 51.19 -3.95 -3.85
CA VAL M 397 51.64 -4.24 -2.48
C VAL M 397 50.96 -5.49 -1.95
N THR M 398 49.67 -5.65 -2.22
CA THR M 398 48.97 -6.86 -1.79
C THR M 398 49.54 -8.09 -2.49
N ASP M 399 49.85 -7.97 -3.78
CA ASP M 399 50.50 -9.08 -4.48
C ASP M 399 51.83 -9.42 -3.84
N ALA M 400 52.61 -8.41 -3.49
CA ALA M 400 53.90 -8.65 -2.85
C ALA M 400 53.74 -9.35 -1.51
N LEU M 401 52.75 -8.92 -0.71
CA LEU M 401 52.52 -9.56 0.58
C LEU M 401 52.11 -11.01 0.41
N ASN M 402 51.20 -11.29 -0.51
CA ASN M 402 50.78 -12.66 -0.75
C ASN M 402 51.95 -13.53 -1.20
N ALA M 403 52.75 -13.02 -2.12
CA ALA M 403 53.89 -13.79 -2.60
C ALA M 403 54.91 -14.04 -1.50
N THR M 404 55.15 -13.03 -0.65
CA THR M 404 56.10 -13.21 0.45
C THR M 404 55.59 -14.25 1.44
N ARG M 405 54.29 -14.22 1.75
CA ARG M 405 53.73 -15.22 2.63
C ARG M 405 53.86 -16.62 2.04
N ALA M 406 53.58 -16.76 0.74
CA ALA M 406 53.72 -18.06 0.09
C ALA M 406 55.17 -18.54 0.12
N ALA M 407 56.11 -17.64 -0.13
CA ALA M 407 57.53 -18.00 -0.09
C ALA M 407 57.96 -18.44 1.30
N VAL M 408 57.46 -17.75 2.33
CA VAL M 408 57.76 -18.14 3.70
C VAL M 408 57.21 -19.53 3.98
N GLU M 409 55.97 -19.79 3.56
CA GLU M 409 55.33 -21.06 3.91
C GLU M 409 55.95 -22.23 3.16
N GLU M 410 56.31 -22.06 1.88
CA GLU M 410 56.71 -23.18 1.06
C GLU M 410 58.14 -23.14 0.56
N GLY M 411 58.69 -21.98 0.26
CA GLY M 411 60.05 -21.86 -0.24
C GLY M 411 60.11 -21.05 -1.53
N ILE M 412 61.27 -21.11 -2.18
CA ILE M 412 61.52 -20.32 -3.37
C ILE M 412 62.16 -21.19 -4.44
N VAL M 413 61.98 -20.75 -5.69
CA VAL M 413 62.58 -21.36 -6.87
C VAL M 413 63.06 -20.24 -7.78
N LEU M 414 63.73 -20.61 -8.87
CA LEU M 414 64.24 -19.62 -9.80
C LEU M 414 63.09 -18.83 -10.42
N GLY M 415 63.27 -17.50 -10.47
CA GLY M 415 62.27 -16.63 -11.05
C GLY M 415 62.42 -16.51 -12.55
N GLY M 416 61.55 -15.68 -13.14
CA GLY M 416 61.57 -15.46 -14.57
C GLY M 416 60.99 -16.58 -15.40
N GLY M 417 60.31 -17.55 -14.77
CA GLY M 417 59.75 -18.66 -15.48
C GLY M 417 60.70 -19.80 -15.76
N CYS M 418 61.96 -19.69 -15.36
CA CYS M 418 62.92 -20.77 -15.58
C CYS M 418 62.67 -21.96 -14.66
N ALA M 419 61.91 -21.77 -13.57
CA ALA M 419 61.59 -22.89 -12.70
C ALA M 419 60.82 -23.96 -13.44
N LEU M 420 59.85 -23.57 -14.27
CA LEU M 420 59.13 -24.52 -15.10
C LEU M 420 60.02 -25.06 -16.21
N LEU M 421 60.92 -24.24 -16.75
CA LEU M 421 61.78 -24.69 -17.83
C LEU M 421 62.71 -25.81 -17.38
N ARG M 422 63.26 -25.70 -16.17
CA ARG M 422 64.14 -26.74 -15.65
C ARG M 422 63.42 -28.05 -15.38
N CYS M 423 62.09 -28.04 -15.35
CA CYS M 423 61.32 -29.26 -15.14
C CYS M 423 61.04 -30.03 -16.42
N ILE M 424 61.43 -29.49 -17.58
CA ILE M 424 61.21 -30.20 -18.84
C ILE M 424 61.93 -31.54 -18.88
N PRO M 425 63.20 -31.66 -18.47
CA PRO M 425 63.83 -32.99 -18.47
C PRO M 425 63.12 -34.01 -17.60
N ALA M 426 62.42 -33.56 -16.55
CA ALA M 426 61.66 -34.49 -15.73
C ALA M 426 60.53 -35.14 -16.50
N LEU M 427 59.99 -34.45 -17.51
CA LEU M 427 58.93 -35.01 -18.34
C LEU M 427 59.44 -36.05 -19.32
N ASP M 428 60.74 -36.03 -19.64
CA ASP M 428 61.30 -37.03 -20.54
C ASP M 428 61.37 -38.42 -19.90
N SER M 429 61.21 -38.52 -18.59
CA SER M 429 61.29 -39.79 -17.88
C SER M 429 59.92 -40.44 -17.68
N LEU M 430 58.85 -39.83 -18.20
CA LEU M 430 57.51 -40.38 -18.04
C LEU M 430 57.20 -41.35 -19.17
N THR M 431 56.53 -42.44 -18.83
CA THR M 431 56.13 -43.45 -19.79
C THR M 431 54.62 -43.42 -19.98
N PRO M 432 54.12 -42.90 -21.09
CA PRO M 432 52.67 -42.88 -21.31
C PRO M 432 52.10 -44.29 -21.45
N ALA M 433 50.87 -44.46 -20.98
CA ALA M 433 50.21 -45.75 -21.08
C ALA M 433 49.77 -46.04 -22.51
N ASN M 434 49.44 -45.01 -23.27
CA ASN M 434 49.01 -45.18 -24.66
C ASN M 434 49.37 -43.90 -25.43
N GLU M 435 48.84 -43.80 -26.65
CA GLU M 435 49.20 -42.69 -27.53
C GLU M 435 48.63 -41.37 -27.01
N ASP M 436 47.41 -41.40 -26.48
CA ASP M 436 46.78 -40.17 -25.98
C ASP M 436 47.54 -39.61 -24.79
N GLN M 437 48.03 -40.47 -23.90
CA GLN M 437 48.84 -40.00 -22.79
C GLN M 437 50.15 -39.39 -23.30
N LYS M 438 50.71 -39.96 -24.36
CA LYS M 438 51.90 -39.39 -24.97
C LYS M 438 51.60 -37.99 -25.52
N ILE M 439 50.43 -37.83 -26.14
CA ILE M 439 50.04 -36.51 -26.65
C ILE M 439 49.90 -35.52 -25.50
N GLY M 440 49.29 -35.95 -24.39
CA GLY M 440 49.15 -35.06 -23.24
C GLY M 440 50.49 -34.66 -22.65
N ILE M 441 51.42 -35.62 -22.56
CA ILE M 441 52.76 -35.32 -22.07
C ILE M 441 53.45 -34.33 -22.98
N GLU M 442 53.31 -34.50 -24.30
CA GLU M 442 53.89 -33.54 -25.24
C GLU M 442 53.26 -32.17 -25.09
N ILE M 443 51.96 -32.12 -24.84
CA ILE M 443 51.27 -30.84 -24.66
C ILE M 443 51.84 -30.11 -23.45
N ILE M 444 52.00 -30.83 -22.34
CA ILE M 444 52.56 -30.21 -21.14
C ILE M 444 54.00 -29.76 -21.37
N LYS M 445 54.78 -30.59 -22.06
CA LYS M 445 56.17 -30.25 -22.33
C LYS M 445 56.27 -28.98 -23.16
N ARG M 446 55.42 -28.84 -24.18
CA ARG M 446 55.41 -27.62 -24.99
C ARG M 446 54.91 -26.43 -24.18
N THR M 447 53.93 -26.64 -23.31
CA THR M 447 53.37 -25.54 -22.54
C THR M 447 54.35 -25.02 -21.50
N LEU M 448 55.27 -25.86 -21.04
CA LEU M 448 56.18 -25.44 -19.98
C LEU M 448 57.06 -24.26 -20.37
N LYS M 449 57.22 -23.98 -21.66
CA LYS M 449 58.03 -22.86 -22.11
C LYS M 449 57.26 -21.55 -22.23
N ILE M 450 55.94 -21.58 -22.01
CA ILE M 450 55.11 -20.41 -22.29
C ILE M 450 55.45 -19.22 -21.38
N PRO M 451 55.57 -19.38 -20.05
CA PRO M 451 55.84 -18.18 -19.23
C PRO M 451 57.12 -17.45 -19.60
N ALA M 452 58.21 -18.17 -19.83
CA ALA M 452 59.47 -17.51 -20.19
C ALA M 452 59.36 -16.84 -21.55
N MET M 453 58.71 -17.49 -22.52
CA MET M 453 58.54 -16.88 -23.83
C MET M 453 57.72 -15.60 -23.74
N THR M 454 56.64 -15.63 -22.95
CA THR M 454 55.81 -14.43 -22.79
C THR M 454 56.59 -13.32 -22.11
N ILE M 455 57.37 -13.65 -21.07
CA ILE M 455 58.14 -12.64 -20.36
C ILE M 455 59.16 -12.00 -21.31
N ALA M 456 59.85 -12.83 -22.10
CA ALA M 456 60.81 -12.30 -23.06
C ALA M 456 60.13 -11.45 -24.13
N LYS M 457 58.98 -11.91 -24.62
CA LYS M 457 58.28 -11.19 -25.68
C LYS M 457 57.79 -9.83 -25.21
N ASN M 458 57.30 -9.74 -23.97
CA ASN M 458 56.89 -8.45 -23.44
C ASN M 458 58.08 -7.50 -23.33
N ALA M 459 59.28 -8.02 -23.13
CA ALA M 459 60.48 -7.19 -23.07
C ALA M 459 60.91 -6.68 -24.43
N GLY M 460 60.32 -7.17 -25.52
CA GLY M 460 60.66 -6.74 -26.85
C GLY M 460 61.68 -7.60 -27.57
N VAL M 461 62.07 -8.73 -27.01
CA VAL M 461 63.02 -9.64 -27.64
C VAL M 461 62.29 -10.90 -28.08
N GLU M 462 62.98 -11.72 -28.86
CA GLU M 462 62.40 -12.97 -29.36
C GLU M 462 62.36 -13.98 -28.23
N GLY M 463 61.16 -14.45 -27.88
CA GLY M 463 61.02 -15.34 -26.75
C GLY M 463 61.64 -16.71 -26.99
N SER M 464 61.48 -17.24 -28.20
CA SER M 464 61.97 -18.59 -28.48
C SER M 464 63.48 -18.68 -28.36
N LEU M 465 64.19 -17.68 -28.88
CA LEU M 465 65.65 -17.69 -28.81
C LEU M 465 66.13 -17.59 -27.36
N ILE M 466 65.49 -16.74 -26.56
CA ILE M 466 65.85 -16.61 -25.16
C ILE M 466 65.61 -17.91 -24.42
N VAL M 467 64.47 -18.55 -24.68
CA VAL M 467 64.16 -19.82 -24.02
C VAL M 467 65.17 -20.88 -24.41
N GLU M 468 65.52 -20.95 -25.70
CA GLU M 468 66.50 -21.93 -26.15
C GLU M 468 67.86 -21.70 -25.50
N LYS M 469 68.29 -20.44 -25.41
CA LYS M 469 69.57 -20.14 -24.79
C LYS M 469 69.53 -20.50 -23.30
N ILE M 470 68.39 -20.28 -22.65
CA ILE M 470 68.24 -20.65 -21.25
C ILE M 470 68.38 -22.16 -21.08
N MET M 471 67.72 -22.93 -21.95
CA MET M 471 67.83 -24.39 -21.88
C MET M 471 69.26 -24.85 -22.12
N GLN M 472 69.95 -24.22 -23.08
CA GLN M 472 71.33 -24.59 -23.36
C GLN M 472 72.32 -24.02 -22.36
N SER M 473 71.87 -23.17 -21.44
CA SER M 473 72.75 -22.59 -20.43
C SER M 473 73.01 -23.61 -19.33
N SER M 474 73.61 -23.17 -18.23
CA SER M 474 73.85 -24.05 -17.10
C SER M 474 72.54 -24.35 -16.37
N SER M 475 72.65 -25.09 -15.27
CA SER M 475 71.47 -25.45 -14.48
C SER M 475 70.98 -24.30 -13.61
N GLU M 476 71.65 -23.15 -13.63
CA GLU M 476 71.28 -22.06 -12.73
C GLU M 476 71.12 -20.75 -13.49
N VAL M 477 71.86 -20.58 -14.59
CA VAL M 477 71.86 -19.32 -15.31
C VAL M 477 70.49 -19.08 -15.93
N GLY M 478 69.96 -17.87 -15.74
CA GLY M 478 68.69 -17.50 -16.32
C GLY M 478 68.77 -16.17 -17.06
N TYR M 479 67.63 -15.63 -17.46
CA TYR M 479 67.56 -14.40 -18.24
C TYR M 479 66.88 -13.31 -17.42
N ASP M 480 67.56 -12.18 -17.26
CA ASP M 480 66.99 -10.98 -16.65
C ASP M 480 66.38 -10.14 -17.76
N ALA M 481 65.06 -10.02 -17.76
CA ALA M 481 64.35 -9.27 -18.79
C ALA M 481 64.47 -7.76 -18.55
N MET M 482 64.44 -7.33 -17.30
CA MET M 482 64.54 -5.91 -17.01
C MET M 482 65.90 -5.36 -17.44
N ALA M 483 66.98 -6.04 -17.06
CA ALA M 483 68.30 -5.69 -17.56
C ALA M 483 68.51 -6.19 -18.97
N GLY M 484 67.90 -7.32 -19.33
CA GLY M 484 67.99 -7.85 -20.67
C GLY M 484 69.28 -8.58 -20.95
N ASP M 485 69.67 -9.50 -20.07
CA ASP M 485 70.91 -10.24 -20.27
C ASP M 485 70.86 -11.51 -19.46
N PHE M 486 71.71 -12.47 -19.82
CA PHE M 486 71.74 -13.77 -19.17
C PHE M 486 72.64 -13.67 -17.93
N VAL M 487 72.03 -13.82 -16.75
CA VAL M 487 72.65 -13.57 -15.47
C VAL M 487 72.35 -14.71 -14.52
N ASN M 488 72.79 -14.54 -13.27
CA ASN M 488 72.55 -15.48 -12.19
C ASN M 488 71.31 -15.03 -11.40
N MET M 489 70.25 -15.84 -11.42
CA MET M 489 69.01 -15.46 -10.75
C MET M 489 69.16 -15.37 -9.24
N VAL M 490 69.71 -16.42 -8.60
CA VAL M 490 69.75 -16.44 -7.15
C VAL M 490 70.66 -15.33 -6.62
N GLU M 491 71.74 -15.04 -7.34
CA GLU M 491 72.59 -13.92 -6.96
C GLU M 491 71.88 -12.58 -7.19
N LYS M 492 71.16 -12.45 -8.31
CA LYS M 492 70.45 -11.21 -8.62
C LYS M 492 69.09 -11.11 -7.95
N GLY M 493 68.66 -12.14 -7.23
CA GLY M 493 67.42 -12.07 -6.49
C GLY M 493 66.16 -12.19 -7.32
N ILE M 494 66.22 -12.86 -8.46
CA ILE M 494 65.03 -13.12 -9.27
C ILE M 494 64.54 -14.50 -8.86
N ILE M 495 63.66 -14.53 -7.85
CA ILE M 495 63.14 -15.77 -7.30
C ILE M 495 61.62 -15.68 -7.21
N ASP M 496 60.98 -16.84 -7.20
CA ASP M 496 59.53 -16.95 -7.16
C ASP M 496 59.10 -17.91 -6.07
N PRO M 497 57.95 -17.67 -5.44
CA PRO M 497 57.42 -18.65 -4.48
C PRO M 497 56.98 -19.91 -5.20
N THR M 498 57.49 -21.05 -4.74
CA THR M 498 57.16 -22.32 -5.39
C THR M 498 55.67 -22.63 -5.30
N LYS M 499 55.02 -22.20 -4.22
CA LYS M 499 53.58 -22.41 -4.09
C LYS M 499 52.81 -21.73 -5.21
N VAL M 500 53.19 -20.49 -5.54
CA VAL M 500 52.51 -19.75 -6.59
C VAL M 500 52.63 -20.49 -7.92
N VAL M 501 53.85 -20.92 -8.26
CA VAL M 501 54.07 -21.58 -9.55
C VAL M 501 53.29 -22.88 -9.62
N ARG M 502 53.39 -23.71 -8.57
CA ARG M 502 52.73 -25.00 -8.62
C ARG M 502 51.21 -24.84 -8.64
N THR M 503 50.67 -23.89 -7.87
CA THR M 503 49.23 -23.66 -7.87
C THR M 503 48.75 -23.17 -9.23
N ALA M 504 49.46 -22.22 -9.82
CA ALA M 504 49.05 -21.71 -11.13
C ALA M 504 49.06 -22.82 -12.17
N LEU M 505 50.13 -23.60 -12.22
CA LEU M 505 50.21 -24.69 -13.19
C LEU M 505 49.09 -25.70 -12.96
N LEU M 506 48.88 -26.09 -11.70
CA LEU M 506 47.87 -27.10 -11.39
C LEU M 506 46.48 -26.64 -11.80
N ASP M 507 46.10 -25.42 -11.43
CA ASP M 507 44.76 -24.95 -11.75
C ASP M 507 44.58 -24.77 -13.25
N ALA M 508 45.58 -24.18 -13.92
CA ALA M 508 45.47 -23.97 -15.36
C ALA M 508 45.31 -25.29 -16.10
N ALA M 509 46.12 -26.28 -15.75
CA ALA M 509 46.01 -27.58 -16.39
C ALA M 509 44.66 -28.23 -16.08
N GLY M 510 44.23 -28.18 -14.82
CA GLY M 510 43.00 -28.84 -14.43
C GLY M 510 41.79 -28.29 -15.16
N VAL M 511 41.78 -26.99 -15.43
CA VAL M 511 40.63 -26.43 -16.14
C VAL M 511 40.77 -26.62 -17.65
N ALA M 512 41.96 -26.36 -18.20
CA ALA M 512 42.12 -26.40 -19.65
C ALA M 512 41.98 -27.82 -20.20
N SER M 513 42.48 -28.82 -19.48
CA SER M 513 42.36 -30.20 -19.94
C SER M 513 40.89 -30.61 -20.00
N LEU M 514 40.10 -30.23 -19.00
CA LEU M 514 38.67 -30.50 -19.04
C LEU M 514 38.00 -29.77 -20.19
N LEU M 515 38.39 -28.51 -20.43
CA LEU M 515 37.79 -27.75 -21.52
C LEU M 515 38.07 -28.40 -22.87
N THR M 516 39.28 -28.90 -23.08
CA THR M 516 39.65 -29.49 -24.38
C THR M 516 38.93 -30.80 -24.67
N THR M 517 38.00 -31.29 -23.85
CA THR M 517 37.28 -32.53 -24.12
C THR M 517 35.87 -32.29 -24.66
N ALA M 518 35.55 -31.06 -25.04
CA ALA M 518 34.20 -30.74 -25.48
C ALA M 518 34.01 -31.09 -26.95
N GLU M 519 32.79 -31.51 -27.28
CA GLU M 519 32.44 -31.85 -28.65
C GLU M 519 31.14 -31.16 -29.06
N VAL M 520 30.24 -30.94 -28.10
CA VAL M 520 28.93 -30.36 -28.34
C VAL M 520 28.73 -29.23 -27.35
N VAL M 521 28.19 -28.11 -27.82
CA VAL M 521 27.98 -26.93 -26.98
C VAL M 521 26.53 -26.49 -27.10
N VAL M 522 25.88 -26.27 -25.96
CA VAL M 522 24.51 -25.79 -25.89
C VAL M 522 24.54 -24.43 -25.21
N THR M 523 24.05 -23.41 -25.91
CA THR M 523 24.01 -22.05 -25.38
C THR M 523 22.60 -21.50 -25.48
N GLU M 524 22.29 -20.55 -24.61
CA GLU M 524 21.00 -19.87 -24.68
C GLU M 524 20.99 -18.91 -25.86
N ILE M 525 19.91 -18.95 -26.63
CA ILE M 525 19.79 -18.07 -27.79
C ILE M 525 19.71 -16.62 -27.30
N PRO M 526 20.48 -15.69 -27.88
CA PRO M 526 20.46 -14.31 -27.40
C PRO M 526 19.17 -13.59 -27.77
N LYS M 527 18.11 -13.83 -26.98
CA LYS M 527 16.82 -13.19 -27.25
C LYS M 527 16.91 -11.68 -27.07
N GLU M 528 17.65 -11.22 -26.06
CA GLU M 528 17.79 -9.79 -25.81
C GLU M 528 19.25 -9.37 -25.90
N GLY N 3 0.63 18.38 71.93
CA GLY N 3 0.22 19.76 71.75
C GLY N 3 1.39 20.69 71.46
N GLN N 4 2.57 20.10 71.27
CA GLN N 4 3.75 20.88 70.97
C GLN N 4 3.65 21.50 69.57
N ALA N 5 4.23 22.67 69.42
CA ALA N 5 4.15 23.43 68.18
C ALA N 5 5.54 23.79 67.68
N PHE N 6 5.73 23.67 66.37
CA PHE N 6 6.92 24.24 65.74
C PHE N 6 6.72 25.75 65.60
N ARG N 7 7.63 26.39 64.88
CA ARG N 7 7.53 27.83 64.71
C ARG N 7 6.28 28.19 63.90
N LYS N 8 5.32 28.83 64.58
CA LYS N 8 4.13 29.41 63.96
C LYS N 8 3.30 28.34 63.24
N PHE N 9 3.22 27.14 63.84
CA PHE N 9 2.50 26.04 63.20
C PHE N 9 2.07 25.03 64.25
N LEU N 10 0.90 24.42 64.02
CA LEU N 10 0.35 23.36 64.86
C LEU N 10 -0.37 22.32 64.03
N PRO N 11 0.10 21.07 64.01
CA PRO N 11 -0.64 20.01 63.33
C PRO N 11 -1.90 19.65 64.08
N LEU N 12 -2.87 19.11 63.34
CA LEU N 12 -4.14 18.67 63.90
C LEU N 12 -4.22 17.15 63.88
N PHE N 13 -5.10 16.62 64.74
CA PHE N 13 -5.36 15.18 64.86
C PHE N 13 -4.04 14.49 65.21
N ASP N 14 -3.68 13.40 64.54
CA ASP N 14 -2.45 12.65 64.84
C ASP N 14 -1.32 12.97 63.87
N ARG N 15 -1.49 13.97 63.03
CA ARG N 15 -0.47 14.30 62.03
C ARG N 15 0.80 14.79 62.71
N VAL N 16 1.94 14.39 62.14
CA VAL N 16 3.26 14.68 62.71
C VAL N 16 4.08 15.41 61.65
N LEU N 17 4.70 16.52 62.03
CA LEU N 17 5.55 17.30 61.14
C LEU N 17 7.00 17.01 61.47
N VAL N 18 7.75 16.55 60.46
CA VAL N 18 9.14 16.16 60.62
C VAL N 18 9.97 16.86 59.56
N GLU N 19 11.29 16.79 59.74
CA GLU N 19 12.25 17.34 58.79
C GLU N 19 13.24 16.26 58.41
N ARG N 20 13.49 16.10 57.11
CA ARG N 20 14.38 15.05 56.64
C ARG N 20 15.83 15.42 56.92
N SER N 21 16.63 14.40 57.24
CA SER N 21 18.03 14.61 57.55
C SER N 21 18.82 15.00 56.29
N ALA N 22 20.05 15.42 56.51
CA ALA N 22 20.92 15.81 55.40
C ALA N 22 21.28 14.60 54.55
N ALA N 23 21.17 14.77 53.23
CA ALA N 23 21.47 13.68 52.31
C ALA N 23 22.96 13.36 52.31
N GLU N 24 23.28 12.12 51.98
CA GLU N 24 24.67 11.66 51.93
C GLU N 24 25.24 12.02 50.56
N THR N 25 25.86 13.21 50.50
CA THR N 25 26.46 13.65 49.25
C THR N 25 27.91 13.23 49.13
N VAL N 26 28.52 12.72 50.19
CA VAL N 26 29.92 12.30 50.19
C VAL N 26 29.99 10.90 50.79
N THR N 27 30.64 9.99 50.08
CA THR N 27 30.86 8.63 50.57
C THR N 27 32.10 8.60 51.46
N LYS N 28 32.15 7.61 52.36
CA LYS N 28 33.26 7.48 53.29
C LYS N 28 34.60 7.41 52.57
N GLY N 29 34.62 6.89 51.35
CA GLY N 29 35.84 6.79 50.58
C GLY N 29 36.30 8.04 49.88
N GLY N 30 35.54 9.14 50.01
CA GLY N 30 35.85 10.38 49.35
C GLY N 30 35.11 10.63 48.06
N ILE N 31 34.46 9.61 47.49
CA ILE N 31 33.68 9.82 46.27
C ILE N 31 32.35 10.46 46.64
N MET N 32 32.07 11.61 46.03
CA MET N 32 30.87 12.34 46.39
C MET N 32 29.86 12.15 45.26
N LEU N 33 28.63 11.82 45.62
CA LEU N 33 27.55 11.37 44.75
C LEU N 33 26.90 12.56 44.05
N PRO N 34 26.36 12.33 42.85
CA PRO N 34 25.62 13.39 42.17
C PRO N 34 24.32 13.70 42.88
N GLU N 35 23.84 14.93 42.69
CA GLU N 35 22.62 15.37 43.36
C GLU N 35 21.39 14.61 42.84
N LYS N 36 21.37 14.26 41.55
CA LYS N 36 20.20 13.59 40.99
C LYS N 36 20.00 12.21 41.59
N SER N 37 21.08 11.54 42.01
CA SER N 37 20.98 10.22 42.60
C SER N 37 20.64 10.35 44.08
N GLN N 38 20.78 9.24 44.82
CA GLN N 38 20.67 9.16 46.28
C GLN N 38 19.24 9.37 46.76
N GLY N 39 18.32 9.68 45.85
CA GLY N 39 16.91 9.72 46.17
C GLY N 39 16.58 10.70 47.28
N LYS N 40 15.72 10.25 48.20
CA LYS N 40 15.26 11.06 49.33
C LYS N 40 15.64 10.38 50.64
N VAL N 41 15.95 11.19 51.64
CA VAL N 41 16.37 10.66 52.94
C VAL N 41 15.17 10.07 53.67
N LEU N 42 15.35 8.87 54.19
CA LEU N 42 14.29 8.19 54.93
C LEU N 42 14.37 8.41 56.44
N GLN N 43 15.48 8.93 56.94
CA GLN N 43 15.65 9.19 58.36
C GLN N 43 15.30 10.65 58.63
N ALA N 44 14.34 10.88 59.52
CA ALA N 44 13.87 12.22 59.82
C ALA N 44 13.82 12.41 61.33
N THR N 45 13.60 13.67 61.72
CA THR N 45 13.47 14.04 63.13
C THR N 45 12.14 14.76 63.32
N VAL N 46 11.43 14.39 64.37
CA VAL N 46 10.11 14.96 64.63
C VAL N 46 10.28 16.36 65.21
N VAL N 47 9.63 17.34 64.58
CA VAL N 47 9.67 18.71 65.07
C VAL N 47 8.32 19.23 65.53
N ALA N 48 7.22 18.57 65.19
CA ALA N 48 5.91 18.98 65.67
C ALA N 48 5.00 17.76 65.77
N VAL N 49 4.20 17.71 66.83
CA VAL N 49 3.31 16.58 67.09
C VAL N 49 1.88 17.11 67.16
N GLY N 50 0.95 16.30 66.67
CA GLY N 50 -0.46 16.68 66.68
C GLY N 50 -1.07 16.57 68.06
N SER N 51 -2.29 17.09 68.17
CA SER N 51 -2.99 17.08 69.45
C SER N 51 -3.30 15.66 69.91
N GLY N 52 -3.75 14.82 69.00
CA GLY N 52 -4.10 13.45 69.34
C GLY N 52 -5.21 12.90 68.47
N SER N 53 -5.57 11.63 68.67
CA SER N 53 -6.57 10.96 67.85
C SER N 53 -7.90 10.88 68.60
N LYS N 54 -8.98 11.29 67.94
CA LYS N 54 -10.32 11.24 68.51
C LYS N 54 -11.14 10.06 67.98
N GLY N 55 -10.47 9.02 67.48
CA GLY N 55 -11.20 7.86 67.02
C GLY N 55 -11.99 7.19 68.13
N LYS N 56 -11.39 7.06 69.31
CA LYS N 56 -12.10 6.59 70.49
C LYS N 56 -12.70 7.79 71.21
N GLY N 57 -14.02 7.78 71.38
CA GLY N 57 -14.69 8.92 71.96
C GLY N 57 -14.31 9.15 73.41
N GLY N 58 -14.42 10.41 73.82
CA GLY N 58 -14.06 10.79 75.17
C GLY N 58 -12.81 11.63 75.26
N GLU N 59 -11.74 11.05 75.81
CA GLU N 59 -10.49 11.77 76.02
C GLU N 59 -9.64 11.73 74.75
N ILE N 60 -8.47 12.35 74.82
CA ILE N 60 -7.55 12.39 73.70
C ILE N 60 -6.54 11.26 73.85
N GLN N 61 -6.01 10.81 72.71
CA GLN N 61 -4.97 9.78 72.69
C GLN N 61 -3.71 10.40 72.11
N PRO N 62 -2.73 10.76 72.93
CA PRO N 62 -1.55 11.45 72.43
C PRO N 62 -0.73 10.57 71.49
N VAL N 63 -0.02 11.22 70.58
CA VAL N 63 0.83 10.50 69.64
C VAL N 63 1.97 9.81 70.38
N SER N 64 2.48 8.76 69.78
CA SER N 64 3.53 7.95 70.38
C SER N 64 4.92 8.51 70.15
N VAL N 65 5.07 9.56 69.34
CA VAL N 65 6.36 10.19 69.11
C VAL N 65 6.33 11.58 69.73
N LYS N 66 7.52 12.11 69.99
CA LYS N 66 7.67 13.42 70.60
C LYS N 66 8.67 14.25 69.81
N VAL N 67 8.74 15.54 70.16
CA VAL N 67 9.61 16.47 69.44
C VAL N 67 11.07 16.10 69.64
N GLY N 68 11.83 16.11 68.54
CA GLY N 68 13.24 15.82 68.58
C GLY N 68 13.60 14.36 68.42
N ASP N 69 12.62 13.46 68.41
CA ASP N 69 12.90 12.03 68.26
C ASP N 69 13.21 11.72 66.81
N LYS N 70 14.07 10.72 66.62
CA LYS N 70 14.50 10.29 65.29
C LYS N 70 13.67 9.10 64.84
N VAL N 71 13.14 9.17 63.62
CA VAL N 71 12.24 8.16 63.09
C VAL N 71 12.64 7.82 61.66
N LEU N 72 12.11 6.70 61.17
CA LEU N 72 12.29 6.26 59.80
C LEU N 72 10.99 6.48 59.04
N LEU N 73 11.09 7.11 57.86
CA LEU N 73 9.89 7.47 57.13
C LEU N 73 9.60 6.49 55.99
N PRO N 74 8.34 6.32 55.63
CA PRO N 74 8.01 5.46 54.50
C PRO N 74 8.38 6.10 53.17
N GLU N 75 8.47 5.26 52.15
CA GLU N 75 8.78 5.75 50.81
C GLU N 75 7.66 6.61 50.26
N TYR N 76 6.41 6.25 50.54
CA TYR N 76 5.25 6.96 50.05
C TYR N 76 4.50 7.62 51.19
N GLY N 77 3.71 8.63 50.85
CA GLY N 77 2.94 9.37 51.81
C GLY N 77 3.64 10.66 52.22
N GLY N 78 2.92 11.47 53.00
CA GLY N 78 3.43 12.73 53.48
C GLY N 78 3.07 13.89 52.56
N THR N 79 3.05 15.08 53.15
CA THR N 79 2.71 16.31 52.45
C THR N 79 3.80 17.34 52.67
N LYS N 80 4.15 18.06 51.61
CA LYS N 80 5.18 19.09 51.69
C LYS N 80 4.63 20.35 52.34
N VAL N 81 5.35 20.87 53.32
CA VAL N 81 4.98 22.11 54.01
C VAL N 81 6.18 23.04 53.99
N VAL N 82 5.92 24.33 53.85
CA VAL N 82 6.96 25.35 53.78
C VAL N 82 6.83 26.24 55.02
N LEU N 83 7.90 26.28 55.82
CA LEU N 83 7.95 27.11 57.01
C LEU N 83 9.27 27.88 57.01
N ASP N 84 9.19 29.21 56.95
CA ASP N 84 10.36 30.07 56.86
C ASP N 84 11.24 29.65 55.68
N ASP N 85 10.61 29.42 54.54
CA ASP N 85 11.23 28.96 53.30
C ASP N 85 11.96 27.64 53.45
N LYS N 86 11.75 26.92 54.54
CA LYS N 86 12.35 25.60 54.74
C LYS N 86 11.30 24.51 54.54
N ASP N 87 11.76 23.36 54.07
CA ASP N 87 10.89 22.25 53.70
C ASP N 87 10.70 21.33 54.89
N TYR N 88 9.45 20.90 55.11
CA TYR N 88 9.13 19.90 56.11
C TYR N 88 8.09 18.96 55.53
N PHE N 89 7.94 17.80 56.15
CA PHE N 89 7.02 16.78 55.66
C PHE N 89 6.04 16.40 56.77
N LEU N 90 4.76 16.36 56.42
CA LEU N 90 3.69 16.08 57.37
C LEU N 90 3.11 14.71 57.07
N PHE N 91 3.15 13.82 58.06
CA PHE N 91 2.67 12.46 57.95
C PHE N 91 1.58 12.20 58.99
N ARG N 92 1.16 10.95 59.08
CA ARG N 92 0.29 10.48 60.14
C ARG N 92 1.08 9.58 61.09
N ASP N 93 0.49 9.32 62.26
CA ASP N 93 1.17 8.49 63.25
C ASP N 93 1.39 7.07 62.74
N GLY N 94 0.38 6.51 62.07
CA GLY N 94 0.49 5.14 61.61
C GLY N 94 1.49 4.92 60.49
N ASP N 95 1.85 5.98 59.78
CA ASP N 95 2.79 5.85 58.66
C ASP N 95 4.24 5.74 59.11
N ILE N 96 4.54 6.07 60.37
CA ILE N 96 5.90 6.01 60.86
C ILE N 96 6.27 4.57 61.17
N LEU N 97 7.35 4.09 60.54
CA LEU N 97 7.73 2.69 60.69
C LEU N 97 8.40 2.43 62.03
N GLY N 98 9.49 3.14 62.31
CA GLY N 98 10.25 2.90 63.53
C GLY N 98 10.90 4.16 64.02
N LYS N 99 11.39 4.07 65.26
CA LYS N 99 12.04 5.20 65.92
C LYS N 99 13.46 4.79 66.32
N TYR N 100 14.37 5.74 66.22
CA TYR N 100 15.78 5.51 66.55
C TYR N 100 15.99 5.82 68.02
N VAL N 101 15.99 4.79 68.85
CA VAL N 101 16.20 4.96 70.28
C VAL N 101 17.69 5.12 70.53
N ASP N 102 18.07 6.26 71.11
CA ASP N 102 19.46 6.58 71.35
C ASP N 102 19.60 7.61 72.47
PB ADP O . 44.63 28.64 -13.40
O1B ADP O . 43.33 28.97 -12.71
O2B ADP O . 44.74 27.21 -13.87
O3B ADP O . 45.86 29.15 -12.69
PA ADP O . 44.42 31.10 -14.68
O1A ADP O . 43.32 31.54 -15.61
O2A ADP O . 44.41 31.50 -13.22
O3A ADP O . 44.58 29.50 -14.75
O5' ADP O . 45.84 31.55 -15.27
C5' ADP O . 46.56 32.58 -14.60
C4' ADP O . 48.04 32.44 -14.92
O4' ADP O . 48.42 33.44 -15.85
C3' ADP O . 48.88 32.64 -13.66
O3' ADP O . 49.70 31.49 -13.46
C2' ADP O . 49.74 33.85 -13.91
O2' ADP O . 51.11 33.55 -13.63
C1' ADP O . 49.55 34.17 -15.39
N9 ADP O . 49.32 35.62 -15.56
C8 ADP O . 48.31 36.32 -15.00
N7 ADP O . 48.37 37.63 -15.37
C5 ADP O . 49.43 37.77 -16.17
C6 ADP O . 50.07 38.89 -16.91
N6 ADP O . 49.57 40.15 -16.85
N1 ADP O . 51.17 38.61 -17.64
C2 ADP O . 51.68 37.37 -17.71
N3 ADP O . 51.16 36.31 -17.07
C4 ADP O . 50.05 36.44 -16.30
BE BEF P . 41.56 28.58 -11.53
F1 BEF P . 41.93 30.07 -11.43
F2 BEF P . 41.37 28.10 -13.00
F3 BEF P . 40.22 28.32 -10.79
MG MG Q . 43.69 31.01 -11.11
K K R . 41.08 29.25 -15.66
PB ADP S . 8.98 48.94 -22.78
O1B ADP S . 7.82 48.29 -22.08
O2B ADP S . 10.18 48.04 -22.96
O3B ADP S . 9.32 50.33 -22.30
PA ADP S . 7.13 50.05 -24.52
O1A ADP S . 6.18 49.29 -25.43
O2A ADP S . 6.67 50.58 -23.19
O3A ADP S . 8.44 49.16 -24.27
O5' ADP S . 7.76 51.29 -25.32
C5' ADP S . 7.35 52.60 -24.98
C4' ADP S . 8.45 53.58 -25.35
O4' ADP S . 8.03 54.32 -26.50
C3' ADP S . 8.69 54.58 -24.23
O3' ADP S . 10.07 54.56 -23.87
C2' ADP S . 8.33 55.94 -24.79
O2' ADP S . 9.39 56.86 -24.54
C1' ADP S . 8.14 55.73 -26.28
N9 ADP S . 6.91 56.39 -26.75
C8 ADP S . 5.67 56.15 -26.28
N7 ADP S . 4.75 56.93 -26.91
C5 ADP S . 5.41 57.68 -27.81
C6 ADP S . 5.06 58.72 -28.81
N6 ADP S . 3.77 59.11 -28.97
N1 ADP S . 6.06 59.26 -29.53
C2 ADP S . 7.34 58.87 -29.37
N3 ADP S . 7.73 57.95 -28.49
C4 ADP S . 6.83 57.33 -27.68
BE BEF T . 6.73 46.94 -20.79
F1 BEF T . 5.94 48.26 -20.94
F2 BEF T . 7.04 46.28 -22.17
F3 BEF T . 5.91 45.94 -19.95
MG MG U . 6.33 50.32 -20.90
K K V . 6.24 46.35 -24.76
PB ADP W . -28.51 32.67 -33.26
O1B ADP W . -28.88 31.53 -32.36
O2B ADP W . -27.03 32.96 -33.32
O3B ADP W . -29.38 33.88 -33.12
PA ADP W . -30.36 31.65 -35.07
O1A ADP W . -30.32 30.31 -35.75
O2A ADP W . -31.20 31.89 -33.86
O3A ADP W . -28.86 32.12 -34.74
O5' ADP W . -30.76 32.77 -36.15
C5' ADP W . -32.06 33.32 -36.12
C4' ADP W . -32.04 34.69 -36.77
O4' ADP W . -32.75 34.61 -38.01
C3' ADP W . -32.74 35.72 -35.90
O3' ADP W . -31.84 36.81 -35.65
C2' ADP W . -33.93 36.22 -36.70
O2' ADP W . -33.93 37.64 -36.74
C1' ADP W . -33.74 35.65 -38.10
N9 ADP W . -35.01 35.06 -38.58
C8 ADP W . -35.71 34.08 -37.98
N7 ADP W . -36.83 33.78 -38.68
C5 ADP W . -36.86 34.58 -39.76
C6 ADP W . -37.76 34.77 -40.93
N6 ADP W . -38.88 34.04 -41.07
N1 ADP W . -37.40 35.72 -41.83
C2 ADP W . -36.29 36.44 -41.70
N3 ADP W . -35.43 36.32 -40.67
C4 ADP W . -35.65 35.42 -39.69
BE BEF X . -28.61 30.29 -30.57
F1 BEF X . -30.07 30.29 -31.03
F2 BEF X . -27.61 29.90 -31.71
F3 BEF X . -28.41 29.27 -29.42
MG MG Y . -31.25 31.90 -31.57
K K Z . -27.92 28.61 -34.45
PB ADP AA . -39.50 -7.74 -37.01
O1B ADP AA . -38.95 -8.54 -35.86
O2B ADP AA . -38.79 -6.45 -37.28
O3B ADP AA . -41.02 -7.64 -37.05
PA ADP AA . -39.71 -10.15 -38.38
O1A ADP AA . -38.58 -11.08 -38.72
O2A ADP AA . -40.58 -10.41 -37.18
O3A ADP AA . -39.17 -8.65 -38.31
O5' ADP AA . -40.68 -10.03 -39.66
C5' ADP AA . -41.95 -10.67 -39.62
C4' ADP AA . -42.91 -9.94 -40.55
O4' ADP AA . -43.17 -10.76 -41.68
C3' ADP AA . -44.23 -9.66 -39.85
O3' ADP AA . -44.50 -8.26 -39.90
C2' ADP AA . -45.29 -10.40 -40.64
O2' ADP AA . -46.36 -9.53 -40.98
C1' ADP AA . -44.58 -10.89 -41.90
N9 ADP AA . -44.90 -12.32 -42.15
C8 ADP AA . -44.65 -13.33 -41.30
N7 ADP AA . -45.07 -14.52 -41.83
C5 ADP AA . -45.59 -14.25 -43.04
C6 ADP AA . -46.21 -15.05 -44.13
N6 ADP AA . -46.35 -16.39 -44.03
N1 ADP AA . -46.62 -14.37 -45.23
C2 ADP AA . -46.48 -13.05 -45.35
N3 ADP AA . -45.93 -12.27 -44.40
C4 ADP AA . -45.47 -12.80 -43.24
BE BEF BA . -38.01 -8.91 -33.99
F1 BEF BA . -39.08 -9.99 -34.21
F2 BEF BA . -36.94 -8.88 -35.12
F3 BEF BA . -37.25 -9.18 -32.65
MG MG CA . -40.98 -10.00 -34.97
K K DA . -36.05 -10.19 -37.35
PB ADP EA . -15.73 -42.07 -31.11
O1B ADP EA . -14.97 -42.02 -29.82
O2B ADP EA . -16.16 -40.74 -31.65
O3B ADP EA . -16.81 -43.13 -31.16
PA ADP EA . -13.91 -44.00 -31.94
O1A ADP EA . -12.43 -43.85 -32.20
O2A ADP EA . -14.43 -44.59 -30.65
O3A ADP EA . -14.65 -42.59 -32.18
O5' ADP EA . -14.56 -44.87 -33.14
C5' ADP EA . -14.89 -46.23 -32.90
C4' ADP EA . -15.96 -46.67 -33.88
O4' ADP EA . -15.40 -47.62 -34.78
C3' ADP EA . -17.12 -47.34 -33.16
O3' ADP EA . -18.34 -46.68 -33.50
C2' ADP EA . -17.15 -48.77 -33.66
O2' ADP EA . -18.47 -49.11 -34.09
C1' ADP EA . -16.19 -48.80 -34.84
N9 ADP EA . -15.31 -49.98 -34.75
C8 ADP EA . -14.47 -50.25 -33.73
N7 ADP EA . -13.80 -51.40 -33.95
C5 ADP EA . -14.20 -51.89 -35.13
C6 ADP EA . -13.88 -53.08 -35.96
N6 ADP EA . -12.98 -54.00 -35.56
N1 ADP EA . -14.53 -53.20 -37.14
C2 ADP EA . -15.44 -52.29 -37.55
N3 ADP EA . -15.76 -51.20 -36.86
C4 ADP EA . -15.19 -50.95 -35.66
BE BEF FA . -14.27 -41.08 -28.00
F1 BEF FA . -13.92 -42.57 -27.97
F2 BEF FA . -13.68 -40.36 -29.26
F3 BEF FA . -13.72 -40.37 -26.75
MG MG GA . -15.25 -44.19 -28.53
K K HA . -11.63 -41.04 -31.25
PB ADP IA . 24.83 -44.37 -20.15
O1B ADP IA . 25.09 -43.45 -18.98
O2B ADP IA . 23.60 -44.01 -20.96
O3B ADP IA . 24.96 -45.84 -19.84
PA ADP IA . 27.56 -44.33 -20.64
O1A ADP IA . 28.41 -43.15 -21.02
O2A ADP IA . 27.50 -44.82 -19.22
O3A ADP IA . 26.05 -44.08 -21.15
O5' ADP IA . 27.96 -45.59 -21.55
C5' ADP IA . 28.69 -46.66 -20.98
C4' ADP IA . 28.44 -47.93 -21.77
O4' ADP IA . 29.64 -48.27 -22.49
C3' ADP IA . 28.13 -49.09 -20.84
O3' ADP IA . 26.88 -49.68 -21.21
C2' ADP IA . 29.24 -50.10 -21.03
O2' ADP IA . 28.69 -51.39 -21.26
C1' ADP IA . 30.02 -49.62 -22.24
N9 ADP IA . 31.47 -49.66 -21.97
C8 ADP IA . 32.11 -49.01 -20.98
N7 ADP IA . 33.44 -49.26 -21.01
C5 ADP IA . 33.68 -50.10 -22.04
C6 ADP IA . 34.86 -50.76 -22.63
N6 ADP IA . 36.10 -50.58 -22.11
N1 ADP IA . 34.66 -51.56 -23.70
C2 ADP IA . 33.43 -51.74 -24.23
N3 ADP IA . 32.32 -51.17 -23.74
C4 ADP IA . 32.37 -50.36 -22.67
BE BEF JA . 24.63 -42.02 -17.41
F1 BEF JA . 25.95 -42.74 -17.12
F2 BEF JA . 24.59 -41.36 -18.82
F3 BEF JA . 24.39 -40.91 -16.37
MG MG KA . 26.59 -44.76 -17.09
K K LA . 26.75 -40.64 -20.74
PB ADP MA . 51.70 -12.85 -12.20
O1B ADP MA . 51.07 -11.80 -11.32
O2B ADP MA . 50.71 -13.71 -12.95
O3B ADP MA . 52.83 -13.63 -11.56
PA ADP MA . 53.52 -10.91 -12.97
O1A ADP MA . 53.19 -9.61 -13.67
O2A ADP MA . 53.72 -10.95 -11.47
O3A ADP MA . 52.42 -12.01 -13.36
O5' ADP MA . 54.83 -11.56 -13.63
C5' ADP MA . 56.05 -11.54 -12.90
C4' ADP MA . 56.93 -12.70 -13.38
O4' ADP MA . 58.04 -12.17 -14.11
C3' ADP MA . 57.48 -13.47 -12.19
O3' ADP MA . 57.13 -14.86 -12.32
C2' ADP MA . 58.98 -13.33 -12.27
O2' ADP MA . 59.61 -14.61 -12.18
C1' ADP MA . 59.27 -12.67 -13.61
N9 ADP MA . 60.22 -11.55 -13.43
C8 ADP MA . 60.02 -10.48 -12.65
N7 ADP MA . 61.08 -9.62 -12.72
C5 ADP MA . 61.97 -10.15 -13.57
C6 ADP MA . 63.30 -9.78 -14.10
N6 ADP MA . 63.90 -8.63 -13.73
N1 ADP MA . 63.89 -10.62 -14.98
C2 ADP MA . 63.30 -11.76 -15.37
N3 ADP MA . 62.09 -12.17 -14.93
C4 ADP MA . 61.39 -11.42 -14.05
BE BEF NA . 49.49 -11.05 -10.02
F1 BEF NA . 50.82 -10.33 -9.74
F2 BEF NA . 49.08 -10.99 -11.53
F3 BEF NA . 48.34 -10.39 -9.21
MG MG OA . 52.72 -11.16 -9.45
K K PA . 50.20 -9.34 -13.76
#